data_2M1B
#
_entry.id   2M1B
#
_entity_poly.entity_id   1
_entity_poly.type   'polypeptide(L)'
_entity_poly.pdbx_seq_one_letter_code
;HSVPESIRFGPNVFYVLKLTVETPEGSVHLTPSESGILKRLLINKGQLCLRKHLLEEIKNHAKAIVARNVDVHIASLRKK
LGAYGSRIVTLRGVGYLFSDDGDKKFSQQDTKLSLEHHHHHH
;
_entity_poly.pdbx_strand_id   A
#
# COMPACT_ATOMS: atom_id res chain seq x y z
N HIS A 1 4.01 2.96 17.46
CA HIS A 1 3.60 2.23 16.23
C HIS A 1 2.09 2.11 16.13
N SER A 2 1.56 2.30 14.92
CA SER A 2 0.12 2.21 14.68
C SER A 2 -0.16 1.61 13.32
N VAL A 3 -0.85 0.46 13.32
CA VAL A 3 -1.19 -0.22 12.08
C VAL A 3 -2.46 0.36 11.46
N PRO A 4 -2.33 1.03 10.29
CA PRO A 4 -3.47 1.63 9.60
C PRO A 4 -4.23 0.63 8.76
N GLU A 5 -5.50 0.93 8.50
CA GLU A 5 -6.35 0.05 7.70
C GLU A 5 -7.06 0.83 6.61
N SER A 6 -6.33 1.76 6.00
CA SER A 6 -6.87 2.59 4.93
C SER A 6 -5.75 3.37 4.24
N ILE A 7 -6.07 3.97 3.10
CA ILE A 7 -5.08 4.75 2.35
C ILE A 7 -5.66 6.08 1.91
N ARG A 8 -4.90 7.15 2.13
CA ARG A 8 -5.34 8.49 1.76
C ARG A 8 -4.17 9.32 1.24
N PHE A 9 -3.96 9.26 -0.08
CA PHE A 9 -2.87 10.01 -0.71
C PHE A 9 -3.43 11.06 -1.65
N GLY A 10 -3.51 12.30 -1.18
CA GLY A 10 -4.03 13.37 -2.01
C GLY A 10 -5.51 13.19 -2.32
N PRO A 11 -5.94 13.51 -3.55
CA PRO A 11 -7.34 13.37 -3.96
C PRO A 11 -7.67 11.97 -4.44
N ASN A 12 -7.17 10.96 -3.73
CA ASN A 12 -7.41 9.56 -4.09
C ASN A 12 -7.30 8.66 -2.87
N VAL A 13 -8.38 7.93 -2.57
CA VAL A 13 -8.40 7.02 -1.43
C VAL A 13 -8.36 5.57 -1.89
N PHE A 14 -7.57 4.75 -1.20
CA PHE A 14 -7.45 3.34 -1.55
C PHE A 14 -7.74 2.46 -0.35
N TYR A 15 -8.58 1.45 -0.55
CA TYR A 15 -8.94 0.52 0.52
C TYR A 15 -7.99 -0.66 0.55
N VAL A 16 -7.52 -1.02 1.75
CA VAL A 16 -6.60 -2.13 1.91
C VAL A 16 -7.32 -3.47 1.87
N LEU A 17 -8.64 -3.45 1.97
CA LEU A 17 -9.43 -4.67 1.93
C LEU A 17 -10.43 -4.68 0.77
N LYS A 18 -10.42 -3.61 -0.04
CA LYS A 18 -11.33 -3.52 -1.17
C LYS A 18 -10.58 -3.66 -2.50
N LEU A 19 -9.37 -3.10 -2.55
CA LEU A 19 -8.55 -3.16 -3.76
C LEU A 19 -9.13 -2.27 -4.85
N THR A 20 -9.72 -1.15 -4.43
CA THR A 20 -10.32 -0.20 -5.37
C THR A 20 -10.17 1.23 -4.87
N VAL A 21 -9.54 2.07 -5.69
CA VAL A 21 -9.33 3.47 -5.33
C VAL A 21 -10.32 4.38 -6.05
N GLU A 22 -10.98 5.24 -5.29
CA GLU A 22 -11.95 6.18 -5.86
C GLU A 22 -11.27 7.45 -6.32
N THR A 23 -11.46 7.80 -7.59
CA THR A 23 -10.86 9.01 -8.14
C THR A 23 -11.91 10.10 -8.36
N PRO A 24 -11.46 11.35 -8.57
CA PRO A 24 -12.38 12.48 -8.78
C PRO A 24 -13.43 12.19 -9.84
N GLU A 25 -13.02 11.52 -10.91
CA GLU A 25 -13.94 11.18 -12.00
C GLU A 25 -14.89 10.07 -11.58
N GLY A 26 -14.33 9.02 -10.98
CA GLY A 26 -15.14 7.90 -10.53
C GLY A 26 -14.37 6.94 -9.63
N SER A 27 -13.99 5.80 -10.20
CA SER A 27 -13.23 4.79 -9.45
C SER A 27 -12.15 4.16 -10.31
N VAL A 28 -11.27 3.39 -9.68
CA VAL A 28 -10.18 2.74 -10.39
C VAL A 28 -9.86 1.38 -9.77
N HIS A 29 -10.00 0.32 -10.56
CA HIS A 29 -9.71 -1.03 -10.10
C HIS A 29 -8.30 -1.44 -10.46
N LEU A 30 -7.84 -2.57 -9.92
CA LEU A 30 -6.50 -3.07 -10.18
C LEU A 30 -6.35 -4.51 -9.71
N THR A 31 -5.23 -5.13 -10.09
CA THR A 31 -4.96 -6.50 -9.69
C THR A 31 -4.64 -6.57 -8.19
N PRO A 32 -5.23 -7.54 -7.47
CA PRO A 32 -5.00 -7.68 -6.03
C PRO A 32 -3.62 -8.24 -5.69
N SER A 33 -2.96 -8.82 -6.68
CA SER A 33 -1.64 -9.39 -6.47
C SER A 33 -0.58 -8.30 -6.52
N GLU A 34 -0.80 -7.32 -7.36
CA GLU A 34 0.12 -6.20 -7.48
C GLU A 34 -0.22 -5.15 -6.46
N SER A 35 -1.51 -4.98 -6.22
CA SER A 35 -1.98 -4.04 -5.22
C SER A 35 -1.77 -4.65 -3.84
N GLY A 36 -1.54 -5.97 -3.82
CA GLY A 36 -1.30 -6.64 -2.57
C GLY A 36 0.03 -6.25 -1.97
N ILE A 37 0.98 -5.92 -2.84
CA ILE A 37 2.31 -5.50 -2.39
C ILE A 37 2.23 -4.17 -1.68
N LEU A 38 1.47 -3.25 -2.25
CA LEU A 38 1.29 -1.94 -1.66
C LEU A 38 0.40 -2.03 -0.43
N LYS A 39 -0.36 -3.12 -0.34
CA LYS A 39 -1.26 -3.34 0.78
C LYS A 39 -0.47 -3.80 2.00
N ARG A 40 0.61 -4.52 1.77
CA ARG A 40 1.44 -5.01 2.86
C ARG A 40 2.36 -3.91 3.36
N LEU A 41 2.72 -3.00 2.47
CA LEU A 41 3.58 -1.88 2.84
C LEU A 41 2.76 -0.81 3.53
N LEU A 42 1.47 -0.78 3.23
CA LEU A 42 0.58 0.20 3.83
C LEU A 42 0.38 -0.14 5.30
N ILE A 43 0.51 -1.42 5.64
CA ILE A 43 0.37 -1.86 7.02
C ILE A 43 1.42 -1.20 7.89
N ASN A 44 2.57 -0.89 7.29
CA ASN A 44 3.66 -0.24 8.00
C ASN A 44 3.60 1.27 7.78
N LYS A 45 3.42 1.66 6.53
CA LYS A 45 3.34 3.06 6.15
C LYS A 45 4.57 3.84 6.62
N GLY A 46 5.57 3.92 5.77
CA GLY A 46 6.79 4.63 6.11
C GLY A 46 7.62 3.90 7.14
N GLN A 47 8.41 2.92 6.70
CA GLN A 47 9.25 2.15 7.60
C GLN A 47 10.43 1.54 6.85
N LEU A 48 11.40 1.01 7.60
CA LEU A 48 12.57 0.40 7.01
C LEU A 48 12.37 -1.10 6.83
N CYS A 49 12.14 -1.52 5.58
CA CYS A 49 11.93 -2.93 5.28
C CYS A 49 13.01 -3.44 4.33
N LEU A 50 13.05 -4.76 4.13
CA LEU A 50 14.02 -5.37 3.23
C LEU A 50 13.34 -5.86 1.96
N ARG A 51 14.16 -6.28 0.99
CA ARG A 51 13.64 -6.79 -0.27
C ARG A 51 13.28 -8.25 -0.18
N LYS A 52 14.31 -9.09 -0.06
CA LYS A 52 14.11 -10.54 0.04
C LYS A 52 13.06 -10.87 1.09
N HIS A 53 13.16 -10.22 2.23
CA HIS A 53 12.21 -10.42 3.31
C HIS A 53 10.81 -10.04 2.85
N LEU A 54 10.75 -9.08 1.94
CA LEU A 54 9.48 -8.63 1.40
C LEU A 54 8.77 -9.79 0.70
N LEU A 55 9.56 -10.71 0.17
CA LEU A 55 9.01 -11.88 -0.50
C LEU A 55 8.13 -12.66 0.44
N GLU A 56 8.46 -12.60 1.73
CA GLU A 56 7.71 -13.30 2.75
C GLU A 56 6.38 -12.61 3.04
N GLU A 57 6.28 -11.34 2.69
CA GLU A 57 5.05 -10.58 2.90
C GLU A 57 4.14 -10.69 1.69
N ILE A 58 4.75 -10.88 0.53
CA ILE A 58 4.01 -11.02 -0.70
C ILE A 58 3.69 -12.48 -0.94
N LYS A 59 4.50 -13.36 -0.34
CA LYS A 59 4.29 -14.79 -0.45
C LYS A 59 3.18 -15.22 0.49
N ASN A 60 3.09 -14.56 1.63
CA ASN A 60 2.04 -14.87 2.60
C ASN A 60 0.68 -14.39 2.07
N HIS A 61 0.73 -13.57 1.03
CA HIS A 61 -0.47 -13.03 0.41
C HIS A 61 -0.40 -13.17 -1.11
N ALA A 62 -0.20 -14.40 -1.57
CA ALA A 62 -0.10 -14.68 -3.01
C ALA A 62 1.13 -14.02 -3.61
N LYS A 63 2.17 -14.82 -3.83
CA LYS A 63 3.41 -14.32 -4.42
C LYS A 63 3.23 -14.04 -5.90
N ALA A 64 2.32 -13.12 -6.22
CA ALA A 64 2.04 -12.77 -7.61
C ALA A 64 1.65 -14.01 -8.41
N ILE A 65 0.36 -14.18 -8.65
CA ILE A 65 -0.13 -15.33 -9.41
C ILE A 65 -0.22 -15.01 -10.89
N VAL A 66 0.75 -14.23 -11.37
CA VAL A 66 0.81 -13.85 -12.78
C VAL A 66 2.09 -13.08 -13.09
N ALA A 67 3.19 -13.54 -12.51
CA ALA A 67 4.49 -12.90 -12.72
C ALA A 67 5.63 -13.85 -12.40
N ARG A 68 6.85 -13.33 -12.42
CA ARG A 68 8.04 -14.14 -12.14
C ARG A 68 8.63 -13.79 -10.77
N ASN A 69 8.39 -12.56 -10.34
CA ASN A 69 8.90 -12.10 -9.05
C ASN A 69 8.01 -11.00 -8.49
N VAL A 70 8.40 -10.46 -7.33
CA VAL A 70 7.63 -9.40 -6.69
C VAL A 70 8.10 -8.02 -7.15
N ASP A 71 9.38 -7.91 -7.43
CA ASP A 71 9.97 -6.65 -7.88
C ASP A 71 9.39 -6.25 -9.22
N VAL A 72 9.06 -7.24 -10.04
CA VAL A 72 8.49 -6.99 -11.36
C VAL A 72 6.99 -6.71 -11.24
N HIS A 73 6.40 -7.16 -10.13
CA HIS A 73 4.98 -6.95 -9.89
C HIS A 73 4.74 -5.54 -9.35
N ILE A 74 5.74 -5.00 -8.67
CA ILE A 74 5.64 -3.66 -8.12
C ILE A 74 5.72 -2.62 -9.23
N ALA A 75 6.40 -2.97 -10.32
CA ALA A 75 6.53 -2.07 -11.45
C ALA A 75 5.21 -1.91 -12.17
N SER A 76 4.53 -3.02 -12.37
CA SER A 76 3.23 -3.01 -13.02
C SER A 76 2.20 -2.37 -12.10
N LEU A 77 2.45 -2.47 -10.81
CA LEU A 77 1.57 -1.86 -9.82
C LEU A 77 1.58 -0.36 -9.98
N ARG A 78 2.73 0.18 -10.33
CA ARG A 78 2.90 1.60 -10.54
C ARG A 78 1.91 2.12 -11.58
N LYS A 79 1.45 1.21 -12.44
CA LYS A 79 0.51 1.57 -13.49
C LYS A 79 -0.91 1.70 -12.95
N LYS A 80 -1.30 0.72 -12.16
CA LYS A 80 -2.64 0.70 -11.57
C LYS A 80 -2.68 1.53 -10.30
N LEU A 81 -1.73 1.27 -9.41
CA LEU A 81 -1.64 1.99 -8.15
C LEU A 81 -1.59 3.49 -8.37
N GLY A 82 -0.50 3.97 -8.95
CA GLY A 82 -0.37 5.39 -9.21
C GLY A 82 0.87 6.00 -8.56
N ALA A 83 0.69 7.16 -7.95
CA ALA A 83 1.80 7.84 -7.28
C ALA A 83 2.29 7.07 -6.06
N TYR A 84 1.46 6.13 -5.58
CA TYR A 84 1.83 5.33 -4.42
C TYR A 84 2.82 4.24 -4.80
N GLY A 85 2.87 3.90 -6.08
CA GLY A 85 3.81 2.89 -6.53
C GLY A 85 5.24 3.33 -6.35
N SER A 86 5.47 4.63 -6.54
CA SER A 86 6.80 5.20 -6.38
C SER A 86 7.16 5.32 -4.91
N ARG A 87 6.15 5.19 -4.04
CA ARG A 87 6.37 5.28 -2.59
C ARG A 87 7.47 4.33 -2.16
N ILE A 88 7.45 3.12 -2.71
CA ILE A 88 8.45 2.11 -2.38
C ILE A 88 9.84 2.56 -2.82
N VAL A 89 10.65 2.97 -1.85
CA VAL A 89 12.01 3.44 -2.15
C VAL A 89 13.04 2.33 -1.93
N THR A 90 13.83 2.06 -2.96
CA THR A 90 14.87 1.03 -2.88
C THR A 90 16.23 1.67 -2.69
N LEU A 91 16.59 1.93 -1.44
CA LEU A 91 17.88 2.54 -1.12
C LEU A 91 19.02 1.54 -1.26
N ARG A 92 20.01 1.90 -2.06
CA ARG A 92 21.16 1.02 -2.27
C ARG A 92 22.08 1.02 -1.04
N GLY A 93 21.58 0.42 0.04
CA GLY A 93 22.35 0.36 1.26
C GLY A 93 21.46 0.19 2.48
N VAL A 94 20.26 0.75 2.41
CA VAL A 94 19.31 0.65 3.52
C VAL A 94 18.33 -0.50 3.28
N GLY A 95 17.83 -0.60 2.06
CA GLY A 95 16.90 -1.66 1.72
C GLY A 95 15.64 -1.13 1.06
N TYR A 96 14.51 -1.26 1.74
CA TYR A 96 13.24 -0.79 1.21
C TYR A 96 12.60 0.21 2.17
N LEU A 97 12.58 1.48 1.76
CA LEU A 97 12.00 2.53 2.57
C LEU A 97 10.82 3.19 1.87
N PHE A 98 9.67 2.52 1.92
CA PHE A 98 8.47 3.04 1.29
C PHE A 98 7.96 4.26 2.05
N SER A 99 8.70 5.36 1.95
CA SER A 99 8.34 6.60 2.63
C SER A 99 7.09 7.22 2.01
N ASP A 100 6.02 7.30 2.81
CA ASP A 100 4.77 7.88 2.35
C ASP A 100 4.54 9.26 2.96
N ASP A 101 4.09 9.26 4.20
CA ASP A 101 3.83 10.50 4.92
C ASP A 101 4.10 10.33 6.41
N GLY A 102 3.41 9.38 7.03
CA GLY A 102 3.59 9.14 8.45
C GLY A 102 2.30 9.27 9.23
N ASP A 103 1.45 10.21 8.81
CA ASP A 103 0.18 10.44 9.49
C ASP A 103 -0.70 9.19 9.42
N LYS A 104 -0.51 8.28 10.38
CA LYS A 104 -1.28 7.05 10.44
C LYS A 104 -2.76 7.35 10.63
N LYS A 105 -3.55 6.31 10.87
CA LYS A 105 -4.98 6.45 11.07
C LYS A 105 -5.50 5.43 12.06
N PHE A 106 -5.13 5.59 13.33
CA PHE A 106 -5.55 4.68 14.38
C PHE A 106 -7.00 4.93 14.76
N SER A 107 -7.86 3.95 14.47
CA SER A 107 -9.28 4.06 14.78
C SER A 107 -9.50 4.12 16.30
N GLN A 108 -9.28 5.29 16.88
CA GLN A 108 -9.47 5.47 18.32
C GLN A 108 -10.92 5.23 18.73
N GLN A 109 -11.76 6.23 18.49
CA GLN A 109 -13.18 6.12 18.84
C GLN A 109 -13.86 5.05 18.01
N ASP A 110 -15.12 4.77 18.34
CA ASP A 110 -15.89 3.76 17.62
C ASP A 110 -16.99 4.40 16.79
N THR A 111 -17.35 5.63 17.13
CA THR A 111 -18.39 6.36 16.42
C THR A 111 -18.28 7.86 16.68
N LYS A 112 -19.17 8.63 16.06
CA LYS A 112 -19.17 10.07 16.22
C LYS A 112 -20.52 10.66 15.83
N LEU A 113 -21.39 10.87 16.82
CA LEU A 113 -22.71 11.43 16.58
C LEU A 113 -23.19 12.21 17.79
N SER A 114 -22.86 13.50 17.83
CA SER A 114 -23.25 14.37 18.92
C SER A 114 -23.18 15.83 18.51
N LEU A 115 -23.87 16.69 19.25
CA LEU A 115 -23.90 18.11 18.96
C LEU A 115 -22.50 18.71 19.03
N GLU A 116 -22.31 19.86 18.40
CA GLU A 116 -21.01 20.53 18.38
C GLU A 116 -21.14 21.96 18.86
N HIS A 1 -1.88 1.11 16.37
CA HIS A 1 -2.97 0.11 16.50
C HIS A 1 -3.93 0.18 15.31
N SER A 2 -4.49 1.37 15.09
CA SER A 2 -5.43 1.58 13.98
C SER A 2 -4.72 1.43 12.64
N VAL A 3 -4.92 0.29 11.99
CA VAL A 3 -4.31 0.03 10.69
C VAL A 3 -5.11 0.67 9.56
N PRO A 4 -4.43 1.35 8.62
CA PRO A 4 -5.10 2.02 7.49
C PRO A 4 -6.01 1.06 6.72
N GLU A 5 -7.31 1.37 6.74
CA GLU A 5 -8.30 0.55 6.05
C GLU A 5 -8.60 1.11 4.68
N SER A 6 -8.25 2.36 4.46
CA SER A 6 -8.48 3.02 3.18
C SER A 6 -7.27 3.85 2.78
N ILE A 7 -7.24 4.29 1.52
CA ILE A 7 -6.13 5.09 1.03
C ILE A 7 -6.62 6.36 0.34
N ARG A 8 -5.75 7.36 0.25
CA ARG A 8 -6.08 8.62 -0.39
C ARG A 8 -4.82 9.43 -0.69
N PHE A 9 -4.48 9.53 -1.96
CA PHE A 9 -3.30 10.27 -2.39
C PHE A 9 -3.63 11.25 -3.51
N GLY A 10 -4.11 12.43 -3.14
CA GLY A 10 -4.46 13.42 -4.13
C GLY A 10 -5.78 13.11 -4.81
N PRO A 11 -5.90 13.38 -6.12
CA PRO A 11 -7.13 13.12 -6.87
C PRO A 11 -7.42 11.63 -7.03
N ASN A 12 -6.44 10.79 -6.69
CA ASN A 12 -6.59 9.35 -6.80
C ASN A 12 -6.49 8.69 -5.43
N VAL A 13 -7.40 7.75 -5.16
CA VAL A 13 -7.42 7.04 -3.90
C VAL A 13 -7.29 5.54 -4.12
N PHE A 14 -7.10 4.79 -3.04
CA PHE A 14 -6.97 3.34 -3.13
C PHE A 14 -7.83 2.66 -2.07
N TYR A 15 -8.17 1.40 -2.33
CA TYR A 15 -8.98 0.62 -1.40
C TYR A 15 -8.36 -0.75 -1.14
N VAL A 16 -7.90 -0.97 0.08
CA VAL A 16 -7.28 -2.23 0.45
C VAL A 16 -8.27 -3.39 0.37
N LEU A 17 -9.57 -3.06 0.30
CA LEU A 17 -10.60 -4.09 0.22
C LEU A 17 -11.31 -4.07 -1.12
N LYS A 18 -11.28 -2.91 -1.80
CA LYS A 18 -11.93 -2.77 -3.10
C LYS A 18 -10.97 -3.12 -4.24
N LEU A 19 -9.70 -2.77 -4.07
CA LEU A 19 -8.69 -3.04 -5.07
C LEU A 19 -9.00 -2.28 -6.37
N THR A 20 -9.36 -1.01 -6.23
CA THR A 20 -9.68 -0.17 -7.38
C THR A 20 -9.30 1.28 -7.12
N VAL A 21 -8.74 1.93 -8.14
CA VAL A 21 -8.33 3.32 -8.02
C VAL A 21 -9.40 4.26 -8.57
N GLU A 22 -10.05 4.98 -7.66
CA GLU A 22 -11.10 5.92 -8.06
C GLU A 22 -10.51 7.15 -8.73
N THR A 23 -10.32 7.08 -10.04
CA THR A 23 -9.76 8.19 -10.80
C THR A 23 -10.76 9.36 -10.87
N PRO A 24 -10.27 10.57 -11.16
CA PRO A 24 -11.11 11.76 -11.26
C PRO A 24 -11.91 11.81 -12.57
N GLU A 25 -11.61 10.88 -13.47
CA GLU A 25 -12.31 10.82 -14.76
C GLU A 25 -13.25 9.63 -14.81
N GLY A 26 -12.90 8.57 -14.10
CA GLY A 26 -13.73 7.38 -14.08
C GLY A 26 -13.26 6.35 -13.07
N SER A 27 -12.59 5.32 -13.55
CA SER A 27 -12.08 4.26 -12.68
C SER A 27 -10.90 3.54 -13.33
N VAL A 28 -10.17 2.77 -12.54
CA VAL A 28 -9.02 2.03 -13.05
C VAL A 28 -8.79 0.76 -12.24
N HIS A 29 -9.16 -0.39 -12.81
CA HIS A 29 -8.98 -1.67 -12.15
C HIS A 29 -7.52 -2.11 -12.18
N LEU A 30 -7.19 -3.16 -11.44
CA LEU A 30 -5.83 -3.67 -11.39
C LEU A 30 -5.78 -5.05 -10.75
N THR A 31 -4.62 -5.69 -10.84
CA THR A 31 -4.44 -7.02 -10.26
C THR A 31 -4.31 -6.91 -8.74
N PRO A 32 -4.95 -7.83 -7.99
CA PRO A 32 -4.92 -7.83 -6.53
C PRO A 32 -3.62 -8.39 -5.98
N SER A 33 -2.91 -9.16 -6.79
CA SER A 33 -1.64 -9.74 -6.36
C SER A 33 -0.53 -8.71 -6.41
N GLU A 34 -0.60 -7.84 -7.41
CA GLU A 34 0.38 -6.78 -7.56
C GLU A 34 -0.01 -5.62 -6.68
N SER A 35 -1.30 -5.32 -6.64
CA SER A 35 -1.79 -4.27 -5.79
C SER A 35 -1.75 -4.73 -4.34
N GLY A 36 -1.57 -6.04 -4.16
CA GLY A 36 -1.48 -6.59 -2.82
C GLY A 36 -0.22 -6.16 -2.12
N ILE A 37 0.84 -5.97 -2.92
CA ILE A 37 2.12 -5.53 -2.36
C ILE A 37 1.98 -4.16 -1.74
N LEU A 38 1.27 -3.28 -2.43
CA LEU A 38 1.04 -1.93 -1.95
C LEU A 38 -0.01 -1.96 -0.85
N LYS A 39 -0.77 -3.06 -0.79
CA LYS A 39 -1.82 -3.21 0.21
C LYS A 39 -1.23 -3.65 1.54
N ARG A 40 -0.13 -4.40 1.48
CA ARG A 40 0.52 -4.88 2.70
C ARG A 40 1.37 -3.77 3.31
N LEU A 41 1.94 -2.94 2.46
CA LEU A 41 2.76 -1.83 2.92
C LEU A 41 1.87 -0.69 3.41
N LEU A 42 0.63 -0.68 2.92
CA LEU A 42 -0.32 0.34 3.32
C LEU A 42 -0.80 0.09 4.74
N ILE A 43 -0.76 -1.18 5.16
CA ILE A 43 -1.18 -1.54 6.51
C ILE A 43 -0.24 -0.93 7.53
N ASN A 44 1.03 -0.75 7.15
CA ASN A 44 2.03 -0.17 8.03
C ASN A 44 2.18 1.32 7.75
N LYS A 45 2.08 1.68 6.49
CA LYS A 45 2.20 3.08 6.06
C LYS A 45 3.44 3.73 6.65
N GLY A 46 4.57 3.55 5.98
CA GLY A 46 5.82 4.14 6.46
C GLY A 46 6.47 3.30 7.54
N GLN A 47 7.23 2.29 7.13
CA GLN A 47 7.92 1.41 8.07
C GLN A 47 9.15 0.79 7.42
N LEU A 48 10.11 0.37 8.25
CA LEU A 48 11.34 -0.24 7.76
C LEU A 48 11.12 -1.72 7.44
N CYS A 49 10.94 -2.02 6.16
CA CYS A 49 10.71 -3.39 5.72
C CYS A 49 11.54 -3.70 4.47
N LEU A 50 12.63 -4.44 4.65
CA LEU A 50 13.50 -4.81 3.55
C LEU A 50 12.70 -5.46 2.42
N ARG A 51 13.12 -5.23 1.18
CA ARG A 51 12.43 -5.80 0.03
C ARG A 51 12.41 -7.31 0.12
N LYS A 52 13.44 -7.88 0.72
CA LYS A 52 13.52 -9.33 0.88
C LYS A 52 12.46 -9.80 1.85
N HIS A 53 12.53 -9.30 3.07
CA HIS A 53 11.55 -9.65 4.08
C HIS A 53 10.16 -9.34 3.58
N LEU A 54 10.06 -8.39 2.66
CA LEU A 54 8.79 -8.04 2.05
C LEU A 54 8.19 -9.29 1.43
N LEU A 55 9.07 -10.20 1.00
CA LEU A 55 8.63 -11.44 0.40
C LEU A 55 7.74 -12.23 1.35
N GLU A 56 7.81 -11.91 2.64
CA GLU A 56 7.00 -12.59 3.64
C GLU A 56 5.62 -11.97 3.76
N GLU A 57 5.49 -10.73 3.30
CA GLU A 57 4.22 -10.02 3.35
C GLU A 57 3.41 -10.27 2.10
N ILE A 58 4.11 -10.58 1.01
CA ILE A 58 3.45 -10.86 -0.26
C ILE A 58 3.11 -12.34 -0.34
N LYS A 59 3.86 -13.15 0.40
CA LYS A 59 3.65 -14.58 0.44
C LYS A 59 2.45 -14.90 1.32
N ASN A 60 2.18 -14.04 2.31
CA ASN A 60 1.07 -14.22 3.21
C ASN A 60 -0.15 -13.46 2.70
N HIS A 61 -0.36 -13.49 1.39
CA HIS A 61 -1.48 -12.81 0.78
C HIS A 61 -1.61 -13.19 -0.70
N ALA A 62 -0.49 -13.17 -1.40
CA ALA A 62 -0.46 -13.52 -2.82
C ALA A 62 0.97 -13.53 -3.34
N LYS A 63 1.56 -14.73 -3.42
CA LYS A 63 2.93 -14.87 -3.90
C LYS A 63 3.01 -14.59 -5.39
N ALA A 64 2.70 -13.35 -5.78
CA ALA A 64 2.74 -12.95 -7.18
C ALA A 64 2.02 -13.96 -8.06
N ILE A 65 0.74 -13.71 -8.32
CA ILE A 65 -0.05 -14.60 -9.15
C ILE A 65 -0.11 -14.10 -10.60
N VAL A 66 0.95 -13.41 -11.00
CA VAL A 66 1.06 -12.87 -12.35
C VAL A 66 2.53 -12.64 -12.71
N ALA A 67 3.39 -13.52 -12.22
CA ALA A 67 4.82 -13.44 -12.48
C ALA A 67 5.57 -14.57 -11.79
N ARG A 68 6.89 -14.42 -11.66
CA ARG A 68 7.71 -15.43 -11.02
C ARG A 68 8.23 -14.95 -9.66
N ASN A 69 8.25 -13.65 -9.47
CA ASN A 69 8.74 -13.06 -8.20
C ASN A 69 7.95 -11.80 -7.87
N VAL A 70 8.25 -11.22 -6.71
CA VAL A 70 7.57 -10.00 -6.27
C VAL A 70 8.27 -8.75 -6.79
N ASP A 71 9.58 -8.88 -7.05
CA ASP A 71 10.37 -7.76 -7.56
C ASP A 71 9.72 -7.15 -8.78
N VAL A 72 9.70 -7.91 -9.86
CA VAL A 72 9.12 -7.45 -11.11
C VAL A 72 7.69 -6.95 -10.89
N HIS A 73 7.06 -7.45 -9.84
CA HIS A 73 5.70 -7.05 -9.50
C HIS A 73 5.69 -5.63 -8.94
N ILE A 74 6.83 -5.23 -8.37
CA ILE A 74 6.95 -3.88 -7.80
C ILE A 74 6.96 -2.83 -8.90
N ALA A 75 7.47 -3.20 -10.06
CA ALA A 75 7.54 -2.29 -11.20
C ALA A 75 6.16 -2.00 -11.75
N SER A 76 5.36 -3.04 -11.85
CA SER A 76 4.00 -2.89 -12.35
C SER A 76 3.16 -2.06 -11.39
N LEU A 77 3.58 -2.05 -10.13
CA LEU A 77 2.90 -1.28 -9.11
C LEU A 77 3.02 0.21 -9.42
N ARG A 78 4.16 0.59 -9.96
CA ARG A 78 4.41 1.98 -10.32
C ARG A 78 3.33 2.49 -11.27
N LYS A 79 2.76 1.58 -12.05
CA LYS A 79 1.72 1.93 -13.00
C LYS A 79 0.34 1.82 -12.37
N LYS A 80 0.07 0.68 -11.75
CA LYS A 80 -1.20 0.43 -11.11
C LYS A 80 -1.41 1.38 -9.93
N LEU A 81 -0.50 1.31 -8.98
CA LEU A 81 -0.54 2.14 -7.79
C LEU A 81 -0.48 3.62 -8.17
N GLY A 82 0.68 4.06 -8.63
CA GLY A 82 0.85 5.45 -9.01
C GLY A 82 1.88 6.17 -8.17
N ALA A 83 1.48 7.32 -7.62
CA ALA A 83 2.38 8.12 -6.78
C ALA A 83 2.79 7.36 -5.52
N TYR A 84 2.05 6.30 -5.19
CA TYR A 84 2.34 5.50 -4.00
C TYR A 84 3.37 4.42 -4.33
N GLY A 85 3.40 3.98 -5.58
CA GLY A 85 4.35 2.96 -5.99
C GLY A 85 5.78 3.37 -5.70
N SER A 86 6.05 4.67 -5.86
CA SER A 86 7.37 5.21 -5.61
C SER A 86 7.67 5.23 -4.11
N ARG A 87 6.63 5.05 -3.30
CA ARG A 87 6.79 5.05 -1.85
C ARG A 87 7.88 4.07 -1.42
N ILE A 88 7.90 2.90 -2.06
CA ILE A 88 8.90 1.88 -1.75
C ILE A 88 10.31 2.42 -2.00
N VAL A 89 10.99 2.78 -0.92
CA VAL A 89 12.34 3.32 -1.03
C VAL A 89 13.40 2.24 -0.85
N THR A 90 14.60 2.51 -1.37
CA THR A 90 15.70 1.57 -1.27
C THR A 90 16.90 2.22 -0.59
N LEU A 91 16.92 2.14 0.74
CA LEU A 91 18.00 2.73 1.52
C LEU A 91 19.31 1.96 1.32
N ARG A 92 20.36 2.68 0.95
CA ARG A 92 21.67 2.07 0.73
C ARG A 92 22.33 1.75 2.06
N GLY A 93 21.78 0.78 2.77
CA GLY A 93 22.32 0.39 4.06
C GLY A 93 21.24 -0.04 5.03
N VAL A 94 20.04 0.51 4.86
CA VAL A 94 18.91 0.18 5.72
C VAL A 94 18.08 -0.94 5.11
N GLY A 95 17.76 -0.80 3.83
CA GLY A 95 16.97 -1.80 3.13
C GLY A 95 15.85 -1.18 2.32
N TYR A 96 14.62 -1.45 2.74
CA TYR A 96 13.45 -0.92 2.04
C TYR A 96 12.57 -0.11 2.99
N LEU A 97 12.54 1.20 2.80
CA LEU A 97 11.74 2.08 3.64
C LEU A 97 10.61 2.72 2.83
N PHE A 98 9.49 2.02 2.76
CA PHE A 98 8.32 2.52 2.03
C PHE A 98 7.69 3.69 2.76
N SER A 99 8.17 4.90 2.48
CA SER A 99 7.65 6.10 3.12
C SER A 99 7.74 7.31 2.20
N ASP A 100 6.63 8.05 2.08
CA ASP A 100 6.58 9.23 1.23
C ASP A 100 5.95 10.41 1.97
N ASP A 101 5.04 10.11 2.87
CA ASP A 101 4.35 11.13 3.65
C ASP A 101 3.87 10.57 4.98
N GLY A 102 2.89 9.67 4.92
CA GLY A 102 2.35 9.07 6.13
C GLY A 102 0.94 9.54 6.45
N ASP A 103 0.13 9.69 5.40
CA ASP A 103 -1.25 10.13 5.57
C ASP A 103 -2.11 9.01 6.15
N LYS A 104 -1.87 8.69 7.42
CA LYS A 104 -2.62 7.64 8.10
C LYS A 104 -4.09 8.02 8.23
N LYS A 105 -4.96 7.02 8.17
CA LYS A 105 -6.40 7.24 8.28
C LYS A 105 -6.76 7.74 9.68
N PHE A 106 -7.72 8.67 9.74
CA PHE A 106 -8.16 9.22 11.01
C PHE A 106 -8.86 8.17 11.86
N SER A 107 -8.98 8.44 13.15
CA SER A 107 -9.63 7.52 14.07
C SER A 107 -11.12 7.39 13.76
N GLN A 108 -11.63 6.16 13.82
CA GLN A 108 -13.04 5.90 13.55
C GLN A 108 -13.93 6.52 14.62
N GLN A 109 -13.42 6.58 15.84
CA GLN A 109 -14.18 7.16 16.96
C GLN A 109 -14.56 8.60 16.67
N ASP A 110 -15.87 8.84 16.53
CA ASP A 110 -16.37 10.18 16.26
C ASP A 110 -17.20 10.72 17.42
N THR A 111 -17.62 9.82 18.32
CA THR A 111 -18.42 10.21 19.47
C THR A 111 -17.71 11.28 20.31
N LYS A 112 -18.49 12.15 20.93
CA LYS A 112 -17.93 13.20 21.76
C LYS A 112 -17.15 12.63 22.94
N LEU A 113 -16.21 13.41 23.47
CA LEU A 113 -15.40 12.98 24.59
C LEU A 113 -16.26 12.75 25.84
N SER A 114 -16.13 11.56 26.42
CA SER A 114 -16.90 11.22 27.61
C SER A 114 -16.25 10.06 28.36
N LEU A 115 -15.42 10.38 29.35
CA LEU A 115 -14.75 9.37 30.14
C LEU A 115 -15.75 8.48 30.87
N GLU A 116 -16.64 9.10 31.63
CA GLU A 116 -17.65 8.38 32.38
C GLU A 116 -19.04 8.97 32.14
N HIS A 1 -1.92 -0.59 18.65
CA HIS A 1 -1.99 0.86 18.96
C HIS A 1 -1.58 1.69 17.75
N SER A 2 -0.32 1.57 17.34
CA SER A 2 0.19 2.30 16.19
C SER A 2 0.17 1.45 14.93
N VAL A 3 -0.82 1.68 14.08
CA VAL A 3 -0.96 0.92 12.85
C VAL A 3 -1.82 1.69 11.83
N PRO A 4 -1.18 2.39 10.88
CA PRO A 4 -1.89 3.16 9.86
C PRO A 4 -2.93 2.31 9.12
N GLU A 5 -4.15 2.29 9.65
CA GLU A 5 -5.24 1.53 9.06
C GLU A 5 -6.12 2.42 8.21
N SER A 6 -5.51 3.42 7.60
CA SER A 6 -6.22 4.36 6.75
C SER A 6 -5.24 5.25 5.99
N ILE A 7 -5.60 5.62 4.77
CA ILE A 7 -4.74 6.47 3.94
C ILE A 7 -5.51 7.66 3.39
N ARG A 8 -4.78 8.73 3.10
CA ARG A 8 -5.39 9.95 2.55
C ARG A 8 -4.32 10.92 2.08
N PHE A 9 -3.88 10.75 0.84
CA PHE A 9 -2.86 11.62 0.26
C PHE A 9 -3.49 12.61 -0.71
N GLY A 10 -4.20 13.60 -0.18
CA GLY A 10 -4.85 14.59 -1.02
C GLY A 10 -6.28 14.21 -1.35
N PRO A 11 -6.71 14.42 -2.61
CA PRO A 11 -8.07 14.08 -3.04
C PRO A 11 -8.21 12.63 -3.50
N ASN A 12 -7.51 11.73 -2.81
CA ASN A 12 -7.57 10.31 -3.16
C ASN A 12 -7.33 9.44 -1.92
N VAL A 13 -8.39 9.19 -1.17
CA VAL A 13 -8.30 8.36 0.03
C VAL A 13 -8.06 6.90 -0.34
N PHE A 14 -7.28 6.21 0.48
CA PHE A 14 -6.98 4.80 0.23
C PHE A 14 -7.33 3.94 1.44
N TYR A 15 -8.16 2.93 1.22
CA TYR A 15 -8.58 2.04 2.30
C TYR A 15 -7.76 0.75 2.27
N VAL A 16 -7.22 0.38 3.44
CA VAL A 16 -6.41 -0.82 3.55
C VAL A 16 -7.27 -2.05 3.77
N LEU A 17 -8.54 -1.84 4.12
CA LEU A 17 -9.46 -2.95 4.37
C LEU A 17 -10.59 -2.98 3.34
N LYS A 18 -10.75 -1.89 2.59
CA LYS A 18 -11.80 -1.81 1.59
C LYS A 18 -11.24 -1.98 0.18
N LEU A 19 -9.99 -1.57 -0.02
CA LEU A 19 -9.34 -1.68 -1.32
C LEU A 19 -10.04 -0.79 -2.36
N THR A 20 -10.65 0.30 -1.88
CA THR A 20 -11.35 1.22 -2.77
C THR A 20 -10.89 2.65 -2.53
N VAL A 21 -10.40 3.29 -3.58
CA VAL A 21 -9.92 4.66 -3.48
C VAL A 21 -11.05 5.66 -3.75
N GLU A 22 -11.28 6.56 -2.80
CA GLU A 22 -12.32 7.56 -2.93
C GLU A 22 -11.87 8.71 -3.81
N THR A 23 -12.41 8.78 -5.02
CA THR A 23 -12.06 9.84 -5.96
C THR A 23 -13.22 10.80 -6.15
N PRO A 24 -12.93 12.10 -6.35
CA PRO A 24 -13.96 13.12 -6.54
C PRO A 24 -14.69 12.96 -7.86
N GLU A 25 -14.05 12.31 -8.83
CA GLU A 25 -14.65 12.10 -10.14
C GLU A 25 -14.91 10.61 -10.37
N GLY A 26 -15.17 9.88 -9.29
CA GLY A 26 -15.44 8.47 -9.38
C GLY A 26 -14.66 7.65 -8.37
N SER A 27 -14.48 6.36 -8.66
CA SER A 27 -13.74 5.48 -7.77
C SER A 27 -12.65 4.73 -8.54
N VAL A 28 -11.70 4.17 -7.80
CA VAL A 28 -10.60 3.42 -8.41
C VAL A 28 -10.37 2.09 -7.70
N HIS A 29 -10.70 1.00 -8.38
CA HIS A 29 -10.53 -0.33 -7.81
C HIS A 29 -9.13 -0.87 -8.12
N LEU A 30 -8.77 -1.97 -7.48
CA LEU A 30 -7.47 -2.59 -7.69
C LEU A 30 -7.39 -3.96 -7.02
N THR A 31 -6.33 -4.70 -7.32
CA THR A 31 -6.12 -6.02 -6.73
C THR A 31 -5.51 -5.90 -5.34
N PRO A 32 -6.02 -6.67 -4.37
CA PRO A 32 -5.53 -6.63 -2.99
C PRO A 32 -4.14 -7.24 -2.84
N SER A 33 -3.72 -8.00 -3.85
CA SER A 33 -2.41 -8.63 -3.81
C SER A 33 -1.32 -7.63 -4.16
N GLU A 34 -1.63 -6.75 -5.10
CA GLU A 34 -0.69 -5.73 -5.51
C GLU A 34 -0.83 -4.53 -4.61
N SER A 35 -2.06 -4.23 -4.24
CA SER A 35 -2.33 -3.14 -3.32
C SER A 35 -1.95 -3.57 -1.91
N GLY A 36 -1.81 -4.90 -1.73
CA GLY A 36 -1.42 -5.43 -0.44
C GLY A 36 -0.01 -5.04 -0.08
N ILE A 37 0.84 -4.90 -1.10
CA ILE A 37 2.23 -4.53 -0.87
C ILE A 37 2.33 -3.10 -0.38
N LEU A 38 1.39 -2.26 -0.83
CA LEU A 38 1.37 -0.87 -0.41
C LEU A 38 0.76 -0.73 0.97
N LYS A 39 0.01 -1.76 1.38
CA LYS A 39 -0.64 -1.75 2.68
C LYS A 39 0.33 -2.17 3.77
N ARG A 40 1.22 -3.09 3.43
CA ARG A 40 2.21 -3.56 4.39
C ARG A 40 3.35 -2.56 4.49
N LEU A 41 3.61 -1.86 3.40
CA LEU A 41 4.67 -0.86 3.37
C LEU A 41 4.21 0.41 4.05
N LEU A 42 2.89 0.63 4.06
CA LEU A 42 2.32 1.80 4.69
C LEU A 42 2.44 1.68 6.20
N ILE A 43 2.48 0.45 6.69
CA ILE A 43 2.61 0.20 8.12
C ILE A 43 3.95 0.73 8.62
N ASN A 44 4.95 0.73 7.74
CA ASN A 44 6.28 1.22 8.10
C ASN A 44 6.43 2.69 7.69
N LYS A 45 6.07 2.98 6.46
CA LYS A 45 6.15 4.33 5.93
C LYS A 45 7.57 4.88 6.05
N GLY A 46 8.35 4.68 4.99
CA GLY A 46 9.73 5.17 4.99
C GLY A 46 10.65 4.30 5.81
N GLN A 47 11.02 3.15 5.28
CA GLN A 47 11.89 2.22 5.98
C GLN A 47 12.75 1.43 4.99
N LEU A 48 13.96 1.08 5.41
CA LEU A 48 14.87 0.32 4.56
C LEU A 48 14.61 -1.18 4.69
N CYS A 49 13.90 -1.72 3.71
CA CYS A 49 13.57 -3.14 3.70
C CYS A 49 14.39 -3.89 2.65
N LEU A 50 14.33 -5.21 2.69
CA LEU A 50 15.06 -6.04 1.73
C LEU A 50 14.10 -6.66 0.71
N ARG A 51 14.66 -7.09 -0.42
CA ARG A 51 13.85 -7.70 -1.47
C ARG A 51 13.24 -9.01 -1.01
N LYS A 52 14.08 -10.01 -0.85
CA LYS A 52 13.64 -11.33 -0.41
C LYS A 52 12.86 -11.26 0.89
N HIS A 53 13.08 -10.21 1.65
CA HIS A 53 12.38 -10.02 2.90
C HIS A 53 11.01 -9.41 2.66
N LEU A 54 10.91 -8.63 1.59
CA LEU A 54 9.65 -8.00 1.22
C LEU A 54 8.67 -9.06 0.77
N LEU A 55 9.14 -9.93 -0.12
CA LEU A 55 8.30 -11.01 -0.63
C LEU A 55 7.71 -11.83 0.51
N GLU A 56 8.42 -11.86 1.64
CA GLU A 56 7.95 -12.60 2.81
C GLU A 56 6.69 -11.97 3.37
N GLU A 57 6.52 -10.67 3.14
CA GLU A 57 5.34 -9.96 3.63
C GLU A 57 4.23 -9.98 2.59
N ILE A 58 4.59 -10.27 1.35
CA ILE A 58 3.62 -10.36 0.28
C ILE A 58 3.20 -11.81 0.10
N LYS A 59 4.07 -12.71 0.55
CA LYS A 59 3.80 -14.14 0.47
C LYS A 59 2.81 -14.54 1.56
N ASN A 60 2.91 -13.87 2.71
CA ASN A 60 2.01 -14.14 3.82
C ASN A 60 0.59 -13.71 3.47
N HIS A 61 0.51 -12.65 2.65
CA HIS A 61 -0.77 -12.12 2.22
C HIS A 61 -1.23 -12.77 0.92
N ALA A 62 -0.37 -12.68 -0.10
CA ALA A 62 -0.68 -13.27 -1.40
C ALA A 62 0.55 -13.23 -2.31
N LYS A 63 1.07 -14.39 -2.67
CA LYS A 63 2.24 -14.47 -3.54
C LYS A 63 1.87 -14.20 -4.99
N ALA A 64 1.27 -13.02 -5.23
CA ALA A 64 0.86 -12.64 -6.58
C ALA A 64 0.07 -13.75 -7.27
N ILE A 65 -1.25 -13.62 -7.24
CA ILE A 65 -2.12 -14.61 -7.87
C ILE A 65 -2.48 -14.20 -9.30
N VAL A 66 -1.53 -13.54 -9.95
CA VAL A 66 -1.72 -13.09 -11.32
C VAL A 66 -0.44 -12.47 -11.88
N ALA A 67 0.69 -13.07 -11.52
CA ALA A 67 1.99 -12.58 -11.98
C ALA A 67 3.04 -13.69 -11.92
N ARG A 68 4.31 -13.30 -12.02
CA ARG A 68 5.41 -14.27 -11.98
C ARG A 68 6.21 -14.14 -10.70
N ASN A 69 6.23 -12.94 -10.13
CA ASN A 69 6.96 -12.69 -8.89
C ASN A 69 6.37 -11.48 -8.17
N VAL A 70 7.04 -11.05 -7.10
CA VAL A 70 6.56 -9.92 -6.33
C VAL A 70 7.06 -8.60 -6.92
N ASP A 71 8.30 -8.61 -7.38
CA ASP A 71 8.91 -7.43 -7.97
C ASP A 71 8.09 -6.95 -9.17
N VAL A 72 7.56 -7.91 -9.92
CA VAL A 72 6.75 -7.59 -11.07
C VAL A 72 5.36 -7.14 -10.64
N HIS A 73 4.98 -7.55 -9.43
CA HIS A 73 3.68 -7.18 -8.88
C HIS A 73 3.71 -5.73 -8.42
N ILE A 74 4.90 -5.25 -8.05
CA ILE A 74 5.06 -3.88 -7.60
C ILE A 74 4.83 -2.91 -8.75
N ALA A 75 5.20 -3.33 -9.94
CA ALA A 75 5.04 -2.52 -11.13
C ALA A 75 3.59 -2.46 -11.56
N SER A 76 2.86 -3.53 -11.26
CA SER A 76 1.44 -3.60 -11.61
C SER A 76 0.62 -2.75 -10.66
N LEU A 77 1.09 -2.64 -9.42
CA LEU A 77 0.41 -1.83 -8.44
C LEU A 77 0.49 -0.37 -8.83
N ARG A 78 1.58 -0.02 -9.51
CA ARG A 78 1.79 1.35 -9.96
C ARG A 78 0.70 1.76 -10.94
N LYS A 79 0.03 0.77 -11.53
CA LYS A 79 -1.04 1.04 -12.48
C LYS A 79 -2.33 1.42 -11.76
N LYS A 80 -2.65 0.66 -10.73
CA LYS A 80 -3.85 0.91 -9.94
C LYS A 80 -3.60 1.99 -8.90
N LEU A 81 -2.53 1.81 -8.14
CA LEU A 81 -2.14 2.77 -7.11
C LEU A 81 -1.36 3.92 -7.72
N GLY A 82 -0.14 3.64 -8.16
CA GLY A 82 0.69 4.67 -8.76
C GLY A 82 1.31 5.60 -7.75
N ALA A 83 0.46 6.30 -6.99
CA ALA A 83 0.93 7.24 -5.98
C ALA A 83 2.04 6.66 -5.13
N TYR A 84 1.67 5.69 -4.31
CA TYR A 84 2.62 5.03 -3.41
C TYR A 84 3.37 3.91 -4.14
N GLY A 85 2.90 3.55 -5.34
CA GLY A 85 3.55 2.51 -6.10
C GLY A 85 4.99 2.85 -6.41
N SER A 86 5.23 4.12 -6.72
CA SER A 86 6.58 4.58 -7.03
C SER A 86 7.38 4.82 -5.76
N ARG A 87 6.68 4.94 -4.63
CA ARG A 87 7.33 5.16 -3.35
C ARG A 87 8.37 4.08 -3.06
N ILE A 88 8.10 2.87 -3.55
CA ILE A 88 9.02 1.75 -3.34
C ILE A 88 10.30 1.94 -4.14
N VAL A 89 11.36 2.36 -3.47
CA VAL A 89 12.64 2.59 -4.13
C VAL A 89 13.56 1.38 -4.00
N THR A 90 14.14 0.97 -5.12
CA THR A 90 15.04 -0.18 -5.14
C THR A 90 16.46 0.27 -5.45
N LEU A 91 17.32 0.26 -4.43
CA LEU A 91 18.71 0.67 -4.60
C LEU A 91 19.62 -0.53 -4.77
N ARG A 92 20.51 -0.47 -5.76
CA ARG A 92 21.44 -1.55 -6.03
C ARG A 92 22.68 -1.43 -5.14
N GLY A 93 22.50 -1.73 -3.86
CA GLY A 93 23.61 -1.65 -2.92
C GLY A 93 23.14 -1.70 -1.47
N VAL A 94 21.94 -1.18 -1.22
CA VAL A 94 21.38 -1.18 0.12
C VAL A 94 20.14 -2.07 0.20
N GLY A 95 19.26 -1.93 -0.80
CA GLY A 95 18.04 -2.73 -0.82
C GLY A 95 16.81 -1.90 -1.10
N TYR A 96 15.70 -2.29 -0.48
CA TYR A 96 14.44 -1.58 -0.67
C TYR A 96 14.34 -0.39 0.28
N LEU A 97 14.09 0.79 -0.29
CA LEU A 97 13.97 2.00 0.51
C LEU A 97 12.71 2.78 0.12
N PHE A 98 11.57 2.27 0.55
CA PHE A 98 10.29 2.92 0.23
C PHE A 98 10.13 4.22 1.01
N SER A 99 10.73 5.28 0.49
CA SER A 99 10.65 6.60 1.14
C SER A 99 9.23 7.14 1.07
N ASP A 100 8.46 6.87 2.11
CA ASP A 100 7.07 7.33 2.18
C ASP A 100 6.97 8.64 2.96
N ASP A 101 6.96 8.53 4.28
CA ASP A 101 6.88 9.69 5.15
C ASP A 101 7.36 9.36 6.55
N GLY A 102 6.58 8.55 7.27
CA GLY A 102 6.95 8.18 8.61
C GLY A 102 5.84 8.42 9.62
N ASP A 103 4.94 9.35 9.29
CA ASP A 103 3.83 9.68 10.17
C ASP A 103 2.89 8.49 10.33
N LYS A 104 1.79 8.71 11.05
CA LYS A 104 0.81 7.66 11.28
C LYS A 104 -0.61 8.15 10.96
N LYS A 105 -1.59 7.30 11.20
CA LYS A 105 -2.98 7.64 10.93
C LYS A 105 -3.91 6.91 11.90
N PHE A 106 -4.43 7.66 12.88
CA PHE A 106 -5.33 7.09 13.86
C PHE A 106 -6.64 6.65 13.22
N SER A 107 -6.97 5.36 13.39
CA SER A 107 -8.19 4.82 12.82
C SER A 107 -9.42 5.31 13.57
N GLN A 108 -10.03 6.38 13.07
CA GLN A 108 -11.21 6.97 13.70
C GLN A 108 -12.42 6.05 13.53
N GLN A 109 -12.40 5.22 12.49
CA GLN A 109 -13.50 4.31 12.23
C GLN A 109 -13.83 3.46 13.46
N ASP A 110 -14.77 3.93 14.27
CA ASP A 110 -15.17 3.21 15.48
C ASP A 110 -16.68 2.99 15.53
N THR A 111 -17.39 3.45 14.49
CA THR A 111 -18.84 3.30 14.43
C THR A 111 -19.34 3.43 13.00
N LYS A 112 -20.53 2.89 12.74
CA LYS A 112 -21.13 2.95 11.41
C LYS A 112 -21.44 4.39 11.02
N LEU A 113 -20.43 5.13 10.60
CA LEU A 113 -20.59 6.52 10.20
C LEU A 113 -21.52 6.63 8.99
N SER A 114 -22.45 7.59 9.05
CA SER A 114 -23.40 7.80 7.96
C SER A 114 -24.00 9.20 8.03
N LEU A 115 -24.56 9.64 6.92
CA LEU A 115 -25.18 10.96 6.84
C LEU A 115 -26.32 11.09 7.84
N GLU A 116 -26.82 12.31 8.00
CA GLU A 116 -27.91 12.57 8.92
C GLU A 116 -27.53 12.19 10.35
N HIS A 1 -2.42 -8.65 12.55
CA HIS A 1 -3.40 -8.62 11.43
C HIS A 1 -3.04 -7.56 10.41
N SER A 2 -3.05 -6.30 10.84
CA SER A 2 -2.71 -5.18 9.97
C SER A 2 -3.70 -5.10 8.80
N VAL A 3 -4.60 -4.12 8.86
CA VAL A 3 -5.59 -3.93 7.81
C VAL A 3 -5.83 -2.45 7.54
N PRO A 4 -5.74 -2.01 6.27
CA PRO A 4 -5.95 -0.63 5.89
C PRO A 4 -7.43 -0.29 5.71
N GLU A 5 -7.75 0.99 5.82
CA GLU A 5 -9.13 1.43 5.68
C GLU A 5 -9.41 1.89 4.25
N SER A 6 -8.59 2.79 3.76
CA SER A 6 -8.73 3.33 2.41
C SER A 6 -7.52 4.16 2.02
N ILE A 7 -7.45 4.52 0.75
CA ILE A 7 -6.33 5.32 0.24
C ILE A 7 -6.84 6.53 -0.53
N ARG A 8 -6.89 7.68 0.14
CA ARG A 8 -7.35 8.91 -0.50
C ARG A 8 -6.17 9.83 -0.84
N PHE A 9 -5.75 9.78 -2.09
CA PHE A 9 -4.63 10.60 -2.55
C PHE A 9 -5.04 11.48 -3.73
N GLY A 10 -5.56 12.67 -3.42
CA GLY A 10 -5.99 13.58 -4.47
C GLY A 10 -7.30 13.16 -5.09
N PRO A 11 -7.46 13.36 -6.41
CA PRO A 11 -8.70 13.00 -7.13
C PRO A 11 -8.77 11.51 -7.46
N ASN A 12 -8.53 10.67 -6.45
CA ASN A 12 -8.57 9.22 -6.64
C ASN A 12 -8.72 8.50 -5.31
N VAL A 13 -9.74 7.66 -5.21
CA VAL A 13 -9.99 6.91 -3.99
C VAL A 13 -9.77 5.41 -4.21
N PHE A 14 -8.71 4.89 -3.60
CA PHE A 14 -8.39 3.46 -3.74
C PHE A 14 -8.93 2.68 -2.56
N TYR A 15 -9.82 1.73 -2.84
CA TYR A 15 -10.42 0.90 -1.80
C TYR A 15 -9.61 -0.38 -1.62
N VAL A 16 -9.05 -0.55 -0.43
CA VAL A 16 -8.25 -1.74 -0.13
C VAL A 16 -9.09 -3.01 -0.13
N LEU A 17 -10.42 -2.85 -0.12
CA LEU A 17 -11.33 -4.00 -0.12
C LEU A 17 -12.10 -4.09 -1.43
N LYS A 18 -12.15 -2.99 -2.18
CA LYS A 18 -12.87 -2.96 -3.45
C LYS A 18 -11.93 -3.25 -4.63
N LEU A 19 -10.68 -2.82 -4.50
CA LEU A 19 -9.69 -3.04 -5.55
C LEU A 19 -10.05 -2.23 -6.80
N THR A 20 -10.76 -1.12 -6.59
CA THR A 20 -11.17 -0.27 -7.70
C THR A 20 -10.95 1.21 -7.35
N VAL A 21 -9.97 1.83 -8.01
CA VAL A 21 -9.67 3.23 -7.77
C VAL A 21 -10.79 4.13 -8.30
N GLU A 22 -11.45 4.84 -7.39
CA GLU A 22 -12.54 5.73 -7.76
C GLU A 22 -12.01 6.94 -8.52
N THR A 23 -12.62 7.23 -9.67
CA THR A 23 -12.22 8.37 -10.49
C THR A 23 -13.42 9.26 -10.80
N PRO A 24 -13.17 10.55 -11.07
CA PRO A 24 -14.24 11.50 -11.39
C PRO A 24 -14.88 11.24 -12.74
N GLU A 25 -14.28 10.35 -13.52
CA GLU A 25 -14.80 10.01 -14.84
C GLU A 25 -15.37 8.59 -14.85
N GLY A 26 -14.76 7.71 -14.06
CA GLY A 26 -15.21 6.33 -13.98
C GLY A 26 -14.56 5.55 -12.87
N SER A 27 -13.81 4.51 -13.23
CA SER A 27 -13.13 3.68 -12.24
C SER A 27 -11.95 2.95 -12.87
N VAL A 28 -11.13 2.33 -12.04
CA VAL A 28 -9.97 1.59 -12.52
C VAL A 28 -9.90 0.20 -11.89
N HIS A 29 -9.57 -0.80 -12.72
CA HIS A 29 -9.46 -2.17 -12.25
C HIS A 29 -8.00 -2.61 -12.20
N LEU A 30 -7.70 -3.59 -11.36
CA LEU A 30 -6.33 -4.09 -11.23
C LEU A 30 -6.30 -5.40 -10.45
N THR A 31 -5.14 -6.04 -10.45
CA THR A 31 -4.96 -7.30 -9.72
C THR A 31 -4.63 -7.02 -8.26
N PRO A 32 -5.24 -7.77 -7.32
CA PRO A 32 -5.01 -7.58 -5.88
C PRO A 32 -3.61 -8.00 -5.45
N SER A 33 -2.88 -8.66 -6.35
CA SER A 33 -1.54 -9.11 -6.03
C SER A 33 -0.58 -7.94 -6.00
N GLU A 34 -0.60 -7.13 -7.05
CA GLU A 34 0.25 -5.96 -7.11
C GLU A 34 -0.30 -4.87 -6.23
N SER A 35 -1.62 -4.77 -6.21
CA SER A 35 -2.28 -3.80 -5.36
C SER A 35 -2.29 -4.31 -3.92
N GLY A 36 -1.91 -5.58 -3.75
CA GLY A 36 -1.86 -6.16 -2.43
C GLY A 36 -0.63 -5.71 -1.68
N ILE A 37 0.44 -5.43 -2.42
CA ILE A 37 1.68 -4.97 -1.81
C ILE A 37 1.49 -3.57 -1.24
N LEU A 38 0.92 -2.69 -2.04
CA LEU A 38 0.66 -1.34 -1.61
C LEU A 38 -0.39 -1.33 -0.50
N LYS A 39 -1.18 -2.39 -0.45
CA LYS A 39 -2.22 -2.54 0.55
C LYS A 39 -1.62 -2.77 1.93
N ARG A 40 -0.47 -3.44 1.96
CA ARG A 40 0.20 -3.72 3.21
C ARG A 40 1.01 -2.52 3.67
N LEU A 41 1.51 -1.76 2.72
CA LEU A 41 2.28 -0.56 3.03
C LEU A 41 1.34 0.59 3.34
N LEU A 42 0.10 0.48 2.89
CA LEU A 42 -0.90 1.51 3.14
C LEU A 42 -1.40 1.41 4.57
N ILE A 43 -1.28 0.22 5.16
CA ILE A 43 -1.73 0.02 6.53
C ILE A 43 -0.82 0.78 7.49
N ASN A 44 0.45 0.95 7.11
CA ASN A 44 1.40 1.65 7.93
C ASN A 44 1.53 3.10 7.49
N LYS A 45 1.72 3.30 6.20
CA LYS A 45 1.85 4.63 5.62
C LYS A 45 2.94 5.43 6.34
N GLY A 46 4.17 5.30 5.85
CA GLY A 46 5.27 6.03 6.45
C GLY A 46 5.85 5.31 7.66
N GLN A 47 6.55 4.21 7.41
CA GLN A 47 7.16 3.43 8.48
C GLN A 47 8.43 2.74 8.00
N LEU A 48 9.18 2.17 8.93
CA LEU A 48 10.42 1.48 8.60
C LEU A 48 10.18 -0.02 8.43
N CYS A 49 10.53 -0.54 7.25
CA CYS A 49 10.36 -1.96 6.96
C CYS A 49 11.58 -2.50 6.21
N LEU A 50 11.63 -3.82 6.06
CA LEU A 50 12.73 -4.46 5.36
C LEU A 50 12.26 -5.09 4.06
N ARG A 51 13.11 -5.03 3.04
CA ARG A 51 12.76 -5.60 1.73
C ARG A 51 12.56 -7.10 1.81
N LYS A 52 13.24 -7.74 2.75
CA LYS A 52 13.11 -9.18 2.93
C LYS A 52 11.98 -9.50 3.90
N HIS A 53 11.57 -8.50 4.66
CA HIS A 53 10.47 -8.68 5.60
C HIS A 53 9.16 -8.33 4.91
N LEU A 54 9.26 -7.48 3.90
CA LEU A 54 8.09 -7.06 3.14
C LEU A 54 7.55 -8.22 2.33
N LEU A 55 8.45 -9.05 1.82
CA LEU A 55 8.05 -10.22 1.04
C LEU A 55 7.15 -11.13 1.86
N GLU A 56 7.36 -11.12 3.17
CA GLU A 56 6.58 -11.95 4.08
C GLU A 56 5.13 -11.50 4.13
N GLU A 57 4.89 -10.24 3.78
CA GLU A 57 3.53 -9.70 3.79
C GLU A 57 2.84 -9.91 2.45
N ILE A 58 3.65 -10.09 1.41
CA ILE A 58 3.12 -10.34 0.07
C ILE A 58 2.95 -11.83 -0.15
N LYS A 59 3.70 -12.62 0.63
CA LYS A 59 3.62 -14.07 0.55
C LYS A 59 2.38 -14.57 1.26
N ASN A 60 1.96 -13.84 2.30
CA ASN A 60 0.77 -14.20 3.06
C ASN A 60 -0.45 -13.51 2.48
N HIS A 61 -0.55 -13.49 1.15
CA HIS A 61 -1.65 -12.85 0.45
C HIS A 61 -1.61 -13.18 -1.03
N ALA A 62 -0.40 -13.10 -1.61
CA ALA A 62 -0.21 -13.38 -3.03
C ALA A 62 1.25 -13.16 -3.41
N LYS A 63 2.01 -14.24 -3.52
CA LYS A 63 3.42 -14.16 -3.88
C LYS A 63 3.59 -13.76 -5.34
N ALA A 64 3.11 -12.56 -5.68
CA ALA A 64 3.21 -12.05 -7.04
C ALA A 64 2.82 -13.12 -8.07
N ILE A 65 1.57 -13.10 -8.50
CA ILE A 65 1.09 -14.06 -9.50
C ILE A 65 1.17 -13.49 -10.91
N VAL A 66 2.14 -12.60 -11.12
CA VAL A 66 2.35 -11.97 -12.41
C VAL A 66 3.78 -11.45 -12.53
N ALA A 67 4.72 -12.22 -11.99
CA ALA A 67 6.13 -11.87 -12.02
C ALA A 67 7.01 -13.01 -11.52
N ARG A 68 8.27 -12.70 -11.22
CA ARG A 68 9.21 -13.69 -10.74
C ARG A 68 9.54 -13.48 -9.26
N ASN A 69 9.40 -12.25 -8.80
CA ASN A 69 9.69 -11.90 -7.42
C ASN A 69 8.78 -10.77 -6.94
N VAL A 70 9.01 -10.30 -5.72
CA VAL A 70 8.20 -9.22 -5.16
C VAL A 70 8.81 -7.85 -5.48
N ASP A 71 10.13 -7.82 -5.61
CA ASP A 71 10.84 -6.59 -5.91
C ASP A 71 10.37 -6.03 -7.25
N VAL A 72 10.56 -6.84 -8.29
CA VAL A 72 10.15 -6.45 -9.63
C VAL A 72 8.65 -6.20 -9.67
N HIS A 73 7.94 -6.78 -8.71
CA HIS A 73 6.49 -6.64 -8.63
C HIS A 73 6.14 -5.24 -8.15
N ILE A 74 7.01 -4.68 -7.31
CA ILE A 74 6.79 -3.34 -6.78
C ILE A 74 6.87 -2.30 -7.89
N ALA A 75 7.62 -2.62 -8.93
CA ALA A 75 7.78 -1.72 -10.07
C ALA A 75 6.50 -1.67 -10.89
N SER A 76 5.94 -2.84 -11.13
CA SER A 76 4.69 -2.93 -11.88
C SER A 76 3.58 -2.22 -11.14
N LEU A 77 3.72 -2.14 -9.82
CA LEU A 77 2.74 -1.46 -9.00
C LEU A 77 2.65 -0.01 -9.40
N ARG A 78 3.80 0.55 -9.73
CA ARG A 78 3.87 1.95 -10.15
C ARG A 78 2.91 2.21 -11.30
N LYS A 79 2.57 1.15 -12.04
CA LYS A 79 1.65 1.27 -13.17
C LYS A 79 0.21 1.31 -12.70
N LYS A 80 -0.19 0.28 -11.98
CA LYS A 80 -1.54 0.17 -11.46
C LYS A 80 -1.77 1.18 -10.34
N LEU A 81 -0.90 1.13 -9.35
CA LEU A 81 -0.98 2.02 -8.20
C LEU A 81 -0.62 3.44 -8.61
N GLY A 82 0.66 3.68 -8.91
CA GLY A 82 1.10 5.00 -9.31
C GLY A 82 2.24 5.51 -8.46
N ALA A 83 2.21 6.80 -8.14
CA ALA A 83 3.25 7.42 -7.33
C ALA A 83 3.29 6.83 -5.92
N TYR A 84 2.23 6.14 -5.53
CA TYR A 84 2.15 5.53 -4.20
C TYR A 84 2.94 4.22 -4.16
N GLY A 85 3.24 3.67 -5.34
CA GLY A 85 4.01 2.44 -5.40
C GLY A 85 5.49 2.71 -5.27
N SER A 86 5.94 3.78 -5.90
CA SER A 86 7.34 4.16 -5.83
C SER A 86 7.71 4.61 -4.42
N ARG A 87 6.69 4.82 -3.59
CA ARG A 87 6.91 5.24 -2.21
C ARG A 87 7.98 4.38 -1.54
N ILE A 88 8.11 3.13 -1.99
CA ILE A 88 9.09 2.21 -1.44
C ILE A 88 10.49 2.84 -1.42
N VAL A 89 10.83 3.46 -0.29
CA VAL A 89 12.14 4.10 -0.15
C VAL A 89 13.18 3.13 0.38
N THR A 90 14.21 2.87 -0.43
CA THR A 90 15.28 1.97 -0.04
C THR A 90 16.41 2.73 0.63
N LEU A 91 16.22 3.07 1.90
CA LEU A 91 17.22 3.81 2.66
C LEU A 91 18.43 2.94 2.98
N ARG A 92 19.61 3.44 2.67
CA ARG A 92 20.85 2.72 2.93
C ARG A 92 21.24 2.82 4.41
N GLY A 93 20.76 1.87 5.20
CA GLY A 93 21.07 1.88 6.62
C GLY A 93 19.82 1.71 7.47
N VAL A 94 18.69 2.15 6.94
CA VAL A 94 17.42 2.05 7.65
C VAL A 94 16.59 0.89 7.11
N GLY A 95 16.33 0.91 5.81
CA GLY A 95 15.55 -0.14 5.19
C GLY A 95 14.46 0.40 4.30
N TYR A 96 13.56 -0.47 3.86
CA TYR A 96 12.46 -0.08 2.99
C TYR A 96 11.45 0.77 3.76
N LEU A 97 11.55 2.09 3.60
CA LEU A 97 10.63 3.01 4.28
C LEU A 97 9.70 3.69 3.28
N PHE A 98 8.53 3.10 3.09
CA PHE A 98 7.53 3.65 2.17
C PHE A 98 6.96 4.95 2.73
N SER A 99 7.80 5.98 2.76
CA SER A 99 7.39 7.29 3.28
C SER A 99 6.46 8.00 2.31
N ASP A 100 5.27 8.35 2.77
CA ASP A 100 4.30 9.05 1.94
C ASP A 100 3.76 10.29 2.64
N ASP A 101 2.81 10.07 3.54
CA ASP A 101 2.20 11.17 4.29
C ASP A 101 1.52 10.64 5.55
N GLY A 102 0.58 9.73 5.37
CA GLY A 102 -0.13 9.16 6.50
C GLY A 102 -1.61 8.97 6.22
N ASP A 103 -1.93 8.07 5.30
CA ASP A 103 -3.31 7.79 4.94
C ASP A 103 -4.11 7.30 6.15
N LYS A 104 -5.32 6.85 5.90
CA LYS A 104 -6.19 6.35 6.97
C LYS A 104 -5.60 5.09 7.61
N LYS A 105 -6.00 4.83 8.84
CA LYS A 105 -5.53 3.66 9.57
C LYS A 105 -6.59 3.17 10.56
N PHE A 106 -6.79 1.86 10.59
CA PHE A 106 -7.77 1.27 11.50
C PHE A 106 -7.36 1.46 12.95
N SER A 107 -7.85 2.54 13.56
CA SER A 107 -7.53 2.84 14.96
C SER A 107 -8.13 1.80 15.89
N GLN A 108 -7.38 1.42 16.92
CA GLN A 108 -7.83 0.43 17.88
C GLN A 108 -9.05 0.94 18.66
N GLN A 109 -8.99 2.20 19.05
CA GLN A 109 -10.08 2.82 19.81
C GLN A 109 -11.28 3.10 18.92
N ASP A 110 -12.44 3.30 19.53
CA ASP A 110 -13.66 3.58 18.79
C ASP A 110 -14.10 5.02 18.99
N THR A 111 -13.75 5.58 20.15
CA THR A 111 -14.11 6.95 20.47
C THR A 111 -12.94 7.90 20.18
N LYS A 112 -12.83 8.31 18.93
CA LYS A 112 -11.76 9.22 18.52
C LYS A 112 -11.84 10.53 19.30
N LEU A 113 -10.78 10.83 20.05
CA LEU A 113 -10.71 12.05 20.83
C LEU A 113 -9.28 12.54 20.98
N SER A 114 -9.10 13.85 21.03
CA SER A 114 -7.79 14.44 21.18
C SER A 114 -7.87 15.87 21.69
N LEU A 115 -6.85 16.29 22.44
CA LEU A 115 -6.81 17.63 22.99
C LEU A 115 -6.88 18.69 21.90
N GLU A 116 -5.90 18.64 20.98
CA GLU A 116 -5.86 19.60 19.88
C GLU A 116 -6.14 18.92 18.55
N HIS A 1 -6.19 3.08 16.36
CA HIS A 1 -5.10 3.68 17.17
C HIS A 1 -3.77 2.98 16.92
N SER A 2 -3.77 1.66 17.08
CA SER A 2 -2.56 0.87 16.87
C SER A 2 -2.60 0.16 15.52
N VAL A 3 -1.52 0.26 14.76
CA VAL A 3 -1.43 -0.37 13.46
C VAL A 3 -2.53 0.14 12.52
N PRO A 4 -2.24 1.20 11.76
CA PRO A 4 -3.21 1.78 10.83
C PRO A 4 -3.69 0.79 9.78
N GLU A 5 -4.41 1.28 8.79
CA GLU A 5 -4.93 0.43 7.72
C GLU A 5 -4.98 1.19 6.41
N SER A 6 -5.97 2.07 6.30
CA SER A 6 -6.15 2.88 5.10
C SER A 6 -5.15 4.04 5.08
N ILE A 7 -5.03 4.71 3.94
CA ILE A 7 -4.12 5.83 3.80
C ILE A 7 -4.86 7.10 3.41
N ARG A 8 -4.55 8.19 4.11
CA ARG A 8 -5.20 9.48 3.84
C ARG A 8 -4.16 10.51 3.41
N PHE A 9 -3.68 10.38 2.17
CA PHE A 9 -2.70 11.31 1.63
C PHE A 9 -3.36 12.35 0.73
N GLY A 10 -3.60 13.53 1.28
CA GLY A 10 -4.24 14.59 0.52
C GLY A 10 -5.67 14.24 0.15
N PRO A 11 -6.12 14.60 -1.06
CA PRO A 11 -7.48 14.32 -1.52
C PRO A 11 -7.63 12.91 -2.09
N ASN A 12 -6.66 12.04 -1.82
CA ASN A 12 -6.69 10.68 -2.32
C ASN A 12 -6.75 9.67 -1.17
N VAL A 13 -7.83 8.91 -1.13
CA VAL A 13 -8.02 7.90 -0.09
C VAL A 13 -8.01 6.49 -0.69
N PHE A 14 -6.99 5.72 -0.35
CA PHE A 14 -6.88 4.36 -0.87
C PHE A 14 -7.28 3.34 0.19
N TYR A 15 -8.45 2.74 0.00
CA TYR A 15 -8.96 1.74 0.93
C TYR A 15 -8.20 0.42 0.79
N VAL A 16 -7.41 0.09 1.81
CA VAL A 16 -6.63 -1.13 1.79
C VAL A 16 -7.51 -2.37 1.68
N LEU A 17 -8.80 -2.21 2.01
CA LEU A 17 -9.74 -3.31 1.95
C LEU A 17 -10.61 -3.24 0.69
N LYS A 18 -10.90 -2.01 0.25
CA LYS A 18 -11.71 -1.81 -0.94
C LYS A 18 -10.87 -1.88 -2.21
N LEU A 19 -9.63 -1.42 -2.12
CA LEU A 19 -8.72 -1.43 -3.25
C LEU A 19 -9.20 -0.48 -4.35
N THR A 20 -9.38 0.78 -3.99
CA THR A 20 -9.84 1.78 -4.93
C THR A 20 -9.44 3.18 -4.47
N VAL A 21 -8.45 3.76 -5.14
CA VAL A 21 -7.98 5.10 -4.78
C VAL A 21 -9.01 6.17 -5.16
N GLU A 22 -9.46 6.93 -4.17
CA GLU A 22 -10.44 7.97 -4.39
C GLU A 22 -9.76 9.25 -4.89
N THR A 23 -9.56 9.33 -6.20
CA THR A 23 -8.93 10.49 -6.81
C THR A 23 -9.86 11.70 -6.80
N PRO A 24 -9.30 12.91 -6.90
CA PRO A 24 -10.09 14.15 -6.90
C PRO A 24 -11.28 14.09 -7.86
N GLU A 25 -11.02 13.65 -9.08
CA GLU A 25 -12.07 13.55 -10.09
C GLU A 25 -12.89 12.28 -9.88
N GLY A 26 -12.24 11.14 -9.96
CA GLY A 26 -12.93 9.87 -9.77
C GLY A 26 -12.14 8.90 -8.93
N SER A 27 -12.23 7.61 -9.27
CA SER A 27 -11.52 6.57 -8.53
C SER A 27 -10.55 5.83 -9.44
N VAL A 28 -9.58 5.14 -8.83
CA VAL A 28 -8.60 4.38 -9.59
C VAL A 28 -8.66 2.89 -9.26
N HIS A 29 -8.91 2.08 -10.28
CA HIS A 29 -9.00 0.63 -10.09
C HIS A 29 -7.63 -0.01 -10.23
N LEU A 30 -7.48 -1.21 -9.67
CA LEU A 30 -6.21 -1.93 -9.73
C LEU A 30 -6.36 -3.37 -9.23
N THR A 31 -5.32 -4.17 -9.44
CA THR A 31 -5.34 -5.56 -8.99
C THR A 31 -4.94 -5.65 -7.52
N PRO A 32 -5.65 -6.45 -6.72
CA PRO A 32 -5.37 -6.59 -5.29
C PRO A 32 -4.06 -7.31 -4.99
N SER A 33 -3.53 -8.01 -5.98
CA SER A 33 -2.28 -8.74 -5.81
C SER A 33 -1.11 -7.79 -5.84
N GLU A 34 -1.18 -6.79 -6.71
CA GLU A 34 -0.13 -5.80 -6.81
C GLU A 34 -0.38 -4.72 -5.77
N SER A 35 -1.64 -4.35 -5.64
CA SER A 35 -2.02 -3.36 -4.66
C SER A 35 -1.94 -3.99 -3.27
N GLY A 36 -1.83 -5.33 -3.23
CA GLY A 36 -1.72 -6.02 -1.97
C GLY A 36 -0.38 -5.80 -1.32
N ILE A 37 0.66 -5.66 -2.15
CA ILE A 37 2.00 -5.43 -1.65
C ILE A 37 2.11 -4.04 -1.04
N LEU A 38 1.44 -3.09 -1.68
CA LEU A 38 1.43 -1.71 -1.20
C LEU A 38 0.65 -1.61 0.10
N LYS A 39 -0.24 -2.57 0.33
CA LYS A 39 -1.05 -2.61 1.54
C LYS A 39 -0.21 -3.00 2.73
N ARG A 40 0.79 -3.84 2.50
CA ARG A 40 1.68 -4.29 3.56
C ARG A 40 2.72 -3.22 3.87
N LEU A 41 3.08 -2.46 2.86
CA LEU A 41 4.05 -1.38 3.03
C LEU A 41 3.39 -0.19 3.69
N LEU A 42 2.08 -0.07 3.50
CA LEU A 42 1.31 1.02 4.09
C LEU A 42 1.26 0.85 5.60
N ILE A 43 1.33 -0.40 6.04
CA ILE A 43 1.31 -0.69 7.47
C ILE A 43 2.50 -0.02 8.14
N ASN A 44 3.59 0.11 7.39
CA ASN A 44 4.80 0.76 7.89
C ASN A 44 4.82 2.22 7.48
N LYS A 45 4.31 2.49 6.29
CA LYS A 45 4.24 3.85 5.77
C LYS A 45 5.61 4.51 5.75
N GLY A 46 6.32 4.36 4.64
CA GLY A 46 7.64 4.96 4.51
C GLY A 46 8.65 4.35 5.48
N GLN A 47 9.01 3.10 5.23
CA GLN A 47 9.97 2.42 6.09
C GLN A 47 10.96 1.62 5.24
N LEU A 48 12.23 1.62 5.65
CA LEU A 48 13.27 0.89 4.93
C LEU A 48 13.08 -0.61 5.07
N CYS A 49 12.30 -1.19 4.16
CA CYS A 49 12.04 -2.63 4.17
C CYS A 49 12.98 -3.36 3.21
N LEU A 50 12.96 -4.69 3.28
CA LEU A 50 13.82 -5.50 2.42
C LEU A 50 12.98 -6.19 1.34
N ARG A 51 13.39 -6.03 0.08
CA ARG A 51 12.68 -6.64 -1.04
C ARG A 51 12.66 -8.15 -0.92
N LYS A 52 13.70 -8.70 -0.31
CA LYS A 52 13.79 -10.15 -0.12
C LYS A 52 13.03 -10.58 1.12
N HIS A 53 12.83 -9.66 2.03
CA HIS A 53 12.08 -9.95 3.25
C HIS A 53 10.61 -9.65 3.02
N LEU A 54 10.34 -8.82 2.01
CA LEU A 54 8.98 -8.47 1.66
C LEU A 54 8.29 -9.63 0.96
N LEU A 55 9.08 -10.49 0.32
CA LEU A 55 8.52 -11.63 -0.38
C LEU A 55 8.09 -12.72 0.60
N GLU A 56 8.49 -12.59 1.86
CA GLU A 56 8.13 -13.57 2.88
C GLU A 56 6.81 -13.21 3.55
N GLU A 57 6.42 -11.95 3.44
CA GLU A 57 5.17 -11.48 4.03
C GLU A 57 4.02 -11.69 3.07
N ILE A 58 4.29 -11.50 1.78
CA ILE A 58 3.28 -11.70 0.76
C ILE A 58 3.15 -13.17 0.43
N LYS A 59 4.18 -13.95 0.78
CA LYS A 59 4.18 -15.38 0.53
C LYS A 59 3.46 -16.11 1.65
N ASN A 60 3.63 -15.64 2.88
CA ASN A 60 2.97 -16.25 4.03
C ASN A 60 1.46 -16.09 3.93
N HIS A 61 1.04 -14.97 3.35
CA HIS A 61 -0.37 -14.67 3.18
C HIS A 61 -0.89 -15.23 1.87
N ALA A 62 -0.10 -15.10 0.81
CA ALA A 62 -0.48 -15.60 -0.51
C ALA A 62 0.69 -15.52 -1.49
N LYS A 63 1.39 -16.63 -1.64
CA LYS A 63 2.54 -16.70 -2.55
C LYS A 63 2.16 -16.28 -3.96
N ALA A 64 2.27 -14.99 -4.23
CA ALA A 64 1.94 -14.44 -5.55
C ALA A 64 0.61 -14.98 -6.06
N ILE A 65 -0.48 -14.51 -5.45
CA ILE A 65 -1.82 -14.94 -5.85
C ILE A 65 -2.06 -14.66 -7.34
N VAL A 66 -2.06 -15.73 -8.13
CA VAL A 66 -2.27 -15.61 -9.56
C VAL A 66 -1.28 -14.62 -10.19
N ALA A 67 -0.01 -15.01 -10.21
CA ALA A 67 1.03 -14.16 -10.77
C ALA A 67 2.27 -14.98 -11.10
N ARG A 68 3.38 -14.28 -11.39
CA ARG A 68 4.63 -14.97 -11.73
C ARG A 68 5.71 -14.67 -10.69
N ASN A 69 5.68 -13.45 -10.17
CA ASN A 69 6.66 -13.03 -9.16
C ASN A 69 6.15 -11.82 -8.39
N VAL A 70 6.70 -11.59 -7.20
CA VAL A 70 6.30 -10.46 -6.37
C VAL A 70 7.13 -9.22 -6.68
N ASP A 71 8.33 -9.44 -7.18
CA ASP A 71 9.24 -8.34 -7.52
C ASP A 71 8.79 -7.66 -8.80
N VAL A 72 8.45 -8.47 -9.79
CA VAL A 72 8.00 -7.96 -11.07
C VAL A 72 6.64 -7.29 -10.91
N HIS A 73 5.88 -7.75 -9.92
CA HIS A 73 4.58 -7.18 -9.64
C HIS A 73 4.73 -5.77 -9.09
N ILE A 74 5.89 -5.50 -8.50
CA ILE A 74 6.17 -4.18 -7.93
C ILE A 74 6.18 -3.12 -9.02
N ALA A 75 6.75 -3.47 -10.16
CA ALA A 75 6.81 -2.55 -11.29
C ALA A 75 5.44 -2.36 -11.90
N SER A 76 4.62 -3.40 -11.82
CA SER A 76 3.26 -3.34 -12.34
C SER A 76 2.41 -2.44 -11.46
N LEU A 77 2.81 -2.28 -10.21
CA LEU A 77 2.09 -1.44 -9.27
C LEU A 77 2.16 0.01 -9.72
N ARG A 78 3.32 0.42 -10.19
CA ARG A 78 3.52 1.77 -10.65
C ARG A 78 2.50 2.13 -11.71
N LYS A 79 2.15 1.14 -12.51
CA LYS A 79 1.16 1.33 -13.58
C LYS A 79 -0.24 1.03 -13.09
N LYS A 80 -0.35 0.13 -12.12
CA LYS A 80 -1.64 -0.25 -11.56
C LYS A 80 -2.29 0.91 -10.83
N LEU A 81 -1.65 1.36 -9.76
CA LEU A 81 -2.16 2.46 -8.97
C LEU A 81 -1.50 3.78 -9.37
N GLY A 82 -0.57 3.73 -10.32
CA GLY A 82 0.10 4.94 -10.76
C GLY A 82 1.30 5.30 -9.91
N ALA A 83 1.41 6.57 -9.54
CA ALA A 83 2.51 7.05 -8.73
C ALA A 83 2.45 6.49 -7.30
N TYR A 84 1.33 5.85 -6.97
CA TYR A 84 1.15 5.27 -5.64
C TYR A 84 1.82 3.90 -5.57
N GLY A 85 1.83 3.19 -6.69
CA GLY A 85 2.45 1.89 -6.74
C GLY A 85 3.96 2.00 -6.81
N SER A 86 4.43 3.09 -7.39
CA SER A 86 5.87 3.34 -7.51
C SER A 86 6.48 3.59 -6.13
N ARG A 87 5.62 3.80 -5.12
CA ARG A 87 6.10 4.05 -3.77
C ARG A 87 7.16 3.02 -3.36
N ILE A 88 7.02 1.80 -3.87
CA ILE A 88 7.96 0.73 -3.57
C ILE A 88 9.31 1.02 -4.21
N VAL A 89 10.15 1.80 -3.52
CA VAL A 89 11.47 2.15 -4.04
C VAL A 89 12.43 0.98 -3.92
N THR A 90 13.48 1.00 -4.74
CA THR A 90 14.48 -0.05 -4.74
C THR A 90 15.88 0.52 -4.93
N LEU A 91 16.67 0.54 -3.85
CA LEU A 91 18.03 1.06 -3.92
C LEU A 91 19.05 -0.02 -3.61
N ARG A 92 19.85 -0.37 -4.60
CA ARG A 92 20.88 -1.40 -4.44
C ARG A 92 21.99 -0.91 -3.53
N GLY A 93 21.73 -0.89 -2.23
CA GLY A 93 22.72 -0.45 -1.28
C GLY A 93 22.13 -0.15 0.08
N VAL A 94 20.87 0.28 0.09
CA VAL A 94 20.18 0.60 1.34
C VAL A 94 19.01 -0.36 1.58
N GLY A 95 18.24 -0.61 0.53
CA GLY A 95 17.10 -1.50 0.65
C GLY A 95 15.84 -0.94 0.01
N TYR A 96 14.70 -1.48 0.40
CA TYR A 96 13.42 -1.03 -0.15
C TYR A 96 12.85 0.12 0.68
N LEU A 97 12.55 1.22 0.01
CA LEU A 97 11.99 2.39 0.68
C LEU A 97 10.62 2.73 0.13
N PHE A 98 9.69 3.05 1.02
CA PHE A 98 8.33 3.39 0.63
C PHE A 98 8.13 4.90 0.62
N SER A 99 8.77 5.57 -0.33
CA SER A 99 8.66 7.02 -0.45
C SER A 99 7.22 7.45 -0.72
N ASP A 100 6.45 7.60 0.36
CA ASP A 100 5.05 8.01 0.24
C ASP A 100 4.80 9.30 0.99
N ASP A 101 4.83 9.22 2.31
CA ASP A 101 4.60 10.37 3.16
C ASP A 101 5.16 10.12 4.56
N GLY A 102 4.65 9.09 5.23
CA GLY A 102 5.12 8.77 6.57
C GLY A 102 4.25 9.39 7.64
N ASP A 103 2.96 9.55 7.34
CA ASP A 103 2.02 10.13 8.29
C ASP A 103 0.78 9.26 8.42
N LYS A 104 0.72 8.47 9.50
CA LYS A 104 -0.40 7.60 9.74
C LYS A 104 -1.69 8.40 9.95
N LYS A 105 -2.82 7.79 9.63
CA LYS A 105 -4.12 8.44 9.78
C LYS A 105 -4.43 8.71 11.25
N PHE A 106 -4.56 9.99 11.59
CA PHE A 106 -4.86 10.37 12.97
C PHE A 106 -6.28 9.97 13.34
N SER A 107 -6.67 10.27 14.57
CA SER A 107 -8.00 9.94 15.06
C SER A 107 -8.47 10.94 16.10
N GLN A 108 -8.94 12.10 15.64
CA GLN A 108 -9.42 13.14 16.53
C GLN A 108 -10.76 12.76 17.15
N GLN A 109 -11.78 12.62 16.31
CA GLN A 109 -13.11 12.26 16.78
C GLN A 109 -13.09 10.92 17.52
N ASP A 110 -13.58 10.94 18.76
CA ASP A 110 -13.62 9.73 19.58
C ASP A 110 -15.05 9.33 19.91
N THR A 111 -15.98 10.27 19.77
CA THR A 111 -17.39 10.01 20.06
C THR A 111 -17.94 8.93 19.14
N LYS A 112 -18.93 8.19 19.63
CA LYS A 112 -19.55 7.12 18.86
C LYS A 112 -20.33 7.69 17.67
N LEU A 113 -20.80 6.80 16.80
CA LEU A 113 -21.56 7.21 15.63
C LEU A 113 -22.56 6.13 15.23
N SER A 114 -23.59 6.53 14.48
CA SER A 114 -24.61 5.60 14.03
C SER A 114 -24.01 4.49 13.17
N LEU A 115 -24.28 3.25 13.54
CA LEU A 115 -23.78 2.11 12.80
C LEU A 115 -24.37 2.04 11.40
N GLU A 116 -25.69 2.16 11.31
CA GLU A 116 -26.38 2.12 10.03
C GLU A 116 -26.17 0.78 9.34
N HIS A 1 -2.90 5.52 14.76
CA HIS A 1 -1.61 5.67 14.05
C HIS A 1 -0.59 4.63 14.54
N SER A 2 -1.10 3.47 14.97
CA SER A 2 -0.24 2.41 15.46
C SER A 2 -0.46 1.12 14.67
N VAL A 3 -1.72 0.76 14.49
CA VAL A 3 -2.06 -0.46 13.75
C VAL A 3 -2.84 -0.12 12.48
N PRO A 4 -2.12 0.22 11.39
CA PRO A 4 -2.76 0.57 10.12
C PRO A 4 -3.71 -0.51 9.63
N GLU A 5 -4.95 -0.12 9.34
CA GLU A 5 -5.96 -1.05 8.88
C GLU A 5 -6.51 -0.64 7.53
N SER A 6 -6.52 0.66 7.28
CA SER A 6 -7.02 1.21 6.03
C SER A 6 -5.89 1.87 5.25
N ILE A 7 -6.16 2.22 4.00
CA ILE A 7 -5.17 2.86 3.16
C ILE A 7 -5.73 4.12 2.50
N ARG A 8 -5.97 5.14 3.31
CA ARG A 8 -6.51 6.40 2.82
C ARG A 8 -5.41 7.44 2.63
N PHE A 9 -5.49 8.18 1.53
CA PHE A 9 -4.49 9.21 1.22
C PHE A 9 -5.10 10.30 0.35
N GLY A 10 -5.38 11.45 0.95
CA GLY A 10 -5.97 12.55 0.20
C GLY A 10 -7.39 12.26 -0.25
N PRO A 11 -7.78 12.76 -1.43
CA PRO A 11 -9.12 12.54 -1.98
C PRO A 11 -9.27 11.19 -2.68
N ASN A 12 -8.76 10.15 -2.05
CA ASN A 12 -8.83 8.80 -2.61
C ASN A 12 -8.43 7.77 -1.55
N VAL A 13 -9.43 7.13 -0.95
CA VAL A 13 -9.17 6.12 0.07
C VAL A 13 -8.98 4.74 -0.55
N PHE A 14 -8.40 3.83 0.22
CA PHE A 14 -8.16 2.47 -0.26
C PHE A 14 -8.15 1.49 0.90
N TYR A 15 -8.58 0.25 0.62
CA TYR A 15 -8.62 -0.79 1.64
C TYR A 15 -7.55 -1.83 1.39
N VAL A 16 -7.28 -2.66 2.40
CA VAL A 16 -6.27 -3.71 2.28
C VAL A 16 -6.90 -5.06 1.96
N LEU A 17 -8.16 -5.23 2.33
CA LEU A 17 -8.87 -6.48 2.07
C LEU A 17 -9.82 -6.35 0.89
N LYS A 18 -10.39 -5.16 0.72
CA LYS A 18 -11.33 -4.91 -0.38
C LYS A 18 -10.59 -4.69 -1.69
N LEU A 19 -9.40 -4.09 -1.60
CA LEU A 19 -8.60 -3.83 -2.79
C LEU A 19 -9.35 -2.90 -3.74
N THR A 20 -10.01 -1.90 -3.18
CA THR A 20 -10.78 -0.94 -3.97
C THR A 20 -10.56 0.48 -3.47
N VAL A 21 -10.24 1.39 -4.39
CA VAL A 21 -10.03 2.79 -4.03
C VAL A 21 -11.31 3.59 -4.15
N GLU A 22 -11.70 4.25 -3.06
CA GLU A 22 -12.91 5.05 -3.06
C GLU A 22 -12.62 6.50 -3.44
N THR A 23 -13.41 7.02 -4.37
CA THR A 23 -13.23 8.40 -4.84
C THR A 23 -14.56 9.15 -4.82
N PRO A 24 -14.56 10.42 -4.39
CA PRO A 24 -15.77 11.24 -4.33
C PRO A 24 -16.42 11.42 -5.70
N GLU A 25 -15.62 11.25 -6.76
CA GLU A 25 -16.13 11.39 -8.12
C GLU A 25 -16.40 10.02 -8.74
N GLY A 26 -15.61 9.03 -8.35
CA GLY A 26 -15.78 7.69 -8.88
C GLY A 26 -15.03 6.65 -8.07
N SER A 27 -14.24 5.83 -8.75
CA SER A 27 -13.47 4.78 -8.08
C SER A 27 -12.25 4.39 -8.91
N VAL A 28 -11.36 3.60 -8.32
CA VAL A 28 -10.16 3.16 -9.01
C VAL A 28 -9.77 1.74 -8.59
N HIS A 29 -9.67 0.85 -9.57
CA HIS A 29 -9.30 -0.54 -9.31
C HIS A 29 -7.80 -0.75 -9.52
N LEU A 30 -7.31 -1.93 -9.12
CA LEU A 30 -5.89 -2.24 -9.27
C LEU A 30 -5.64 -3.73 -9.12
N THR A 31 -4.44 -4.18 -9.51
CA THR A 31 -4.09 -5.59 -9.40
C THR A 31 -3.75 -5.93 -7.96
N PRO A 32 -4.29 -7.04 -7.44
CA PRO A 32 -4.04 -7.46 -6.05
C PRO A 32 -2.61 -7.94 -5.81
N SER A 33 -1.88 -8.19 -6.90
CA SER A 33 -0.51 -8.65 -6.77
C SER A 33 0.42 -7.46 -6.58
N GLU A 34 0.14 -6.39 -7.30
CA GLU A 34 0.94 -5.18 -7.19
C GLU A 34 0.40 -4.32 -6.07
N SER A 35 -0.92 -4.38 -5.89
CA SER A 35 -1.55 -3.65 -4.82
C SER A 35 -1.42 -4.46 -3.53
N GLY A 36 -1.07 -5.74 -3.69
CA GLY A 36 -0.88 -6.62 -2.55
C GLY A 36 0.37 -6.28 -1.80
N ILE A 37 1.37 -5.79 -2.51
CA ILE A 37 2.64 -5.41 -1.90
C ILE A 37 2.48 -4.12 -1.10
N LEU A 38 1.54 -3.29 -1.50
CA LEU A 38 1.28 -2.04 -0.81
C LEU A 38 0.56 -2.30 0.52
N LYS A 39 -0.02 -3.48 0.64
CA LYS A 39 -0.73 -3.87 1.84
C LYS A 39 0.23 -4.22 2.96
N ARG A 40 1.29 -4.93 2.61
CA ARG A 40 2.29 -5.34 3.59
C ARG A 40 3.12 -4.14 4.05
N LEU A 41 3.24 -3.15 3.18
CA LEU A 41 3.99 -1.94 3.50
C LEU A 41 3.15 -1.00 4.36
N LEU A 42 1.84 -1.20 4.32
CA LEU A 42 0.93 -0.37 5.09
C LEU A 42 0.87 -0.84 6.54
N ILE A 43 1.20 -2.10 6.77
CA ILE A 43 1.19 -2.65 8.12
C ILE A 43 2.43 -2.21 8.90
N ASN A 44 3.54 -2.02 8.17
CA ASN A 44 4.78 -1.59 8.78
C ASN A 44 4.89 -0.07 8.75
N LYS A 45 4.41 0.51 7.66
CA LYS A 45 4.43 1.96 7.48
C LYS A 45 5.76 2.57 7.92
N GLY A 46 6.81 2.31 7.16
CA GLY A 46 8.12 2.85 7.48
C GLY A 46 8.98 1.87 8.25
N GLN A 47 9.85 1.17 7.53
CA GLN A 47 10.76 0.20 8.13
C GLN A 47 11.79 -0.27 7.11
N LEU A 48 13.01 -0.53 7.58
CA LEU A 48 14.08 -0.98 6.70
C LEU A 48 13.81 -2.40 6.20
N CYS A 49 13.61 -2.54 4.90
CA CYS A 49 13.33 -3.84 4.30
C CYS A 49 14.23 -4.07 3.08
N LEU A 50 14.26 -5.31 2.61
CA LEU A 50 15.06 -5.66 1.45
C LEU A 50 14.20 -6.34 0.38
N ARG A 51 14.78 -6.53 -0.80
CA ARG A 51 14.06 -7.17 -1.90
C ARG A 51 13.62 -8.57 -1.51
N LYS A 52 14.58 -9.48 -1.40
CA LYS A 52 14.30 -10.86 -1.04
C LYS A 52 13.33 -10.94 0.13
N HIS A 53 13.37 -9.93 0.98
CA HIS A 53 12.49 -9.85 2.13
C HIS A 53 11.09 -9.48 1.69
N LEU A 54 11.01 -8.44 0.87
CA LEU A 54 9.74 -7.97 0.35
C LEU A 54 9.12 -9.03 -0.55
N LEU A 55 9.97 -9.87 -1.13
CA LEU A 55 9.52 -10.93 -2.01
C LEU A 55 8.83 -12.03 -1.21
N GLU A 56 9.23 -12.17 0.05
CA GLU A 56 8.66 -13.18 0.93
C GLU A 56 7.28 -12.74 1.42
N GLU A 57 6.96 -11.47 1.25
CA GLU A 57 5.66 -10.94 1.69
C GLU A 57 4.63 -11.05 0.58
N ILE A 58 5.09 -11.13 -0.66
CA ILE A 58 4.18 -11.27 -1.80
C ILE A 58 3.95 -12.73 -2.10
N LYS A 59 4.91 -13.56 -1.71
CA LYS A 59 4.82 -15.00 -1.91
C LYS A 59 4.00 -15.65 -0.80
N ASN A 60 3.96 -15.00 0.36
CA ASN A 60 3.22 -15.52 1.50
C ASN A 60 1.80 -14.93 1.52
N HIS A 61 1.25 -14.67 0.34
CA HIS A 61 -0.08 -14.12 0.22
C HIS A 61 -0.59 -14.24 -1.22
N ALA A 62 0.12 -13.62 -2.15
CA ALA A 62 -0.25 -13.68 -3.55
C ALA A 62 0.71 -12.88 -4.41
N LYS A 63 1.74 -13.55 -4.94
CA LYS A 63 2.73 -12.90 -5.78
C LYS A 63 2.31 -12.97 -7.25
N ALA A 64 1.09 -12.53 -7.52
CA ALA A 64 0.55 -12.53 -8.87
C ALA A 64 0.47 -13.95 -9.42
N ILE A 65 0.11 -14.88 -8.53
CA ILE A 65 -0.01 -16.29 -8.90
C ILE A 65 1.14 -16.74 -9.81
N VAL A 66 2.29 -17.01 -9.20
CA VAL A 66 3.48 -17.44 -9.94
C VAL A 66 3.69 -16.61 -11.20
N ALA A 67 3.85 -15.30 -11.03
CA ALA A 67 4.06 -14.39 -12.15
C ALA A 67 5.55 -14.29 -12.50
N ARG A 68 5.88 -13.35 -13.37
CA ARG A 68 7.27 -13.16 -13.79
C ARG A 68 8.14 -12.76 -12.61
N ASN A 69 7.86 -11.59 -12.06
CA ASN A 69 8.60 -11.08 -10.91
C ASN A 69 7.79 -10.03 -10.17
N VAL A 70 8.18 -9.74 -8.93
CA VAL A 70 7.49 -8.76 -8.12
C VAL A 70 8.02 -7.36 -8.40
N ASP A 71 9.30 -7.29 -8.75
CA ASP A 71 9.95 -6.01 -9.06
C ASP A 71 9.15 -5.23 -10.09
N VAL A 72 9.09 -5.77 -11.29
CA VAL A 72 8.35 -5.13 -12.38
C VAL A 72 6.92 -4.87 -11.98
N HIS A 73 6.42 -5.66 -11.04
CA HIS A 73 5.06 -5.50 -10.55
C HIS A 73 4.98 -4.28 -9.63
N ILE A 74 6.12 -3.88 -9.09
CA ILE A 74 6.18 -2.73 -8.20
C ILE A 74 5.95 -1.44 -8.98
N ALA A 75 6.41 -1.43 -10.22
CA ALA A 75 6.27 -0.27 -11.09
C ALA A 75 4.82 -0.06 -11.49
N SER A 76 4.09 -1.16 -11.59
CA SER A 76 2.67 -1.09 -11.97
C SER A 76 1.85 -0.55 -10.81
N LEU A 77 2.32 -0.79 -9.60
CA LEU A 77 1.63 -0.31 -8.41
C LEU A 77 1.71 1.20 -8.32
N ARG A 78 2.82 1.74 -8.80
CA ARG A 78 3.03 3.19 -8.79
C ARG A 78 2.07 3.88 -9.75
N LYS A 79 1.48 3.12 -10.66
CA LYS A 79 0.54 3.66 -11.63
C LYS A 79 -0.89 3.65 -11.09
N LYS A 80 -1.21 2.60 -10.36
CA LYS A 80 -2.54 2.46 -9.78
C LYS A 80 -2.61 3.08 -8.40
N LEU A 81 -1.65 2.73 -7.56
CA LEU A 81 -1.59 3.25 -6.20
C LEU A 81 -1.40 4.77 -6.21
N GLY A 82 -0.28 5.22 -6.79
CA GLY A 82 -0.01 6.64 -6.85
C GLY A 82 1.10 7.07 -5.91
N ALA A 83 0.89 8.19 -5.21
CA ALA A 83 1.87 8.71 -4.28
C ALA A 83 2.19 7.70 -3.18
N TYR A 84 1.30 6.72 -3.00
CA TYR A 84 1.50 5.69 -2.00
C TYR A 84 2.28 4.51 -2.58
N GLY A 85 2.25 4.38 -3.91
CA GLY A 85 2.97 3.31 -4.55
C GLY A 85 4.45 3.57 -4.57
N SER A 86 4.81 4.84 -4.64
CA SER A 86 6.21 5.24 -4.65
C SER A 86 6.83 5.02 -3.27
N ARG A 87 5.98 4.74 -2.27
CA ARG A 87 6.46 4.52 -0.91
C ARG A 87 7.59 3.50 -0.88
N ILE A 88 7.61 2.59 -1.85
CA ILE A 88 8.65 1.58 -1.93
C ILE A 88 9.97 2.22 -2.36
N VAL A 89 10.58 2.98 -1.45
CA VAL A 89 11.84 3.65 -1.73
C VAL A 89 13.01 2.67 -1.72
N THR A 90 13.29 2.09 -2.88
CA THR A 90 14.38 1.14 -3.00
C THR A 90 15.72 1.86 -3.12
N LEU A 91 16.51 1.84 -2.06
CA LEU A 91 17.80 2.50 -2.04
C LEU A 91 18.91 1.54 -2.47
N ARG A 92 19.82 2.03 -3.30
CA ARG A 92 20.94 1.21 -3.78
C ARG A 92 22.04 1.13 -2.74
N GLY A 93 21.82 0.33 -1.71
CA GLY A 93 22.80 0.17 -0.65
C GLY A 93 22.19 -0.27 0.66
N VAL A 94 20.94 0.16 0.89
CA VAL A 94 20.24 -0.20 2.12
C VAL A 94 19.07 -1.14 1.83
N GLY A 95 18.51 -1.03 0.64
CA GLY A 95 17.39 -1.89 0.26
C GLY A 95 16.08 -1.14 0.18
N TYR A 96 14.98 -1.87 0.29
CA TYR A 96 13.65 -1.27 0.22
C TYR A 96 13.38 -0.42 1.47
N LEU A 97 12.93 0.81 1.25
CA LEU A 97 12.64 1.71 2.35
C LEU A 97 11.22 2.24 2.27
N PHE A 98 10.50 2.15 3.37
CA PHE A 98 9.13 2.64 3.43
C PHE A 98 9.10 4.05 4.00
N SER A 99 9.02 5.02 3.11
CA SER A 99 9.00 6.44 3.50
C SER A 99 8.18 6.68 4.77
N ASP A 100 8.61 7.65 5.56
CA ASP A 100 7.94 7.99 6.82
C ASP A 100 6.52 8.49 6.59
N ASP A 101 6.25 8.95 5.37
CA ASP A 101 4.92 9.47 5.02
C ASP A 101 3.80 8.65 5.63
N GLY A 102 3.62 7.43 5.12
CA GLY A 102 2.58 6.55 5.63
C GLY A 102 1.26 7.26 5.88
N ASP A 103 0.49 7.48 4.81
CA ASP A 103 -0.79 8.15 4.90
C ASP A 103 -1.80 7.32 5.69
N LYS A 104 -1.76 7.43 7.01
CA LYS A 104 -2.67 6.68 7.87
C LYS A 104 -3.96 7.46 8.08
N LYS A 105 -5.04 6.74 8.40
CA LYS A 105 -6.33 7.37 8.63
C LYS A 105 -7.17 6.59 9.62
N PHE A 106 -7.10 6.96 10.89
CA PHE A 106 -7.85 6.28 11.94
C PHE A 106 -9.31 6.75 11.93
N SER A 107 -10.23 5.80 12.05
CA SER A 107 -11.65 6.12 12.05
C SER A 107 -12.43 5.11 12.89
N GLN A 108 -12.61 5.44 14.17
CA GLN A 108 -13.35 4.57 15.07
C GLN A 108 -14.84 4.56 14.73
N GLN A 109 -15.50 5.70 14.98
CA GLN A 109 -16.92 5.82 14.70
C GLN A 109 -17.21 5.68 13.21
N ASP A 110 -18.48 5.49 12.87
CA ASP A 110 -18.89 5.34 11.48
C ASP A 110 -19.62 6.59 10.99
N THR A 111 -19.25 7.74 11.53
CA THR A 111 -19.86 9.00 11.15
C THR A 111 -18.96 10.19 11.53
N LYS A 112 -18.98 11.21 10.70
CA LYS A 112 -18.18 12.41 10.94
C LYS A 112 -18.60 13.10 12.23
N LEU A 113 -17.63 13.29 13.13
CA LEU A 113 -17.90 13.94 14.41
C LEU A 113 -18.39 15.37 14.20
N SER A 114 -19.53 15.69 14.82
CA SER A 114 -20.11 17.03 14.71
C SER A 114 -19.21 18.07 15.37
N LEU A 115 -18.71 19.01 14.56
CA LEU A 115 -17.85 20.06 15.06
C LEU A 115 -18.56 20.91 16.11
N GLU A 116 -17.79 21.46 17.03
CA GLU A 116 -18.35 22.30 18.09
C GLU A 116 -17.71 23.67 18.09
N HIS A 1 -1.71 -1.85 19.30
CA HIS A 1 -2.92 -1.01 19.49
C HIS A 1 -2.96 0.13 18.47
N SER A 2 -4.11 0.30 17.84
CA SER A 2 -4.28 1.36 16.84
C SER A 2 -3.31 1.18 15.69
N VAL A 3 -3.80 0.67 14.57
CA VAL A 3 -2.97 0.46 13.39
C VAL A 3 -3.66 0.94 12.12
N PRO A 4 -2.88 1.42 11.14
CA PRO A 4 -3.42 1.92 9.87
C PRO A 4 -3.98 0.79 8.99
N GLU A 5 -5.05 1.09 8.28
CA GLU A 5 -5.67 0.11 7.40
C GLU A 5 -6.32 0.77 6.19
N SER A 6 -5.63 1.77 5.65
CA SER A 6 -6.13 2.51 4.49
C SER A 6 -5.03 3.41 3.93
N ILE A 7 -4.97 3.51 2.60
CA ILE A 7 -3.96 4.34 1.95
C ILE A 7 -4.55 5.72 1.62
N ARG A 8 -4.63 6.58 2.63
CA ARG A 8 -5.15 7.92 2.45
C ARG A 8 -4.03 8.92 2.14
N PHE A 9 -4.06 9.48 0.94
CA PHE A 9 -3.03 10.44 0.53
C PHE A 9 -3.62 11.46 -0.45
N GLY A 10 -4.11 12.57 0.10
CA GLY A 10 -4.69 13.61 -0.74
C GLY A 10 -6.12 13.29 -1.13
N PRO A 11 -6.54 13.61 -2.37
CA PRO A 11 -7.90 13.35 -2.84
C PRO A 11 -8.09 11.91 -3.31
N ASN A 12 -7.66 10.96 -2.48
CA ASN A 12 -7.79 9.54 -2.81
C ASN A 12 -7.45 8.68 -1.61
N VAL A 13 -8.18 7.57 -1.46
CA VAL A 13 -7.96 6.66 -0.34
C VAL A 13 -8.13 5.20 -0.79
N PHE A 14 -7.02 4.49 -0.85
CA PHE A 14 -7.03 3.08 -1.26
C PHE A 14 -7.44 2.18 -0.10
N TYR A 15 -8.38 1.28 -0.36
CA TYR A 15 -8.86 0.36 0.66
C TYR A 15 -8.06 -0.95 0.61
N VAL A 16 -7.26 -1.18 1.65
CA VAL A 16 -6.43 -2.39 1.72
C VAL A 16 -7.28 -3.66 1.70
N LEU A 17 -8.57 -3.52 1.97
CA LEU A 17 -9.47 -4.68 1.99
C LEU A 17 -10.49 -4.62 0.85
N LYS A 18 -10.76 -3.41 0.35
CA LYS A 18 -11.72 -3.24 -0.74
C LYS A 18 -11.02 -3.16 -2.10
N LEU A 19 -9.76 -2.74 -2.09
CA LEU A 19 -9.00 -2.61 -3.33
C LEU A 19 -9.68 -1.66 -4.31
N THR A 20 -10.08 -0.50 -3.79
CA THR A 20 -10.75 0.50 -4.61
C THR A 20 -10.53 1.90 -4.03
N VAL A 21 -9.67 2.68 -4.68
CA VAL A 21 -9.36 4.02 -4.21
C VAL A 21 -10.56 4.96 -4.42
N GLU A 22 -10.98 5.62 -3.34
CA GLU A 22 -12.11 6.53 -3.40
C GLU A 22 -11.74 7.81 -4.16
N THR A 23 -11.95 7.78 -5.47
CA THR A 23 -11.64 8.94 -6.32
C THR A 23 -12.84 9.88 -6.41
N PRO A 24 -12.60 11.20 -6.36
CA PRO A 24 -13.68 12.19 -6.43
C PRO A 24 -14.34 12.23 -7.82
N GLU A 25 -13.61 11.77 -8.83
CA GLU A 25 -14.12 11.75 -10.19
C GLU A 25 -14.67 10.38 -10.55
N GLY A 26 -13.95 9.33 -10.14
CA GLY A 26 -14.39 7.97 -10.44
C GLY A 26 -13.91 6.97 -9.40
N SER A 27 -13.34 5.87 -9.87
CA SER A 27 -12.83 4.83 -8.98
C SER A 27 -11.64 4.11 -9.62
N VAL A 28 -10.98 3.28 -8.82
CA VAL A 28 -9.82 2.53 -9.30
C VAL A 28 -9.89 1.06 -8.88
N HIS A 29 -10.23 0.19 -9.83
CA HIS A 29 -10.34 -1.23 -9.56
C HIS A 29 -9.05 -1.95 -9.98
N LEU A 30 -8.67 -2.97 -9.21
CA LEU A 30 -7.46 -3.72 -9.50
C LEU A 30 -7.37 -4.98 -8.63
N THR A 31 -6.41 -5.85 -8.95
CA THR A 31 -6.23 -7.10 -8.21
C THR A 31 -5.71 -6.84 -6.80
N PRO A 32 -6.29 -7.51 -5.79
CA PRO A 32 -5.89 -7.35 -4.38
C PRO A 32 -4.44 -7.76 -4.12
N SER A 33 -3.82 -8.41 -5.09
CA SER A 33 -2.43 -8.86 -4.93
C SER A 33 -1.47 -7.69 -5.10
N GLU A 34 -1.87 -6.71 -5.89
CA GLU A 34 -1.04 -5.54 -6.11
C GLU A 34 -1.31 -4.51 -5.04
N SER A 35 -2.58 -4.29 -4.75
CA SER A 35 -2.95 -3.37 -3.70
C SER A 35 -2.78 -4.05 -2.35
N GLY A 36 -2.58 -5.37 -2.39
CA GLY A 36 -2.37 -6.12 -1.16
C GLY A 36 -0.95 -5.98 -0.66
N ILE A 37 -0.02 -5.71 -1.58
CA ILE A 37 1.37 -5.56 -1.20
C ILE A 37 1.61 -4.21 -0.55
N LEU A 38 0.83 -3.22 -0.96
CA LEU A 38 0.94 -1.87 -0.39
C LEU A 38 0.23 -1.84 0.96
N LYS A 39 -0.53 -2.89 1.24
CA LYS A 39 -1.26 -2.99 2.50
C LYS A 39 -0.34 -3.40 3.63
N ARG A 40 0.65 -4.23 3.31
CA ARG A 40 1.60 -4.69 4.32
C ARG A 40 2.57 -3.58 4.69
N LEU A 41 2.87 -2.72 3.73
CA LEU A 41 3.76 -1.60 3.97
C LEU A 41 3.00 -0.46 4.65
N LEU A 42 1.68 -0.51 4.56
CA LEU A 42 0.84 0.48 5.19
C LEU A 42 0.74 0.24 6.68
N ILE A 43 0.90 -1.02 7.08
CA ILE A 43 0.85 -1.38 8.49
C ILE A 43 2.03 -0.81 9.25
N ASN A 44 3.16 -0.65 8.55
CA ASN A 44 4.37 -0.11 9.16
C ASN A 44 4.50 1.38 8.87
N LYS A 45 4.01 1.79 7.71
CA LYS A 45 4.05 3.19 7.30
C LYS A 45 5.44 3.79 7.54
N GLY A 46 6.33 3.60 6.58
CA GLY A 46 7.68 4.13 6.70
C GLY A 46 8.62 3.18 7.40
N GLN A 47 9.01 2.12 6.71
CA GLN A 47 9.92 1.12 7.26
C GLN A 47 10.96 0.70 6.24
N LEU A 48 12.05 0.10 6.72
CA LEU A 48 13.11 -0.36 5.84
C LEU A 48 12.93 -1.83 5.48
N CYS A 49 11.90 -2.11 4.67
CA CYS A 49 11.62 -3.47 4.24
C CYS A 49 12.37 -3.81 2.96
N LEU A 50 13.55 -4.38 3.11
CA LEU A 50 14.38 -4.76 1.96
C LEU A 50 13.56 -5.50 0.92
N ARG A 51 14.16 -5.69 -0.26
CA ARG A 51 13.47 -6.39 -1.34
C ARG A 51 13.17 -7.84 -0.98
N LYS A 52 14.19 -8.53 -0.49
CA LYS A 52 14.06 -9.93 -0.10
C LYS A 52 13.10 -10.08 1.07
N HIS A 53 12.79 -8.97 1.72
CA HIS A 53 11.89 -8.99 2.85
C HIS A 53 10.45 -8.78 2.40
N LEU A 54 10.29 -7.91 1.42
CA LEU A 54 8.98 -7.61 0.88
C LEU A 54 8.47 -8.76 0.02
N LEU A 55 9.40 -9.50 -0.57
CA LEU A 55 9.03 -10.63 -1.39
C LEU A 55 8.74 -11.85 -0.52
N GLU A 56 9.20 -11.81 0.73
CA GLU A 56 8.98 -12.91 1.66
C GLU A 56 7.61 -12.79 2.31
N GLU A 57 7.02 -11.59 2.28
CA GLU A 57 5.71 -11.38 2.87
C GLU A 57 4.61 -11.72 1.88
N ILE A 58 4.86 -11.45 0.62
CA ILE A 58 3.89 -11.76 -0.43
C ILE A 58 4.04 -13.22 -0.84
N LYS A 59 5.24 -13.74 -0.63
CA LYS A 59 5.54 -15.13 -0.95
C LYS A 59 4.84 -16.04 0.05
N ASN A 60 4.73 -15.57 1.29
CA ASN A 60 4.07 -16.34 2.34
C ASN A 60 2.55 -16.23 2.19
N HIS A 61 2.10 -15.41 1.24
CA HIS A 61 0.68 -15.21 0.99
C HIS A 61 0.40 -15.19 -0.51
N ALA A 62 1.06 -16.08 -1.25
CA ALA A 62 0.89 -16.17 -2.69
C ALA A 62 1.45 -14.95 -3.39
N LYS A 63 2.77 -14.94 -3.61
CA LYS A 63 3.42 -13.83 -4.29
C LYS A 63 3.06 -13.82 -5.77
N ALA A 64 1.79 -13.58 -6.06
CA ALA A 64 1.31 -13.56 -7.43
C ALA A 64 1.45 -14.94 -8.07
N ILE A 65 0.40 -15.74 -7.96
CA ILE A 65 0.39 -17.09 -8.50
C ILE A 65 -0.09 -17.09 -9.95
N VAL A 66 0.33 -16.09 -10.71
CA VAL A 66 -0.05 -15.97 -12.12
C VAL A 66 1.02 -15.23 -12.92
N ALA A 67 2.28 -15.52 -12.61
CA ALA A 67 3.39 -14.88 -13.29
C ALA A 67 3.38 -13.37 -13.08
N ARG A 68 3.60 -12.96 -11.83
CA ARG A 68 3.62 -11.54 -11.48
C ARG A 68 4.39 -11.30 -10.20
N ASN A 69 5.65 -11.74 -10.18
CA ASN A 69 6.52 -11.58 -9.01
C ASN A 69 6.36 -10.18 -8.39
N VAL A 70 6.80 -10.04 -7.15
CA VAL A 70 6.70 -8.78 -6.44
C VAL A 70 7.36 -7.65 -7.21
N ASP A 71 8.35 -8.00 -8.03
CA ASP A 71 9.06 -7.00 -8.83
C ASP A 71 8.11 -6.33 -9.80
N VAL A 72 7.61 -7.10 -10.74
CA VAL A 72 6.67 -6.59 -11.72
C VAL A 72 5.45 -5.99 -11.04
N HIS A 73 5.20 -6.42 -9.80
CA HIS A 73 4.08 -5.92 -9.03
C HIS A 73 4.35 -4.50 -8.54
N ILE A 74 5.62 -4.20 -8.31
CA ILE A 74 6.01 -2.87 -7.84
C ILE A 74 5.78 -1.84 -8.93
N ALA A 75 5.95 -2.25 -10.18
CA ALA A 75 5.74 -1.36 -11.31
C ALA A 75 4.27 -1.09 -11.50
N SER A 76 3.48 -2.15 -11.52
CA SER A 76 2.04 -2.02 -11.67
C SER A 76 1.46 -1.31 -10.45
N LEU A 77 2.19 -1.39 -9.34
CA LEU A 77 1.78 -0.74 -8.10
C LEU A 77 1.79 0.77 -8.28
N ARG A 78 2.76 1.26 -9.04
CA ARG A 78 2.88 2.69 -9.28
C ARG A 78 1.64 3.22 -10.00
N LYS A 79 0.96 2.36 -10.73
CA LYS A 79 -0.24 2.74 -11.46
C LYS A 79 -1.49 2.55 -10.61
N LYS A 80 -1.63 1.36 -10.07
CA LYS A 80 -2.78 1.03 -9.24
C LYS A 80 -2.84 1.93 -8.01
N LEU A 81 -1.80 1.85 -7.20
CA LEU A 81 -1.70 2.65 -5.99
C LEU A 81 -1.60 4.13 -6.32
N GLY A 82 -0.67 4.49 -7.19
CA GLY A 82 -0.50 5.88 -7.57
C GLY A 82 0.77 6.50 -7.00
N ALA A 83 0.69 7.78 -6.66
CA ALA A 83 1.84 8.49 -6.10
C ALA A 83 2.36 7.81 -4.84
N TYR A 84 1.50 7.02 -4.21
CA TYR A 84 1.88 6.30 -3.00
C TYR A 84 2.66 5.05 -3.35
N GLY A 85 2.38 4.49 -4.53
CA GLY A 85 3.09 3.30 -4.97
C GLY A 85 4.57 3.56 -5.09
N SER A 86 4.91 4.77 -5.50
CA SER A 86 6.31 5.15 -5.65
C SER A 86 6.98 5.24 -4.28
N ARG A 87 6.18 5.25 -3.22
CA ARG A 87 6.70 5.32 -1.86
C ARG A 87 7.83 4.32 -1.66
N ILE A 88 7.78 3.21 -2.40
CA ILE A 88 8.81 2.19 -2.32
C ILE A 88 10.14 2.72 -2.84
N VAL A 89 10.95 3.28 -1.95
CA VAL A 89 12.23 3.84 -2.32
C VAL A 89 13.33 2.78 -2.33
N THR A 90 14.03 2.66 -3.45
CA THR A 90 15.10 1.69 -3.59
C THR A 90 16.47 2.37 -3.51
N LEU A 91 16.96 2.56 -2.29
CA LEU A 91 18.25 3.19 -2.08
C LEU A 91 19.40 2.23 -2.36
N ARG A 92 20.39 2.70 -3.11
CA ARG A 92 21.55 1.87 -3.45
C ARG A 92 22.51 1.81 -2.27
N GLY A 93 22.10 1.12 -1.21
CA GLY A 93 22.94 0.98 -0.03
C GLY A 93 22.15 0.57 1.19
N VAL A 94 20.93 1.08 1.30
CA VAL A 94 20.07 0.76 2.43
C VAL A 94 19.14 -0.39 2.10
N GLY A 95 18.51 -0.30 0.92
CA GLY A 95 17.59 -1.35 0.49
C GLY A 95 16.28 -0.79 0.00
N TYR A 96 15.22 -0.95 0.79
CA TYR A 96 13.90 -0.46 0.43
C TYR A 96 13.34 0.45 1.51
N LEU A 97 13.26 1.75 1.21
CA LEU A 97 12.75 2.72 2.15
C LEU A 97 11.36 3.19 1.74
N PHE A 98 10.34 2.48 2.19
CA PHE A 98 8.96 2.82 1.87
C PHE A 98 8.49 4.02 2.69
N SER A 99 9.02 5.20 2.37
CA SER A 99 8.66 6.42 3.07
C SER A 99 8.36 7.55 2.09
N ASP A 100 7.32 8.32 2.40
CA ASP A 100 6.93 9.44 1.54
C ASP A 100 6.67 10.70 2.36
N ASP A 101 6.09 10.51 3.54
CA ASP A 101 5.79 11.62 4.43
C ASP A 101 5.60 11.13 5.86
N GLY A 102 4.53 10.37 6.08
CA GLY A 102 4.25 9.86 7.41
C GLY A 102 2.92 10.32 7.95
N ASP A 103 1.83 9.74 7.44
CA ASP A 103 0.50 10.10 7.88
C ASP A 103 -0.31 8.86 8.23
N LYS A 104 -0.04 8.29 9.41
CA LYS A 104 -0.73 7.09 9.86
C LYS A 104 -2.21 7.38 10.10
N LYS A 105 -3.06 6.78 9.30
CA LYS A 105 -4.50 6.97 9.42
C LYS A 105 -5.05 6.22 10.63
N PHE A 106 -5.51 6.97 11.63
CA PHE A 106 -6.05 6.38 12.84
C PHE A 106 -7.46 5.84 12.59
N SER A 107 -7.58 4.88 11.68
CA SER A 107 -8.86 4.28 11.35
C SER A 107 -9.29 3.28 12.43
N GLN A 108 -9.78 3.81 13.55
CA GLN A 108 -10.24 2.98 14.65
C GLN A 108 -11.40 2.08 14.21
N GLN A 109 -12.49 2.71 13.78
CA GLN A 109 -13.67 1.99 13.34
C GLN A 109 -14.29 2.66 12.12
N ASP A 110 -15.52 2.28 11.80
CA ASP A 110 -16.22 2.85 10.65
C ASP A 110 -17.13 4.00 11.08
N THR A 111 -16.82 4.61 12.22
CA THR A 111 -17.60 5.73 12.72
C THR A 111 -17.42 6.96 11.85
N LYS A 112 -18.50 7.40 11.21
CA LYS A 112 -18.46 8.57 10.35
C LYS A 112 -18.03 9.81 11.14
N LEU A 113 -17.45 10.78 10.44
CA LEU A 113 -17.00 12.00 11.07
C LEU A 113 -18.18 12.81 11.63
N SER A 114 -18.67 12.39 12.79
CA SER A 114 -19.78 13.06 13.43
C SER A 114 -19.41 14.50 13.82
N LEU A 115 -20.40 15.38 13.80
CA LEU A 115 -20.18 16.77 14.16
C LEU A 115 -19.65 16.90 15.59
N GLU A 116 -18.77 17.87 15.79
CA GLU A 116 -18.17 18.10 17.11
C GLU A 116 -18.81 19.32 17.78
N HIS A 1 -7.57 -1.71 16.94
CA HIS A 1 -7.34 -1.75 15.48
C HIS A 1 -5.88 -1.47 15.15
N SER A 2 -5.46 -0.23 15.39
CA SER A 2 -4.08 0.18 15.12
C SER A 2 -3.76 0.07 13.63
N VAL A 3 -3.44 -1.14 13.18
CA VAL A 3 -3.11 -1.39 11.78
C VAL A 3 -4.32 -1.13 10.87
N PRO A 4 -4.29 -0.03 10.08
CA PRO A 4 -5.39 0.31 9.18
C PRO A 4 -5.51 -0.67 8.01
N GLU A 5 -6.52 -0.45 7.17
CA GLU A 5 -6.75 -1.31 6.01
C GLU A 5 -6.78 -0.48 4.73
N SER A 6 -7.87 0.24 4.55
CA SER A 6 -8.04 1.10 3.38
C SER A 6 -7.44 2.47 3.63
N ILE A 7 -7.30 3.26 2.57
CA ILE A 7 -6.74 4.61 2.70
C ILE A 7 -7.59 5.63 1.96
N ARG A 8 -8.05 6.64 2.71
CA ARG A 8 -8.86 7.70 2.13
C ARG A 8 -8.03 8.95 1.91
N PHE A 9 -7.12 8.88 0.94
CA PHE A 9 -6.24 10.00 0.62
C PHE A 9 -6.92 10.94 -0.38
N GLY A 10 -7.30 12.12 0.10
CA GLY A 10 -7.95 13.09 -0.76
C GLY A 10 -9.24 12.55 -1.35
N PRO A 11 -9.60 12.97 -2.58
CA PRO A 11 -10.82 12.51 -3.25
C PRO A 11 -10.72 11.07 -3.74
N ASN A 12 -9.54 10.48 -3.61
CA ASN A 12 -9.31 9.10 -4.05
C ASN A 12 -9.41 8.13 -2.87
N VAL A 13 -10.05 7.00 -3.11
CA VAL A 13 -10.20 5.97 -2.08
C VAL A 13 -9.75 4.61 -2.60
N PHE A 14 -8.70 4.07 -1.98
CA PHE A 14 -8.16 2.77 -2.38
C PHE A 14 -8.74 1.64 -1.53
N TYR A 15 -9.16 0.57 -2.20
CA TYR A 15 -9.73 -0.58 -1.50
C TYR A 15 -8.72 -1.71 -1.44
N VAL A 16 -8.09 -1.87 -0.27
CA VAL A 16 -7.08 -2.91 -0.07
C VAL A 16 -7.65 -4.31 -0.30
N LEU A 17 -8.98 -4.43 -0.29
CA LEU A 17 -9.63 -5.72 -0.51
C LEU A 17 -10.37 -5.77 -1.83
N LYS A 18 -10.65 -4.60 -2.41
CA LYS A 18 -11.37 -4.53 -3.68
C LYS A 18 -10.41 -4.29 -4.85
N LEU A 19 -9.29 -3.62 -4.58
CA LEU A 19 -8.30 -3.32 -5.61
C LEU A 19 -8.88 -2.36 -6.65
N THR A 20 -9.46 -1.26 -6.18
CA THR A 20 -10.05 -0.27 -7.07
C THR A 20 -10.07 1.11 -6.42
N VAL A 21 -9.24 2.01 -6.94
CA VAL A 21 -9.17 3.38 -6.41
C VAL A 21 -10.34 4.21 -6.89
N GLU A 22 -11.19 4.63 -5.96
CA GLU A 22 -12.36 5.44 -6.28
C GLU A 22 -11.94 6.85 -6.72
N THR A 23 -12.68 7.41 -7.67
CA THR A 23 -12.39 8.74 -8.18
C THR A 23 -13.67 9.44 -8.64
N PRO A 24 -13.81 10.74 -8.34
CA PRO A 24 -14.98 11.52 -8.73
C PRO A 24 -15.22 11.50 -10.24
N GLU A 25 -14.16 11.21 -11.00
CA GLU A 25 -14.26 11.18 -12.45
C GLU A 25 -14.30 9.74 -12.96
N GLY A 26 -13.27 8.97 -12.64
CA GLY A 26 -13.22 7.58 -13.06
C GLY A 26 -12.37 6.72 -12.14
N SER A 27 -12.93 5.59 -11.70
CA SER A 27 -12.22 4.69 -10.82
C SER A 27 -11.08 3.98 -11.56
N VAL A 28 -10.11 3.49 -10.80
CA VAL A 28 -8.96 2.80 -11.38
C VAL A 28 -8.95 1.32 -10.99
N HIS A 29 -8.69 0.46 -11.97
CA HIS A 29 -8.65 -0.97 -11.72
C HIS A 29 -7.22 -1.51 -11.84
N LEU A 30 -6.97 -2.67 -11.23
CA LEU A 30 -5.65 -3.27 -11.27
C LEU A 30 -5.69 -4.70 -10.72
N THR A 31 -4.59 -5.42 -10.89
CA THR A 31 -4.49 -6.80 -10.41
C THR A 31 -4.25 -6.83 -8.89
N PRO A 32 -4.84 -7.82 -8.19
CA PRO A 32 -4.69 -7.95 -6.74
C PRO A 32 -3.31 -8.46 -6.33
N SER A 33 -2.56 -8.98 -7.30
CA SER A 33 -1.23 -9.51 -7.02
C SER A 33 -0.23 -8.38 -6.86
N GLU A 34 -0.38 -7.37 -7.70
CA GLU A 34 0.50 -6.21 -7.64
C GLU A 34 -0.03 -5.23 -6.62
N SER A 35 -1.35 -5.13 -6.58
CA SER A 35 -2.00 -4.27 -5.61
C SER A 35 -1.99 -4.96 -4.25
N GLY A 36 -1.70 -6.26 -4.27
CA GLY A 36 -1.63 -7.02 -3.04
C GLY A 36 -0.42 -6.66 -2.24
N ILE A 37 0.67 -6.33 -2.93
CA ILE A 37 1.90 -5.95 -2.26
C ILE A 37 1.76 -4.58 -1.63
N LEU A 38 0.95 -3.74 -2.26
CA LEU A 38 0.71 -2.39 -1.74
C LEU A 38 -0.30 -2.47 -0.60
N LYS A 39 -1.07 -3.56 -0.57
CA LYS A 39 -2.05 -3.78 0.47
C LYS A 39 -1.38 -4.06 1.80
N ARG A 40 -0.28 -4.79 1.75
CA ARG A 40 0.46 -5.12 2.96
C ARG A 40 1.14 -3.88 3.52
N LEU A 41 1.54 -2.99 2.63
CA LEU A 41 2.17 -1.74 3.03
C LEU A 41 1.12 -0.76 3.54
N LEU A 42 -0.12 -0.98 3.10
CA LEU A 42 -1.22 -0.13 3.52
C LEU A 42 -1.59 -0.43 4.97
N ILE A 43 -1.26 -1.64 5.43
CA ILE A 43 -1.54 -2.05 6.79
C ILE A 43 -0.68 -1.28 7.77
N ASN A 44 0.50 -0.85 7.33
CA ASN A 44 1.42 -0.11 8.18
C ASN A 44 1.37 1.38 7.85
N LYS A 45 1.26 1.68 6.56
CA LYS A 45 1.22 3.06 6.10
C LYS A 45 2.38 3.87 6.64
N GLY A 46 3.49 3.87 5.90
CA GLY A 46 4.67 4.60 6.33
C GLY A 46 5.36 3.97 7.52
N GLN A 47 6.18 2.96 7.25
CA GLN A 47 6.92 2.26 8.29
C GLN A 47 8.26 1.79 7.76
N LEU A 48 9.26 1.72 8.64
CA LEU A 48 10.60 1.29 8.25
C LEU A 48 10.61 -0.20 7.93
N CYS A 49 9.98 -0.56 6.81
CA CYS A 49 9.92 -1.95 6.37
C CYS A 49 11.29 -2.40 5.86
N LEU A 50 11.43 -3.70 5.63
CA LEU A 50 12.70 -4.25 5.14
C LEU A 50 12.50 -4.93 3.79
N ARG A 51 13.57 -4.97 3.01
CA ARG A 51 13.53 -5.59 1.68
C ARG A 51 13.06 -7.03 1.77
N LYS A 52 13.89 -7.89 2.33
CA LYS A 52 13.58 -9.32 2.49
C LYS A 52 12.20 -9.51 3.11
N HIS A 53 11.72 -8.49 3.81
CA HIS A 53 10.42 -8.58 4.45
C HIS A 53 9.31 -8.26 3.45
N LEU A 54 9.68 -7.65 2.33
CA LEU A 54 8.71 -7.30 1.30
C LEU A 54 8.48 -8.45 0.34
N LEU A 55 9.57 -9.13 -0.02
CA LEU A 55 9.44 -10.27 -0.92
C LEU A 55 8.99 -11.51 -0.14
N GLU A 56 9.00 -11.39 1.20
CA GLU A 56 8.59 -12.48 2.05
C GLU A 56 7.07 -12.42 2.27
N GLU A 57 6.49 -11.25 2.01
CA GLU A 57 5.05 -11.07 2.17
C GLU A 57 4.30 -11.59 0.96
N ILE A 58 4.78 -11.22 -0.21
CA ILE A 58 4.16 -11.69 -1.44
C ILE A 58 4.54 -13.15 -1.69
N LYS A 59 5.59 -13.60 -1.00
CA LYS A 59 6.04 -14.97 -1.11
C LYS A 59 5.05 -15.89 -0.39
N ASN A 60 4.56 -15.42 0.75
CA ASN A 60 3.59 -16.19 1.53
C ASN A 60 2.27 -16.27 0.78
N HIS A 61 2.01 -15.27 -0.06
CA HIS A 61 0.79 -15.21 -0.84
C HIS A 61 1.01 -15.82 -2.22
N ALA A 62 1.78 -15.11 -3.05
CA ALA A 62 2.09 -15.58 -4.40
C ALA A 62 3.40 -14.97 -4.89
N LYS A 63 4.48 -15.73 -4.75
CA LYS A 63 5.81 -15.28 -5.16
C LYS A 63 6.03 -15.51 -6.65
N ALA A 64 6.47 -14.47 -7.35
CA ALA A 64 6.73 -14.55 -8.79
C ALA A 64 5.61 -15.29 -9.54
N ILE A 65 4.41 -14.73 -9.50
CA ILE A 65 3.28 -15.32 -10.17
C ILE A 65 3.53 -15.44 -11.67
N VAL A 66 4.12 -16.57 -12.08
CA VAL A 66 4.43 -16.80 -13.48
C VAL A 66 5.30 -15.69 -14.04
N ALA A 67 6.58 -15.70 -13.68
CA ALA A 67 7.53 -14.70 -14.14
C ALA A 67 7.06 -13.29 -13.77
N ARG A 68 7.04 -13.01 -12.47
CA ARG A 68 6.62 -11.70 -11.98
C ARG A 68 7.13 -11.46 -10.56
N ASN A 69 8.45 -11.56 -10.39
CA ASN A 69 9.08 -11.34 -9.08
C ASN A 69 8.56 -10.06 -8.44
N VAL A 70 8.89 -9.86 -7.16
CA VAL A 70 8.45 -8.69 -6.43
C VAL A 70 9.09 -7.42 -6.97
N ASP A 71 10.26 -7.57 -7.58
CA ASP A 71 10.98 -6.43 -8.14
C ASP A 71 10.20 -5.81 -9.28
N VAL A 72 9.92 -6.61 -10.30
CA VAL A 72 9.15 -6.14 -11.44
C VAL A 72 7.79 -5.65 -11.00
N HIS A 73 7.36 -6.12 -9.83
CA HIS A 73 6.07 -5.72 -9.28
C HIS A 73 6.12 -4.27 -8.83
N ILE A 74 7.29 -3.80 -8.44
CA ILE A 74 7.46 -2.43 -7.98
C ILE A 74 7.23 -1.45 -9.12
N ALA A 75 7.68 -1.84 -10.31
CA ALA A 75 7.53 -1.00 -11.48
C ALA A 75 6.09 -1.03 -11.98
N SER A 76 5.47 -2.20 -11.85
CA SER A 76 4.09 -2.38 -12.25
C SER A 76 3.17 -1.68 -11.27
N LEU A 77 3.64 -1.52 -10.04
CA LEU A 77 2.87 -0.86 -9.00
C LEU A 77 2.71 0.62 -9.33
N ARG A 78 3.73 1.17 -9.98
CA ARG A 78 3.71 2.57 -10.37
C ARG A 78 2.53 2.87 -11.28
N LYS A 79 2.18 1.88 -12.10
CA LYS A 79 1.07 2.04 -13.04
C LYS A 79 -0.25 1.59 -12.41
N LYS A 80 -0.21 0.45 -11.75
CA LYS A 80 -1.38 -0.11 -11.10
C LYS A 80 -1.84 0.75 -9.93
N LEU A 81 -0.96 0.94 -8.98
CA LEU A 81 -1.24 1.74 -7.80
C LEU A 81 -1.19 3.24 -8.11
N GLY A 82 -0.22 3.62 -8.95
CA GLY A 82 -0.09 5.02 -9.32
C GLY A 82 0.89 5.78 -8.46
N ALA A 83 0.51 6.99 -8.07
CA ALA A 83 1.37 7.82 -7.22
C ALA A 83 1.75 7.12 -5.93
N TYR A 84 0.94 6.13 -5.55
CA TYR A 84 1.19 5.37 -4.32
C TYR A 84 2.16 4.23 -4.59
N GLY A 85 2.36 3.90 -5.87
CA GLY A 85 3.27 2.83 -6.22
C GLY A 85 4.70 3.21 -5.91
N SER A 86 5.01 4.49 -6.08
CA SER A 86 6.34 5.01 -5.81
C SER A 86 6.60 5.09 -4.31
N ARG A 87 5.52 5.06 -3.53
CA ARG A 87 5.63 5.12 -2.07
C ARG A 87 6.68 4.14 -1.57
N ILE A 88 6.83 3.02 -2.27
CA ILE A 88 7.80 2.00 -1.89
C ILE A 88 9.23 2.51 -2.07
N VAL A 89 9.81 3.05 -0.99
CA VAL A 89 11.16 3.58 -1.03
C VAL A 89 12.18 2.47 -0.81
N THR A 90 13.36 2.64 -1.40
CA THR A 90 14.44 1.65 -1.27
C THR A 90 15.69 2.30 -0.68
N LEU A 91 15.70 2.44 0.64
CA LEU A 91 16.83 3.06 1.32
C LEU A 91 18.03 2.11 1.34
N ARG A 92 19.19 2.62 0.91
CA ARG A 92 20.40 1.83 0.88
C ARG A 92 20.99 1.68 2.28
N GLY A 93 20.35 0.82 3.08
CA GLY A 93 20.81 0.60 4.44
C GLY A 93 19.67 0.47 5.42
N VAL A 94 18.54 1.10 5.10
CA VAL A 94 17.37 1.05 5.95
C VAL A 94 16.46 -0.10 5.55
N GLY A 95 16.11 -0.15 4.26
CA GLY A 95 15.25 -1.20 3.77
C GLY A 95 14.15 -0.66 2.87
N TYR A 96 12.91 -0.72 3.35
CA TYR A 96 11.77 -0.23 2.59
C TYR A 96 10.96 0.77 3.41
N LEU A 97 11.04 2.03 3.03
CA LEU A 97 10.31 3.08 3.72
C LEU A 97 9.14 3.59 2.89
N PHE A 98 7.93 3.12 3.22
CA PHE A 98 6.73 3.54 2.50
C PHE A 98 6.40 5.00 2.82
N SER A 99 7.24 5.90 2.33
CA SER A 99 7.04 7.33 2.58
C SER A 99 5.75 7.82 1.94
N ASP A 100 4.69 7.87 2.74
CA ASP A 100 3.39 8.33 2.26
C ASP A 100 2.95 9.60 2.98
N ASP A 101 2.41 9.42 4.17
CA ASP A 101 1.95 10.55 4.98
C ASP A 101 1.83 10.15 6.44
N GLY A 102 0.95 9.18 6.71
CA GLY A 102 0.75 8.73 8.08
C GLY A 102 -0.72 8.74 8.48
N ASP A 103 -1.60 8.42 7.53
CA ASP A 103 -3.03 8.40 7.81
C ASP A 103 -3.41 7.19 8.65
N LYS A 104 -4.45 7.34 9.47
CA LYS A 104 -4.91 6.28 10.33
C LYS A 104 -6.41 6.07 10.20
N LYS A 105 -6.85 4.82 10.23
CA LYS A 105 -8.26 4.49 10.12
C LYS A 105 -9.05 5.10 11.28
N PHE A 106 -10.37 5.09 11.16
CA PHE A 106 -11.24 5.62 12.19
C PHE A 106 -10.95 4.99 13.54
N SER A 107 -10.58 5.83 14.52
CA SER A 107 -10.26 5.34 15.86
C SER A 107 -11.45 4.63 16.48
N GLN A 108 -11.19 3.50 17.13
CA GLN A 108 -12.24 2.72 17.77
C GLN A 108 -12.94 3.54 18.84
N GLN A 109 -12.18 4.05 19.79
CA GLN A 109 -12.74 4.87 20.87
C GLN A 109 -13.45 6.10 20.32
N ASP A 110 -14.57 6.44 20.93
CA ASP A 110 -15.35 7.60 20.51
C ASP A 110 -14.55 8.88 20.65
N THR A 111 -13.60 8.87 21.57
CA THR A 111 -12.76 10.03 21.82
C THR A 111 -11.77 10.24 20.67
N LYS A 112 -11.53 11.50 20.31
CA LYS A 112 -10.60 11.81 19.24
C LYS A 112 -10.14 13.27 19.33
N LEU A 113 -8.83 13.46 19.37
CA LEU A 113 -8.26 14.80 19.46
C LEU A 113 -8.67 15.65 18.26
N SER A 114 -9.79 16.35 18.40
CA SER A 114 -10.29 17.20 17.33
C SER A 114 -9.27 18.27 16.95
N LEU A 115 -8.83 18.23 15.70
CA LEU A 115 -7.85 19.19 15.20
C LEU A 115 -8.34 20.63 15.39
N GLU A 116 -7.40 21.54 15.59
CA GLU A 116 -7.73 22.95 15.79
C GLU A 116 -6.58 23.84 15.33
N HIS A 1 -6.06 -8.09 14.03
CA HIS A 1 -5.82 -6.64 13.78
C HIS A 1 -4.90 -6.43 12.59
N SER A 2 -4.58 -5.17 12.32
CA SER A 2 -3.70 -4.83 11.20
C SER A 2 -4.31 -5.27 9.87
N VAL A 3 -5.21 -4.46 9.35
CA VAL A 3 -5.86 -4.77 8.08
C VAL A 3 -6.15 -3.50 7.28
N PRO A 4 -6.28 -3.61 5.95
CA PRO A 4 -6.56 -2.46 5.09
C PRO A 4 -8.01 -2.00 5.18
N GLU A 5 -8.20 -0.70 5.38
CA GLU A 5 -9.53 -0.13 5.50
C GLU A 5 -9.91 0.61 4.23
N SER A 6 -9.07 1.56 3.86
CA SER A 6 -9.29 2.37 2.66
C SER A 6 -8.07 3.22 2.34
N ILE A 7 -7.94 3.61 1.08
CA ILE A 7 -6.81 4.44 0.66
C ILE A 7 -7.25 5.51 -0.33
N ARG A 8 -7.91 6.55 0.18
CA ARG A 8 -8.37 7.64 -0.67
C ARG A 8 -7.38 8.80 -0.65
N PHE A 9 -6.78 9.07 -1.80
CA PHE A 9 -5.81 10.16 -1.91
C PHE A 9 -6.18 11.11 -3.04
N GLY A 10 -6.64 12.30 -2.67
CA GLY A 10 -7.02 13.28 -3.68
C GLY A 10 -8.20 12.82 -4.53
N PRO A 11 -8.19 13.14 -5.83
CA PRO A 11 -9.28 12.74 -6.73
C PRO A 11 -9.34 11.24 -6.95
N ASN A 12 -8.19 10.58 -6.81
CA ASN A 12 -8.11 9.13 -6.98
C ASN A 12 -8.16 8.42 -5.63
N VAL A 13 -8.71 7.20 -5.63
CA VAL A 13 -8.82 6.41 -4.41
C VAL A 13 -8.38 4.98 -4.64
N PHE A 14 -8.07 4.28 -3.56
CA PHE A 14 -7.63 2.88 -3.65
C PHE A 14 -8.36 2.02 -2.63
N TYR A 15 -9.46 1.40 -3.06
CA TYR A 15 -10.24 0.54 -2.18
C TYR A 15 -9.56 -0.82 -2.00
N VAL A 16 -9.56 -1.31 -0.78
CA VAL A 16 -8.95 -2.60 -0.47
C VAL A 16 -9.97 -3.73 -0.54
N LEU A 17 -11.12 -3.47 -1.16
CA LEU A 17 -12.17 -4.47 -1.29
C LEU A 17 -12.45 -4.76 -2.77
N LYS A 18 -12.34 -3.75 -3.61
CA LYS A 18 -12.59 -3.89 -5.04
C LYS A 18 -11.31 -3.72 -5.85
N LEU A 19 -10.33 -3.02 -5.28
CA LEU A 19 -9.07 -2.79 -5.97
C LEU A 19 -9.27 -2.00 -7.25
N THR A 20 -10.13 -0.99 -7.19
CA THR A 20 -10.44 -0.16 -8.35
C THR A 20 -10.13 1.31 -8.05
N VAL A 21 -9.37 1.94 -8.94
CA VAL A 21 -9.00 3.34 -8.76
C VAL A 21 -10.05 4.27 -9.39
N GLU A 22 -10.70 5.06 -8.54
CA GLU A 22 -11.73 5.98 -9.01
C GLU A 22 -11.09 7.23 -9.62
N THR A 23 -10.60 7.10 -10.84
CA THR A 23 -9.97 8.21 -11.54
C THR A 23 -11.00 9.26 -11.93
N PRO A 24 -10.54 10.44 -12.40
CA PRO A 24 -11.42 11.53 -12.80
C PRO A 24 -12.03 11.30 -14.18
N GLU A 25 -11.32 10.55 -15.02
CA GLU A 25 -11.79 10.25 -16.37
C GLU A 25 -12.69 9.02 -16.37
N GLY A 26 -12.43 8.11 -15.44
CA GLY A 26 -13.23 6.90 -15.36
C GLY A 26 -12.77 5.97 -14.25
N SER A 27 -12.01 4.94 -14.62
CA SER A 27 -11.51 3.97 -13.65
C SER A 27 -10.20 3.35 -14.14
N VAL A 28 -9.54 2.61 -13.26
CA VAL A 28 -8.28 1.96 -13.61
C VAL A 28 -8.17 0.58 -12.95
N HIS A 29 -8.57 -0.45 -13.68
CA HIS A 29 -8.50 -1.81 -13.17
C HIS A 29 -7.05 -2.30 -13.10
N LEU A 30 -6.54 -2.45 -11.89
CA LEU A 30 -5.16 -2.89 -11.68
C LEU A 30 -5.12 -4.36 -11.25
N THR A 31 -3.92 -4.93 -11.27
CA THR A 31 -3.73 -6.32 -10.86
C THR A 31 -3.53 -6.40 -9.35
N PRO A 32 -4.36 -7.18 -8.64
CA PRO A 32 -4.27 -7.32 -7.18
C PRO A 32 -2.94 -7.92 -6.73
N SER A 33 -2.19 -8.48 -7.66
CA SER A 33 -0.90 -9.09 -7.34
C SER A 33 0.16 -8.02 -7.24
N GLU A 34 0.13 -7.09 -8.18
CA GLU A 34 1.08 -5.98 -8.18
C GLU A 34 0.54 -4.87 -7.33
N SER A 35 -0.77 -4.73 -7.32
CA SER A 35 -1.43 -3.74 -6.49
C SER A 35 -1.53 -4.28 -5.07
N GLY A 36 -1.30 -5.59 -4.92
CA GLY A 36 -1.34 -6.22 -3.62
C GLY A 36 -0.16 -5.82 -2.79
N ILE A 37 0.99 -5.63 -3.43
CA ILE A 37 2.20 -5.22 -2.71
C ILE A 37 2.06 -3.80 -2.20
N LEU A 38 1.29 -3.00 -2.93
CA LEU A 38 1.04 -1.62 -2.53
C LEU A 38 -0.01 -1.59 -1.43
N LYS A 39 -0.83 -2.63 -1.39
CA LYS A 39 -1.88 -2.75 -0.38
C LYS A 39 -1.28 -3.02 0.99
N ARG A 40 -0.23 -3.83 1.03
CA ARG A 40 0.43 -4.16 2.28
C ARG A 40 1.20 -2.96 2.80
N LEU A 41 1.90 -2.29 1.89
CA LEU A 41 2.68 -1.12 2.24
C LEU A 41 1.75 0.06 2.52
N LEU A 42 0.53 -0.03 2.01
CA LEU A 42 -0.46 1.01 2.20
C LEU A 42 -0.98 0.97 3.64
N ILE A 43 -1.01 -0.23 4.21
CA ILE A 43 -1.47 -0.40 5.58
C ILE A 43 -0.58 0.41 6.51
N ASN A 44 0.68 0.60 6.10
CA ASN A 44 1.63 1.37 6.88
C ASN A 44 1.58 2.83 6.49
N LYS A 45 1.40 3.07 5.19
CA LYS A 45 1.30 4.42 4.63
C LYS A 45 2.32 5.36 5.28
N GLY A 46 3.57 5.29 4.82
CA GLY A 46 4.59 6.15 5.36
C GLY A 46 5.10 5.70 6.72
N GLN A 47 5.39 4.41 6.85
CA GLN A 47 5.89 3.86 8.10
C GLN A 47 7.18 3.08 7.87
N LEU A 48 7.92 2.83 8.95
CA LEU A 48 9.17 2.10 8.85
C LEU A 48 8.93 0.63 8.52
N CYS A 49 9.25 0.24 7.30
CA CYS A 49 9.09 -1.14 6.85
C CYS A 49 10.41 -1.71 6.39
N LEU A 50 10.45 -3.02 6.14
CA LEU A 50 11.68 -3.67 5.70
C LEU A 50 11.44 -4.53 4.46
N ARG A 51 12.51 -4.82 3.75
CA ARG A 51 12.42 -5.63 2.53
C ARG A 51 11.96 -7.04 2.86
N LYS A 52 12.82 -7.79 3.53
CA LYS A 52 12.52 -9.16 3.91
C LYS A 52 11.20 -9.26 4.66
N HIS A 53 10.80 -8.16 5.26
CA HIS A 53 9.54 -8.11 6.00
C HIS A 53 8.38 -7.91 5.04
N LEU A 54 8.65 -7.17 3.97
CA LEU A 54 7.64 -6.89 2.96
C LEU A 54 7.28 -8.17 2.23
N LEU A 55 8.32 -8.92 1.86
CA LEU A 55 8.12 -10.18 1.15
C LEU A 55 7.34 -11.17 2.01
N GLU A 56 7.38 -10.96 3.32
CA GLU A 56 6.67 -11.83 4.26
C GLU A 56 5.17 -11.57 4.21
N GLU A 57 4.81 -10.35 3.82
CA GLU A 57 3.40 -9.98 3.72
C GLU A 57 2.87 -10.29 2.32
N ILE A 58 3.79 -10.36 1.37
CA ILE A 58 3.43 -10.68 0.00
C ILE A 58 3.40 -12.20 -0.17
N LYS A 59 4.11 -12.89 0.71
CA LYS A 59 4.15 -14.34 0.69
C LYS A 59 2.79 -14.89 1.09
N ASN A 60 2.10 -14.16 1.98
CA ASN A 60 0.79 -14.57 2.44
C ASN A 60 -0.30 -13.92 1.58
N HIS A 61 0.05 -13.63 0.32
CA HIS A 61 -0.89 -13.01 -0.61
C HIS A 61 -0.35 -13.09 -2.03
N ALA A 62 -0.03 -14.31 -2.48
CA ALA A 62 0.50 -14.53 -3.82
C ALA A 62 1.96 -14.11 -3.91
N LYS A 63 2.86 -15.08 -3.83
CA LYS A 63 4.29 -14.82 -3.91
C LYS A 63 4.72 -14.55 -5.34
N ALA A 64 4.44 -13.34 -5.83
CA ALA A 64 4.80 -12.96 -7.19
C ALA A 64 4.19 -13.91 -8.21
N ILE A 65 2.92 -13.67 -8.54
CA ILE A 65 2.22 -14.49 -9.51
C ILE A 65 2.97 -14.54 -10.84
N VAL A 66 3.43 -15.73 -11.21
CA VAL A 66 4.17 -15.93 -12.45
C VAL A 66 5.22 -14.82 -12.66
N ALA A 67 5.96 -14.51 -11.61
CA ALA A 67 6.99 -13.48 -11.67
C ALA A 67 8.32 -13.99 -11.10
N ARG A 68 9.30 -13.11 -11.03
CA ARG A 68 10.61 -13.47 -10.50
C ARG A 68 10.62 -13.43 -8.98
N ASN A 69 10.44 -12.23 -8.45
CA ASN A 69 10.42 -12.03 -7.00
C ASN A 69 9.41 -10.95 -6.62
N VAL A 70 9.38 -10.61 -5.33
CA VAL A 70 8.45 -9.59 -4.85
C VAL A 70 8.90 -8.20 -5.27
N ASP A 71 10.19 -8.04 -5.53
CA ASP A 71 10.74 -6.76 -5.94
C ASP A 71 10.41 -6.47 -7.40
N VAL A 72 10.36 -7.53 -8.19
CA VAL A 72 10.04 -7.40 -9.60
C VAL A 72 8.56 -7.04 -9.77
N HIS A 73 7.76 -7.40 -8.78
CA HIS A 73 6.35 -7.10 -8.80
C HIS A 73 6.12 -5.61 -8.65
N ILE A 74 7.07 -4.93 -8.00
CA ILE A 74 6.99 -3.50 -7.80
C ILE A 74 7.04 -2.75 -9.12
N ALA A 75 7.82 -3.30 -10.05
CA ALA A 75 7.97 -2.70 -11.37
C ALA A 75 6.71 -2.87 -12.20
N SER A 76 6.03 -3.98 -11.98
CA SER A 76 4.79 -4.27 -12.71
C SER A 76 3.66 -3.43 -12.15
N LEU A 77 3.71 -3.16 -10.87
CA LEU A 77 2.70 -2.34 -10.22
C LEU A 77 2.79 -0.92 -10.74
N ARG A 78 4.01 -0.48 -11.01
CA ARG A 78 4.24 0.85 -11.54
C ARG A 78 3.51 1.04 -12.85
N LYS A 79 3.19 -0.06 -13.52
CA LYS A 79 2.48 -0.02 -14.79
C LYS A 79 1.07 0.49 -14.60
N LYS A 80 0.37 -0.09 -13.65
CA LYS A 80 -1.01 0.29 -13.35
C LYS A 80 -1.06 1.40 -12.31
N LEU A 81 -0.28 1.22 -11.26
CA LEU A 81 -0.21 2.20 -10.17
C LEU A 81 0.33 3.53 -10.67
N GLY A 82 1.63 3.56 -10.98
CA GLY A 82 2.25 4.79 -11.47
C GLY A 82 3.45 5.20 -10.66
N ALA A 83 3.57 6.51 -10.41
CA ALA A 83 4.69 7.05 -9.64
C ALA A 83 4.59 6.68 -8.16
N TYR A 84 3.46 6.13 -7.75
CA TYR A 84 3.25 5.73 -6.38
C TYR A 84 4.03 4.47 -6.07
N GLY A 85 4.15 3.60 -7.07
CA GLY A 85 4.92 2.38 -6.87
C GLY A 85 6.32 2.68 -6.40
N SER A 86 6.83 3.84 -6.81
CA SER A 86 8.15 4.28 -6.43
C SER A 86 8.18 4.60 -4.94
N ARG A 87 7.00 4.69 -4.31
CA ARG A 87 6.90 4.98 -2.88
C ARG A 87 7.91 4.15 -2.10
N ILE A 88 8.20 2.95 -2.61
CA ILE A 88 9.15 2.06 -1.97
C ILE A 88 10.50 2.74 -1.79
N VAL A 89 10.67 3.43 -0.66
CA VAL A 89 11.92 4.13 -0.37
C VAL A 89 12.91 3.24 0.37
N THR A 90 14.08 3.06 -0.23
CA THR A 90 15.13 2.23 0.36
C THR A 90 16.07 3.10 1.20
N LEU A 91 15.69 3.34 2.45
CA LEU A 91 16.48 4.16 3.36
C LEU A 91 17.78 3.47 3.74
N ARG A 92 18.91 4.06 3.37
CA ARG A 92 20.21 3.50 3.68
C ARG A 92 20.49 3.60 5.18
N GLY A 93 19.77 2.81 5.96
CA GLY A 93 19.94 2.83 7.40
C GLY A 93 18.64 2.51 8.13
N VAL A 94 17.52 2.84 7.50
CA VAL A 94 16.21 2.58 8.09
C VAL A 94 15.62 1.29 7.54
N GLY A 95 15.73 1.11 6.22
CA GLY A 95 15.20 -0.08 5.59
C GLY A 95 14.33 0.23 4.40
N TYR A 96 13.04 -0.06 4.53
CA TYR A 96 12.08 0.19 3.46
C TYR A 96 10.94 1.07 3.94
N LEU A 97 10.91 2.32 3.48
CA LEU A 97 9.87 3.25 3.88
C LEU A 97 8.97 3.61 2.70
N PHE A 98 7.66 3.62 2.95
CA PHE A 98 6.69 3.95 1.91
C PHE A 98 6.28 5.42 2.00
N SER A 99 7.22 6.30 1.66
CA SER A 99 6.97 7.74 1.71
C SER A 99 5.81 8.13 0.79
N ASP A 100 4.61 8.18 1.36
CA ASP A 100 3.43 8.54 0.58
C ASP A 100 2.63 9.65 1.29
N ASP A 101 1.85 9.26 2.28
CA ASP A 101 1.04 10.19 3.03
C ASP A 101 1.50 10.24 4.49
N GLY A 102 1.25 9.17 5.23
CA GLY A 102 1.63 9.12 6.62
C GLY A 102 0.44 8.95 7.55
N ASP A 103 -0.60 8.31 7.05
CA ASP A 103 -1.80 8.08 7.84
C ASP A 103 -2.23 6.62 7.78
N LYS A 104 -2.95 6.17 8.82
CA LYS A 104 -3.41 4.80 8.89
C LYS A 104 -4.90 4.75 9.22
N LYS A 105 -5.51 3.59 9.06
CA LYS A 105 -6.92 3.39 9.34
C LYS A 105 -7.31 4.00 10.69
N PHE A 106 -8.41 4.74 10.72
CA PHE A 106 -8.89 5.36 11.95
C PHE A 106 -9.32 4.31 12.96
N SER A 107 -8.91 4.48 14.21
CA SER A 107 -9.26 3.56 15.27
C SER A 107 -10.77 3.56 15.53
N GLN A 108 -11.32 2.39 15.84
CA GLN A 108 -12.75 2.26 16.12
C GLN A 108 -13.14 3.09 17.34
N GLN A 109 -12.40 2.91 18.43
CA GLN A 109 -12.69 3.65 19.66
C GLN A 109 -12.59 5.15 19.44
N ASP A 110 -13.27 5.91 20.29
CA ASP A 110 -13.26 7.37 20.19
C ASP A 110 -13.43 8.01 21.56
N THR A 111 -12.94 7.34 22.59
CA THR A 111 -13.04 7.85 23.96
C THR A 111 -12.32 9.18 24.08
N LYS A 112 -12.89 10.08 24.87
CA LYS A 112 -12.30 11.40 25.09
C LYS A 112 -12.86 12.04 26.36
N LEU A 113 -12.12 13.02 26.88
CA LEU A 113 -12.54 13.72 28.09
C LEU A 113 -12.02 15.15 28.09
N SER A 114 -12.92 16.10 27.79
CA SER A 114 -12.55 17.51 27.75
C SER A 114 -12.13 18.01 29.14
N LEU A 115 -10.91 17.69 29.53
CA LEU A 115 -10.38 18.09 30.81
C LEU A 115 -10.34 19.61 30.93
N GLU A 116 -10.66 20.11 32.13
CA GLU A 116 -10.66 21.55 32.38
C GLU A 116 -9.79 21.90 33.57
N HIS A 1 -3.99 -2.95 19.94
CA HIS A 1 -4.30 -2.02 18.81
C HIS A 1 -3.10 -1.13 18.50
N SER A 2 -2.07 -1.72 17.88
CA SER A 2 -0.87 -0.99 17.53
C SER A 2 -0.71 -0.91 16.01
N VAL A 3 -0.68 -2.08 15.37
CA VAL A 3 -0.53 -2.14 13.93
C VAL A 3 -1.80 -1.68 13.21
N PRO A 4 -1.75 -0.55 12.49
CA PRO A 4 -2.91 -0.03 11.77
C PRO A 4 -3.43 -1.00 10.72
N GLU A 5 -4.46 -0.56 9.99
CA GLU A 5 -5.06 -1.40 8.95
C GLU A 5 -5.32 -0.58 7.69
N SER A 6 -6.38 0.22 7.75
CA SER A 6 -6.76 1.07 6.63
C SER A 6 -5.74 2.18 6.42
N ILE A 7 -5.68 2.71 5.20
CA ILE A 7 -4.75 3.79 4.89
C ILE A 7 -5.49 5.07 4.52
N ARG A 8 -6.13 5.67 5.52
CA ARG A 8 -6.88 6.91 5.29
C ARG A 8 -6.03 8.13 5.66
N PHE A 9 -5.53 8.82 4.65
CA PHE A 9 -4.71 10.01 4.87
C PHE A 9 -5.17 11.15 3.98
N GLY A 10 -6.28 11.77 4.35
CA GLY A 10 -6.81 12.88 3.57
C GLY A 10 -8.10 12.52 2.86
N PRO A 11 -8.51 13.32 1.85
CA PRO A 11 -9.73 13.07 1.09
C PRO A 11 -9.78 11.66 0.52
N ASN A 12 -8.61 11.07 0.32
CA ASN A 12 -8.51 9.72 -0.24
C ASN A 12 -8.48 8.67 0.88
N VAL A 13 -9.29 7.64 0.73
CA VAL A 13 -9.36 6.56 1.70
C VAL A 13 -8.97 5.23 1.07
N PHE A 14 -8.10 4.48 1.75
CA PHE A 14 -7.65 3.19 1.24
C PHE A 14 -8.15 2.05 2.12
N TYR A 15 -8.98 1.20 1.55
CA TYR A 15 -9.52 0.05 2.27
C TYR A 15 -8.52 -1.09 2.31
N VAL A 16 -7.93 -1.30 3.49
CA VAL A 16 -6.94 -2.35 3.67
C VAL A 16 -7.55 -3.75 3.50
N LEU A 17 -8.87 -3.82 3.45
CA LEU A 17 -9.56 -5.09 3.29
C LEU A 17 -10.37 -5.13 1.98
N LYS A 18 -10.49 -3.98 1.32
CA LYS A 18 -11.23 -3.89 0.07
C LYS A 18 -10.30 -3.69 -1.13
N LEU A 19 -9.23 -2.91 -0.92
CA LEU A 19 -8.27 -2.64 -1.98
C LEU A 19 -8.84 -1.64 -2.99
N THR A 20 -9.46 -0.57 -2.48
CA THR A 20 -10.05 0.44 -3.33
C THR A 20 -9.82 1.83 -2.74
N VAL A 21 -9.49 2.79 -3.60
CA VAL A 21 -9.24 4.16 -3.16
C VAL A 21 -10.45 5.05 -3.43
N GLU A 22 -11.11 5.48 -2.36
CA GLU A 22 -12.28 6.35 -2.48
C GLU A 22 -11.87 7.78 -2.80
N THR A 23 -12.17 8.22 -4.02
CA THR A 23 -11.83 9.57 -4.44
C THR A 23 -13.05 10.49 -4.36
N PRO A 24 -12.83 11.81 -4.41
CA PRO A 24 -13.91 12.80 -4.34
C PRO A 24 -15.04 12.50 -5.31
N GLU A 25 -14.67 12.04 -6.51
CA GLU A 25 -15.66 11.71 -7.54
C GLU A 25 -16.41 10.43 -7.17
N GLY A 26 -15.66 9.38 -6.87
CA GLY A 26 -16.26 8.11 -6.52
C GLY A 26 -15.28 7.16 -5.87
N SER A 27 -14.74 6.24 -6.67
CA SER A 27 -13.78 5.26 -6.17
C SER A 27 -12.81 4.85 -7.27
N VAL A 28 -11.76 4.12 -6.89
CA VAL A 28 -10.75 3.67 -7.86
C VAL A 28 -10.29 2.26 -7.53
N HIS A 29 -10.76 1.29 -8.31
CA HIS A 29 -10.37 -0.10 -8.11
C HIS A 29 -8.95 -0.35 -8.59
N LEU A 30 -8.32 -1.38 -8.06
CA LEU A 30 -6.95 -1.72 -8.45
C LEU A 30 -6.66 -3.20 -8.22
N THR A 31 -5.53 -3.67 -8.70
CA THR A 31 -5.15 -5.07 -8.54
C THR A 31 -4.81 -5.35 -7.07
N PRO A 32 -5.56 -6.26 -6.43
CA PRO A 32 -5.34 -6.60 -5.02
C PRO A 32 -3.97 -7.19 -4.76
N SER A 33 -3.42 -7.86 -5.77
CA SER A 33 -2.11 -8.45 -5.65
C SER A 33 -1.03 -7.39 -5.67
N GLU A 34 -1.30 -6.32 -6.41
CA GLU A 34 -0.36 -5.21 -6.49
C GLU A 34 -0.57 -4.30 -5.31
N SER A 35 -1.82 -3.99 -5.04
CA SER A 35 -2.15 -3.16 -3.90
C SER A 35 -1.81 -3.90 -2.61
N GLY A 36 -1.66 -5.23 -2.72
CA GLY A 36 -1.30 -6.03 -1.58
C GLY A 36 0.09 -5.72 -1.09
N ILE A 37 0.97 -5.37 -2.02
CA ILE A 37 2.35 -5.03 -1.67
C ILE A 37 2.39 -3.71 -0.90
N LEU A 38 1.51 -2.80 -1.30
CA LEU A 38 1.43 -1.49 -0.65
C LEU A 38 0.83 -1.63 0.75
N LYS A 39 0.07 -2.71 0.94
CA LYS A 39 -0.56 -2.96 2.23
C LYS A 39 0.45 -3.45 3.25
N ARG A 40 1.41 -4.22 2.79
CA ARG A 40 2.46 -4.75 3.66
C ARG A 40 3.49 -3.68 3.96
N LEU A 41 3.58 -2.68 3.08
CA LEU A 41 4.52 -1.59 3.26
C LEU A 41 3.94 -0.53 4.20
N LEU A 42 2.62 -0.53 4.34
CA LEU A 42 1.94 0.41 5.21
C LEU A 42 2.03 -0.04 6.67
N ILE A 43 2.23 -1.34 6.88
CA ILE A 43 2.34 -1.88 8.22
C ILE A 43 3.71 -1.56 8.81
N ASN A 44 4.71 -1.43 7.95
CA ASN A 44 6.07 -1.12 8.38
C ASN A 44 6.32 0.39 8.37
N LYS A 45 5.45 1.12 7.66
CA LYS A 45 5.56 2.58 7.55
C LYS A 45 7.01 3.06 7.48
N GLY A 46 7.63 2.87 6.32
CA GLY A 46 9.00 3.30 6.14
C GLY A 46 9.98 2.44 6.90
N GLN A 47 10.57 1.45 6.22
CA GLN A 47 11.53 0.56 6.86
C GLN A 47 12.49 -0.02 5.82
N LEU A 48 13.73 -0.24 6.23
CA LEU A 48 14.76 -0.79 5.36
C LEU A 48 14.50 -2.28 5.10
N CYS A 49 14.00 -2.61 3.93
CA CYS A 49 13.72 -3.99 3.57
C CYS A 49 13.87 -4.21 2.06
N LEU A 50 15.07 -4.59 1.64
CA LEU A 50 15.35 -4.84 0.23
C LEU A 50 14.29 -5.75 -0.39
N ARG A 51 14.38 -5.95 -1.70
CA ARG A 51 13.41 -6.77 -2.43
C ARG A 51 13.25 -8.15 -1.80
N LYS A 52 14.36 -8.79 -1.50
CA LYS A 52 14.34 -10.12 -0.90
C LYS A 52 13.51 -10.14 0.37
N HIS A 53 13.38 -9.00 0.99
CA HIS A 53 12.61 -8.86 2.20
C HIS A 53 11.16 -8.53 1.85
N LEU A 54 11.01 -7.83 0.74
CA LEU A 54 9.69 -7.45 0.26
C LEU A 54 8.95 -8.68 -0.22
N LEU A 55 9.67 -9.55 -0.91
CA LEU A 55 9.07 -10.77 -1.43
C LEU A 55 8.60 -11.67 -0.29
N GLU A 56 9.13 -11.44 0.91
CA GLU A 56 8.75 -12.24 2.06
C GLU A 56 7.41 -11.78 2.63
N GLU A 57 7.04 -10.54 2.36
CA GLU A 57 5.79 -9.98 2.84
C GLU A 57 4.66 -10.23 1.85
N ILE A 58 5.03 -10.42 0.59
CA ILE A 58 4.05 -10.71 -0.44
C ILE A 58 3.79 -12.20 -0.53
N LYS A 59 4.78 -12.99 -0.06
CA LYS A 59 4.66 -14.43 -0.05
C LYS A 59 3.72 -14.88 1.06
N ASN A 60 3.69 -14.09 2.14
CA ASN A 60 2.84 -14.39 3.28
C ASN A 60 1.50 -13.66 3.14
N HIS A 61 0.96 -13.65 1.93
CA HIS A 61 -0.30 -12.98 1.65
C HIS A 61 -0.79 -13.28 0.24
N ALA A 62 0.15 -13.27 -0.71
CA ALA A 62 -0.16 -13.54 -2.11
C ALA A 62 1.10 -13.50 -2.97
N LYS A 63 1.68 -14.67 -3.22
CA LYS A 63 2.89 -14.76 -4.02
C LYS A 63 2.61 -14.41 -5.48
N ALA A 64 2.24 -13.17 -5.73
CA ALA A 64 1.95 -12.69 -7.08
C ALA A 64 1.04 -13.67 -7.82
N ILE A 65 -0.27 -13.42 -7.76
CA ILE A 65 -1.24 -14.27 -8.43
C ILE A 65 -1.64 -13.67 -9.78
N VAL A 66 -0.67 -13.03 -10.43
CA VAL A 66 -0.90 -12.41 -11.73
C VAL A 66 0.39 -11.80 -12.27
N ALA A 67 1.50 -12.50 -12.05
CA ALA A 67 2.80 -12.03 -12.51
C ALA A 67 3.86 -13.12 -12.35
N ARG A 68 5.13 -12.73 -12.44
CA ARG A 68 6.24 -13.67 -12.31
C ARG A 68 7.12 -13.35 -11.11
N ASN A 69 7.01 -12.12 -10.61
CA ASN A 69 7.81 -11.70 -9.46
C ASN A 69 7.18 -10.48 -8.77
N VAL A 70 7.87 -9.98 -7.75
CA VAL A 70 7.39 -8.81 -7.01
C VAL A 70 7.90 -7.52 -7.62
N ASP A 71 9.04 -7.59 -8.29
CA ASP A 71 9.63 -6.41 -8.92
C ASP A 71 8.66 -5.80 -9.91
N VAL A 72 8.31 -6.57 -10.92
CA VAL A 72 7.37 -6.13 -11.93
C VAL A 72 6.01 -5.83 -11.30
N HIS A 73 5.78 -6.38 -10.12
CA HIS A 73 4.53 -6.17 -9.41
C HIS A 73 4.52 -4.81 -8.72
N ILE A 74 5.70 -4.35 -8.35
CA ILE A 74 5.84 -3.06 -7.68
C ILE A 74 5.66 -1.92 -8.68
N ALA A 75 6.13 -2.15 -9.90
CA ALA A 75 6.02 -1.16 -10.95
C ALA A 75 4.58 -1.03 -11.42
N SER A 76 3.84 -2.13 -11.32
CA SER A 76 2.44 -2.13 -11.72
C SER A 76 1.62 -1.30 -10.75
N LEU A 77 2.09 -1.20 -9.52
CA LEU A 77 1.40 -0.43 -8.50
C LEU A 77 1.38 1.04 -8.89
N ARG A 78 2.45 1.47 -9.52
CA ARG A 78 2.57 2.85 -9.95
C ARG A 78 1.43 3.21 -10.91
N LYS A 79 0.90 2.20 -11.58
CA LYS A 79 -0.20 2.39 -12.52
C LYS A 79 -1.56 2.25 -11.85
N LYS A 80 -1.73 1.14 -11.14
CA LYS A 80 -2.98 0.85 -10.47
C LYS A 80 -3.11 1.66 -9.18
N LEU A 81 -2.10 1.58 -8.35
CA LEU A 81 -2.08 2.28 -7.08
C LEU A 81 -2.03 3.79 -7.30
N GLY A 82 -0.92 4.28 -7.83
CA GLY A 82 -0.77 5.70 -8.09
C GLY A 82 0.36 6.31 -7.30
N ALA A 83 0.09 7.45 -6.67
CA ALA A 83 1.10 8.15 -5.88
C ALA A 83 1.49 7.34 -4.63
N TYR A 84 0.68 6.33 -4.31
CA TYR A 84 0.94 5.49 -3.15
C TYR A 84 1.81 4.30 -3.53
N GLY A 85 1.52 3.72 -4.70
CA GLY A 85 2.29 2.58 -5.18
C GLY A 85 3.77 2.91 -5.25
N SER A 86 4.08 4.16 -5.57
CA SER A 86 5.47 4.60 -5.66
C SER A 86 6.14 4.57 -4.29
N ARG A 87 5.32 4.43 -3.23
CA ARG A 87 5.83 4.38 -1.87
C ARG A 87 7.03 3.43 -1.77
N ILE A 88 7.02 2.39 -2.60
CA ILE A 88 8.11 1.42 -2.61
C ILE A 88 9.34 2.02 -3.28
N VAL A 89 10.31 2.44 -2.48
CA VAL A 89 11.52 3.04 -3.00
C VAL A 89 12.68 2.05 -3.05
N THR A 90 13.18 1.79 -4.26
CA THR A 90 14.29 0.88 -4.45
C THR A 90 15.62 1.63 -4.47
N LEU A 91 16.20 1.82 -3.30
CA LEU A 91 17.46 2.55 -3.17
C LEU A 91 18.61 1.73 -3.75
N ARG A 92 19.40 2.38 -4.60
CA ARG A 92 20.55 1.71 -5.23
C ARG A 92 21.71 1.61 -4.25
N GLY A 93 21.55 0.78 -3.24
CA GLY A 93 22.59 0.60 -2.24
C GLY A 93 22.03 0.21 -0.88
N VAL A 94 20.93 0.85 -0.49
CA VAL A 94 20.29 0.55 0.78
C VAL A 94 19.35 -0.64 0.65
N GLY A 95 18.51 -0.61 -0.37
CA GLY A 95 17.56 -1.69 -0.60
C GLY A 95 16.19 -1.19 -1.01
N TYR A 96 15.18 -1.53 -0.22
CA TYR A 96 13.82 -1.11 -0.50
C TYR A 96 13.24 -0.35 0.68
N LEU A 97 13.06 0.95 0.52
CA LEU A 97 12.50 1.78 1.58
C LEU A 97 11.10 2.27 1.21
N PHE A 98 10.28 2.46 2.24
CA PHE A 98 8.92 2.94 2.04
C PHE A 98 8.81 4.41 2.39
N SER A 99 8.93 5.25 1.38
CA SER A 99 8.88 6.71 1.56
C SER A 99 7.75 7.13 2.50
N ASP A 100 7.81 8.39 2.93
CA ASP A 100 6.81 8.96 3.84
C ASP A 100 5.44 9.03 3.19
N ASP A 101 5.43 8.95 1.86
CA ASP A 101 4.19 9.03 1.06
C ASP A 101 3.23 7.89 1.38
N GLY A 102 2.92 7.67 2.66
CA GLY A 102 2.01 6.62 3.06
C GLY A 102 2.45 5.91 4.33
N ASP A 103 2.38 6.62 5.45
CA ASP A 103 2.76 6.07 6.73
C ASP A 103 1.57 5.46 7.45
N LYS A 104 1.76 5.12 8.72
CA LYS A 104 0.70 4.53 9.51
C LYS A 104 -0.52 5.45 9.58
N LYS A 105 -1.59 4.97 10.22
CA LYS A 105 -2.81 5.75 10.34
C LYS A 105 -3.55 5.39 11.62
N PHE A 106 -3.31 6.17 12.67
CA PHE A 106 -3.96 5.94 13.96
C PHE A 106 -5.47 6.09 13.85
N SER A 107 -6.16 4.96 13.77
CA SER A 107 -7.62 4.96 13.67
C SER A 107 -8.26 5.59 14.90
N GLN A 108 -9.13 6.56 14.68
CA GLN A 108 -9.82 7.24 15.76
C GLN A 108 -11.32 7.29 15.53
N GLN A 109 -11.75 8.12 14.59
CA GLN A 109 -13.17 8.26 14.27
C GLN A 109 -13.71 6.96 13.69
N ASP A 110 -14.99 6.70 13.93
CA ASP A 110 -15.65 5.49 13.44
C ASP A 110 -16.83 5.84 12.55
N THR A 111 -16.76 6.99 11.90
CA THR A 111 -17.83 7.43 11.01
C THR A 111 -17.32 8.48 10.02
N LYS A 112 -17.50 8.21 8.73
CA LYS A 112 -17.06 9.13 7.70
C LYS A 112 -17.74 10.49 7.84
N LEU A 113 -17.09 11.40 8.54
CA LEU A 113 -17.64 12.73 8.76
C LEU A 113 -17.83 13.46 7.44
N SER A 114 -19.07 13.83 7.14
CA SER A 114 -19.39 14.53 5.91
C SER A 114 -20.73 15.25 6.02
N LEU A 115 -20.85 16.39 5.34
CA LEU A 115 -22.07 17.18 5.37
C LEU A 115 -23.23 16.38 4.79
N GLU A 116 -24.20 16.05 5.65
CA GLU A 116 -25.37 15.29 5.23
C GLU A 116 -26.62 15.76 5.96
N HIS A 1 -6.68 -5.74 17.09
CA HIS A 1 -6.58 -4.28 16.84
C HIS A 1 -5.14 -3.79 17.03
N SER A 2 -4.35 -3.87 15.96
CA SER A 2 -2.96 -3.44 16.00
C SER A 2 -2.56 -2.75 14.70
N VAL A 3 -2.45 -3.54 13.63
CA VAL A 3 -2.08 -3.02 12.33
C VAL A 3 -3.30 -2.55 11.55
N PRO A 4 -3.15 -1.52 10.70
CA PRO A 4 -4.25 -0.98 9.90
C PRO A 4 -4.90 -2.05 9.02
N GLU A 5 -5.81 -1.62 8.16
CA GLU A 5 -6.50 -2.54 7.26
C GLU A 5 -6.70 -1.90 5.89
N SER A 6 -7.65 -0.99 5.83
CA SER A 6 -7.97 -0.29 4.59
C SER A 6 -6.90 0.75 4.28
N ILE A 7 -6.96 1.31 3.07
CA ILE A 7 -5.98 2.32 2.66
C ILE A 7 -6.66 3.67 2.46
N ARG A 8 -6.81 4.42 3.54
CA ARG A 8 -7.44 5.74 3.47
C ARG A 8 -6.41 6.82 3.18
N PHE A 9 -6.07 6.97 1.90
CA PHE A 9 -5.09 7.97 1.48
C PHE A 9 -5.80 9.16 0.86
N GLY A 10 -6.09 10.17 1.67
CA GLY A 10 -6.76 11.36 1.18
C GLY A 10 -8.11 11.04 0.55
N PRO A 11 -8.45 11.70 -0.57
CA PRO A 11 -9.74 11.46 -1.24
C PRO A 11 -9.82 10.07 -1.85
N ASN A 12 -8.67 9.45 -2.10
CA ASN A 12 -8.61 8.11 -2.67
C ASN A 12 -8.50 7.06 -1.58
N VAL A 13 -9.34 6.03 -1.68
CA VAL A 13 -9.32 4.95 -0.69
C VAL A 13 -9.22 3.59 -1.38
N PHE A 14 -8.24 2.80 -0.97
CA PHE A 14 -8.03 1.48 -1.54
C PHE A 14 -8.39 0.38 -0.53
N TYR A 15 -9.41 -0.41 -0.86
CA TYR A 15 -9.84 -1.48 0.02
C TYR A 15 -8.97 -2.71 -0.14
N VAL A 16 -8.44 -3.20 0.97
CA VAL A 16 -7.57 -4.38 0.95
C VAL A 16 -8.36 -5.66 0.68
N LEU A 17 -9.69 -5.55 0.69
CA LEU A 17 -10.54 -6.71 0.45
C LEU A 17 -11.22 -6.61 -0.91
N LYS A 18 -11.43 -5.39 -1.38
CA LYS A 18 -12.07 -5.16 -2.67
C LYS A 18 -11.05 -4.80 -3.74
N LEU A 19 -9.95 -4.18 -3.33
CA LEU A 19 -8.90 -3.79 -4.26
C LEU A 19 -9.43 -2.76 -5.26
N THR A 20 -10.35 -1.92 -4.81
CA THR A 20 -10.94 -0.89 -5.66
C THR A 20 -10.74 0.49 -5.06
N VAL A 21 -10.18 1.40 -5.85
CA VAL A 21 -9.94 2.77 -5.40
C VAL A 21 -11.23 3.58 -5.36
N GLU A 22 -11.64 3.99 -4.17
CA GLU A 22 -12.86 4.77 -4.00
C GLU A 22 -12.61 6.23 -4.37
N THR A 23 -12.93 6.58 -5.60
CA THR A 23 -12.75 7.96 -6.07
C THR A 23 -14.09 8.67 -6.17
N PRO A 24 -14.08 10.02 -6.11
CA PRO A 24 -15.29 10.83 -6.18
C PRO A 24 -15.85 10.89 -7.60
N GLU A 25 -15.00 10.67 -8.59
CA GLU A 25 -15.41 10.68 -9.98
C GLU A 25 -15.50 9.27 -10.55
N GLY A 26 -15.81 8.32 -9.69
CA GLY A 26 -15.92 6.94 -10.12
C GLY A 26 -15.06 5.99 -9.29
N SER A 27 -14.27 5.16 -9.97
CA SER A 27 -13.40 4.22 -9.28
C SER A 27 -12.24 3.80 -10.17
N VAL A 28 -11.13 3.41 -9.56
CA VAL A 28 -9.95 2.99 -10.30
C VAL A 28 -9.59 1.54 -9.99
N HIS A 29 -9.50 0.72 -11.03
CA HIS A 29 -9.15 -0.69 -10.86
C HIS A 29 -7.64 -0.89 -10.93
N LEU A 30 -7.19 -2.07 -10.55
CA LEU A 30 -5.76 -2.39 -10.56
C LEU A 30 -5.52 -3.89 -10.43
N THR A 31 -4.27 -4.30 -10.63
CA THR A 31 -3.91 -5.70 -10.52
C THR A 31 -3.55 -6.04 -9.07
N PRO A 32 -4.18 -7.07 -8.49
CA PRO A 32 -3.92 -7.47 -7.11
C PRO A 32 -2.47 -7.90 -6.87
N SER A 33 -1.75 -8.15 -7.95
CA SER A 33 -0.35 -8.56 -7.85
C SER A 33 0.54 -7.36 -7.61
N GLU A 34 0.27 -6.30 -8.35
CA GLU A 34 1.03 -5.07 -8.21
C GLU A 34 0.43 -4.25 -7.09
N SER A 35 -0.88 -4.37 -6.93
CA SER A 35 -1.57 -3.69 -5.85
C SER A 35 -1.37 -4.47 -4.56
N GLY A 36 -0.90 -5.72 -4.72
CA GLY A 36 -0.65 -6.56 -3.56
C GLY A 36 0.53 -6.09 -2.77
N ILE A 37 1.54 -5.56 -3.47
CA ILE A 37 2.73 -5.05 -2.81
C ILE A 37 2.39 -3.82 -1.98
N LEU A 38 1.40 -3.07 -2.45
CA LEU A 38 0.95 -1.87 -1.75
C LEU A 38 0.07 -2.26 -0.57
N LYS A 39 -0.52 -3.45 -0.65
CA LYS A 39 -1.38 -3.95 0.40
C LYS A 39 -0.56 -4.44 1.59
N ARG A 40 0.56 -5.08 1.29
CA ARG A 40 1.43 -5.59 2.34
C ARG A 40 2.27 -4.46 2.93
N LEU A 41 2.53 -3.45 2.11
CA LEU A 41 3.31 -2.30 2.55
C LEU A 41 2.42 -1.34 3.33
N LEU A 42 1.12 -1.41 3.08
CA LEU A 42 0.17 -0.56 3.78
C LEU A 42 0.01 -1.04 5.22
N ILE A 43 0.25 -2.33 5.44
CA ILE A 43 0.15 -2.90 6.77
C ILE A 43 1.18 -2.26 7.70
N ASN A 44 2.31 -1.88 7.13
CA ASN A 44 3.38 -1.26 7.91
C ASN A 44 3.25 0.26 7.88
N LYS A 45 2.98 0.78 6.70
CA LYS A 45 2.82 2.22 6.50
C LYS A 45 4.01 2.99 7.06
N GLY A 46 5.04 3.16 6.24
CA GLY A 46 6.22 3.88 6.66
C GLY A 46 7.09 3.06 7.59
N GLN A 47 7.97 2.24 7.01
CA GLN A 47 8.86 1.40 7.79
C GLN A 47 10.11 1.03 6.99
N LEU A 48 11.09 0.44 7.65
CA LEU A 48 12.32 0.04 6.99
C LEU A 48 12.33 -1.46 6.71
N CYS A 49 11.53 -1.87 5.74
CA CYS A 49 11.45 -3.28 5.37
C CYS A 49 12.18 -3.54 4.05
N LEU A 50 13.36 -4.15 4.15
CA LEU A 50 14.16 -4.45 2.97
C LEU A 50 13.34 -5.19 1.92
N ARG A 51 13.73 -5.03 0.65
CA ARG A 51 13.03 -5.68 -0.44
C ARG A 51 13.05 -7.19 -0.28
N LYS A 52 14.04 -7.69 0.45
CA LYS A 52 14.18 -9.12 0.68
C LYS A 52 12.96 -9.63 1.43
N HIS A 53 12.86 -9.23 2.68
CA HIS A 53 11.73 -9.65 3.52
C HIS A 53 10.41 -9.38 2.81
N LEU A 54 10.41 -8.40 1.92
CA LEU A 54 9.22 -8.07 1.16
C LEU A 54 8.84 -9.23 0.25
N LEU A 55 9.83 -10.06 -0.08
CA LEU A 55 9.59 -11.21 -0.93
C LEU A 55 8.85 -12.32 -0.18
N GLU A 56 8.75 -12.19 1.14
CA GLU A 56 8.06 -13.19 1.95
C GLU A 56 6.58 -12.85 2.09
N GLU A 57 6.24 -11.59 1.89
CA GLU A 57 4.86 -11.14 1.99
C GLU A 57 4.17 -11.27 0.64
N ILE A 58 4.93 -11.04 -0.41
CA ILE A 58 4.41 -11.15 -1.76
C ILE A 58 4.46 -12.60 -2.21
N LYS A 59 5.30 -13.39 -1.54
CA LYS A 59 5.41 -14.81 -1.84
C LYS A 59 4.23 -15.56 -1.24
N ASN A 60 3.87 -15.20 -0.01
CA ASN A 60 2.73 -15.83 0.65
C ASN A 60 1.49 -15.60 -0.19
N HIS A 61 1.53 -14.55 -1.00
CA HIS A 61 0.44 -14.19 -1.87
C HIS A 61 0.85 -14.42 -3.32
N ALA A 62 1.60 -15.50 -3.55
CA ALA A 62 2.10 -15.86 -4.88
C ALA A 62 3.36 -15.08 -5.21
N LYS A 63 4.50 -15.78 -5.23
CA LYS A 63 5.78 -15.15 -5.54
C LYS A 63 5.99 -15.12 -7.05
N ALA A 64 4.98 -14.66 -7.78
CA ALA A 64 5.07 -14.59 -9.24
C ALA A 64 5.45 -15.94 -9.83
N ILE A 65 4.44 -16.78 -10.06
CA ILE A 65 4.68 -18.11 -10.63
C ILE A 65 4.60 -18.08 -12.15
N VAL A 66 5.01 -16.94 -12.72
CA VAL A 66 5.00 -16.77 -14.16
C VAL A 66 5.98 -15.68 -14.59
N ALA A 67 7.16 -15.68 -13.97
CA ALA A 67 8.19 -14.68 -14.27
C ALA A 67 7.67 -13.28 -14.01
N ARG A 68 7.64 -12.90 -12.74
CA ARG A 68 7.16 -11.57 -12.35
C ARG A 68 7.67 -11.18 -10.96
N ASN A 69 8.99 -11.22 -10.78
CA ASN A 69 9.60 -10.88 -9.49
C ASN A 69 8.90 -9.68 -8.85
N VAL A 70 8.90 -9.64 -7.52
CA VAL A 70 8.25 -8.55 -6.80
C VAL A 70 8.81 -7.19 -7.20
N ASP A 71 10.06 -7.17 -7.65
CA ASP A 71 10.70 -5.94 -8.06
C ASP A 71 10.02 -5.36 -9.28
N VAL A 72 10.00 -6.14 -10.35
CA VAL A 72 9.37 -5.72 -11.59
C VAL A 72 7.90 -5.43 -11.36
N HIS A 73 7.35 -6.00 -10.30
CA HIS A 73 5.95 -5.79 -9.96
C HIS A 73 5.74 -4.39 -9.39
N ILE A 74 6.80 -3.82 -8.82
CA ILE A 74 6.72 -2.49 -8.25
C ILE A 74 6.59 -1.43 -9.33
N ALA A 75 7.19 -1.72 -10.49
CA ALA A 75 7.14 -0.80 -11.62
C ALA A 75 5.76 -0.79 -12.26
N SER A 76 5.16 -1.97 -12.33
CA SER A 76 3.83 -2.11 -12.91
C SER A 76 2.79 -1.50 -11.99
N LEU A 77 3.09 -1.50 -10.69
CA LEU A 77 2.19 -0.92 -9.71
C LEU A 77 2.09 0.58 -9.94
N ARG A 78 3.21 1.17 -10.33
CA ARG A 78 3.26 2.60 -10.60
C ARG A 78 2.25 2.99 -11.68
N LYS A 79 1.85 2.01 -12.48
CA LYS A 79 0.89 2.25 -13.56
C LYS A 79 -0.54 2.22 -13.04
N LYS A 80 -0.83 1.24 -12.20
CA LYS A 80 -2.16 1.08 -11.64
C LYS A 80 -2.35 1.98 -10.43
N LEU A 81 -1.41 1.89 -9.51
CA LEU A 81 -1.44 2.68 -8.28
C LEU A 81 -1.19 4.16 -8.60
N GLY A 82 0.01 4.47 -9.07
CA GLY A 82 0.35 5.85 -9.40
C GLY A 82 1.63 6.31 -8.73
N ALA A 83 1.72 7.62 -8.47
CA ALA A 83 2.89 8.21 -7.84
C ALA A 83 3.16 7.56 -6.48
N TYR A 84 2.13 6.96 -5.90
CA TYR A 84 2.26 6.30 -4.61
C TYR A 84 3.19 5.10 -4.72
N GLY A 85 3.23 4.49 -5.90
CA GLY A 85 4.11 3.35 -6.11
C GLY A 85 5.55 3.71 -5.82
N SER A 86 5.89 4.97 -6.04
CA SER A 86 7.24 5.46 -5.77
C SER A 86 7.46 5.57 -4.27
N ARG A 87 6.38 5.56 -3.50
CA ARG A 87 6.45 5.66 -2.05
C ARG A 87 7.52 4.73 -1.50
N ILE A 88 7.72 3.60 -2.16
CA ILE A 88 8.73 2.63 -1.73
C ILE A 88 10.12 3.15 -2.05
N VAL A 89 10.86 3.55 -1.01
CA VAL A 89 12.20 4.09 -1.18
C VAL A 89 13.26 3.00 -1.14
N THR A 90 13.87 2.72 -2.29
CA THR A 90 14.91 1.70 -2.39
C THR A 90 16.29 2.35 -2.26
N LEU A 91 17.07 1.89 -1.28
CA LEU A 91 18.41 2.43 -1.07
C LEU A 91 19.45 1.31 -0.99
N ARG A 92 20.62 1.56 -1.56
CA ARG A 92 21.69 0.56 -1.55
C ARG A 92 22.50 0.67 -0.26
N GLY A 93 21.88 0.27 0.85
CA GLY A 93 22.54 0.33 2.14
C GLY A 93 21.57 0.16 3.28
N VAL A 94 20.41 0.80 3.16
CA VAL A 94 19.37 0.72 4.19
C VAL A 94 18.35 -0.35 3.83
N GLY A 95 18.00 -0.42 2.55
CA GLY A 95 17.04 -1.41 2.09
C GLY A 95 15.85 -0.77 1.40
N TYR A 96 14.66 -1.01 1.95
CA TYR A 96 13.45 -0.45 1.37
C TYR A 96 12.66 0.35 2.41
N LEU A 97 12.66 1.67 2.26
CA LEU A 97 11.96 2.55 3.19
C LEU A 97 10.76 3.19 2.51
N PHE A 98 9.62 2.53 2.56
CA PHE A 98 8.40 3.05 1.95
C PHE A 98 7.73 4.06 2.87
N SER A 99 8.23 5.29 2.85
CA SER A 99 7.69 6.35 3.69
C SER A 99 7.32 7.58 2.87
N ASP A 100 6.12 8.09 3.10
CA ASP A 100 5.64 9.28 2.39
C ASP A 100 4.88 10.20 3.33
N ASP A 101 3.64 9.83 3.63
CA ASP A 101 2.80 10.60 4.52
C ASP A 101 2.59 9.88 5.84
N GLY A 102 1.84 8.78 5.79
CA GLY A 102 1.57 8.02 7.01
C GLY A 102 0.16 8.21 7.51
N ASP A 103 -0.79 8.34 6.59
CA ASP A 103 -2.19 8.53 6.95
C ASP A 103 -2.79 7.25 7.51
N LYS A 104 -2.57 7.01 8.79
CA LYS A 104 -3.09 5.82 9.46
C LYS A 104 -4.60 5.93 9.69
N LYS A 105 -5.34 4.92 9.27
CA LYS A 105 -6.78 4.91 9.43
C LYS A 105 -7.18 4.63 10.87
N PHE A 106 -7.29 5.69 11.67
CA PHE A 106 -7.66 5.57 13.06
C PHE A 106 -8.61 6.67 13.48
N SER A 107 -9.91 6.44 13.27
CA SER A 107 -10.93 7.42 13.63
C SER A 107 -11.00 7.61 15.15
N GLN A 108 -10.54 8.78 15.60
CA GLN A 108 -10.54 9.08 17.03
C GLN A 108 -11.88 9.69 17.47
N GLN A 109 -12.86 9.70 16.57
CA GLN A 109 -14.17 10.27 16.88
C GLN A 109 -14.83 9.50 18.03
N ASP A 110 -15.35 10.24 19.00
CA ASP A 110 -16.01 9.63 20.15
C ASP A 110 -17.45 10.12 20.28
N THR A 111 -17.65 11.41 20.06
CA THR A 111 -18.96 12.02 20.14
C THR A 111 -19.00 13.34 19.38
N LYS A 112 -20.21 13.77 19.02
CA LYS A 112 -20.38 15.03 18.30
C LYS A 112 -20.05 16.23 19.20
N LEU A 113 -18.77 16.39 19.51
CA LEU A 113 -18.32 17.49 20.35
C LEU A 113 -18.37 18.81 19.60
N SER A 114 -19.37 19.63 19.90
CA SER A 114 -19.52 20.93 19.25
C SER A 114 -18.34 21.83 19.56
N LEU A 115 -17.69 22.33 18.52
CA LEU A 115 -16.54 23.21 18.67
C LEU A 115 -16.89 24.43 19.50
N GLU A 116 -15.91 25.30 19.72
CA GLU A 116 -16.12 26.50 20.51
C GLU A 116 -16.41 27.70 19.59
N HIS A 1 3.65 1.17 16.27
CA HIS A 1 3.54 -0.15 16.96
C HIS A 1 2.33 -0.94 16.46
N SER A 2 1.17 -0.30 16.47
CA SER A 2 -0.06 -0.95 16.03
C SER A 2 -0.12 -1.02 14.51
N VAL A 3 0.15 -2.21 13.97
CA VAL A 3 0.13 -2.41 12.52
C VAL A 3 -1.27 -2.18 11.95
N PRO A 4 -1.46 -1.09 11.17
CA PRO A 4 -2.75 -0.77 10.57
C PRO A 4 -3.09 -1.68 9.40
N GLU A 5 -4.14 -1.31 8.66
CA GLU A 5 -4.57 -2.09 7.51
C GLU A 5 -4.80 -1.19 6.31
N SER A 6 -5.69 -0.23 6.49
CA SER A 6 -6.02 0.72 5.43
C SER A 6 -5.12 1.96 5.52
N ILE A 7 -5.18 2.81 4.49
CA ILE A 7 -4.37 4.02 4.49
C ILE A 7 -5.18 5.21 3.99
N ARG A 8 -5.90 5.84 4.90
CA ARG A 8 -6.73 6.99 4.56
C ARG A 8 -5.86 8.25 4.43
N PHE A 9 -5.21 8.40 3.28
CA PHE A 9 -4.36 9.56 3.03
C PHE A 9 -5.18 10.73 2.51
N GLY A 10 -5.55 11.62 3.41
CA GLY A 10 -6.34 12.78 3.02
C GLY A 10 -7.76 12.41 2.64
N PRO A 11 -8.39 13.16 1.73
CA PRO A 11 -9.76 12.89 1.28
C PRO A 11 -9.90 11.53 0.60
N ASN A 12 -8.77 10.95 0.22
CA ASN A 12 -8.77 9.65 -0.45
C ASN A 12 -8.59 8.51 0.55
N VAL A 13 -9.56 7.61 0.58
CA VAL A 13 -9.52 6.47 1.49
C VAL A 13 -9.19 5.18 0.71
N PHE A 14 -8.11 4.51 1.11
CA PHE A 14 -7.71 3.28 0.43
C PHE A 14 -8.15 2.05 1.23
N TYR A 15 -8.54 1.01 0.49
CA TYR A 15 -8.98 -0.24 1.11
C TYR A 15 -8.05 -1.37 0.75
N VAL A 16 -7.20 -1.76 1.70
CA VAL A 16 -6.25 -2.85 1.47
C VAL A 16 -6.96 -4.17 1.21
N LEU A 17 -8.25 -4.24 1.53
CA LEU A 17 -9.02 -5.47 1.33
C LEU A 17 -9.92 -5.37 0.10
N LYS A 18 -10.34 -4.15 -0.23
CA LYS A 18 -11.21 -3.94 -1.39
C LYS A 18 -10.40 -3.56 -2.63
N LEU A 19 -9.19 -3.05 -2.43
CA LEU A 19 -8.34 -2.65 -3.54
C LEU A 19 -8.99 -1.54 -4.37
N THR A 20 -9.53 -0.54 -3.67
CA THR A 20 -10.18 0.58 -4.33
C THR A 20 -10.16 1.82 -3.45
N VAL A 21 -9.59 2.90 -3.97
CA VAL A 21 -9.50 4.15 -3.22
C VAL A 21 -10.72 5.03 -3.47
N GLU A 22 -11.37 5.46 -2.38
CA GLU A 22 -12.55 6.31 -2.48
C GLU A 22 -12.17 7.72 -2.89
N THR A 23 -12.17 7.98 -4.19
CA THR A 23 -11.82 9.29 -4.72
C THR A 23 -13.03 10.22 -4.71
N PRO A 24 -12.80 11.54 -4.70
CA PRO A 24 -13.87 12.53 -4.69
C PRO A 24 -14.53 12.70 -6.06
N GLU A 25 -13.78 12.38 -7.11
CA GLU A 25 -14.29 12.49 -8.47
C GLU A 25 -14.63 11.12 -9.04
N GLY A 26 -15.02 10.20 -8.16
CA GLY A 26 -15.37 8.86 -8.59
C GLY A 26 -14.69 7.79 -7.75
N SER A 27 -14.14 6.78 -8.41
CA SER A 27 -13.47 5.69 -7.73
C SER A 27 -12.21 5.27 -8.47
N VAL A 28 -11.40 4.42 -7.85
CA VAL A 28 -10.17 3.95 -8.46
C VAL A 28 -9.94 2.46 -8.17
N HIS A 29 -10.01 1.65 -9.23
CA HIS A 29 -9.80 0.21 -9.09
C HIS A 29 -8.41 -0.18 -9.56
N LEU A 30 -7.93 -1.33 -9.08
CA LEU A 30 -6.62 -1.83 -9.46
C LEU A 30 -6.49 -3.32 -9.14
N THR A 31 -5.41 -3.93 -9.62
CA THR A 31 -5.16 -5.35 -9.39
C THR A 31 -4.73 -5.59 -7.95
N PRO A 32 -5.22 -6.68 -7.32
CA PRO A 32 -4.88 -7.01 -5.93
C PRO A 32 -3.49 -7.58 -5.78
N SER A 33 -2.92 -8.07 -6.87
CA SER A 33 -1.58 -8.64 -6.85
C SER A 33 -0.54 -7.55 -6.80
N GLU A 34 -0.77 -6.49 -7.57
CA GLU A 34 0.14 -5.36 -7.59
C GLU A 34 -0.14 -4.46 -6.42
N SER A 35 -1.41 -4.34 -6.07
CA SER A 35 -1.80 -3.55 -4.93
C SER A 35 -1.51 -4.32 -3.65
N GLY A 36 -1.31 -5.64 -3.81
CA GLY A 36 -0.99 -6.48 -2.67
C GLY A 36 0.41 -6.20 -2.17
N ILE A 37 1.28 -5.75 -3.08
CA ILE A 37 2.65 -5.44 -2.70
C ILE A 37 2.69 -4.23 -1.79
N LEU A 38 1.88 -3.24 -2.12
CA LEU A 38 1.79 -2.03 -1.32
C LEU A 38 1.16 -2.36 0.03
N LYS A 39 0.31 -3.37 0.03
CA LYS A 39 -0.37 -3.81 1.24
C LYS A 39 0.65 -4.29 2.26
N ARG A 40 1.70 -4.91 1.78
CA ARG A 40 2.75 -5.42 2.66
C ARG A 40 3.65 -4.28 3.12
N LEU A 41 3.82 -3.30 2.26
CA LEU A 41 4.64 -2.14 2.59
C LEU A 41 3.84 -1.18 3.47
N LEU A 42 2.52 -1.29 3.40
CA LEU A 42 1.65 -0.45 4.20
C LEU A 42 1.70 -0.88 5.66
N ILE A 43 1.99 -2.17 5.87
CA ILE A 43 2.09 -2.69 7.23
C ILE A 43 3.23 -2.01 7.98
N ASN A 44 4.26 -1.61 7.23
CA ASN A 44 5.41 -0.93 7.82
C ASN A 44 5.22 0.58 7.78
N LYS A 45 4.82 1.06 6.62
CA LYS A 45 4.60 2.49 6.42
C LYS A 45 5.86 3.29 6.74
N GLY A 46 6.67 3.53 5.71
CA GLY A 46 7.90 4.28 5.89
C GLY A 46 8.88 3.58 6.81
N GLN A 47 9.35 2.41 6.38
CA GLN A 47 10.30 1.63 7.17
C GLN A 47 11.37 1.01 6.28
N LEU A 48 12.54 0.76 6.85
CA LEU A 48 13.64 0.16 6.10
C LEU A 48 13.36 -1.31 5.79
N CYS A 49 12.99 -1.59 4.55
CA CYS A 49 12.69 -2.95 4.13
C CYS A 49 13.67 -3.41 3.04
N LEU A 50 13.62 -4.70 2.74
CA LEU A 50 14.50 -5.28 1.72
C LEU A 50 13.69 -5.82 0.56
N ARG A 51 14.21 -5.66 -0.65
CA ARG A 51 13.54 -6.14 -1.85
C ARG A 51 13.48 -7.66 -1.88
N LYS A 52 14.50 -8.28 -1.31
CA LYS A 52 14.57 -9.74 -1.25
C LYS A 52 13.80 -10.27 -0.06
N HIS A 53 13.48 -9.39 0.88
CA HIS A 53 12.71 -9.79 2.06
C HIS A 53 11.24 -9.62 1.78
N LEU A 54 10.91 -8.69 0.88
CA LEU A 54 9.54 -8.44 0.51
C LEU A 54 8.98 -9.60 -0.29
N LEU A 55 9.88 -10.34 -0.94
CA LEU A 55 9.45 -11.49 -1.73
C LEU A 55 9.07 -12.67 -0.83
N GLU A 56 9.41 -12.57 0.46
CA GLU A 56 9.09 -13.63 1.40
C GLU A 56 7.69 -13.46 1.98
N GLU A 57 7.17 -12.25 1.93
CA GLU A 57 5.83 -11.98 2.46
C GLU A 57 4.78 -12.20 1.39
N ILE A 58 5.16 -11.94 0.15
CA ILE A 58 4.26 -12.13 -0.97
C ILE A 58 4.34 -13.58 -1.46
N LYS A 59 5.42 -14.26 -1.09
CA LYS A 59 5.62 -15.65 -1.46
C LYS A 59 4.84 -16.54 -0.51
N ASN A 60 4.79 -16.16 0.77
CA ASN A 60 4.05 -16.92 1.77
C ASN A 60 2.58 -16.92 1.40
N HIS A 61 2.13 -15.81 0.81
CA HIS A 61 0.76 -15.67 0.38
C HIS A 61 0.58 -16.26 -1.02
N ALA A 62 1.39 -15.76 -1.96
CA ALA A 62 1.35 -16.23 -3.34
C ALA A 62 2.14 -15.28 -4.24
N LYS A 63 3.45 -15.49 -4.31
CA LYS A 63 4.30 -14.65 -5.16
C LYS A 63 4.03 -14.96 -6.63
N ALA A 64 2.80 -14.71 -7.06
CA ALA A 64 2.40 -14.98 -8.43
C ALA A 64 2.61 -16.44 -8.79
N ILE A 65 1.51 -17.18 -8.97
CA ILE A 65 1.60 -18.58 -9.33
C ILE A 65 1.89 -18.72 -10.82
N VAL A 66 2.57 -17.71 -11.35
CA VAL A 66 2.96 -17.66 -12.76
C VAL A 66 4.12 -16.68 -12.93
N ALA A 67 4.79 -16.74 -14.08
CA ALA A 67 5.92 -15.87 -14.36
C ALA A 67 5.54 -14.39 -14.15
N ARG A 68 5.70 -13.93 -12.91
CA ARG A 68 5.37 -12.56 -12.55
C ARG A 68 6.07 -12.14 -11.27
N ASN A 69 7.40 -12.28 -11.25
CA ASN A 69 8.20 -11.93 -10.07
C ASN A 69 7.69 -10.65 -9.40
N VAL A 70 7.80 -10.59 -8.08
CA VAL A 70 7.34 -9.43 -7.32
C VAL A 70 7.96 -8.14 -7.83
N ASP A 71 9.12 -8.24 -8.46
CA ASP A 71 9.81 -7.07 -9.00
C ASP A 71 8.95 -6.36 -10.02
N VAL A 72 8.62 -7.07 -11.08
CA VAL A 72 7.78 -6.52 -12.14
C VAL A 72 6.45 -6.04 -11.58
N HIS A 73 6.08 -6.58 -10.42
CA HIS A 73 4.83 -6.21 -9.77
C HIS A 73 4.94 -4.82 -9.13
N ILE A 74 6.16 -4.42 -8.80
CA ILE A 74 6.40 -3.12 -8.18
C ILE A 74 6.27 -2.01 -9.22
N ALA A 75 6.79 -2.28 -10.40
CA ALA A 75 6.74 -1.31 -11.49
C ALA A 75 5.35 -1.25 -12.08
N SER A 76 4.65 -2.36 -12.04
CA SER A 76 3.29 -2.43 -12.56
C SER A 76 2.32 -1.80 -11.58
N LEU A 77 2.66 -1.86 -10.30
CA LEU A 77 1.83 -1.26 -9.27
C LEU A 77 1.85 0.25 -9.42
N ARG A 78 2.98 0.77 -9.88
CA ARG A 78 3.13 2.20 -10.09
C ARG A 78 2.06 2.70 -11.05
N LYS A 79 1.56 1.80 -11.89
CA LYS A 79 0.53 2.15 -12.86
C LYS A 79 -0.86 1.94 -12.28
N LYS A 80 -0.97 0.99 -11.35
CA LYS A 80 -2.24 0.67 -10.72
C LYS A 80 -2.50 1.59 -9.54
N LEU A 81 -1.55 1.63 -8.63
CA LEU A 81 -1.65 2.46 -7.43
C LEU A 81 -1.49 3.94 -7.77
N GLY A 82 -0.72 4.22 -8.82
CA GLY A 82 -0.50 5.59 -9.22
C GLY A 82 0.68 6.23 -8.52
N ALA A 83 0.53 7.50 -8.17
CA ALA A 83 1.59 8.24 -7.48
C ALA A 83 2.00 7.56 -6.18
N TYR A 84 1.13 6.70 -5.65
CA TYR A 84 1.40 5.98 -4.43
C TYR A 84 2.16 4.70 -4.72
N GLY A 85 1.98 4.17 -5.93
CA GLY A 85 2.68 2.96 -6.31
C GLY A 85 4.18 3.17 -6.36
N SER A 86 4.58 4.41 -6.65
CA SER A 86 5.98 4.76 -6.72
C SER A 86 6.58 4.83 -5.31
N ARG A 87 5.72 4.90 -4.30
CA ARG A 87 6.18 4.97 -2.91
C ARG A 87 7.22 3.87 -2.62
N ILE A 88 7.14 2.78 -3.37
CA ILE A 88 8.08 1.67 -3.20
C ILE A 88 9.49 2.12 -3.57
N VAL A 89 10.18 2.75 -2.63
CA VAL A 89 11.53 3.23 -2.86
C VAL A 89 12.53 2.09 -2.99
N THR A 90 13.56 2.30 -3.80
CA THR A 90 14.59 1.29 -4.01
C THR A 90 15.96 1.93 -4.05
N LEU A 91 16.66 1.91 -2.92
CA LEU A 91 17.98 2.50 -2.84
C LEU A 91 19.06 1.42 -2.78
N ARG A 92 20.00 1.47 -3.73
CA ARG A 92 21.08 0.50 -3.80
C ARG A 92 22.10 0.77 -2.69
N GLY A 93 21.79 0.33 -1.48
CA GLY A 93 22.69 0.53 -0.36
C GLY A 93 21.98 0.49 0.97
N VAL A 94 20.69 0.81 0.97
CA VAL A 94 19.90 0.80 2.18
C VAL A 94 18.78 -0.24 2.10
N GLY A 95 18.16 -0.35 0.93
CA GLY A 95 17.09 -1.31 0.75
C GLY A 95 15.78 -0.66 0.35
N TYR A 96 14.76 -1.48 0.16
CA TYR A 96 13.44 -0.98 -0.22
C TYR A 96 12.80 -0.22 0.94
N LEU A 97 12.31 0.98 0.65
CA LEU A 97 11.67 1.81 1.66
C LEU A 97 10.33 2.36 1.16
N PHE A 98 9.33 2.36 2.03
CA PHE A 98 8.01 2.87 1.67
C PHE A 98 7.82 4.28 2.20
N SER A 99 8.54 5.23 1.60
CA SER A 99 8.45 6.63 2.01
C SER A 99 7.03 7.15 1.90
N ASP A 100 6.31 7.13 3.01
CA ASP A 100 4.93 7.61 3.04
C ASP A 100 4.73 8.67 4.11
N ASP A 101 4.67 8.22 5.36
CA ASP A 101 4.50 9.12 6.49
C ASP A 101 4.95 8.45 7.79
N GLY A 102 4.21 7.43 8.21
CA GLY A 102 4.54 6.72 9.43
C GLY A 102 3.40 6.69 10.41
N ASP A 103 2.54 7.71 10.37
CA ASP A 103 1.40 7.80 11.25
C ASP A 103 0.42 6.66 11.01
N LYS A 104 -0.09 6.07 12.09
CA LYS A 104 -1.04 4.97 12.00
C LYS A 104 -2.34 5.42 11.35
N LYS A 105 -3.25 4.47 11.13
CA LYS A 105 -4.54 4.77 10.51
C LYS A 105 -5.32 5.76 11.35
N PHE A 106 -5.97 6.72 10.67
CA PHE A 106 -6.76 7.74 11.36
C PHE A 106 -7.97 7.11 12.06
N SER A 107 -8.43 7.77 13.11
CA SER A 107 -9.59 7.29 13.87
C SER A 107 -10.82 7.20 12.98
N GLN A 108 -11.69 6.23 13.29
CA GLN A 108 -12.91 6.05 12.53
C GLN A 108 -13.90 7.20 12.75
N GLN A 109 -13.87 7.75 13.96
CA GLN A 109 -14.75 8.86 14.31
C GLN A 109 -14.02 9.89 15.15
N ASP A 110 -14.42 11.15 15.03
CA ASP A 110 -13.80 12.23 15.78
C ASP A 110 -14.84 13.27 16.20
N THR A 111 -15.36 13.99 15.23
CA THR A 111 -16.37 15.01 15.46
C THR A 111 -17.58 14.43 16.19
N LYS A 112 -18.61 15.25 16.36
CA LYS A 112 -19.83 14.82 17.04
C LYS A 112 -20.99 15.73 16.67
N LEU A 113 -21.49 15.58 15.45
CA LEU A 113 -22.60 16.40 14.98
C LEU A 113 -23.89 16.04 15.72
N SER A 114 -24.99 16.67 15.32
CA SER A 114 -26.28 16.41 15.95
C SER A 114 -27.42 16.86 15.05
N LEU A 115 -28.65 16.76 15.55
CA LEU A 115 -29.83 17.17 14.79
C LEU A 115 -29.75 18.63 14.40
N GLU A 116 -30.29 18.96 13.24
CA GLU A 116 -30.29 20.34 12.75
C GLU A 116 -28.87 20.85 12.57
N HIS A 1 -0.10 0.48 19.12
CA HIS A 1 -0.27 0.31 17.64
C HIS A 1 1.03 0.65 16.91
N SER A 2 1.72 -0.38 16.43
CA SER A 2 2.97 -0.19 15.71
C SER A 2 2.80 -0.52 14.23
N VAL A 3 1.86 -1.41 13.92
CA VAL A 3 1.61 -1.82 12.54
C VAL A 3 0.25 -1.32 12.07
N PRO A 4 0.22 -0.17 11.38
CA PRO A 4 -1.03 0.41 10.86
C PRO A 4 -1.75 -0.53 9.91
N GLU A 5 -2.80 -0.03 9.27
CA GLU A 5 -3.58 -0.82 8.34
C GLU A 5 -4.07 0.03 7.18
N SER A 6 -5.07 0.83 7.44
CA SER A 6 -5.64 1.71 6.43
C SER A 6 -4.82 2.99 6.29
N ILE A 7 -5.00 3.69 5.17
CA ILE A 7 -4.28 4.93 4.93
C ILE A 7 -5.09 5.87 4.06
N ARG A 8 -5.24 7.11 4.51
CA ARG A 8 -5.99 8.12 3.77
C ARG A 8 -5.08 9.25 3.30
N PHE A 9 -4.50 9.09 2.12
CA PHE A 9 -3.62 10.11 1.55
C PHE A 9 -4.40 11.09 0.70
N GLY A 10 -4.44 12.34 1.14
CA GLY A 10 -5.17 13.36 0.40
C GLY A 10 -6.65 13.05 0.29
N PRO A 11 -7.28 13.35 -0.86
CA PRO A 11 -8.71 13.09 -1.08
C PRO A 11 -9.00 11.60 -1.32
N ASN A 12 -7.95 10.79 -1.38
CA ASN A 12 -8.11 9.36 -1.61
C ASN A 12 -8.05 8.58 -0.30
N VAL A 13 -8.69 7.41 -0.27
CA VAL A 13 -8.70 6.57 0.90
C VAL A 13 -8.43 5.11 0.54
N PHE A 14 -7.41 4.52 1.14
CA PHE A 14 -7.05 3.14 0.86
C PHE A 14 -7.52 2.21 1.99
N TYR A 15 -8.65 1.55 1.77
CA TYR A 15 -9.20 0.64 2.77
C TYR A 15 -8.53 -0.73 2.67
N VAL A 16 -7.80 -1.10 3.71
CA VAL A 16 -7.10 -2.39 3.75
C VAL A 16 -8.08 -3.54 4.00
N LEU A 17 -9.34 -3.20 4.26
CA LEU A 17 -10.36 -4.22 4.52
C LEU A 17 -11.34 -4.33 3.35
N LYS A 18 -11.52 -3.22 2.63
CA LYS A 18 -12.42 -3.20 1.48
C LYS A 18 -11.65 -3.16 0.17
N LEU A 19 -10.45 -2.58 0.22
CA LEU A 19 -9.60 -2.47 -0.97
C LEU A 19 -10.27 -1.63 -2.04
N THR A 20 -10.83 -0.49 -1.63
CA THR A 20 -11.51 0.42 -2.56
C THR A 20 -11.00 1.85 -2.38
N VAL A 21 -10.35 2.37 -3.41
CA VAL A 21 -9.82 3.72 -3.38
C VAL A 21 -10.92 4.76 -3.60
N GLU A 22 -11.28 5.45 -2.53
CA GLU A 22 -12.33 6.47 -2.61
C GLU A 22 -11.80 7.75 -3.26
N THR A 23 -12.07 7.91 -4.55
CA THR A 23 -11.62 9.08 -5.29
C THR A 23 -12.53 10.27 -5.03
N PRO A 24 -12.12 11.47 -5.47
CA PRO A 24 -12.90 12.69 -5.28
C PRO A 24 -14.05 12.81 -6.28
N GLU A 25 -14.17 11.84 -7.17
CA GLU A 25 -15.23 11.84 -8.18
C GLU A 25 -15.77 10.43 -8.39
N GLY A 26 -15.74 9.62 -7.33
CA GLY A 26 -16.24 8.25 -7.43
C GLY A 26 -15.35 7.27 -6.68
N SER A 27 -15.05 6.15 -7.33
CA SER A 27 -14.21 5.12 -6.72
C SER A 27 -13.27 4.51 -7.76
N VAL A 28 -12.25 3.81 -7.28
CA VAL A 28 -11.28 3.18 -8.17
C VAL A 28 -10.89 1.80 -7.65
N HIS A 29 -11.39 0.75 -8.29
CA HIS A 29 -11.07 -0.61 -7.89
C HIS A 29 -9.62 -0.96 -8.21
N LEU A 30 -9.16 -2.09 -7.70
CA LEU A 30 -7.79 -2.51 -7.93
C LEU A 30 -7.59 -3.98 -7.56
N THR A 31 -6.46 -4.54 -7.99
CA THR A 31 -6.14 -5.93 -7.69
C THR A 31 -5.48 -6.05 -6.32
N PRO A 32 -6.16 -6.68 -5.35
CA PRO A 32 -5.63 -6.86 -3.99
C PRO A 32 -4.19 -7.35 -3.98
N SER A 33 -3.80 -8.04 -5.04
CA SER A 33 -2.45 -8.58 -5.14
C SER A 33 -1.45 -7.45 -5.36
N GLU A 34 -1.84 -6.50 -6.18
CA GLU A 34 -0.99 -5.36 -6.48
C GLU A 34 -1.09 -4.35 -5.35
N SER A 35 -2.31 -4.16 -4.87
CA SER A 35 -2.54 -3.26 -3.76
C SER A 35 -2.09 -3.93 -2.47
N GLY A 36 -1.77 -5.23 -2.55
CA GLY A 36 -1.31 -5.96 -1.40
C GLY A 36 0.14 -5.66 -1.10
N ILE A 37 0.90 -5.36 -2.14
CA ILE A 37 2.32 -5.04 -1.97
C ILE A 37 2.49 -3.73 -1.22
N LEU A 38 1.65 -2.77 -1.54
CA LEU A 38 1.68 -1.47 -0.89
C LEU A 38 1.08 -1.56 0.51
N LYS A 39 0.32 -2.62 0.76
CA LYS A 39 -0.32 -2.84 2.05
C LYS A 39 0.66 -3.48 3.02
N ARG A 40 1.60 -4.25 2.48
CA ARG A 40 2.60 -4.92 3.31
C ARG A 40 3.71 -3.96 3.69
N LEU A 41 4.01 -3.05 2.77
CA LEU A 41 5.06 -2.06 3.01
C LEU A 41 4.52 -0.96 3.92
N LEU A 42 3.21 -0.79 3.90
CA LEU A 42 2.56 0.21 4.75
C LEU A 42 2.64 -0.22 6.20
N ILE A 43 2.72 -1.53 6.42
CA ILE A 43 2.83 -2.07 7.76
C ILE A 43 4.08 -1.55 8.45
N ASN A 44 5.14 -1.35 7.67
CA ASN A 44 6.39 -0.84 8.21
C ASN A 44 6.45 0.68 8.05
N LYS A 45 5.88 1.17 6.95
CA LYS A 45 5.85 2.60 6.66
C LYS A 45 7.22 3.24 6.89
N GLY A 46 8.09 3.14 5.89
CA GLY A 46 9.41 3.72 6.00
C GLY A 46 10.41 2.78 6.66
N GLN A 47 10.76 1.71 5.96
CA GLN A 47 11.70 0.73 6.47
C GLN A 47 12.52 0.11 5.34
N LEU A 48 13.58 -0.61 5.71
CA LEU A 48 14.44 -1.24 4.72
C LEU A 48 14.08 -2.71 4.54
N CYS A 49 13.40 -3.01 3.44
CA CYS A 49 12.99 -4.37 3.14
C CYS A 49 13.34 -4.73 1.70
N LEU A 50 14.59 -5.13 1.48
CA LEU A 50 15.07 -5.50 0.15
C LEU A 50 14.02 -6.30 -0.63
N ARG A 51 13.96 -6.09 -1.93
CA ARG A 51 12.99 -6.76 -2.79
C ARG A 51 13.08 -8.27 -2.63
N LYS A 52 14.25 -8.77 -2.25
CA LYS A 52 14.44 -10.19 -2.06
C LYS A 52 13.56 -10.69 -0.94
N HIS A 53 13.85 -10.27 0.27
CA HIS A 53 13.04 -10.68 1.42
C HIS A 53 11.60 -10.23 1.23
N LEU A 54 11.40 -9.25 0.36
CA LEU A 54 10.08 -8.75 0.07
C LEU A 54 9.29 -9.76 -0.74
N LEU A 55 10.01 -10.63 -1.46
CA LEU A 55 9.35 -11.65 -2.28
C LEU A 55 8.83 -12.80 -1.42
N GLU A 56 9.24 -12.82 -0.15
CA GLU A 56 8.81 -13.87 0.77
C GLU A 56 7.54 -13.48 1.50
N GLU A 57 7.25 -12.19 1.55
CA GLU A 57 6.06 -11.69 2.22
C GLU A 57 4.88 -11.62 1.27
N ILE A 58 5.16 -11.45 -0.01
CA ILE A 58 4.12 -11.40 -1.01
C ILE A 58 3.92 -12.78 -1.63
N LYS A 59 4.90 -13.66 -1.42
CA LYS A 59 4.82 -15.02 -1.92
C LYS A 59 4.23 -15.94 -0.86
N ASN A 60 4.44 -15.60 0.40
CA ASN A 60 3.90 -16.39 1.50
C ASN A 60 2.39 -16.26 1.55
N HIS A 61 1.89 -15.10 1.16
CA HIS A 61 0.47 -14.83 1.15
C HIS A 61 -0.17 -15.31 -0.15
N ALA A 62 0.29 -14.76 -1.27
CA ALA A 62 -0.24 -15.14 -2.58
C ALA A 62 0.39 -14.29 -3.69
N LYS A 63 1.53 -14.75 -4.19
CA LYS A 63 2.22 -14.04 -5.27
C LYS A 63 1.45 -14.19 -6.58
N ALA A 64 0.21 -13.70 -6.59
CA ALA A 64 -0.65 -13.81 -7.77
C ALA A 64 -0.76 -15.25 -8.22
N ILE A 65 -0.59 -16.17 -7.28
CA ILE A 65 -0.66 -17.61 -7.53
C ILE A 65 -0.33 -17.96 -8.97
N VAL A 66 0.72 -17.34 -9.50
CA VAL A 66 1.15 -17.58 -10.88
C VAL A 66 2.38 -16.74 -11.22
N ALA A 67 2.70 -16.64 -12.51
CA ALA A 67 3.85 -15.85 -12.95
C ALA A 67 3.55 -14.36 -12.90
N ARG A 68 3.79 -13.76 -11.75
CA ARG A 68 3.54 -12.34 -11.56
C ARG A 68 4.51 -11.74 -10.54
N ASN A 69 5.81 -11.92 -10.79
CA ASN A 69 6.85 -11.41 -9.90
C ASN A 69 6.52 -10.01 -9.39
N VAL A 70 6.90 -9.72 -8.15
CA VAL A 70 6.63 -8.43 -7.55
C VAL A 70 7.25 -7.30 -8.37
N ASP A 71 8.40 -7.58 -8.95
CA ASP A 71 9.12 -6.59 -9.76
C ASP A 71 8.19 -5.87 -10.71
N VAL A 72 7.67 -6.61 -11.69
CA VAL A 72 6.75 -6.04 -12.66
C VAL A 72 5.52 -5.49 -11.96
N HIS A 73 5.23 -6.02 -10.79
CA HIS A 73 4.10 -5.56 -10.01
C HIS A 73 4.40 -4.20 -9.42
N ILE A 74 5.68 -3.92 -9.20
CA ILE A 74 6.09 -2.63 -8.65
C ILE A 74 5.68 -1.51 -9.58
N ALA A 75 5.72 -1.78 -10.88
CA ALA A 75 5.33 -0.80 -11.89
C ALA A 75 3.83 -0.57 -11.88
N SER A 76 3.09 -1.65 -11.76
CA SER A 76 1.64 -1.58 -11.71
C SER A 76 1.19 -0.91 -10.41
N LEU A 77 2.03 -1.02 -9.40
CA LEU A 77 1.74 -0.43 -8.10
C LEU A 77 1.77 1.09 -8.21
N ARG A 78 2.57 1.60 -9.14
CA ARG A 78 2.68 3.02 -9.35
C ARG A 78 1.35 3.61 -9.80
N LYS A 79 0.56 2.77 -10.47
CA LYS A 79 -0.75 3.20 -10.97
C LYS A 79 -1.83 2.94 -9.93
N LYS A 80 -1.83 1.73 -9.40
CA LYS A 80 -2.80 1.32 -8.40
C LYS A 80 -2.70 2.21 -7.17
N LEU A 81 -1.55 2.15 -6.53
CA LEU A 81 -1.27 2.93 -5.33
C LEU A 81 -1.39 4.43 -5.63
N GLY A 82 -0.44 4.96 -6.40
CA GLY A 82 -0.46 6.36 -6.76
C GLY A 82 0.77 7.09 -6.27
N ALA A 83 0.58 8.20 -5.58
CA ALA A 83 1.68 9.00 -5.06
C ALA A 83 2.53 8.20 -4.08
N TYR A 84 1.97 7.11 -3.57
CA TYR A 84 2.68 6.25 -2.62
C TYR A 84 3.48 5.18 -3.36
N GLY A 85 2.99 4.79 -4.54
CA GLY A 85 3.67 3.79 -5.33
C GLY A 85 5.14 4.10 -5.52
N SER A 86 5.45 5.39 -5.66
CA SER A 86 6.81 5.84 -5.84
C SER A 86 7.61 5.69 -4.54
N ARG A 87 6.90 5.49 -3.43
CA ARG A 87 7.54 5.33 -2.13
C ARG A 87 8.57 4.20 -2.18
N ILE A 88 8.18 3.07 -2.75
CA ILE A 88 9.06 1.91 -2.86
C ILE A 88 10.36 2.29 -3.56
N VAL A 89 11.37 2.68 -2.78
CA VAL A 89 12.65 3.08 -3.34
C VAL A 89 13.60 1.89 -3.44
N THR A 90 14.60 2.02 -4.31
CA THR A 90 15.58 0.96 -4.51
C THR A 90 16.99 1.55 -4.61
N LEU A 91 17.93 0.95 -3.90
CA LEU A 91 19.31 1.42 -3.91
C LEU A 91 20.28 0.27 -4.15
N ARG A 92 21.36 0.55 -4.89
CA ARG A 92 22.37 -0.47 -5.18
C ARG A 92 23.44 -0.49 -4.10
N GLY A 93 23.12 -1.14 -2.99
CA GLY A 93 24.06 -1.23 -1.88
C GLY A 93 23.36 -1.51 -0.57
N VAL A 94 22.19 -0.90 -0.39
CA VAL A 94 21.40 -1.09 0.82
C VAL A 94 20.14 -1.89 0.52
N GLY A 95 19.60 -1.71 -0.68
CA GLY A 95 18.41 -2.43 -1.08
C GLY A 95 17.19 -1.54 -1.16
N TYR A 96 16.01 -2.17 -1.15
CA TYR A 96 14.75 -1.45 -1.21
C TYR A 96 14.50 -0.67 0.08
N LEU A 97 14.14 0.60 -0.06
CA LEU A 97 13.86 1.44 1.09
C LEU A 97 12.66 2.33 0.85
N PHE A 98 11.47 1.78 1.07
CA PHE A 98 10.23 2.52 0.86
C PHE A 98 10.07 3.61 1.92
N SER A 99 10.74 4.73 1.70
CA SER A 99 10.67 5.85 2.64
C SER A 99 9.71 6.93 2.15
N ASP A 100 8.88 7.42 3.05
CA ASP A 100 7.92 8.47 2.73
C ASP A 100 7.80 9.48 3.85
N ASP A 101 7.36 9.00 4.99
CA ASP A 101 7.19 9.85 6.17
C ASP A 101 7.14 9.00 7.44
N GLY A 102 6.20 8.05 7.46
CA GLY A 102 6.05 7.18 8.62
C GLY A 102 4.94 7.62 9.55
N ASP A 103 3.94 8.30 8.98
CA ASP A 103 2.81 8.78 9.76
C ASP A 103 1.51 8.11 9.30
N LYS A 104 1.09 7.08 10.04
CA LYS A 104 -0.12 6.36 9.71
C LYS A 104 -1.33 7.30 9.68
N LYS A 105 -2.49 6.72 9.40
CA LYS A 105 -3.73 7.51 9.33
C LYS A 105 -4.93 6.66 9.72
N PHE A 106 -5.78 7.21 10.59
CA PHE A 106 -6.97 6.51 11.04
C PHE A 106 -8.16 7.46 11.14
N SER A 107 -9.36 6.89 11.18
CA SER A 107 -10.57 7.68 11.27
C SER A 107 -10.59 8.51 12.55
N GLN A 108 -9.97 9.69 12.51
CA GLN A 108 -9.91 10.57 13.66
C GLN A 108 -11.31 11.01 14.08
N GLN A 109 -11.89 11.93 13.30
CA GLN A 109 -13.23 12.44 13.60
C GLN A 109 -14.25 11.31 13.55
N ASP A 110 -14.50 10.70 14.71
CA ASP A 110 -15.46 9.61 14.81
C ASP A 110 -16.89 10.12 14.66
N THR A 111 -17.07 11.42 14.85
CA THR A 111 -18.40 12.03 14.75
C THR A 111 -19.01 11.77 13.37
N LYS A 112 -20.33 11.63 13.35
CA LYS A 112 -21.05 11.38 12.10
C LYS A 112 -22.52 11.73 12.25
N LEU A 113 -22.87 12.96 11.89
CA LEU A 113 -24.25 13.43 11.98
C LEU A 113 -25.16 12.57 11.11
N SER A 114 -26.46 12.68 11.35
CA SER A 114 -27.45 11.92 10.59
C SER A 114 -28.83 12.55 10.70
N LEU A 115 -29.35 13.03 9.58
CA LEU A 115 -30.67 13.65 9.55
C LEU A 115 -31.74 12.68 10.01
N GLU A 116 -31.98 11.65 9.22
CA GLU A 116 -32.99 10.65 9.54
C GLU A 116 -34.37 11.28 9.63
N HIS A 1 5.53 1.34 15.51
CA HIS A 1 4.28 2.13 15.42
C HIS A 1 3.06 1.23 15.43
N SER A 2 1.88 1.83 15.31
CA SER A 2 0.62 1.08 15.31
C SER A 2 0.46 0.31 14.00
N VAL A 3 -0.70 -0.32 13.84
CA VAL A 3 -0.99 -1.09 12.64
C VAL A 3 -2.30 -0.63 11.99
N PRO A 4 -2.27 0.52 11.29
CA PRO A 4 -3.46 1.07 10.62
C PRO A 4 -3.97 0.15 9.53
N GLU A 5 -5.20 0.40 9.08
CA GLU A 5 -5.81 -0.40 8.03
C GLU A 5 -5.95 0.39 6.75
N SER A 6 -6.92 1.28 6.72
CA SER A 6 -7.16 2.12 5.55
C SER A 6 -6.18 3.29 5.51
N ILE A 7 -6.09 3.93 4.35
CA ILE A 7 -5.18 5.07 4.19
C ILE A 7 -5.85 6.21 3.44
N ARG A 8 -6.13 7.31 4.13
CA ARG A 8 -6.76 8.46 3.53
C ARG A 8 -5.70 9.49 3.10
N PHE A 9 -5.10 9.27 1.94
CA PHE A 9 -4.08 10.18 1.43
C PHE A 9 -4.69 11.25 0.53
N GLY A 10 -4.74 12.48 1.01
CA GLY A 10 -5.31 13.57 0.23
C GLY A 10 -6.73 13.29 -0.18
N PRO A 11 -7.13 13.68 -1.40
CA PRO A 11 -8.49 13.47 -1.91
C PRO A 11 -8.76 12.00 -2.22
N ASN A 12 -7.72 11.17 -2.17
CA ASN A 12 -7.86 9.75 -2.46
C ASN A 12 -7.72 8.91 -1.20
N VAL A 13 -8.28 7.71 -1.22
CA VAL A 13 -8.20 6.80 -0.08
C VAL A 13 -8.26 5.35 -0.55
N PHE A 14 -7.27 4.56 -0.14
CA PHE A 14 -7.21 3.16 -0.52
C PHE A 14 -7.85 2.28 0.56
N TYR A 15 -8.99 1.69 0.23
CA TYR A 15 -9.69 0.81 1.15
C TYR A 15 -9.03 -0.57 1.20
N VAL A 16 -8.35 -0.85 2.30
CA VAL A 16 -7.66 -2.12 2.47
C VAL A 16 -8.61 -3.31 2.42
N LEU A 17 -9.91 -3.04 2.60
CA LEU A 17 -10.91 -4.10 2.58
C LEU A 17 -11.82 -3.99 1.35
N LYS A 18 -11.86 -2.81 0.74
CA LYS A 18 -12.70 -2.59 -0.44
C LYS A 18 -11.88 -2.62 -1.72
N LEU A 19 -10.63 -2.20 -1.63
CA LEU A 19 -9.74 -2.18 -2.80
C LEU A 19 -10.24 -1.19 -3.85
N THR A 20 -10.94 -0.15 -3.39
CA THR A 20 -11.48 0.87 -4.28
C THR A 20 -11.05 2.26 -3.83
N VAL A 21 -10.34 2.96 -4.71
CA VAL A 21 -9.87 4.31 -4.40
C VAL A 21 -10.97 5.34 -4.60
N GLU A 22 -11.47 5.88 -3.50
CA GLU A 22 -12.53 6.89 -3.56
C GLU A 22 -11.98 8.24 -3.99
N THR A 23 -12.35 8.67 -5.18
CA THR A 23 -11.89 9.95 -5.70
C THR A 23 -12.96 11.03 -5.54
N PRO A 24 -12.59 12.30 -5.72
CA PRO A 24 -13.52 13.42 -5.58
C PRO A 24 -14.42 13.59 -6.80
N GLU A 25 -14.13 12.82 -7.86
CA GLU A 25 -14.92 12.88 -9.08
C GLU A 25 -15.41 11.49 -9.48
N GLY A 26 -15.60 10.62 -8.49
CA GLY A 26 -16.06 9.27 -8.77
C GLY A 26 -15.31 8.23 -7.96
N SER A 27 -14.90 7.15 -8.62
CA SER A 27 -14.17 6.08 -7.96
C SER A 27 -13.14 5.46 -8.91
N VAL A 28 -12.27 4.61 -8.35
CA VAL A 28 -11.24 3.97 -9.15
C VAL A 28 -10.96 2.55 -8.64
N HIS A 29 -10.83 1.61 -9.57
CA HIS A 29 -10.56 0.22 -9.22
C HIS A 29 -9.10 -0.12 -9.49
N LEU A 30 -8.68 -1.29 -9.02
CA LEU A 30 -7.30 -1.74 -9.20
C LEU A 30 -7.15 -3.23 -8.90
N THR A 31 -6.04 -3.81 -9.34
CA THR A 31 -5.78 -5.22 -9.10
C THR A 31 -5.49 -5.48 -7.63
N PRO A 32 -6.24 -6.39 -6.99
CA PRO A 32 -6.06 -6.69 -5.56
C PRO A 32 -4.75 -7.43 -5.28
N SER A 33 -4.20 -8.06 -6.32
CA SER A 33 -2.95 -8.79 -6.17
C SER A 33 -1.78 -7.83 -6.10
N GLU A 34 -1.84 -6.78 -6.90
CA GLU A 34 -0.80 -5.77 -6.90
C GLU A 34 -1.04 -4.81 -5.77
N SER A 35 -2.29 -4.48 -5.56
CA SER A 35 -2.66 -3.60 -4.47
C SER A 35 -2.47 -4.33 -3.14
N GLY A 36 -2.37 -5.66 -3.23
CA GLY A 36 -2.16 -6.47 -2.04
C GLY A 36 -0.80 -6.22 -1.43
N ILE A 37 0.18 -5.94 -2.28
CA ILE A 37 1.53 -5.67 -1.80
C ILE A 37 1.60 -4.30 -1.14
N LEU A 38 0.74 -3.40 -1.60
CA LEU A 38 0.68 -2.06 -1.04
C LEU A 38 -0.05 -2.07 0.30
N LYS A 39 -0.83 -3.13 0.52
CA LYS A 39 -1.58 -3.28 1.76
C LYS A 39 -0.67 -3.70 2.90
N ARG A 40 0.32 -4.53 2.59
CA ARG A 40 1.27 -5.00 3.59
C ARG A 40 2.21 -3.89 4.00
N LEU A 41 2.61 -3.08 3.02
CA LEU A 41 3.50 -1.96 3.29
C LEU A 41 2.74 -0.83 3.97
N LEU A 42 1.42 -0.87 3.86
CA LEU A 42 0.56 0.14 4.49
C LEU A 42 0.48 -0.09 5.98
N ILE A 43 0.60 -1.35 6.38
CA ILE A 43 0.55 -1.71 7.80
C ILE A 43 1.75 -1.13 8.53
N ASN A 44 2.86 -0.97 7.80
CA ASN A 44 4.08 -0.43 8.38
C ASN A 44 4.17 1.07 8.10
N LYS A 45 3.83 1.45 6.88
CA LYS A 45 3.86 2.84 6.46
C LYS A 45 5.20 3.50 6.82
N GLY A 46 6.18 3.35 5.94
CA GLY A 46 7.48 3.93 6.17
C GLY A 46 8.28 3.18 7.22
N GLN A 47 8.65 1.94 6.90
CA GLN A 47 9.43 1.12 7.82
C GLN A 47 10.59 0.44 7.09
N LEU A 48 11.66 0.17 7.82
CA LEU A 48 12.83 -0.48 7.24
C LEU A 48 12.54 -1.93 6.90
N CYS A 49 12.71 -2.28 5.62
CA CYS A 49 12.47 -3.63 5.16
C CYS A 49 13.42 -4.00 4.03
N LEU A 50 13.44 -5.27 3.65
CA LEU A 50 14.32 -5.74 2.59
C LEU A 50 13.50 -6.13 1.36
N ARG A 51 14.07 -5.89 0.18
CA ARG A 51 13.38 -6.21 -1.07
C ARG A 51 13.08 -7.70 -1.15
N LYS A 52 13.95 -8.49 -0.55
CA LYS A 52 13.77 -9.94 -0.54
C LYS A 52 12.89 -10.37 0.63
N HIS A 53 12.72 -9.47 1.59
CA HIS A 53 11.88 -9.76 2.73
C HIS A 53 10.45 -9.32 2.43
N LEU A 54 10.33 -8.34 1.53
CA LEU A 54 9.03 -7.83 1.14
C LEU A 54 8.28 -8.88 0.32
N LEU A 55 9.02 -9.76 -0.33
CA LEU A 55 8.40 -10.81 -1.13
C LEU A 55 7.77 -11.87 -0.23
N GLU A 56 8.11 -11.85 1.05
CA GLU A 56 7.57 -12.81 2.00
C GLU A 56 6.16 -12.40 2.41
N GLU A 57 5.88 -11.10 2.33
CA GLU A 57 4.57 -10.59 2.69
C GLU A 57 3.53 -11.07 1.70
N ILE A 58 3.87 -11.01 0.43
CA ILE A 58 2.98 -11.48 -0.62
C ILE A 58 3.01 -13.00 -0.65
N LYS A 59 4.11 -13.57 -0.16
CA LYS A 59 4.26 -15.01 -0.10
C LYS A 59 3.24 -15.58 0.88
N ASN A 60 2.94 -14.82 1.92
CA ASN A 60 1.96 -15.23 2.92
C ASN A 60 0.58 -14.70 2.55
N HIS A 61 0.26 -14.76 1.26
CA HIS A 61 -1.02 -14.28 0.76
C HIS A 61 -1.24 -14.78 -0.68
N ALA A 62 -0.25 -14.55 -1.53
CA ALA A 62 -0.31 -14.96 -2.92
C ALA A 62 0.95 -14.55 -3.66
N LYS A 63 1.96 -15.43 -3.65
CA LYS A 63 3.23 -15.15 -4.31
C LYS A 63 3.04 -15.16 -5.83
N ALA A 64 2.28 -14.19 -6.33
CA ALA A 64 2.02 -14.09 -7.77
C ALA A 64 1.53 -15.41 -8.34
N ILE A 65 0.21 -15.56 -8.41
CA ILE A 65 -0.38 -16.78 -8.94
C ILE A 65 -0.69 -16.65 -10.43
N VAL A 66 0.17 -15.91 -11.12
CA VAL A 66 0.00 -15.68 -12.55
C VAL A 66 1.23 -15.00 -13.16
N ALA A 67 2.42 -15.45 -12.74
CA ALA A 67 3.66 -14.89 -13.24
C ALA A 67 3.72 -13.39 -13.01
N ARG A 68 3.90 -12.99 -11.75
CA ARG A 68 3.97 -11.58 -11.39
C ARG A 68 4.66 -11.39 -10.05
N ASN A 69 5.88 -11.90 -9.94
CA ASN A 69 6.66 -11.80 -8.70
C ASN A 69 6.49 -10.44 -8.03
N VAL A 70 6.81 -10.37 -6.74
CA VAL A 70 6.69 -9.13 -5.98
C VAL A 70 7.33 -7.95 -6.70
N ASP A 71 8.29 -8.23 -7.57
CA ASP A 71 8.96 -7.18 -8.32
C ASP A 71 8.12 -6.73 -9.50
N VAL A 72 7.49 -7.69 -10.15
CA VAL A 72 6.63 -7.41 -11.29
C VAL A 72 5.31 -6.82 -10.82
N HIS A 73 4.99 -7.01 -9.54
CA HIS A 73 3.78 -6.49 -8.97
C HIS A 73 3.91 -5.00 -8.65
N ILE A 74 5.14 -4.58 -8.39
CA ILE A 74 5.40 -3.17 -8.09
C ILE A 74 5.32 -2.31 -9.33
N ALA A 75 5.62 -2.91 -10.48
CA ALA A 75 5.58 -2.18 -11.74
C ALA A 75 4.15 -2.01 -12.23
N SER A 76 3.34 -3.03 -12.00
CA SER A 76 1.94 -2.97 -12.39
C SER A 76 1.15 -2.13 -11.42
N LEU A 77 1.61 -2.09 -10.18
CA LEU A 77 0.95 -1.28 -9.17
C LEU A 77 1.12 0.18 -9.52
N ARG A 78 2.28 0.50 -10.07
CA ARG A 78 2.57 1.87 -10.48
C ARG A 78 1.41 2.43 -11.29
N LYS A 79 0.74 1.55 -12.02
CA LYS A 79 -0.39 1.96 -12.85
C LYS A 79 -1.71 1.84 -12.07
N LYS A 80 -1.73 0.97 -11.07
CA LYS A 80 -2.92 0.77 -10.27
C LYS A 80 -3.01 1.79 -9.13
N LEU A 81 -1.99 1.79 -8.30
CA LEU A 81 -1.93 2.69 -7.16
C LEU A 81 -1.28 4.01 -7.52
N GLY A 82 -0.39 3.99 -8.51
CA GLY A 82 0.28 5.21 -8.93
C GLY A 82 1.72 5.27 -8.47
N ALA A 83 2.22 6.50 -8.29
CA ALA A 83 3.60 6.71 -7.85
C ALA A 83 3.84 6.11 -6.47
N TYR A 84 2.76 5.86 -5.73
CA TYR A 84 2.87 5.29 -4.40
C TYR A 84 3.66 3.99 -4.43
N GLY A 85 3.50 3.23 -5.52
CA GLY A 85 4.23 2.00 -5.66
C GLY A 85 5.72 2.24 -5.68
N SER A 86 6.12 3.34 -6.32
CA SER A 86 7.52 3.71 -6.40
C SER A 86 8.05 4.05 -5.01
N ARG A 87 7.15 4.23 -4.04
CA ARG A 87 7.53 4.55 -2.67
C ARG A 87 8.68 3.65 -2.21
N ILE A 88 8.73 2.44 -2.76
CA ILE A 88 9.78 1.50 -2.41
C ILE A 88 11.16 2.07 -2.72
N VAL A 89 11.82 2.60 -1.71
CA VAL A 89 13.14 3.19 -1.90
C VAL A 89 14.24 2.15 -1.65
N THR A 90 15.23 2.14 -2.54
CA THR A 90 16.34 1.20 -2.42
C THR A 90 17.57 1.88 -1.81
N LEU A 91 17.65 1.84 -0.48
CA LEU A 91 18.77 2.44 0.23
C LEU A 91 20.06 1.66 -0.01
N ARG A 92 21.14 2.39 -0.29
CA ARG A 92 22.43 1.77 -0.55
C ARG A 92 23.09 1.31 0.75
N GLY A 93 22.77 0.09 1.16
CA GLY A 93 23.33 -0.45 2.39
C GLY A 93 22.26 -0.86 3.39
N VAL A 94 21.09 -0.25 3.28
CA VAL A 94 19.98 -0.55 4.19
C VAL A 94 19.07 -1.62 3.59
N GLY A 95 18.45 -1.29 2.46
CA GLY A 95 17.56 -2.23 1.81
C GLY A 95 16.39 -1.54 1.12
N TYR A 96 15.18 -1.83 1.57
CA TYR A 96 13.98 -1.22 1.00
C TYR A 96 13.32 -0.28 2.00
N LEU A 97 13.48 1.02 1.77
CA LEU A 97 12.89 2.02 2.65
C LEU A 97 11.68 2.67 1.99
N PHE A 98 10.54 1.97 2.04
CA PHE A 98 9.30 2.47 1.44
C PHE A 98 8.77 3.66 2.22
N SER A 99 9.40 4.81 2.05
CA SER A 99 8.99 6.03 2.75
C SER A 99 7.98 6.81 1.90
N ASP A 100 6.88 7.19 2.51
CA ASP A 100 5.84 7.95 1.82
C ASP A 100 5.61 9.29 2.48
N ASP A 101 5.25 9.24 3.76
CA ASP A 101 5.00 10.46 4.53
C ASP A 101 5.09 10.17 6.02
N GLY A 102 4.48 9.06 6.44
CA GLY A 102 4.50 8.70 7.86
C GLY A 102 3.30 9.25 8.62
N ASP A 103 2.12 9.08 8.05
CA ASP A 103 0.90 9.56 8.69
C ASP A 103 -0.16 8.45 8.73
N LYS A 104 -0.18 7.71 9.82
CA LYS A 104 -1.14 6.62 9.99
C LYS A 104 -2.56 7.15 9.92
N LYS A 105 -3.52 6.24 9.75
CA LYS A 105 -4.93 6.62 9.68
C LYS A 105 -5.39 7.32 10.94
N PHE A 106 -5.48 8.65 10.89
CA PHE A 106 -5.91 9.43 12.03
C PHE A 106 -6.83 10.57 11.59
N SER A 107 -7.42 11.25 12.57
CA SER A 107 -8.31 12.36 12.29
C SER A 107 -8.26 13.39 13.42
N GLN A 108 -8.19 14.66 13.05
CA GLN A 108 -8.14 15.74 14.04
C GLN A 108 -9.39 15.73 14.91
N GLN A 109 -10.55 15.57 14.29
CA GLN A 109 -11.81 15.54 15.02
C GLN A 109 -11.90 14.31 15.91
N ASP A 110 -12.73 14.39 16.94
CA ASP A 110 -12.91 13.28 17.86
C ASP A 110 -14.17 12.49 17.54
N THR A 111 -14.53 12.47 16.26
CA THR A 111 -15.71 11.74 15.82
C THR A 111 -15.64 11.45 14.32
N LYS A 112 -15.99 10.23 13.94
CA LYS A 112 -15.97 9.81 12.55
C LYS A 112 -16.84 8.59 12.32
N LEU A 113 -18.15 8.80 12.31
CA LEU A 113 -19.10 7.72 12.11
C LEU A 113 -18.96 7.12 10.71
N SER A 114 -17.96 6.26 10.53
CA SER A 114 -17.72 5.61 9.25
C SER A 114 -18.92 4.79 8.81
N LEU A 115 -19.08 4.64 7.51
CA LEU A 115 -20.20 3.88 6.96
C LEU A 115 -20.15 2.43 7.44
N GLU A 116 -21.31 1.79 7.46
CA GLU A 116 -21.41 0.40 7.90
C GLU A 116 -20.98 0.26 9.35
N HIS A 1 -5.32 1.42 15.78
CA HIS A 1 -3.87 1.20 16.02
C HIS A 1 -3.47 -0.24 15.74
N SER A 2 -2.18 -0.51 15.72
CA SER A 2 -1.66 -1.85 15.48
C SER A 2 -2.11 -2.37 14.11
N VAL A 3 -1.26 -2.15 13.10
CA VAL A 3 -1.57 -2.59 11.75
C VAL A 3 -2.82 -1.90 11.21
N PRO A 4 -2.63 -0.82 10.42
CA PRO A 4 -3.76 -0.08 9.83
C PRO A 4 -4.57 -0.92 8.87
N GLU A 5 -5.56 -0.30 8.24
CA GLU A 5 -6.41 -1.00 7.28
C GLU A 5 -6.69 -0.11 6.08
N SER A 6 -7.59 0.84 6.26
CA SER A 6 -7.95 1.77 5.20
C SER A 6 -6.80 2.72 4.90
N ILE A 7 -6.79 3.28 3.68
CA ILE A 7 -5.74 4.19 3.29
C ILE A 7 -6.31 5.43 2.60
N ARG A 8 -6.83 6.35 3.39
CA ARG A 8 -7.42 7.58 2.86
C ARG A 8 -6.34 8.65 2.67
N PHE A 9 -5.68 8.62 1.52
CA PHE A 9 -4.63 9.60 1.23
C PHE A 9 -5.17 10.75 0.39
N GLY A 10 -5.92 11.65 1.03
CA GLY A 10 -6.48 12.78 0.34
C GLY A 10 -7.82 12.46 -0.30
N PRO A 11 -8.12 13.03 -1.47
CA PRO A 11 -9.38 12.79 -2.18
C PRO A 11 -9.46 11.38 -2.75
N ASN A 12 -8.35 10.65 -2.70
CA ASN A 12 -8.31 9.28 -3.23
C ASN A 12 -8.44 8.27 -2.10
N VAL A 13 -9.58 7.59 -2.06
CA VAL A 13 -9.82 6.57 -1.03
C VAL A 13 -9.38 5.19 -1.51
N PHE A 14 -8.79 4.42 -0.61
CA PHE A 14 -8.30 3.08 -0.96
C PHE A 14 -8.79 2.05 0.06
N TYR A 15 -9.19 0.89 -0.44
CA TYR A 15 -9.66 -0.19 0.42
C TYR A 15 -8.74 -1.40 0.32
N VAL A 16 -8.13 -1.76 1.44
CA VAL A 16 -7.23 -2.90 1.49
C VAL A 16 -7.95 -4.21 1.19
N LEU A 17 -9.28 -4.19 1.26
CA LEU A 17 -10.07 -5.38 0.99
C LEU A 17 -10.79 -5.28 -0.35
N LYS A 18 -11.06 -4.05 -0.78
CA LYS A 18 -11.75 -3.82 -2.05
C LYS A 18 -10.76 -3.57 -3.18
N LEU A 19 -9.71 -2.81 -2.89
CA LEU A 19 -8.69 -2.49 -3.88
C LEU A 19 -9.25 -1.57 -4.96
N THR A 20 -9.78 -0.42 -4.53
CA THR A 20 -10.35 0.55 -5.46
C THR A 20 -9.95 1.97 -5.07
N VAL A 21 -9.34 2.69 -6.01
CA VAL A 21 -8.90 4.06 -5.77
C VAL A 21 -9.90 5.06 -6.35
N GLU A 22 -10.79 5.56 -5.50
CA GLU A 22 -11.80 6.52 -5.92
C GLU A 22 -11.19 7.90 -6.11
N THR A 23 -10.99 8.28 -7.37
CA THR A 23 -10.42 9.57 -7.70
C THR A 23 -11.51 10.64 -7.83
N PRO A 24 -11.12 11.91 -7.94
CA PRO A 24 -12.05 13.03 -8.07
C PRO A 24 -12.61 13.15 -9.49
N GLU A 25 -11.87 12.61 -10.45
CA GLU A 25 -12.30 12.66 -11.85
C GLU A 25 -13.05 11.39 -12.23
N GLY A 26 -12.71 10.28 -11.59
CA GLY A 26 -13.37 9.03 -11.88
C GLY A 26 -12.99 7.93 -10.89
N SER A 27 -12.20 6.97 -11.37
CA SER A 27 -11.78 5.86 -10.53
C SER A 27 -10.57 5.16 -11.13
N VAL A 28 -9.92 4.30 -10.34
CA VAL A 28 -8.75 3.56 -10.80
C VAL A 28 -8.67 2.19 -10.14
N HIS A 29 -8.40 1.17 -10.95
CA HIS A 29 -8.29 -0.20 -10.44
C HIS A 29 -6.84 -0.66 -10.44
N LEU A 30 -6.58 -1.80 -9.81
CA LEU A 30 -5.23 -2.35 -9.74
C LEU A 30 -5.25 -3.82 -9.36
N THR A 31 -4.22 -4.55 -9.75
CA THR A 31 -4.13 -5.97 -9.44
C THR A 31 -3.86 -6.16 -7.95
N PRO A 32 -4.56 -7.11 -7.29
CA PRO A 32 -4.39 -7.36 -5.87
C PRO A 32 -3.01 -7.94 -5.53
N SER A 33 -2.30 -8.40 -6.54
CA SER A 33 -0.98 -8.96 -6.33
C SER A 33 0.08 -7.86 -6.32
N GLU A 34 -0.13 -6.87 -7.16
CA GLU A 34 0.78 -5.74 -7.23
C GLU A 34 0.34 -4.67 -6.24
N SER A 35 -0.96 -4.58 -6.04
CA SER A 35 -1.50 -3.65 -5.08
C SER A 35 -1.43 -4.28 -3.69
N GLY A 36 -1.16 -5.59 -3.66
CA GLY A 36 -1.04 -6.29 -2.41
C GLY A 36 0.25 -5.94 -1.70
N ILE A 37 1.28 -5.64 -2.47
CA ILE A 37 2.56 -5.26 -1.90
C ILE A 37 2.43 -3.98 -1.07
N LEU A 38 1.56 -3.10 -1.54
CA LEU A 38 1.31 -1.84 -0.84
C LEU A 38 0.63 -2.10 0.49
N LYS A 39 -0.06 -3.24 0.59
CA LYS A 39 -0.75 -3.62 1.80
C LYS A 39 0.24 -4.03 2.89
N ARG A 40 1.39 -4.54 2.47
CA ARG A 40 2.42 -4.97 3.41
C ARG A 40 3.24 -3.79 3.90
N LEU A 41 3.24 -2.71 3.13
CA LEU A 41 3.98 -1.52 3.52
C LEU A 41 3.11 -0.61 4.39
N LEU A 42 1.81 -0.82 4.32
CA LEU A 42 0.86 -0.04 5.11
C LEU A 42 0.79 -0.59 6.53
N ILE A 43 1.11 -1.87 6.68
CA ILE A 43 1.09 -2.51 8.00
C ILE A 43 2.26 -2.04 8.84
N ASN A 44 3.36 -1.68 8.16
CA ASN A 44 4.55 -1.21 8.85
C ASN A 44 4.64 0.31 8.77
N LYS A 45 4.23 0.85 7.63
CA LYS A 45 4.24 2.28 7.40
C LYS A 45 5.59 2.91 7.73
N GLY A 46 6.49 2.91 6.74
CA GLY A 46 7.81 3.48 6.94
C GLY A 46 8.71 2.63 7.81
N GLN A 47 9.57 1.84 7.17
CA GLN A 47 10.49 0.97 7.88
C GLN A 47 11.51 0.36 6.92
N LEU A 48 12.65 -0.03 7.44
CA LEU A 48 13.71 -0.63 6.62
C LEU A 48 13.36 -2.07 6.25
N CYS A 49 12.56 -2.23 5.19
CA CYS A 49 12.15 -3.55 4.74
C CYS A 49 12.69 -3.84 3.35
N LEU A 50 13.85 -4.49 3.28
CA LEU A 50 14.48 -4.83 2.02
C LEU A 50 13.48 -5.48 1.07
N ARG A 51 13.88 -5.63 -0.20
CA ARG A 51 13.00 -6.24 -1.19
C ARG A 51 13.07 -7.75 -1.13
N LYS A 52 14.21 -8.27 -0.70
CA LYS A 52 14.40 -9.71 -0.58
C LYS A 52 13.42 -10.27 0.43
N HIS A 53 13.60 -9.93 1.68
CA HIS A 53 12.72 -10.39 2.73
C HIS A 53 11.27 -10.11 2.39
N LEU A 54 11.06 -9.08 1.57
CA LEU A 54 9.72 -8.72 1.16
C LEU A 54 9.12 -9.84 0.32
N LEU A 55 10.00 -10.63 -0.30
CA LEU A 55 9.55 -11.74 -1.13
C LEU A 55 9.00 -12.89 -0.29
N GLU A 56 9.23 -12.84 1.02
CA GLU A 56 8.75 -13.89 1.91
C GLU A 56 7.35 -13.57 2.44
N GLU A 57 6.98 -12.30 2.40
CA GLU A 57 5.68 -11.89 2.89
C GLU A 57 4.65 -11.91 1.76
N ILE A 58 5.13 -11.72 0.55
CA ILE A 58 4.26 -11.75 -0.62
C ILE A 58 4.27 -13.14 -1.25
N LYS A 59 5.18 -13.99 -0.78
CA LYS A 59 5.28 -15.36 -1.27
C LYS A 59 4.56 -16.30 -0.32
N ASN A 60 4.49 -15.90 0.96
CA ASN A 60 3.81 -16.70 1.96
C ASN A 60 2.34 -16.33 2.01
N HIS A 61 1.76 -16.11 0.83
CA HIS A 61 0.37 -15.73 0.70
C HIS A 61 -0.10 -15.89 -0.74
N ALA A 62 0.73 -15.44 -1.68
CA ALA A 62 0.41 -15.53 -3.11
C ALA A 62 1.44 -14.76 -3.94
N LYS A 63 2.52 -15.44 -4.31
CA LYS A 63 3.56 -14.82 -5.14
C LYS A 63 3.13 -14.79 -6.60
N ALA A 64 1.98 -14.21 -6.86
CA ALA A 64 1.46 -14.12 -8.22
C ALA A 64 1.46 -15.48 -8.89
N ILE A 65 1.19 -16.52 -8.09
CA ILE A 65 1.18 -17.90 -8.58
C ILE A 65 2.36 -18.17 -9.52
N VAL A 66 3.54 -17.77 -9.08
CA VAL A 66 4.76 -17.96 -9.85
C VAL A 66 4.69 -17.29 -11.23
N ALA A 67 5.86 -16.93 -11.76
CA ALA A 67 5.97 -16.28 -13.06
C ALA A 67 5.55 -14.82 -12.99
N ARG A 68 5.76 -14.23 -11.82
CA ARG A 68 5.42 -12.82 -11.59
C ARG A 68 6.17 -12.28 -10.38
N ASN A 69 7.50 -12.38 -10.40
CA ASN A 69 8.33 -11.90 -9.30
C ASN A 69 7.80 -10.59 -8.73
N VAL A 70 7.83 -10.48 -7.41
CA VAL A 70 7.34 -9.27 -6.73
C VAL A 70 7.99 -8.01 -7.30
N ASP A 71 9.25 -8.12 -7.68
CA ASP A 71 9.98 -6.99 -8.23
C ASP A 71 9.23 -6.39 -9.41
N VAL A 72 9.11 -7.17 -10.47
CA VAL A 72 8.40 -6.73 -11.67
C VAL A 72 6.98 -6.29 -11.31
N HIS A 73 6.47 -6.82 -10.20
CA HIS A 73 5.13 -6.48 -9.75
C HIS A 73 5.10 -5.08 -9.17
N ILE A 74 6.24 -4.61 -8.68
CA ILE A 74 6.34 -3.28 -8.10
C ILE A 74 6.24 -2.21 -9.20
N ALA A 75 6.74 -2.56 -10.37
CA ALA A 75 6.71 -1.64 -11.50
C ALA A 75 5.31 -1.53 -12.09
N SER A 76 4.58 -2.62 -12.02
CA SER A 76 3.21 -2.65 -12.54
C SER A 76 2.28 -1.93 -11.58
N LEU A 77 2.63 -1.95 -10.31
CA LEU A 77 1.83 -1.29 -9.29
C LEU A 77 1.94 0.22 -9.46
N ARG A 78 3.11 0.67 -9.89
CA ARG A 78 3.36 2.09 -10.10
C ARG A 78 2.50 2.63 -11.23
N LYS A 79 1.99 1.73 -12.08
CA LYS A 79 1.16 2.13 -13.21
C LYS A 79 -0.30 2.29 -12.79
N LYS A 80 -0.75 1.40 -11.92
CA LYS A 80 -2.13 1.44 -11.44
C LYS A 80 -2.23 2.28 -10.18
N LEU A 81 -1.36 2.02 -9.24
CA LEU A 81 -1.34 2.74 -7.97
C LEU A 81 -1.21 4.25 -8.19
N GLY A 82 -0.03 4.68 -8.63
CA GLY A 82 0.20 6.09 -8.89
C GLY A 82 1.34 6.67 -8.06
N ALA A 83 1.11 7.84 -7.49
CA ALA A 83 2.13 8.50 -6.67
C ALA A 83 2.45 7.71 -5.42
N TYR A 84 1.59 6.75 -5.08
CA TYR A 84 1.78 5.93 -3.90
C TYR A 84 2.69 4.75 -4.23
N GLY A 85 2.66 4.31 -5.47
CA GLY A 85 3.50 3.20 -5.89
C GLY A 85 4.96 3.52 -5.69
N SER A 86 5.29 4.80 -5.81
CA SER A 86 6.66 5.25 -5.62
C SER A 86 7.05 5.18 -4.15
N ARG A 87 6.04 4.98 -3.29
CA ARG A 87 6.28 4.88 -1.85
C ARG A 87 7.41 3.91 -1.54
N ILE A 88 7.60 2.92 -2.42
CA ILE A 88 8.67 1.94 -2.23
C ILE A 88 10.00 2.50 -2.73
N VAL A 89 10.77 3.09 -1.82
CA VAL A 89 12.06 3.68 -2.18
C VAL A 89 13.16 2.63 -2.27
N THR A 90 13.73 2.46 -3.45
CA THR A 90 14.79 1.48 -3.66
C THR A 90 16.16 2.14 -3.54
N LEU A 91 16.76 2.03 -2.35
CA LEU A 91 18.06 2.62 -2.09
C LEU A 91 19.18 1.63 -2.42
N ARG A 92 20.06 2.02 -3.33
CA ARG A 92 21.17 1.17 -3.73
C ARG A 92 22.23 1.10 -2.62
N GLY A 93 21.87 0.44 -1.53
CA GLY A 93 22.78 0.31 -0.40
C GLY A 93 22.08 -0.14 0.86
N VAL A 94 20.83 0.30 1.03
CA VAL A 94 20.04 -0.06 2.20
C VAL A 94 18.99 -1.10 1.83
N GLY A 95 18.39 -0.93 0.66
CA GLY A 95 17.36 -1.86 0.20
C GLY A 95 16.08 -1.16 -0.15
N TYR A 96 15.02 -1.44 0.59
CA TYR A 96 13.72 -0.85 0.35
C TYR A 96 13.31 0.06 1.50
N LEU A 97 13.19 1.35 1.21
CA LEU A 97 12.82 2.32 2.23
C LEU A 97 11.40 2.83 2.02
N PHE A 98 10.54 2.60 2.99
CA PHE A 98 9.18 3.07 2.92
C PHE A 98 9.11 4.51 3.41
N SER A 99 9.08 5.44 2.47
CA SER A 99 9.06 6.87 2.79
C SER A 99 8.18 7.17 4.01
N ASP A 100 8.68 8.03 4.87
CA ASP A 100 7.97 8.43 6.10
C ASP A 100 6.55 8.90 5.82
N ASP A 101 6.30 9.33 4.60
CA ASP A 101 4.98 9.83 4.20
C ASP A 101 3.86 8.98 4.82
N GLY A 102 3.71 7.75 4.33
CA GLY A 102 2.69 6.85 4.85
C GLY A 102 1.41 7.55 5.26
N ASP A 103 0.56 7.86 4.28
CA ASP A 103 -0.70 8.54 4.56
C ASP A 103 -1.68 7.62 5.26
N LYS A 104 -1.74 7.73 6.59
CA LYS A 104 -2.63 6.90 7.39
C LYS A 104 -4.09 7.25 7.13
N LYS A 105 -4.99 6.34 7.51
CA LYS A 105 -6.41 6.55 7.32
C LYS A 105 -6.91 7.73 8.14
N PHE A 106 -7.86 8.48 7.58
CA PHE A 106 -8.41 9.64 8.26
C PHE A 106 -9.23 9.22 9.48
N SER A 107 -9.70 10.20 10.23
CA SER A 107 -10.50 9.94 11.43
C SER A 107 -11.82 9.28 11.07
N GLN A 108 -11.90 7.97 11.27
CA GLN A 108 -13.12 7.21 10.96
C GLN A 108 -14.24 7.56 11.93
N GLN A 109 -14.11 7.09 13.17
CA GLN A 109 -15.11 7.34 14.19
C GLN A 109 -15.11 8.82 14.61
N ASP A 110 -16.17 9.53 14.22
CA ASP A 110 -16.28 10.95 14.56
C ASP A 110 -17.50 11.21 15.45
N THR A 111 -18.43 10.25 15.50
CA THR A 111 -19.62 10.38 16.31
C THR A 111 -19.27 10.58 17.79
N LYS A 112 -19.42 11.80 18.27
CA LYS A 112 -19.12 12.11 19.66
C LYS A 112 -19.80 13.41 20.08
N LEU A 113 -21.13 13.36 20.20
CA LEU A 113 -21.91 14.52 20.59
C LEU A 113 -21.66 14.86 22.06
N SER A 114 -21.59 16.15 22.36
CA SER A 114 -21.36 16.62 23.72
C SER A 114 -22.54 16.27 24.62
N LEU A 115 -22.30 16.25 25.93
CA LEU A 115 -23.34 15.93 26.89
C LEU A 115 -24.46 16.96 26.84
N GLU A 116 -25.58 16.59 26.23
CA GLU A 116 -26.72 17.48 26.11
C GLU A 116 -27.66 17.31 27.31
N HIS A 1 -1.73 1.42 17.16
CA HIS A 1 -1.06 2.61 16.59
C HIS A 1 -1.94 3.31 15.58
N SER A 2 -1.48 4.44 15.06
CA SER A 2 -2.24 5.20 14.07
C SER A 2 -1.90 4.77 12.65
N VAL A 3 -2.42 3.60 12.26
CA VAL A 3 -2.18 3.07 10.93
C VAL A 3 -3.25 3.56 9.96
N PRO A 4 -2.85 4.05 8.77
CA PRO A 4 -3.80 4.56 7.78
C PRO A 4 -4.72 3.48 7.23
N GLU A 5 -5.82 3.91 6.61
CA GLU A 5 -6.78 2.98 6.04
C GLU A 5 -6.96 3.24 4.55
N SER A 6 -7.55 4.39 4.24
CA SER A 6 -7.77 4.80 2.87
C SER A 6 -6.48 5.34 2.26
N ILE A 7 -6.48 5.57 0.95
CA ILE A 7 -5.29 6.08 0.28
C ILE A 7 -5.59 7.42 -0.39
N ARG A 8 -5.71 8.46 0.43
CA ARG A 8 -6.00 9.80 -0.07
C ARG A 8 -4.71 10.53 -0.45
N PHE A 9 -4.35 10.46 -1.72
CA PHE A 9 -3.14 11.13 -2.21
C PHE A 9 -3.49 12.08 -3.35
N GLY A 10 -3.67 13.35 -3.01
CA GLY A 10 -4.00 14.35 -4.01
C GLY A 10 -5.43 14.21 -4.49
N PRO A 11 -5.72 14.62 -5.75
CA PRO A 11 -7.07 14.54 -6.31
C PRO A 11 -7.54 13.09 -6.50
N ASN A 12 -6.59 12.15 -6.42
CA ASN A 12 -6.90 10.74 -6.59
C ASN A 12 -7.24 10.10 -5.25
N VAL A 13 -8.25 9.23 -5.25
CA VAL A 13 -8.67 8.53 -4.05
C VAL A 13 -8.71 7.02 -4.29
N PHE A 14 -7.97 6.27 -3.47
CA PHE A 14 -7.91 4.82 -3.63
C PHE A 14 -8.27 4.11 -2.32
N TYR A 15 -9.00 3.01 -2.43
CA TYR A 15 -9.41 2.24 -1.25
C TYR A 15 -8.54 1.01 -1.09
N VAL A 16 -8.21 0.68 0.16
CA VAL A 16 -7.39 -0.48 0.46
C VAL A 16 -8.19 -1.78 0.42
N LEU A 17 -9.51 -1.67 0.25
CA LEU A 17 -10.38 -2.84 0.20
C LEU A 17 -11.02 -2.98 -1.17
N LYS A 18 -11.46 -1.86 -1.74
CA LYS A 18 -12.11 -1.88 -3.05
C LYS A 18 -11.08 -1.95 -4.17
N LEU A 19 -9.86 -1.49 -3.89
CA LEU A 19 -8.79 -1.52 -4.88
C LEU A 19 -9.17 -0.71 -6.12
N THR A 20 -9.73 0.47 -5.91
CA THR A 20 -10.14 1.33 -7.01
C THR A 20 -9.74 2.79 -6.75
N VAL A 21 -8.89 3.33 -7.63
CA VAL A 21 -8.45 4.71 -7.49
C VAL A 21 -9.16 5.61 -8.51
N GLU A 22 -9.97 6.54 -8.01
CA GLU A 22 -10.70 7.46 -8.87
C GLU A 22 -9.78 8.56 -9.39
N THR A 23 -9.66 8.63 -10.71
CA THR A 23 -8.80 9.64 -11.34
C THR A 23 -9.61 10.82 -11.84
N PRO A 24 -8.95 11.94 -12.17
CA PRO A 24 -9.61 13.15 -12.66
C PRO A 24 -10.59 12.85 -13.80
N GLU A 25 -10.18 11.95 -14.70
CA GLU A 25 -11.02 11.59 -15.83
C GLU A 25 -12.17 10.69 -15.40
N GLY A 26 -11.83 9.56 -14.79
CA GLY A 26 -12.85 8.63 -14.33
C GLY A 26 -12.38 7.78 -13.16
N SER A 27 -12.12 6.51 -13.41
CA SER A 27 -11.67 5.60 -12.38
C SER A 27 -10.62 4.63 -12.92
N VAL A 28 -9.97 3.90 -12.02
CA VAL A 28 -8.94 2.94 -12.41
C VAL A 28 -9.08 1.65 -11.62
N HIS A 29 -8.89 0.52 -12.31
CA HIS A 29 -9.00 -0.79 -11.68
C HIS A 29 -7.65 -1.51 -11.70
N LEU A 30 -7.26 -2.05 -10.55
CA LEU A 30 -6.00 -2.76 -10.44
C LEU A 30 -6.17 -4.05 -9.65
N THR A 31 -5.21 -4.96 -9.79
CA THR A 31 -5.25 -6.24 -9.09
C THR A 31 -4.91 -6.05 -7.61
N PRO A 32 -5.73 -6.60 -6.70
CA PRO A 32 -5.51 -6.48 -5.26
C PRO A 32 -4.19 -7.09 -4.82
N SER A 33 -3.60 -7.91 -5.67
CA SER A 33 -2.33 -8.55 -5.35
C SER A 33 -1.20 -7.55 -5.44
N GLU A 34 -1.05 -6.96 -6.61
CA GLU A 34 -0.01 -5.97 -6.84
C GLU A 34 -0.40 -4.66 -6.17
N SER A 35 -1.68 -4.44 -5.99
CA SER A 35 -2.15 -3.25 -5.31
C SER A 35 -2.21 -3.56 -3.82
N GLY A 36 -2.06 -4.84 -3.48
CA GLY A 36 -2.08 -5.25 -2.09
C GLY A 36 -0.76 -4.98 -1.41
N ILE A 37 0.32 -4.98 -2.18
CA ILE A 37 1.64 -4.71 -1.64
C ILE A 37 1.78 -3.26 -1.21
N LEU A 38 1.15 -2.37 -1.98
CA LEU A 38 1.18 -0.95 -1.67
C LEU A 38 0.29 -0.66 -0.46
N LYS A 39 -0.70 -1.54 -0.27
CA LYS A 39 -1.62 -1.42 0.85
C LYS A 39 -0.92 -1.74 2.15
N ARG A 40 0.03 -2.65 2.09
CA ARG A 40 0.77 -3.06 3.28
C ARG A 40 1.77 -1.98 3.68
N LEU A 41 2.39 -1.38 2.68
CA LEU A 41 3.36 -0.32 2.92
C LEU A 41 2.66 0.96 3.36
N LEU A 42 1.38 1.05 3.05
CA LEU A 42 0.59 2.22 3.43
C LEU A 42 0.23 2.16 4.91
N ILE A 43 0.15 0.95 5.44
CA ILE A 43 -0.16 0.77 6.86
C ILE A 43 0.98 1.28 7.73
N ASN A 44 2.20 1.18 7.20
CA ASN A 44 3.38 1.63 7.92
C ASN A 44 3.75 3.05 7.52
N LYS A 45 3.71 3.31 6.21
CA LYS A 45 4.04 4.62 5.67
C LYS A 45 5.43 5.06 6.09
N GLY A 46 6.42 4.72 5.27
CA GLY A 46 7.79 5.10 5.56
C GLY A 46 8.37 4.33 6.73
N GLN A 47 9.11 3.27 6.42
CA GLN A 47 9.72 2.44 7.45
C GLN A 47 10.74 1.48 6.83
N LEU A 48 11.63 0.94 7.67
CA LEU A 48 12.65 0.00 7.20
C LEU A 48 12.09 -1.42 7.12
N CYS A 49 11.66 -1.82 5.93
CA CYS A 49 11.11 -3.15 5.73
C CYS A 49 11.68 -3.78 4.46
N LEU A 50 12.69 -4.63 4.63
CA LEU A 50 13.34 -5.30 3.52
C LEU A 50 12.32 -6.04 2.66
N ARG A 51 12.67 -6.29 1.40
CA ARG A 51 11.78 -7.00 0.48
C ARG A 51 11.31 -8.30 1.09
N LYS A 52 12.25 -9.01 1.70
CA LYS A 52 11.95 -10.28 2.36
C LYS A 52 10.91 -10.09 3.44
N HIS A 53 10.77 -8.86 3.89
CA HIS A 53 9.79 -8.53 4.91
C HIS A 53 8.47 -8.15 4.27
N LEU A 54 8.57 -7.55 3.09
CA LEU A 54 7.39 -7.15 2.35
C LEU A 54 6.68 -8.36 1.78
N LEU A 55 7.46 -9.34 1.37
CA LEU A 55 6.89 -10.56 0.82
C LEU A 55 6.20 -11.35 1.91
N GLU A 56 6.74 -11.28 3.11
CA GLU A 56 6.19 -11.98 4.25
C GLU A 56 4.79 -11.45 4.59
N GLU A 57 4.55 -10.19 4.27
CA GLU A 57 3.25 -9.57 4.54
C GLU A 57 2.29 -9.75 3.37
N ILE A 58 2.83 -10.19 2.23
CA ILE A 58 2.00 -10.43 1.06
C ILE A 58 1.79 -11.94 0.89
N LYS A 59 2.65 -12.72 1.54
CA LYS A 59 2.56 -14.17 1.51
C LYS A 59 1.61 -14.66 2.60
N ASN A 60 1.49 -13.86 3.67
CA ASN A 60 0.62 -14.21 4.78
C ASN A 60 -0.78 -13.64 4.54
N HIS A 61 -1.21 -13.64 3.29
CA HIS A 61 -2.52 -13.12 2.93
C HIS A 61 -2.88 -13.50 1.49
N ALA A 62 -2.01 -13.14 0.55
CA ALA A 62 -2.24 -13.44 -0.86
C ALA A 62 -1.08 -12.94 -1.72
N LYS A 63 -0.13 -13.84 -2.00
CA LYS A 63 1.02 -13.50 -2.83
C LYS A 63 0.66 -13.57 -4.31
N ALA A 64 -0.36 -12.82 -4.71
CA ALA A 64 -0.81 -12.81 -6.09
C ALA A 64 -1.30 -14.18 -6.53
N ILE A 65 -1.92 -14.90 -5.60
CA ILE A 65 -2.45 -16.23 -5.89
C ILE A 65 -1.49 -17.04 -6.75
N VAL A 66 -0.42 -17.53 -6.14
CA VAL A 66 0.57 -18.33 -6.85
C VAL A 66 1.18 -17.52 -8.00
N ALA A 67 2.10 -16.62 -7.67
CA ALA A 67 2.76 -15.80 -8.67
C ALA A 67 4.26 -16.08 -8.71
N ARG A 68 5.00 -15.29 -9.46
CA ARG A 68 6.45 -15.47 -9.57
C ARG A 68 7.14 -14.97 -8.31
N ASN A 69 7.06 -13.67 -8.08
CA ASN A 69 7.67 -13.04 -6.92
C ASN A 69 7.05 -11.67 -6.67
N VAL A 70 7.52 -10.99 -5.63
CA VAL A 70 7.02 -9.66 -5.31
C VAL A 70 7.84 -8.59 -6.03
N ASP A 71 9.10 -8.90 -6.28
CA ASP A 71 10.01 -7.98 -6.97
C ASP A 71 9.39 -7.49 -8.27
N VAL A 72 9.27 -8.40 -9.23
CA VAL A 72 8.68 -8.07 -10.52
C VAL A 72 7.30 -7.46 -10.32
N HIS A 73 6.67 -7.82 -9.21
CA HIS A 73 5.36 -7.30 -8.88
C HIS A 73 5.45 -5.80 -8.59
N ILE A 74 6.62 -5.39 -8.07
CA ILE A 74 6.85 -3.98 -7.76
C ILE A 74 6.69 -3.12 -9.00
N ALA A 75 7.09 -3.68 -10.15
CA ALA A 75 7.00 -2.97 -11.40
C ALA A 75 5.55 -2.74 -11.81
N SER A 76 4.69 -3.66 -11.41
CA SER A 76 3.27 -3.55 -11.71
C SER A 76 2.63 -2.44 -10.88
N LEU A 77 3.28 -2.07 -9.79
CA LEU A 77 2.78 -1.02 -8.93
C LEU A 77 2.92 0.34 -9.61
N ARG A 78 3.98 0.47 -10.40
CA ARG A 78 4.24 1.70 -11.12
C ARG A 78 3.09 2.00 -12.08
N LYS A 79 2.43 0.95 -12.54
CA LYS A 79 1.32 1.10 -13.48
C LYS A 79 -0.01 1.24 -12.75
N LYS A 80 -0.23 0.37 -11.79
CA LYS A 80 -1.47 0.37 -11.02
C LYS A 80 -1.49 1.48 -9.99
N LEU A 81 -0.45 1.54 -9.18
CA LEU A 81 -0.35 2.56 -8.14
C LEU A 81 0.17 3.88 -8.71
N GLY A 82 1.17 3.80 -9.57
CA GLY A 82 1.73 4.99 -10.18
C GLY A 82 3.04 5.43 -9.54
N ALA A 83 3.27 6.74 -9.50
CA ALA A 83 4.49 7.28 -8.91
C ALA A 83 4.66 6.83 -7.47
N TYR A 84 3.57 6.43 -6.84
CA TYR A 84 3.60 5.98 -5.47
C TYR A 84 4.08 4.54 -5.39
N GLY A 85 3.83 3.77 -6.45
CA GLY A 85 4.26 2.40 -6.48
C GLY A 85 5.77 2.30 -6.41
N SER A 86 6.44 3.27 -7.03
CA SER A 86 7.89 3.32 -7.04
C SER A 86 8.41 3.63 -5.64
N ARG A 87 7.53 4.08 -4.76
CA ARG A 87 7.90 4.40 -3.38
C ARG A 87 8.75 3.29 -2.78
N ILE A 88 8.52 2.06 -3.24
CA ILE A 88 9.28 0.91 -2.76
C ILE A 88 10.75 1.04 -3.10
N VAL A 89 11.50 1.71 -2.24
CA VAL A 89 12.94 1.90 -2.45
C VAL A 89 13.73 0.67 -2.02
N THR A 90 14.96 0.56 -2.50
CA THR A 90 15.82 -0.57 -2.17
C THR A 90 17.28 -0.13 -2.10
N LEU A 91 17.72 0.25 -0.91
CA LEU A 91 19.09 0.70 -0.71
C LEU A 91 20.04 -0.50 -0.56
N ARG A 92 21.18 -0.43 -1.21
CA ARG A 92 22.17 -1.50 -1.15
C ARG A 92 23.02 -1.37 0.11
N GLY A 93 22.44 -1.75 1.25
CA GLY A 93 23.15 -1.68 2.51
C GLY A 93 22.21 -1.73 3.69
N VAL A 94 21.04 -1.13 3.53
CA VAL A 94 20.04 -1.10 4.59
C VAL A 94 18.85 -2.00 4.21
N GLY A 95 18.42 -1.90 2.96
CA GLY A 95 17.30 -2.70 2.51
C GLY A 95 16.20 -1.88 1.88
N TYR A 96 14.99 -2.43 1.89
CA TYR A 96 13.83 -1.76 1.31
C TYR A 96 13.35 -0.62 2.21
N LEU A 97 13.21 0.56 1.61
CA LEU A 97 12.75 1.73 2.35
C LEU A 97 11.62 2.44 1.60
N PHE A 98 10.40 2.00 1.84
CA PHE A 98 9.23 2.57 1.17
C PHE A 98 8.92 3.97 1.72
N SER A 99 9.57 4.98 1.17
CA SER A 99 9.36 6.36 1.59
C SER A 99 8.82 7.20 0.45
N ASP A 100 7.74 7.94 0.72
CA ASP A 100 7.13 8.79 -0.29
C ASP A 100 6.98 10.22 0.21
N ASP A 101 6.05 10.42 1.12
CA ASP A 101 5.80 11.73 1.69
C ASP A 101 5.05 11.61 3.02
N GLY A 102 3.98 10.83 3.01
CA GLY A 102 3.19 10.65 4.23
C GLY A 102 1.71 10.79 3.98
N ASP A 103 1.09 9.75 3.42
CA ASP A 103 -0.34 9.76 3.14
C ASP A 103 -1.14 9.96 4.42
N LYS A 104 -2.46 9.99 4.29
CA LYS A 104 -3.34 10.18 5.43
C LYS A 104 -3.22 9.02 6.42
N LYS A 105 -4.12 9.01 7.40
CA LYS A 105 -4.13 7.96 8.41
C LYS A 105 -5.54 7.71 8.92
N PHE A 106 -5.71 6.67 9.73
CA PHE A 106 -7.02 6.34 10.28
C PHE A 106 -7.47 7.39 11.29
N SER A 107 -8.78 7.58 11.40
CA SER A 107 -9.34 8.55 12.33
C SER A 107 -8.93 8.25 13.76
N GLN A 108 -8.65 9.29 14.53
CA GLN A 108 -8.23 9.14 15.92
C GLN A 108 -9.36 8.53 16.76
N GLN A 109 -10.56 9.06 16.59
CA GLN A 109 -11.72 8.57 17.33
C GLN A 109 -12.01 7.10 17.00
N ASP A 110 -11.86 6.23 17.99
CA ASP A 110 -12.11 4.81 17.79
C ASP A 110 -12.94 4.23 18.93
N THR A 111 -12.79 4.79 20.13
CA THR A 111 -13.52 4.33 21.30
C THR A 111 -15.02 4.49 21.10
N LYS A 112 -15.79 3.58 21.68
CA LYS A 112 -17.24 3.62 21.59
C LYS A 112 -17.90 2.78 22.69
N LEU A 113 -18.71 3.44 23.51
CA LEU A 113 -19.39 2.76 24.60
C LEU A 113 -20.72 3.43 24.92
N SER A 114 -21.80 2.67 24.80
CA SER A 114 -23.14 3.19 25.07
C SER A 114 -23.26 3.65 26.52
N LEU A 115 -23.76 4.87 26.71
CA LEU A 115 -23.92 5.42 28.04
C LEU A 115 -24.87 4.57 28.87
N GLU A 116 -26.11 4.44 28.40
CA GLU A 116 -27.11 3.66 29.10
C GLU A 116 -28.13 3.08 28.12
N HIS A 1 -2.84 1.05 19.09
CA HIS A 1 -2.60 0.60 17.69
C HIS A 1 -3.59 1.25 16.72
N SER A 2 -3.40 1.02 15.43
CA SER A 2 -4.27 1.57 14.41
C SER A 2 -4.15 0.82 13.09
N VAL A 3 -5.27 0.39 12.54
CA VAL A 3 -5.28 -0.33 11.28
C VAL A 3 -6.28 0.27 10.30
N PRO A 4 -5.82 1.14 9.39
CA PRO A 4 -6.68 1.79 8.40
C PRO A 4 -7.36 0.78 7.47
N GLU A 5 -8.01 1.29 6.43
CA GLU A 5 -8.70 0.43 5.48
C GLU A 5 -8.65 1.03 4.08
N SER A 6 -9.47 2.05 3.86
CA SER A 6 -9.53 2.72 2.57
C SER A 6 -8.25 3.51 2.33
N ILE A 7 -8.09 4.01 1.11
CA ILE A 7 -6.91 4.79 0.75
C ILE A 7 -7.29 6.18 0.25
N ARG A 8 -7.74 7.03 1.16
CA ARG A 8 -8.12 8.38 0.81
C ARG A 8 -6.88 9.25 0.62
N PHE A 9 -6.15 8.97 -0.45
CA PHE A 9 -4.93 9.71 -0.78
C PHE A 9 -5.24 10.89 -1.67
N GLY A 10 -5.35 12.08 -1.06
CA GLY A 10 -5.65 13.28 -1.83
C GLY A 10 -6.92 13.13 -2.65
N PRO A 11 -6.97 13.75 -3.84
CA PRO A 11 -8.15 13.68 -4.71
C PRO A 11 -8.35 12.27 -5.27
N ASN A 12 -7.36 11.40 -5.11
CA ASN A 12 -7.44 10.03 -5.60
C ASN A 12 -7.89 9.08 -4.50
N VAL A 13 -8.92 8.28 -4.80
CA VAL A 13 -9.44 7.32 -3.83
C VAL A 13 -9.09 5.89 -4.26
N PHE A 14 -8.43 5.16 -3.38
CA PHE A 14 -8.05 3.78 -3.68
C PHE A 14 -8.67 2.83 -2.65
N TYR A 15 -9.08 1.66 -3.12
CA TYR A 15 -9.69 0.66 -2.24
C TYR A 15 -8.83 -0.59 -2.16
N VAL A 16 -8.44 -0.96 -0.94
CA VAL A 16 -7.60 -2.14 -0.72
C VAL A 16 -8.26 -3.42 -1.25
N LEU A 17 -9.58 -3.37 -1.45
CA LEU A 17 -10.31 -4.54 -1.93
C LEU A 17 -10.86 -4.32 -3.34
N LYS A 18 -11.11 -3.06 -3.69
CA LYS A 18 -11.64 -2.73 -5.02
C LYS A 18 -10.51 -2.60 -6.04
N LEU A 19 -9.38 -2.06 -5.60
CA LEU A 19 -8.23 -1.87 -6.49
C LEU A 19 -8.56 -0.91 -7.61
N THR A 20 -9.46 0.03 -7.34
CA THR A 20 -9.86 1.03 -8.33
C THR A 20 -9.59 2.44 -7.82
N VAL A 21 -8.91 3.24 -8.65
CA VAL A 21 -8.59 4.62 -8.29
C VAL A 21 -9.68 5.58 -8.74
N GLU A 22 -10.46 6.06 -7.78
CA GLU A 22 -11.54 7.00 -8.08
C GLU A 22 -10.99 8.35 -8.50
N THR A 23 -10.60 8.44 -9.77
CA THR A 23 -10.05 9.69 -10.30
C THR A 23 -11.13 10.76 -10.42
N PRO A 24 -10.73 12.01 -10.69
CA PRO A 24 -11.66 13.13 -10.83
C PRO A 24 -12.36 13.15 -12.19
N GLU A 25 -12.02 12.20 -13.04
CA GLU A 25 -12.61 12.12 -14.38
C GLU A 25 -13.31 10.77 -14.58
N GLY A 26 -12.65 9.70 -14.18
CA GLY A 26 -13.22 8.37 -14.32
C GLY A 26 -12.72 7.40 -13.28
N SER A 27 -11.92 6.43 -13.71
CA SER A 27 -11.37 5.43 -12.79
C SER A 27 -10.18 4.71 -13.43
N VAL A 28 -9.48 3.93 -12.62
CA VAL A 28 -8.31 3.19 -13.12
C VAL A 28 -8.22 1.81 -12.47
N HIS A 29 -7.90 0.81 -13.28
CA HIS A 29 -7.79 -0.56 -12.80
C HIS A 29 -6.33 -1.01 -12.78
N LEU A 30 -6.06 -2.15 -12.17
CA LEU A 30 -4.70 -2.68 -12.09
C LEU A 30 -4.70 -4.11 -11.56
N THR A 31 -3.54 -4.77 -11.64
CA THR A 31 -3.41 -6.14 -11.15
C THR A 31 -3.38 -6.17 -9.63
N PRO A 32 -4.15 -7.08 -9.00
CA PRO A 32 -4.22 -7.19 -7.55
C PRO A 32 -2.95 -7.77 -6.93
N SER A 33 -2.12 -8.39 -7.75
CA SER A 33 -0.88 -8.98 -7.27
C SER A 33 0.16 -7.91 -7.02
N GLU A 34 0.24 -6.96 -7.95
CA GLU A 34 1.17 -5.86 -7.83
C GLU A 34 0.57 -4.79 -6.94
N SER A 35 -0.72 -4.60 -7.07
CA SER A 35 -1.42 -3.64 -6.23
C SER A 35 -1.61 -4.25 -4.85
N GLY A 36 -1.48 -5.58 -4.76
CA GLY A 36 -1.61 -6.26 -3.50
C GLY A 36 -0.47 -5.90 -2.58
N ILE A 37 0.68 -5.59 -3.18
CA ILE A 37 1.86 -5.21 -2.40
C ILE A 37 1.59 -3.89 -1.70
N LEU A 38 1.03 -2.96 -2.45
CA LEU A 38 0.70 -1.64 -1.93
C LEU A 38 -0.39 -1.76 -0.86
N LYS A 39 -1.16 -2.84 -0.93
CA LYS A 39 -2.22 -3.07 0.03
C LYS A 39 -1.66 -3.45 1.39
N ARG A 40 -0.51 -4.12 1.38
CA ARG A 40 0.12 -4.53 2.63
C ARG A 40 0.84 -3.36 3.29
N LEU A 41 1.38 -2.47 2.47
CA LEU A 41 2.07 -1.30 2.97
C LEU A 41 1.06 -0.24 3.41
N LEU A 42 -0.15 -0.34 2.87
CA LEU A 42 -1.21 0.60 3.22
C LEU A 42 -1.76 0.28 4.60
N ILE A 43 -1.59 -0.97 5.04
CA ILE A 43 -2.07 -1.38 6.35
C ILE A 43 -1.24 -0.74 7.46
N ASN A 44 0.04 -0.50 7.16
CA ASN A 44 0.94 0.11 8.14
C ASN A 44 1.13 1.59 7.84
N LYS A 45 1.09 1.94 6.57
CA LYS A 45 1.25 3.33 6.13
C LYS A 45 2.48 3.97 6.77
N GLY A 46 3.63 3.78 6.12
CA GLY A 46 4.87 4.34 6.62
C GLY A 46 5.42 3.57 7.79
N GLN A 47 6.35 2.65 7.50
CA GLN A 47 6.98 1.83 8.52
C GLN A 47 8.19 1.11 7.95
N LEU A 48 9.22 0.92 8.77
CA LEU A 48 10.44 0.26 8.34
C LEU A 48 10.18 -1.23 8.10
N CYS A 49 9.95 -1.59 6.84
CA CYS A 49 9.70 -2.97 6.47
C CYS A 49 10.52 -3.37 5.25
N LEU A 50 11.63 -4.06 5.48
CA LEU A 50 12.52 -4.50 4.41
C LEU A 50 11.73 -5.27 3.35
N ARG A 51 12.10 -5.09 2.09
CA ARG A 51 11.43 -5.77 0.98
C ARG A 51 11.52 -7.28 1.15
N LYS A 52 12.62 -7.72 1.74
CA LYS A 52 12.82 -9.15 1.98
C LYS A 52 11.75 -9.68 2.90
N HIS A 53 11.77 -9.22 4.13
CA HIS A 53 10.78 -9.64 5.11
C HIS A 53 9.38 -9.40 4.58
N LEU A 54 9.25 -8.42 3.69
CA LEU A 54 7.96 -8.12 3.10
C LEU A 54 7.50 -9.33 2.29
N LEU A 55 8.47 -10.15 1.88
CA LEU A 55 8.16 -11.35 1.10
C LEU A 55 7.43 -12.38 1.94
N GLU A 56 7.44 -12.20 3.27
CA GLU A 56 6.78 -13.13 4.18
C GLU A 56 5.30 -12.80 4.34
N GLU A 57 4.94 -11.56 4.05
CA GLU A 57 3.54 -11.13 4.16
C GLU A 57 2.79 -11.34 2.85
N ILE A 58 3.53 -11.48 1.76
CA ILE A 58 2.90 -11.73 0.47
C ILE A 58 2.93 -13.22 0.16
N LYS A 59 3.79 -13.95 0.87
CA LYS A 59 3.88 -15.39 0.71
C LYS A 59 2.81 -16.07 1.54
N ASN A 60 2.40 -15.41 2.63
CA ASN A 60 1.37 -15.94 3.50
C ASN A 60 -0.01 -15.47 3.02
N HIS A 61 -0.15 -15.34 1.70
CA HIS A 61 -1.39 -14.89 1.09
C HIS A 61 -1.38 -15.18 -0.41
N ALA A 62 -0.23 -14.91 -1.03
CA ALA A 62 -0.08 -15.14 -2.47
C ALA A 62 1.40 -15.16 -2.87
N LYS A 63 2.10 -16.21 -2.41
CA LYS A 63 3.53 -16.35 -2.71
C LYS A 63 3.78 -16.45 -4.21
N ALA A 64 4.37 -15.41 -4.78
CA ALA A 64 4.67 -15.38 -6.21
C ALA A 64 3.48 -15.84 -7.04
N ILE A 65 2.49 -14.97 -7.16
CA ILE A 65 1.29 -15.28 -7.94
C ILE A 65 1.60 -15.30 -9.43
N VAL A 66 1.84 -16.50 -9.96
CA VAL A 66 2.15 -16.68 -11.38
C VAL A 66 3.16 -15.64 -11.86
N ALA A 67 4.20 -15.41 -11.04
CA ALA A 67 5.23 -14.44 -11.38
C ALA A 67 6.62 -15.03 -11.14
N ARG A 68 7.64 -14.16 -11.18
CA ARG A 68 9.01 -14.59 -10.96
C ARG A 68 9.44 -14.31 -9.53
N ASN A 69 9.10 -13.12 -9.06
CA ASN A 69 9.44 -12.69 -7.70
C ASN A 69 8.50 -11.59 -7.23
N VAL A 70 8.56 -11.27 -5.95
CA VAL A 70 7.71 -10.23 -5.39
C VAL A 70 8.32 -8.85 -5.58
N ASP A 71 9.64 -8.81 -5.71
CA ASP A 71 10.36 -7.55 -5.90
C ASP A 71 10.16 -7.03 -7.31
N VAL A 72 10.06 -7.95 -8.26
CA VAL A 72 9.85 -7.60 -9.66
C VAL A 72 8.43 -7.09 -9.87
N HIS A 73 7.52 -7.55 -9.02
CA HIS A 73 6.13 -7.14 -9.11
C HIS A 73 5.96 -5.71 -8.60
N ILE A 74 6.91 -5.26 -7.79
CA ILE A 74 6.85 -3.91 -7.24
C ILE A 74 7.20 -2.89 -8.30
N ALA A 75 8.10 -3.26 -9.19
CA ALA A 75 8.52 -2.39 -10.28
C ALA A 75 7.41 -2.23 -11.29
N SER A 76 6.79 -3.35 -11.63
CA SER A 76 5.69 -3.34 -12.59
C SER A 76 4.50 -2.59 -12.01
N LEU A 77 4.43 -2.56 -10.68
CA LEU A 77 3.36 -1.86 -10.00
C LEU A 77 3.45 -0.37 -10.30
N ARG A 78 4.68 0.11 -10.39
CA ARG A 78 4.93 1.51 -10.67
C ARG A 78 4.26 1.93 -11.98
N LYS A 79 4.00 0.94 -12.84
CA LYS A 79 3.37 1.22 -14.12
C LYS A 79 1.86 1.35 -13.96
N LYS A 80 1.25 0.31 -13.43
CA LYS A 80 -0.20 0.29 -13.23
C LYS A 80 -0.60 1.23 -12.10
N LEU A 81 0.04 1.06 -10.96
CA LEU A 81 -0.24 1.88 -9.78
C LEU A 81 -0.17 3.37 -10.11
N GLY A 82 1.03 3.87 -10.36
CA GLY A 82 1.20 5.28 -10.69
C GLY A 82 2.14 6.00 -9.75
N ALA A 83 1.64 7.02 -9.07
CA ALA A 83 2.44 7.82 -8.14
C ALA A 83 2.62 7.13 -6.79
N TYR A 84 1.88 6.05 -6.57
CA TYR A 84 1.95 5.32 -5.31
C TYR A 84 3.03 4.24 -5.40
N GLY A 85 3.30 3.76 -6.61
CA GLY A 85 4.31 2.74 -6.79
C GLY A 85 5.64 3.17 -6.20
N SER A 86 5.83 4.49 -6.10
CA SER A 86 7.06 5.05 -5.53
C SER A 86 7.01 5.00 -4.01
N ARG A 87 5.82 4.82 -3.45
CA ARG A 87 5.67 4.76 -1.99
C ARG A 87 6.61 3.71 -1.40
N ILE A 88 7.00 2.73 -2.21
CA ILE A 88 7.91 1.68 -1.74
C ILE A 88 9.36 2.13 -1.87
N VAL A 89 9.90 2.70 -0.79
CA VAL A 89 11.27 3.19 -0.79
C VAL A 89 12.28 2.05 -0.63
N THR A 90 13.51 2.29 -1.08
CA THR A 90 14.57 1.31 -0.97
C THR A 90 15.89 1.98 -0.63
N LEU A 91 16.12 2.20 0.66
CA LEU A 91 17.34 2.86 1.13
C LEU A 91 18.45 1.84 1.36
N ARG A 92 19.65 2.19 0.91
CA ARG A 92 20.81 1.32 1.08
C ARG A 92 21.37 1.44 2.48
N GLY A 93 20.61 0.93 3.45
CA GLY A 93 21.03 0.99 4.84
C GLY A 93 19.89 0.66 5.78
N VAL A 94 18.74 1.27 5.53
CA VAL A 94 17.55 1.03 6.36
C VAL A 94 16.72 -0.11 5.76
N GLY A 95 16.68 -0.15 4.43
CA GLY A 95 15.92 -1.18 3.75
C GLY A 95 14.75 -0.62 2.96
N TYR A 96 13.56 -1.09 3.28
CA TYR A 96 12.35 -0.63 2.60
C TYR A 96 11.50 0.21 3.53
N LEU A 97 11.31 1.47 3.17
CA LEU A 97 10.51 2.38 3.98
C LEU A 97 9.35 2.97 3.19
N PHE A 98 8.17 2.95 3.78
CA PHE A 98 6.99 3.49 3.13
C PHE A 98 6.90 4.99 3.42
N SER A 99 7.38 5.77 2.46
CA SER A 99 7.40 7.23 2.58
C SER A 99 6.15 7.79 3.24
N ASP A 100 6.37 8.82 4.07
CA ASP A 100 5.29 9.48 4.79
C ASP A 100 4.31 10.18 3.84
N ASP A 101 4.77 10.40 2.62
CA ASP A 101 3.99 11.07 1.57
C ASP A 101 2.65 10.39 1.28
N GLY A 102 1.86 10.15 2.34
CA GLY A 102 0.57 9.50 2.16
C GLY A 102 0.27 8.51 3.28
N ASP A 103 0.20 9.01 4.50
CA ASP A 103 -0.09 8.18 5.66
C ASP A 103 -1.56 7.78 5.69
N LYS A 104 -1.95 7.03 6.71
CA LYS A 104 -3.32 6.58 6.86
C LYS A 104 -4.27 7.77 6.97
N LYS A 105 -5.50 7.59 6.53
CA LYS A 105 -6.51 8.64 6.57
C LYS A 105 -7.32 8.56 7.85
N PHE A 106 -7.18 9.56 8.71
CA PHE A 106 -7.90 9.60 9.97
C PHE A 106 -9.40 9.80 9.73
N SER A 107 -10.18 8.77 10.01
CA SER A 107 -11.63 8.83 9.83
C SER A 107 -12.23 9.94 10.68
N GLN A 108 -13.34 10.51 10.20
CA GLN A 108 -14.02 11.58 10.91
C GLN A 108 -14.48 11.11 12.29
N GLN A 109 -15.43 10.18 12.30
CA GLN A 109 -15.96 9.65 13.56
C GLN A 109 -14.86 9.00 14.38
N ASP A 110 -14.57 9.57 15.54
CA ASP A 110 -13.53 9.05 16.41
C ASP A 110 -13.89 9.26 17.88
N THR A 111 -15.19 9.30 18.17
CA THR A 111 -15.68 9.49 19.54
C THR A 111 -15.24 8.35 20.43
N LYS A 112 -14.55 8.67 21.52
CA LYS A 112 -14.08 7.67 22.47
C LYS A 112 -13.77 8.30 23.82
N LEU A 113 -14.48 7.87 24.85
CA LEU A 113 -14.28 8.38 26.20
C LEU A 113 -12.87 8.11 26.68
N SER A 114 -12.59 8.44 27.94
CA SER A 114 -11.28 8.23 28.52
C SER A 114 -11.34 8.24 30.04
N LEU A 115 -10.34 7.63 30.67
CA LEU A 115 -10.28 7.57 32.12
C LEU A 115 -10.26 8.95 32.74
N GLU A 116 -9.64 9.90 32.04
CA GLU A 116 -9.55 11.28 32.52
C GLU A 116 -10.51 12.18 31.75
N HIS A 1 -16.97 0.42 13.46
CA HIS A 1 -16.35 0.98 14.69
C HIS A 1 -15.10 1.78 14.36
N SER A 2 -15.19 2.60 13.31
CA SER A 2 -14.06 3.42 12.89
C SER A 2 -12.89 2.54 12.45
N VAL A 3 -12.92 2.13 11.19
CA VAL A 3 -11.86 1.28 10.64
C VAL A 3 -11.34 1.83 9.31
N PRO A 4 -10.02 2.11 9.23
CA PRO A 4 -9.41 2.64 8.00
C PRO A 4 -9.40 1.62 6.87
N GLU A 5 -10.22 1.85 5.84
CA GLU A 5 -10.29 0.95 4.70
C GLU A 5 -10.66 1.70 3.43
N SER A 6 -10.13 2.90 3.29
CA SER A 6 -10.39 3.73 2.12
C SER A 6 -9.47 4.94 2.10
N ILE A 7 -8.69 5.08 1.02
CA ILE A 7 -7.76 6.19 0.89
C ILE A 7 -8.29 7.25 -0.07
N ARG A 8 -9.08 8.19 0.47
CA ARG A 8 -9.63 9.27 -0.34
C ARG A 8 -8.84 10.55 -0.13
N PHE A 9 -7.61 10.56 -0.64
CA PHE A 9 -6.73 11.72 -0.51
C PHE A 9 -6.98 12.71 -1.64
N GLY A 10 -7.52 13.87 -1.30
CA GLY A 10 -7.81 14.88 -2.30
C GLY A 10 -8.95 14.48 -3.21
N PRO A 11 -8.93 14.93 -4.48
CA PRO A 11 -9.99 14.60 -5.44
C PRO A 11 -9.95 13.14 -5.88
N ASN A 12 -8.91 12.43 -5.48
CA ASN A 12 -8.76 11.01 -5.83
C ASN A 12 -9.17 10.12 -4.67
N VAL A 13 -9.28 8.83 -4.93
CA VAL A 13 -9.66 7.86 -3.91
C VAL A 13 -9.42 6.44 -4.40
N PHE A 14 -8.73 5.63 -3.59
CA PHE A 14 -8.45 4.25 -3.97
C PHE A 14 -9.08 3.28 -2.98
N TYR A 15 -9.97 2.43 -3.50
CA TYR A 15 -10.64 1.44 -2.66
C TYR A 15 -9.73 0.25 -2.41
N VAL A 16 -9.40 0.01 -1.14
CA VAL A 16 -8.53 -1.08 -0.77
C VAL A 16 -9.19 -2.44 -1.02
N LEU A 17 -10.48 -2.43 -1.32
CA LEU A 17 -11.22 -3.67 -1.58
C LEU A 17 -11.75 -3.72 -3.01
N LYS A 18 -11.83 -2.57 -3.67
CA LYS A 18 -12.32 -2.51 -5.05
C LYS A 18 -11.18 -2.66 -6.06
N LEU A 19 -10.00 -2.17 -5.69
CA LEU A 19 -8.84 -2.25 -6.58
C LEU A 19 -9.01 -1.33 -7.78
N THR A 20 -9.45 -0.11 -7.52
CA THR A 20 -9.65 0.87 -8.59
C THR A 20 -9.77 2.28 -8.02
N VAL A 21 -8.90 3.18 -8.45
CA VAL A 21 -8.91 4.56 -7.98
C VAL A 21 -9.88 5.41 -8.80
N GLU A 22 -10.84 6.03 -8.12
CA GLU A 22 -11.83 6.86 -8.79
C GLU A 22 -11.24 8.22 -9.16
N THR A 23 -10.66 8.28 -10.36
CA THR A 23 -10.05 9.52 -10.84
C THR A 23 -11.04 10.32 -11.68
N PRO A 24 -10.97 11.66 -11.61
CA PRO A 24 -11.87 12.54 -12.37
C PRO A 24 -11.57 12.54 -13.86
N GLU A 25 -10.44 11.93 -14.25
CA GLU A 25 -10.05 11.88 -15.64
C GLU A 25 -9.88 10.43 -16.11
N GLY A 26 -10.64 9.52 -15.50
CA GLY A 26 -10.56 8.12 -15.87
C GLY A 26 -10.12 7.24 -14.70
N SER A 27 -10.86 6.15 -14.48
CA SER A 27 -10.55 5.23 -13.40
C SER A 27 -9.29 4.42 -13.71
N VAL A 28 -8.79 3.69 -12.72
CA VAL A 28 -7.59 2.88 -12.90
C VAL A 28 -7.86 1.42 -12.53
N HIS A 29 -7.01 0.53 -13.06
CA HIS A 29 -7.15 -0.90 -12.79
C HIS A 29 -5.78 -1.53 -12.52
N LEU A 30 -5.78 -2.65 -11.81
CA LEU A 30 -4.53 -3.34 -11.49
C LEU A 30 -4.80 -4.71 -10.88
N THR A 31 -3.77 -5.54 -10.84
CA THR A 31 -3.89 -6.89 -10.28
C THR A 31 -4.00 -6.81 -8.75
N PRO A 32 -4.87 -7.64 -8.15
CA PRO A 32 -5.07 -7.64 -6.70
C PRO A 32 -3.89 -8.17 -5.91
N SER A 33 -2.99 -8.88 -6.59
CA SER A 33 -1.82 -9.42 -5.93
C SER A 33 -0.74 -8.37 -5.78
N GLU A 34 -0.64 -7.52 -6.79
CA GLU A 34 0.34 -6.45 -6.75
C GLU A 34 -0.29 -5.22 -6.11
N SER A 35 -1.59 -5.05 -6.36
CA SER A 35 -2.33 -3.97 -5.76
C SER A 35 -2.61 -4.32 -4.31
N GLY A 36 -2.50 -5.62 -3.99
CA GLY A 36 -2.73 -6.08 -2.64
C GLY A 36 -1.64 -5.58 -1.71
N ILE A 37 -0.45 -5.38 -2.27
CA ILE A 37 0.68 -4.90 -1.48
C ILE A 37 0.43 -3.47 -1.03
N LEU A 38 -0.10 -2.67 -1.95
CA LEU A 38 -0.42 -1.28 -1.66
C LEU A 38 -1.52 -1.21 -0.61
N LYS A 39 -2.24 -2.33 -0.45
CA LYS A 39 -3.32 -2.40 0.52
C LYS A 39 -2.77 -2.50 1.93
N ARG A 40 -1.86 -3.44 2.12
CA ARG A 40 -1.24 -3.65 3.42
C ARG A 40 -0.36 -2.46 3.80
N LEU A 41 0.05 -1.70 2.80
CA LEU A 41 0.88 -0.52 3.05
C LEU A 41 0.03 0.68 3.42
N LEU A 42 -1.23 0.65 3.04
CA LEU A 42 -2.14 1.74 3.35
C LEU A 42 -2.65 1.62 4.79
N ILE A 43 -2.70 0.40 5.30
CA ILE A 43 -3.14 0.17 6.67
C ILE A 43 -2.07 0.60 7.67
N ASN A 44 -0.82 0.64 7.22
CA ASN A 44 0.28 1.04 8.08
C ASN A 44 0.66 2.50 7.84
N LYS A 45 0.41 2.97 6.62
CA LYS A 45 0.70 4.34 6.21
C LYS A 45 1.97 4.88 6.88
N GLY A 46 3.12 4.34 6.47
CA GLY A 46 4.39 4.77 7.03
C GLY A 46 4.82 3.92 8.20
N GLN A 47 5.65 2.91 7.93
CA GLN A 47 6.13 2.02 8.97
C GLN A 47 7.49 1.43 8.59
N LEU A 48 8.13 0.77 9.55
CA LEU A 48 9.44 0.16 9.31
C LEU A 48 9.30 -1.33 9.02
N CYS A 49 9.35 -1.69 7.74
CA CYS A 49 9.23 -3.09 7.33
C CYS A 49 9.97 -3.33 6.03
N LEU A 50 11.30 -3.39 6.10
CA LEU A 50 12.15 -3.62 4.93
C LEU A 50 11.55 -4.70 4.02
N ARG A 51 12.09 -4.78 2.80
CA ARG A 51 11.61 -5.74 1.80
C ARG A 51 11.36 -7.12 2.43
N LYS A 52 12.32 -7.59 3.18
CA LYS A 52 12.23 -8.89 3.83
C LYS A 52 10.98 -9.00 4.70
N HIS A 53 10.45 -7.86 5.09
CA HIS A 53 9.26 -7.83 5.92
C HIS A 53 8.03 -7.77 5.02
N LEU A 54 8.19 -7.12 3.88
CA LEU A 54 7.10 -6.98 2.93
C LEU A 54 6.83 -8.32 2.27
N LEU A 55 7.89 -9.09 2.05
CA LEU A 55 7.75 -10.40 1.43
C LEU A 55 7.14 -11.40 2.40
N GLU A 56 7.15 -11.06 3.69
CA GLU A 56 6.58 -11.93 4.71
C GLU A 56 5.08 -11.68 4.87
N GLU A 57 4.60 -10.53 4.40
CA GLU A 57 3.19 -10.20 4.49
C GLU A 57 2.43 -10.68 3.27
N ILE A 58 3.14 -10.85 2.17
CA ILE A 58 2.53 -11.34 0.95
C ILE A 58 2.69 -12.85 0.88
N LYS A 59 3.63 -13.37 1.66
CA LYS A 59 3.88 -14.80 1.72
C LYS A 59 2.82 -15.46 2.60
N ASN A 60 2.31 -14.71 3.57
CA ASN A 60 1.28 -15.22 4.46
C ASN A 60 -0.11 -14.89 3.93
N HIS A 61 -0.23 -14.90 2.61
CA HIS A 61 -1.49 -14.60 1.94
C HIS A 61 -1.48 -15.09 0.50
N ALA A 62 -0.38 -14.81 -0.19
CA ALA A 62 -0.21 -15.22 -1.58
C ALA A 62 1.17 -14.84 -2.10
N LYS A 63 2.04 -15.85 -2.26
CA LYS A 63 3.39 -15.61 -2.76
C LYS A 63 3.38 -15.30 -4.25
N ALA A 64 2.67 -14.23 -4.63
CA ALA A 64 2.59 -13.82 -6.02
C ALA A 64 2.22 -15.00 -6.93
N ILE A 65 0.93 -15.13 -7.24
CA ILE A 65 0.46 -16.20 -8.10
C ILE A 65 0.40 -15.76 -9.55
N VAL A 66 1.33 -14.89 -9.92
CA VAL A 66 1.39 -14.37 -11.28
C VAL A 66 2.68 -13.60 -11.52
N ALA A 67 3.77 -14.11 -10.95
CA ALA A 67 5.07 -13.47 -11.10
C ALA A 67 6.20 -14.41 -10.66
N ARG A 68 7.42 -13.90 -10.69
CA ARG A 68 8.59 -14.70 -10.29
C ARG A 68 9.14 -14.24 -8.94
N ASN A 69 8.88 -12.99 -8.59
CA ASN A 69 9.34 -12.42 -7.34
C ASN A 69 8.39 -11.33 -6.87
N VAL A 70 8.54 -10.90 -5.62
CA VAL A 70 7.68 -9.86 -5.06
C VAL A 70 8.28 -8.47 -5.30
N ASP A 71 9.57 -8.35 -5.06
CA ASP A 71 10.27 -7.09 -5.24
C ASP A 71 10.15 -6.60 -6.66
N VAL A 72 10.48 -7.47 -7.60
CA VAL A 72 10.40 -7.14 -9.02
C VAL A 72 8.96 -6.86 -9.42
N HIS A 73 8.03 -7.40 -8.67
CA HIS A 73 6.61 -7.20 -8.95
C HIS A 73 6.21 -5.79 -8.58
N ILE A 74 6.87 -5.24 -7.57
CA ILE A 74 6.59 -3.88 -7.12
C ILE A 74 6.92 -2.89 -8.22
N ALA A 75 7.86 -3.26 -9.08
CA ALA A 75 8.27 -2.40 -10.19
C ALA A 75 7.14 -2.22 -11.18
N SER A 76 6.59 -3.34 -11.64
CA SER A 76 5.48 -3.30 -12.59
C SER A 76 4.24 -2.76 -11.92
N LEU A 77 4.09 -3.07 -10.65
CA LEU A 77 2.97 -2.59 -9.88
C LEU A 77 3.11 -1.09 -9.66
N ARG A 78 4.34 -0.62 -9.73
CA ARG A 78 4.62 0.81 -9.56
C ARG A 78 3.94 1.61 -10.65
N LYS A 79 3.78 1.00 -11.81
CA LYS A 79 3.14 1.67 -12.94
C LYS A 79 1.63 1.45 -12.95
N LYS A 80 1.16 0.47 -12.20
CA LYS A 80 -0.26 0.17 -12.13
C LYS A 80 -0.96 1.01 -11.08
N LEU A 81 -0.50 0.88 -9.85
CA LEU A 81 -1.07 1.61 -8.72
C LEU A 81 -0.90 3.12 -8.87
N GLY A 82 0.05 3.54 -9.70
CA GLY A 82 0.28 4.96 -9.92
C GLY A 82 1.57 5.45 -9.29
N ALA A 83 1.48 6.52 -8.50
CA ALA A 83 2.64 7.09 -7.83
C ALA A 83 2.89 6.44 -6.48
N TYR A 84 1.88 5.77 -5.95
CA TYR A 84 1.99 5.10 -4.65
C TYR A 84 3.10 4.05 -4.70
N GLY A 85 3.39 3.56 -5.91
CA GLY A 85 4.43 2.56 -6.07
C GLY A 85 5.76 3.05 -5.53
N SER A 86 6.00 4.36 -5.67
CA SER A 86 7.22 4.96 -5.18
C SER A 86 7.21 5.02 -3.66
N ARG A 87 6.01 4.93 -3.08
CA ARG A 87 5.85 4.98 -1.63
C ARG A 87 6.82 4.00 -0.94
N ILE A 88 7.16 2.92 -1.65
CA ILE A 88 8.07 1.92 -1.11
C ILE A 88 9.47 2.52 -0.96
N VAL A 89 9.65 3.32 0.09
CA VAL A 89 10.93 3.97 0.35
C VAL A 89 11.95 3.02 0.94
N THR A 90 13.04 2.80 0.20
CA THR A 90 14.10 1.91 0.66
C THR A 90 15.21 2.72 1.34
N LEU A 91 14.99 3.05 2.61
CA LEU A 91 15.96 3.83 3.37
C LEU A 91 17.21 3.01 3.68
N ARG A 92 18.36 3.66 3.60
CA ARG A 92 19.63 3.00 3.88
C ARG A 92 19.88 2.91 5.38
N GLY A 93 19.28 1.91 6.00
CA GLY A 93 19.43 1.72 7.43
C GLY A 93 18.11 1.53 8.14
N VAL A 94 17.04 2.09 7.55
CA VAL A 94 15.71 1.98 8.12
C VAL A 94 14.97 0.78 7.57
N GLY A 95 15.06 0.59 6.26
CA GLY A 95 14.40 -0.53 5.60
C GLY A 95 13.42 -0.08 4.54
N TYR A 96 12.14 -0.37 4.76
CA TYR A 96 11.11 0.00 3.82
C TYR A 96 10.06 0.89 4.48
N LEU A 97 10.05 2.16 4.10
CA LEU A 97 9.09 3.11 4.67
C LEU A 97 8.08 3.57 3.63
N PHE A 98 6.82 3.65 4.03
CA PHE A 98 5.75 4.07 3.13
C PHE A 98 5.50 5.57 3.30
N SER A 99 6.23 6.36 2.51
CA SER A 99 6.13 7.81 2.55
C SER A 99 4.68 8.29 2.60
N ASP A 100 4.51 9.60 2.84
CA ASP A 100 3.20 10.22 2.92
C ASP A 100 2.39 10.01 1.64
N ASP A 101 3.10 9.69 0.56
CA ASP A 101 2.50 9.48 -0.76
C ASP A 101 1.47 8.34 -0.76
N GLY A 102 0.51 8.39 0.17
CA GLY A 102 -0.50 7.36 0.24
C GLY A 102 -0.85 7.00 1.68
N ASP A 103 -1.55 7.91 2.35
CA ASP A 103 -1.95 7.70 3.73
C ASP A 103 -3.48 7.74 3.86
N LYS A 104 -4.05 6.63 4.33
CA LYS A 104 -5.50 6.53 4.50
C LYS A 104 -6.03 7.64 5.41
N LYS A 105 -7.27 7.48 5.87
CA LYS A 105 -7.89 8.46 6.74
C LYS A 105 -7.27 8.44 8.13
N PHE A 106 -6.63 9.55 8.50
CA PHE A 106 -5.99 9.66 9.80
C PHE A 106 -7.01 9.55 10.93
N SER A 107 -7.04 8.40 11.58
CA SER A 107 -7.97 8.16 12.68
C SER A 107 -7.73 9.16 13.82
N GLN A 108 -8.79 9.86 14.20
CA GLN A 108 -8.70 10.85 15.27
C GLN A 108 -9.08 10.24 16.62
N GLN A 109 -8.98 8.92 16.73
CA GLN A 109 -9.31 8.23 17.96
C GLN A 109 -8.42 8.67 19.11
N ASP A 110 -9.02 8.87 20.28
CA ASP A 110 -8.27 9.31 21.45
C ASP A 110 -7.95 8.12 22.36
N THR A 111 -7.81 6.94 21.76
CA THR A 111 -7.51 5.73 22.50
C THR A 111 -6.92 4.66 21.60
N LYS A 112 -5.60 4.53 21.62
CA LYS A 112 -4.90 3.54 20.80
C LYS A 112 -3.51 3.25 21.36
N LEU A 113 -3.19 1.98 21.49
CA LEU A 113 -1.89 1.56 22.01
C LEU A 113 -0.77 2.04 21.09
N SER A 114 0.25 2.67 21.67
CA SER A 114 1.37 3.18 20.90
C SER A 114 2.13 2.03 20.23
N LEU A 115 1.94 1.89 18.93
CA LEU A 115 2.58 0.83 18.16
C LEU A 115 4.10 0.96 18.25
N GLU A 116 4.62 2.14 17.97
CA GLU A 116 6.05 2.40 18.02
C GLU A 116 6.34 3.88 18.16
N HIS A 1 -1.98 -3.02 13.73
CA HIS A 1 -0.72 -3.71 13.34
C HIS A 1 -1.00 -4.88 12.39
N SER A 2 -1.88 -5.78 12.82
CA SER A 2 -2.22 -6.94 12.01
C SER A 2 -3.09 -6.54 10.83
N VAL A 3 -3.96 -5.55 11.04
CA VAL A 3 -4.85 -5.07 10.00
C VAL A 3 -4.61 -3.58 9.71
N PRO A 4 -4.50 -3.19 8.42
CA PRO A 4 -4.27 -1.80 8.05
C PRO A 4 -5.45 -0.91 8.38
N GLU A 5 -5.19 0.38 8.60
CA GLU A 5 -6.24 1.32 8.93
C GLU A 5 -6.80 1.98 7.68
N SER A 6 -6.06 2.94 7.16
CA SER A 6 -6.45 3.67 5.95
C SER A 6 -5.31 4.55 5.47
N ILE A 7 -5.29 4.86 4.18
CA ILE A 7 -4.24 5.69 3.62
C ILE A 7 -4.82 6.85 2.81
N ARG A 8 -4.33 8.06 3.09
CA ARG A 8 -4.79 9.25 2.39
C ARG A 8 -3.63 9.99 1.73
N PHE A 9 -3.31 9.59 0.50
CA PHE A 9 -2.23 10.22 -0.24
C PHE A 9 -2.77 11.34 -1.12
N GLY A 10 -3.21 12.43 -0.49
CA GLY A 10 -3.75 13.54 -1.23
C GLY A 10 -5.24 13.40 -1.48
N PRO A 11 -5.74 13.92 -2.61
CA PRO A 11 -7.16 13.84 -2.96
C PRO A 11 -7.62 12.40 -3.20
N ASN A 12 -6.66 11.48 -3.32
CA ASN A 12 -6.98 10.07 -3.57
C ASN A 12 -6.87 9.25 -2.29
N VAL A 13 -8.03 8.90 -1.72
CA VAL A 13 -8.07 8.09 -0.51
C VAL A 13 -8.23 6.62 -0.86
N PHE A 14 -7.63 5.74 -0.06
CA PHE A 14 -7.72 4.31 -0.30
C PHE A 14 -8.00 3.54 0.97
N TYR A 15 -9.21 3.00 1.06
CA TYR A 15 -9.62 2.23 2.23
C TYR A 15 -9.09 0.80 2.13
N VAL A 16 -8.16 0.46 3.00
CA VAL A 16 -7.55 -0.87 3.02
C VAL A 16 -8.61 -1.97 3.17
N LEU A 17 -9.77 -1.60 3.70
CA LEU A 17 -10.85 -2.56 3.90
C LEU A 17 -11.79 -2.63 2.70
N LYS A 18 -11.86 -1.55 1.94
CA LYS A 18 -12.73 -1.50 0.76
C LYS A 18 -11.95 -1.76 -0.52
N LEU A 19 -10.66 -1.46 -0.51
CA LEU A 19 -9.81 -1.67 -1.67
C LEU A 19 -10.28 -0.81 -2.84
N THR A 20 -10.77 0.39 -2.53
CA THR A 20 -11.27 1.31 -3.55
C THR A 20 -10.65 2.69 -3.39
N VAL A 21 -9.82 3.09 -4.36
CA VAL A 21 -9.17 4.38 -4.32
C VAL A 21 -10.06 5.47 -4.92
N GLU A 22 -10.53 6.37 -4.06
CA GLU A 22 -11.40 7.46 -4.50
C GLU A 22 -10.62 8.46 -5.35
N THR A 23 -11.26 8.95 -6.41
CA THR A 23 -10.64 9.92 -7.30
C THR A 23 -11.55 11.13 -7.52
N PRO A 24 -10.96 12.31 -7.79
CA PRO A 24 -11.71 13.54 -8.02
C PRO A 24 -12.90 13.33 -8.95
N GLU A 25 -12.72 12.47 -9.95
CA GLU A 25 -13.78 12.18 -10.91
C GLU A 25 -14.65 11.02 -10.43
N GLY A 26 -14.01 9.90 -10.13
CA GLY A 26 -14.74 8.73 -9.67
C GLY A 26 -13.92 7.88 -8.71
N SER A 27 -13.77 6.61 -9.04
CA SER A 27 -13.00 5.68 -8.21
C SER A 27 -12.07 4.82 -9.04
N VAL A 28 -11.09 4.21 -8.40
CA VAL A 28 -10.13 3.35 -9.08
C VAL A 28 -10.04 1.99 -8.42
N HIS A 29 -10.63 0.98 -9.06
CA HIS A 29 -10.60 -0.37 -8.52
C HIS A 29 -9.25 -1.04 -8.79
N LEU A 30 -8.72 -1.70 -7.77
CA LEU A 30 -7.43 -2.38 -7.90
C LEU A 30 -7.49 -3.78 -7.30
N THR A 31 -6.45 -4.57 -7.54
CA THR A 31 -6.37 -5.93 -7.02
C THR A 31 -5.80 -5.93 -5.61
N PRO A 32 -6.37 -6.75 -4.70
CA PRO A 32 -5.91 -6.82 -3.32
C PRO A 32 -4.51 -7.43 -3.20
N SER A 33 -4.11 -8.16 -4.22
CA SER A 33 -2.79 -8.78 -4.24
C SER A 33 -1.73 -7.74 -4.56
N GLU A 34 -2.07 -6.83 -5.45
CA GLU A 34 -1.15 -5.76 -5.83
C GLU A 34 -1.20 -4.65 -4.81
N SER A 35 -2.40 -4.36 -4.34
CA SER A 35 -2.58 -3.36 -3.32
C SER A 35 -2.19 -3.94 -1.96
N GLY A 36 -1.97 -5.26 -1.94
CA GLY A 36 -1.57 -5.92 -0.72
C GLY A 36 -0.11 -5.68 -0.42
N ILE A 37 0.69 -5.54 -1.47
CA ILE A 37 2.13 -5.31 -1.29
C ILE A 37 2.36 -3.93 -0.71
N LEU A 38 1.68 -2.95 -1.29
CA LEU A 38 1.78 -1.58 -0.83
C LEU A 38 1.10 -1.43 0.53
N LYS A 39 0.23 -2.40 0.83
CA LYS A 39 -0.50 -2.41 2.10
C LYS A 39 0.42 -2.84 3.23
N ARG A 40 1.27 -3.81 2.96
CA ARG A 40 2.20 -4.30 3.97
C ARG A 40 3.22 -3.24 4.32
N LEU A 41 3.62 -2.46 3.32
CA LEU A 41 4.57 -1.39 3.53
C LEU A 41 3.86 -0.17 4.11
N LEU A 42 2.54 -0.15 4.00
CA LEU A 42 1.73 0.93 4.54
C LEU A 42 1.58 0.78 6.04
N ILE A 43 1.62 -0.46 6.51
CA ILE A 43 1.50 -0.73 7.94
C ILE A 43 2.69 -0.14 8.68
N ASN A 44 3.84 -0.11 8.00
CA ASN A 44 5.05 0.44 8.59
C ASN A 44 5.16 1.92 8.26
N LYS A 45 4.79 2.25 7.03
CA LYS A 45 4.82 3.63 6.56
C LYS A 45 6.19 4.27 6.75
N GLY A 46 7.05 4.12 5.73
CA GLY A 46 8.37 4.69 5.77
C GLY A 46 9.36 3.86 6.57
N GLN A 47 9.42 2.56 6.28
CA GLN A 47 10.33 1.67 6.96
C GLN A 47 11.19 0.90 5.97
N LEU A 48 12.37 0.49 6.39
CA LEU A 48 13.28 -0.24 5.52
C LEU A 48 12.76 -1.64 5.25
N CYS A 49 12.45 -1.91 3.98
CA CYS A 49 11.93 -3.22 3.57
C CYS A 49 12.71 -3.76 2.39
N LEU A 50 13.92 -4.24 2.67
CA LEU A 50 14.80 -4.80 1.64
C LEU A 50 14.03 -5.71 0.68
N ARG A 51 14.66 -6.05 -0.44
CA ARG A 51 14.05 -6.92 -1.44
C ARG A 51 13.42 -8.14 -0.79
N LYS A 52 14.26 -8.97 -0.18
CA LYS A 52 13.80 -10.18 0.49
C LYS A 52 12.69 -9.90 1.49
N HIS A 53 12.53 -8.63 1.86
CA HIS A 53 11.48 -8.26 2.80
C HIS A 53 10.19 -7.91 2.05
N LEU A 54 10.31 -7.74 0.74
CA LEU A 54 9.16 -7.41 -0.10
C LEU A 54 8.48 -8.67 -0.61
N LEU A 55 9.25 -9.72 -0.85
CA LEU A 55 8.67 -10.97 -1.32
C LEU A 55 8.22 -11.81 -0.13
N GLU A 56 8.60 -11.39 1.08
CA GLU A 56 8.21 -12.10 2.29
C GLU A 56 6.86 -11.60 2.79
N GLU A 57 6.54 -10.35 2.48
CA GLU A 57 5.25 -9.78 2.90
C GLU A 57 4.13 -10.23 1.98
N ILE A 58 4.49 -10.58 0.75
CA ILE A 58 3.50 -11.09 -0.20
C ILE A 58 3.42 -12.60 -0.06
N LYS A 59 4.49 -13.19 0.45
CA LYS A 59 4.56 -14.62 0.66
C LYS A 59 3.70 -15.01 1.86
N ASN A 60 3.54 -14.09 2.80
CA ASN A 60 2.73 -14.33 3.97
C ASN A 60 1.30 -13.85 3.74
N HIS A 61 0.86 -13.93 2.49
CA HIS A 61 -0.47 -13.50 2.11
C HIS A 61 -0.86 -14.06 0.74
N ALA A 62 0.00 -13.82 -0.25
CA ALA A 62 -0.23 -14.31 -1.61
C ALA A 62 0.89 -13.89 -2.55
N LYS A 63 1.94 -14.72 -2.63
CA LYS A 63 3.08 -14.44 -3.49
C LYS A 63 3.00 -15.24 -4.78
N ALA A 64 1.78 -15.44 -5.26
CA ALA A 64 1.55 -16.19 -6.49
C ALA A 64 0.27 -15.77 -7.18
N ILE A 65 -0.02 -14.47 -7.12
CA ILE A 65 -1.23 -13.95 -7.75
C ILE A 65 -1.07 -13.95 -9.27
N VAL A 66 -1.13 -15.15 -9.85
CA VAL A 66 -0.98 -15.33 -11.29
C VAL A 66 0.19 -14.51 -11.83
N ALA A 67 1.28 -14.46 -11.07
CA ALA A 67 2.46 -13.72 -11.47
C ALA A 67 3.71 -14.61 -11.41
N ARG A 68 4.87 -14.00 -11.62
CA ARG A 68 6.13 -14.75 -11.60
C ARG A 68 7.00 -14.32 -10.42
N ASN A 69 6.85 -13.08 -10.01
CA ASN A 69 7.63 -12.54 -8.89
C ASN A 69 6.95 -11.30 -8.30
N VAL A 70 7.55 -10.76 -7.24
CA VAL A 70 7.01 -9.56 -6.60
C VAL A 70 7.59 -8.30 -7.21
N ASP A 71 8.77 -8.41 -7.79
CA ASP A 71 9.42 -7.26 -8.42
C ASP A 71 8.58 -6.74 -9.58
N VAL A 72 8.47 -7.55 -10.61
CA VAL A 72 7.69 -7.18 -11.78
C VAL A 72 6.25 -6.85 -11.39
N HIS A 73 5.82 -7.38 -10.25
CA HIS A 73 4.49 -7.11 -9.75
C HIS A 73 4.38 -5.68 -9.24
N ILE A 74 5.51 -5.15 -8.78
CA ILE A 74 5.55 -3.78 -8.29
C ILE A 74 5.24 -2.80 -9.41
N ALA A 75 5.57 -3.19 -10.63
CA ALA A 75 5.33 -2.35 -11.79
C ALA A 75 3.83 -2.20 -12.04
N SER A 76 3.15 -3.32 -12.16
CA SER A 76 1.71 -3.32 -12.37
C SER A 76 1.02 -2.61 -11.21
N LEU A 77 1.70 -2.58 -10.07
CA LEU A 77 1.18 -1.93 -8.89
C LEU A 77 1.01 -0.45 -9.15
N ARG A 78 2.01 0.12 -9.84
CA ARG A 78 2.00 1.54 -10.16
C ARG A 78 0.73 1.93 -10.91
N LYS A 79 0.10 0.96 -11.56
CA LYS A 79 -1.12 1.22 -12.32
C LYS A 79 -2.36 1.12 -11.43
N LYS A 80 -2.25 0.41 -10.32
CA LYS A 80 -3.37 0.25 -9.41
C LYS A 80 -3.39 1.35 -8.36
N LEU A 81 -2.28 1.48 -7.65
CA LEU A 81 -2.15 2.46 -6.60
C LEU A 81 -1.76 3.84 -7.13
N GLY A 82 -1.22 3.88 -8.34
CA GLY A 82 -0.82 5.16 -8.93
C GLY A 82 0.68 5.40 -8.86
N ALA A 83 1.05 6.56 -8.31
CA ALA A 83 2.46 6.93 -8.18
C ALA A 83 3.09 6.35 -6.92
N TYR A 84 2.26 6.00 -5.95
CA TYR A 84 2.73 5.43 -4.70
C TYR A 84 3.60 4.20 -4.96
N GLY A 85 3.39 3.57 -6.11
CA GLY A 85 4.18 2.40 -6.45
C GLY A 85 5.64 2.75 -6.60
N SER A 86 5.91 4.00 -6.94
CA SER A 86 7.28 4.48 -7.10
C SER A 86 7.91 4.76 -5.74
N ARG A 87 7.08 4.98 -4.73
CA ARG A 87 7.56 5.25 -3.38
C ARG A 87 8.64 4.24 -2.98
N ILE A 88 8.51 3.02 -3.49
CA ILE A 88 9.48 1.96 -3.19
C ILE A 88 10.87 2.37 -3.68
N VAL A 89 11.61 3.07 -2.83
CA VAL A 89 12.95 3.53 -3.16
C VAL A 89 13.96 2.38 -3.15
N THR A 90 14.89 2.39 -4.09
CA THR A 90 15.90 1.35 -4.19
C THR A 90 17.30 1.95 -4.01
N LEU A 91 17.88 1.74 -2.83
CA LEU A 91 19.20 2.27 -2.52
C LEU A 91 20.29 1.23 -2.83
N ARG A 92 21.41 1.70 -3.38
CA ARG A 92 22.52 0.82 -3.71
C ARG A 92 23.47 0.68 -2.53
N GLY A 93 23.00 0.00 -1.49
CA GLY A 93 23.80 -0.21 -0.30
C GLY A 93 23.00 -0.79 0.84
N VAL A 94 21.74 -0.39 0.94
CA VAL A 94 20.86 -0.88 1.99
C VAL A 94 19.71 -1.69 1.40
N GLY A 95 19.23 -1.27 0.24
CA GLY A 95 18.14 -1.98 -0.41
C GLY A 95 16.90 -1.12 -0.59
N TYR A 96 15.73 -1.76 -0.49
CA TYR A 96 14.47 -1.07 -0.63
C TYR A 96 14.21 -0.15 0.55
N LEU A 97 13.86 1.11 0.27
CA LEU A 97 13.59 2.07 1.33
C LEU A 97 12.27 2.79 1.10
N PHE A 98 11.50 2.92 2.16
CA PHE A 98 10.21 3.59 2.11
C PHE A 98 10.38 5.07 2.48
N SER A 99 10.53 5.91 1.46
CA SER A 99 10.73 7.34 1.67
C SER A 99 9.49 8.13 1.26
N ASP A 100 8.61 8.40 2.21
CA ASP A 100 7.40 9.16 1.94
C ASP A 100 7.10 10.13 3.08
N ASP A 101 7.05 9.59 4.29
CA ASP A 101 6.77 10.39 5.47
C ASP A 101 7.25 9.67 6.73
N GLY A 102 6.55 8.59 7.09
CA GLY A 102 6.92 7.84 8.27
C GLY A 102 5.74 7.55 9.19
N ASP A 103 4.86 8.54 9.34
CA ASP A 103 3.69 8.39 10.19
C ASP A 103 2.79 7.25 9.71
N LYS A 104 2.29 6.46 10.65
CA LYS A 104 1.41 5.34 10.33
C LYS A 104 0.05 5.84 9.86
N LYS A 105 -0.89 4.90 9.71
CA LYS A 105 -2.23 5.25 9.27
C LYS A 105 -3.07 5.78 10.42
N PHE A 106 -2.81 7.02 10.82
CA PHE A 106 -3.54 7.64 11.91
C PHE A 106 -5.00 7.90 11.52
N SER A 107 -5.92 7.53 12.41
CA SER A 107 -7.34 7.71 12.17
C SER A 107 -7.73 9.19 12.30
N GLN A 108 -8.16 9.78 11.19
CA GLN A 108 -8.55 11.18 11.19
C GLN A 108 -9.93 11.37 11.80
N GLN A 109 -10.95 10.88 11.11
CA GLN A 109 -12.33 11.00 11.60
C GLN A 109 -12.48 10.40 12.99
N ASP A 110 -13.45 10.92 13.75
CA ASP A 110 -13.69 10.44 15.10
C ASP A 110 -15.16 10.59 15.48
N THR A 111 -15.73 11.73 15.12
CA THR A 111 -17.13 12.02 15.41
C THR A 111 -18.04 10.95 14.84
N LYS A 112 -19.30 10.94 15.29
CA LYS A 112 -20.28 9.96 14.83
C LYS A 112 -21.70 10.44 15.10
N LEU A 113 -22.52 10.45 14.06
CA LEU A 113 -23.90 10.90 14.19
C LEU A 113 -24.69 9.99 15.13
N SER A 114 -25.59 10.58 15.90
CA SER A 114 -26.41 9.83 16.85
C SER A 114 -27.30 8.82 16.12
N LEU A 115 -27.39 7.61 16.68
CA LEU A 115 -28.20 6.56 16.09
C LEU A 115 -29.68 6.79 16.39
N GLU A 116 -30.53 5.88 15.91
CA GLU A 116 -31.96 5.98 16.12
C GLU A 116 -32.51 7.29 15.55
N HIS A 1 -2.52 6.56 19.66
CA HIS A 1 -2.03 6.40 18.27
C HIS A 1 -3.20 6.21 17.29
N SER A 2 -2.88 6.21 16.00
CA SER A 2 -3.91 6.03 14.97
C SER A 2 -3.53 4.91 14.01
N VAL A 3 -4.51 4.41 13.29
CA VAL A 3 -4.28 3.32 12.32
C VAL A 3 -4.42 3.83 10.89
N PRO A 4 -3.34 3.78 10.09
CA PRO A 4 -3.36 4.23 8.70
C PRO A 4 -4.39 3.49 7.85
N GLU A 5 -5.65 3.93 7.93
CA GLU A 5 -6.73 3.32 7.18
C GLU A 5 -6.99 4.06 5.88
N SER A 6 -6.00 4.82 5.44
CA SER A 6 -6.10 5.59 4.20
C SER A 6 -4.74 6.16 3.82
N ILE A 7 -4.61 6.60 2.57
CA ILE A 7 -3.36 7.18 2.11
C ILE A 7 -3.59 8.14 0.95
N ARG A 8 -4.12 9.32 1.26
CA ARG A 8 -4.38 10.33 0.25
C ARG A 8 -3.09 11.03 -0.16
N PHE A 9 -2.58 10.70 -1.34
CA PHE A 9 -1.35 11.30 -1.85
C PHE A 9 -1.66 12.30 -2.95
N GLY A 10 -1.70 13.57 -2.59
CA GLY A 10 -1.99 14.61 -3.57
C GLY A 10 -3.43 14.60 -4.02
N PRO A 11 -3.70 15.00 -5.27
CA PRO A 11 -5.07 15.02 -5.81
C PRO A 11 -5.66 13.61 -5.95
N ASN A 12 -4.79 12.61 -5.87
CA ASN A 12 -5.22 11.22 -5.99
C ASN A 12 -5.23 10.54 -4.62
N VAL A 13 -6.42 10.21 -4.13
CA VAL A 13 -6.55 9.54 -2.85
C VAL A 13 -6.71 8.03 -3.03
N PHE A 14 -6.31 7.27 -2.02
CA PHE A 14 -6.42 5.81 -2.09
C PHE A 14 -7.05 5.24 -0.83
N TYR A 15 -8.18 4.55 -1.00
CA TYR A 15 -8.88 3.96 0.12
C TYR A 15 -8.50 2.48 0.28
N VAL A 16 -7.67 2.20 1.28
CA VAL A 16 -7.23 0.83 1.53
C VAL A 16 -8.39 -0.13 1.71
N LEU A 17 -9.57 0.40 2.04
CA LEU A 17 -10.76 -0.43 2.23
C LEU A 17 -11.69 -0.37 1.02
N LYS A 18 -11.47 0.59 0.15
CA LYS A 18 -12.31 0.75 -1.04
C LYS A 18 -11.61 0.20 -2.29
N LEU A 19 -10.29 0.36 -2.34
CA LEU A 19 -9.51 -0.13 -3.48
C LEU A 19 -9.88 0.65 -4.75
N THR A 20 -10.30 1.89 -4.58
CA THR A 20 -10.68 2.74 -5.71
C THR A 20 -10.10 4.14 -5.57
N VAL A 21 -9.04 4.42 -6.33
CA VAL A 21 -8.40 5.72 -6.28
C VAL A 21 -9.25 6.78 -6.96
N GLU A 22 -9.64 7.81 -6.21
CA GLU A 22 -10.46 8.88 -6.75
C GLU A 22 -9.63 9.82 -7.61
N THR A 23 -9.53 9.50 -8.90
CA THR A 23 -8.77 10.31 -9.83
C THR A 23 -9.59 11.49 -10.33
N PRO A 24 -8.94 12.48 -10.97
CA PRO A 24 -9.61 13.67 -11.49
C PRO A 24 -10.33 13.41 -12.82
N GLU A 25 -10.21 12.17 -13.32
CA GLU A 25 -10.85 11.81 -14.58
C GLU A 25 -11.72 10.55 -14.41
N GLY A 26 -12.27 10.38 -13.21
CA GLY A 26 -13.11 9.23 -12.95
C GLY A 26 -12.61 8.43 -11.75
N SER A 27 -12.12 7.22 -12.01
CA SER A 27 -11.62 6.36 -10.94
C SER A 27 -10.58 5.38 -11.49
N VAL A 28 -9.91 4.68 -10.58
CA VAL A 28 -8.88 3.71 -10.97
C VAL A 28 -8.97 2.45 -10.12
N HIS A 29 -9.31 1.34 -10.77
CA HIS A 29 -9.42 0.05 -10.07
C HIS A 29 -8.10 -0.69 -10.12
N LEU A 30 -7.97 -1.74 -9.30
CA LEU A 30 -6.75 -2.52 -9.26
C LEU A 30 -6.95 -3.80 -8.45
N THR A 31 -5.96 -4.69 -8.50
CA THR A 31 -6.02 -5.95 -7.77
C THR A 31 -5.65 -5.71 -6.30
N PRO A 32 -6.45 -6.26 -5.36
CA PRO A 32 -6.19 -6.08 -3.93
C PRO A 32 -4.96 -6.83 -3.45
N SER A 33 -4.41 -7.69 -4.31
CA SER A 33 -3.21 -8.44 -3.95
C SER A 33 -1.97 -7.58 -4.09
N GLU A 34 -1.87 -6.91 -5.22
CA GLU A 34 -0.75 -6.03 -5.48
C GLU A 34 -0.98 -4.70 -4.80
N SER A 35 -2.25 -4.31 -4.71
CA SER A 35 -2.61 -3.09 -4.04
C SER A 35 -2.74 -3.36 -2.55
N GLY A 36 -2.76 -4.65 -2.20
CA GLY A 36 -2.83 -5.04 -0.80
C GLY A 36 -1.51 -4.85 -0.11
N ILE A 37 -0.42 -4.99 -0.86
CA ILE A 37 0.91 -4.82 -0.29
C ILE A 37 1.08 -3.39 0.20
N LEU A 38 0.37 -2.47 -0.43
CA LEU A 38 0.42 -1.07 -0.05
C LEU A 38 -0.36 -0.84 1.26
N LYS A 39 -1.16 -1.85 1.63
CA LYS A 39 -1.96 -1.76 2.83
C LYS A 39 -1.13 -2.09 4.07
N ARG A 40 -0.18 -3.00 3.92
CA ARG A 40 0.68 -3.39 5.03
C ARG A 40 1.80 -2.38 5.21
N LEU A 41 2.16 -1.71 4.12
CA LEU A 41 3.22 -0.71 4.17
C LEU A 41 2.66 0.62 4.69
N LEU A 42 1.36 0.81 4.53
CA LEU A 42 0.71 2.03 4.99
C LEU A 42 0.54 1.99 6.51
N ILE A 43 0.49 0.79 7.07
CA ILE A 43 0.34 0.64 8.51
C ILE A 43 1.59 1.11 9.21
N ASN A 44 2.74 0.91 8.58
CA ASN A 44 4.01 1.33 9.13
C ASN A 44 4.38 2.72 8.61
N LYS A 45 4.20 2.89 7.31
CA LYS A 45 4.49 4.17 6.66
C LYS A 45 5.92 4.61 6.94
N GLY A 46 6.82 4.25 6.03
CA GLY A 46 8.21 4.59 6.16
C GLY A 46 8.93 3.74 7.19
N GLN A 47 9.57 2.67 6.72
CA GLN A 47 10.30 1.76 7.59
C GLN A 47 11.22 0.86 6.78
N LEU A 48 12.38 0.53 7.34
CA LEU A 48 13.34 -0.32 6.66
C LEU A 48 12.84 -1.75 6.58
N CYS A 49 12.64 -2.23 5.35
CA CYS A 49 12.16 -3.59 5.13
C CYS A 49 12.38 -4.01 3.68
N LEU A 50 13.51 -4.67 3.43
CA LEU A 50 13.85 -5.14 2.09
C LEU A 50 12.64 -5.74 1.37
N ARG A 51 12.72 -5.84 0.06
CA ARG A 51 11.63 -6.38 -0.75
C ARG A 51 11.22 -7.76 -0.27
N LYS A 52 12.13 -8.45 0.40
CA LYS A 52 11.84 -9.79 0.91
C LYS A 52 10.79 -9.73 2.01
N HIS A 53 11.04 -8.88 2.98
CA HIS A 53 10.12 -8.70 4.10
C HIS A 53 8.72 -8.42 3.59
N LEU A 54 8.64 -7.79 2.42
CA LEU A 54 7.36 -7.47 1.81
C LEU A 54 6.59 -8.75 1.51
N LEU A 55 7.33 -9.85 1.32
CA LEU A 55 6.72 -11.14 1.05
C LEU A 55 5.85 -11.56 2.21
N GLU A 56 6.25 -11.17 3.41
CA GLU A 56 5.52 -11.49 4.61
C GLU A 56 4.28 -10.61 4.76
N GLU A 57 4.21 -9.54 3.96
CA GLU A 57 3.08 -8.63 4.00
C GLU A 57 2.00 -9.07 3.02
N ILE A 58 2.42 -9.66 1.92
CA ILE A 58 1.48 -10.15 0.92
C ILE A 58 1.05 -11.57 1.28
N LYS A 59 1.92 -12.26 1.99
CA LYS A 59 1.65 -13.62 2.43
C LYS A 59 0.75 -13.61 3.67
N ASN A 60 0.80 -12.52 4.43
CA ASN A 60 0.00 -12.39 5.63
C ASN A 60 -1.29 -11.64 5.33
N HIS A 61 -1.79 -11.79 4.09
CA HIS A 61 -3.02 -11.13 3.67
C HIS A 61 -3.54 -11.73 2.37
N ALA A 62 -2.73 -11.61 1.32
CA ALA A 62 -3.11 -12.14 0.01
C ALA A 62 -2.03 -11.87 -1.02
N LYS A 63 -1.16 -12.84 -1.23
CA LYS A 63 -0.07 -12.71 -2.20
C LYS A 63 -0.55 -13.09 -3.60
N ALA A 64 -1.63 -12.44 -4.05
CA ALA A 64 -2.20 -12.71 -5.37
C ALA A 64 -2.61 -14.17 -5.49
N ILE A 65 -3.07 -14.75 -4.38
CA ILE A 65 -3.50 -16.13 -4.34
C ILE A 65 -2.56 -17.05 -5.13
N VAL A 66 -1.45 -17.42 -4.51
CA VAL A 66 -0.46 -18.29 -5.14
C VAL A 66 -0.13 -17.80 -6.56
N ALA A 67 0.90 -16.97 -6.67
CA ALA A 67 1.32 -16.44 -7.96
C ALA A 67 2.82 -16.65 -8.18
N ARG A 68 3.33 -16.07 -9.26
CA ARG A 68 4.75 -16.19 -9.58
C ARG A 68 5.62 -15.54 -8.51
N ASN A 69 5.48 -14.24 -8.37
CA ASN A 69 6.24 -13.48 -7.38
C ASN A 69 5.54 -12.17 -7.04
N VAL A 70 5.99 -11.53 -5.97
CA VAL A 70 5.39 -10.27 -5.55
C VAL A 70 6.10 -9.09 -6.19
N ASP A 71 7.37 -9.26 -6.49
CA ASP A 71 8.17 -8.21 -7.12
C ASP A 71 7.62 -7.89 -8.50
N VAL A 72 7.12 -8.91 -9.17
CA VAL A 72 6.56 -8.74 -10.50
C VAL A 72 5.13 -8.21 -10.41
N HIS A 73 4.49 -8.47 -9.29
CA HIS A 73 3.13 -8.00 -9.05
C HIS A 73 3.14 -6.53 -8.65
N ILE A 74 4.24 -6.11 -8.02
CA ILE A 74 4.38 -4.73 -7.59
C ILE A 74 4.60 -3.83 -8.80
N ALA A 75 5.16 -4.40 -9.86
CA ALA A 75 5.43 -3.66 -11.08
C ALA A 75 4.13 -3.27 -11.77
N SER A 76 3.19 -4.20 -11.79
CA SER A 76 1.89 -3.96 -12.40
C SER A 76 1.10 -2.99 -11.54
N LEU A 77 1.37 -3.03 -10.23
CA LEU A 77 0.70 -2.14 -9.29
C LEU A 77 1.11 -0.70 -9.57
N ARG A 78 2.32 -0.53 -10.08
CA ARG A 78 2.85 0.79 -10.41
C ARG A 78 1.98 1.45 -11.47
N LYS A 79 1.32 0.63 -12.28
CA LYS A 79 0.46 1.13 -13.33
C LYS A 79 -0.83 1.71 -12.76
N LYS A 80 -1.54 0.90 -12.00
CA LYS A 80 -2.78 1.32 -11.39
C LYS A 80 -2.52 2.28 -10.23
N LEU A 81 -1.67 1.84 -9.32
CA LEU A 81 -1.31 2.65 -8.15
C LEU A 81 -0.51 3.87 -8.57
N GLY A 82 0.73 3.65 -9.00
CA GLY A 82 1.58 4.75 -9.41
C GLY A 82 2.34 5.36 -8.25
N ALA A 83 1.62 5.72 -7.19
CA ALA A 83 2.23 6.31 -6.00
C ALA A 83 3.11 5.30 -5.28
N TYR A 84 2.45 4.33 -4.68
CA TYR A 84 3.14 3.27 -3.93
C TYR A 84 4.23 2.63 -4.78
N GLY A 85 3.96 2.46 -6.07
CA GLY A 85 4.93 1.86 -6.96
C GLY A 85 6.31 2.48 -6.80
N SER A 86 6.34 3.79 -6.62
CA SER A 86 7.58 4.51 -6.43
C SER A 86 7.93 4.59 -4.93
N ARG A 87 6.91 4.41 -4.09
CA ARG A 87 7.10 4.45 -2.65
C ARG A 87 8.14 3.43 -2.19
N ILE A 88 8.24 2.33 -2.93
CA ILE A 88 9.21 1.28 -2.60
C ILE A 88 10.63 1.75 -2.89
N VAL A 89 11.26 2.38 -1.89
CA VAL A 89 12.62 2.88 -2.04
C VAL A 89 13.63 1.74 -1.97
N THR A 90 14.17 1.37 -3.14
CA THR A 90 15.16 0.30 -3.20
C THR A 90 16.56 0.83 -2.89
N LEU A 91 16.85 1.01 -1.61
CA LEU A 91 18.15 1.51 -1.17
C LEU A 91 19.24 0.47 -1.41
N ARG A 92 20.19 0.79 -2.29
CA ARG A 92 21.29 -0.11 -2.59
C ARG A 92 22.23 -0.23 -1.41
N GLY A 93 21.84 -1.05 -0.43
CA GLY A 93 22.66 -1.24 0.75
C GLY A 93 21.84 -1.43 2.01
N VAL A 94 20.67 -0.79 2.04
CA VAL A 94 19.78 -0.89 3.19
C VAL A 94 18.68 -1.92 2.95
N GLY A 95 17.90 -1.70 1.90
CA GLY A 95 16.82 -2.62 1.57
C GLY A 95 15.67 -1.93 0.87
N TYR A 96 14.50 -1.94 1.51
CA TYR A 96 13.31 -1.31 0.93
C TYR A 96 12.71 -0.31 1.91
N LEU A 97 12.88 0.98 1.63
CA LEU A 97 12.33 2.01 2.49
C LEU A 97 11.09 2.64 1.87
N PHE A 98 10.15 3.04 2.72
CA PHE A 98 8.92 3.65 2.25
C PHE A 98 8.99 5.17 2.42
N SER A 99 9.48 5.84 1.38
CA SER A 99 9.65 7.30 1.39
C SER A 99 8.49 8.03 2.07
N ASP A 100 8.75 9.28 2.43
CA ASP A 100 7.76 10.12 3.10
C ASP A 100 6.76 10.70 2.10
N ASP A 101 7.12 10.65 0.83
CA ASP A 101 6.30 11.16 -0.28
C ASP A 101 4.88 10.57 -0.29
N GLY A 102 4.18 10.65 0.84
CA GLY A 102 2.82 10.12 0.92
C GLY A 102 2.55 9.44 2.25
N ASP A 103 2.39 10.26 3.29
CA ASP A 103 2.13 9.76 4.63
C ASP A 103 0.64 9.56 4.86
N LYS A 104 0.30 8.86 5.94
CA LYS A 104 -1.08 8.59 6.30
C LYS A 104 -1.84 9.90 6.56
N LYS A 105 -3.06 9.77 7.07
CA LYS A 105 -3.87 10.93 7.38
C LYS A 105 -4.66 10.72 8.67
N PHE A 106 -4.44 11.59 9.64
CA PHE A 106 -5.12 11.50 10.92
C PHE A 106 -6.64 11.61 10.74
N SER A 107 -7.39 11.03 11.67
CA SER A 107 -8.84 11.06 11.61
C SER A 107 -9.44 11.01 13.01
N GLN A 108 -10.73 11.28 13.11
CA GLN A 108 -11.42 11.26 14.39
C GLN A 108 -11.34 9.87 15.03
N GLN A 109 -12.14 8.94 14.52
CA GLN A 109 -12.15 7.58 15.03
C GLN A 109 -10.79 6.91 14.85
N ASP A 110 -10.72 5.62 15.16
CA ASP A 110 -9.48 4.87 15.02
C ASP A 110 -9.76 3.43 14.63
N THR A 111 -10.34 2.68 15.55
CA THR A 111 -10.68 1.29 15.31
C THR A 111 -11.74 0.81 16.30
N LYS A 112 -12.94 0.54 15.79
CA LYS A 112 -14.03 0.09 16.62
C LYS A 112 -14.69 -1.15 16.03
N LEU A 113 -13.97 -2.27 16.06
CA LEU A 113 -14.48 -3.53 15.53
C LEU A 113 -15.71 -3.99 16.30
N SER A 114 -16.86 -3.45 15.94
CA SER A 114 -18.12 -3.80 16.59
C SER A 114 -18.37 -5.31 16.52
N LEU A 115 -19.21 -5.81 17.41
CA LEU A 115 -19.54 -7.23 17.45
C LEU A 115 -20.18 -7.66 16.14
N GLU A 116 -21.12 -6.87 15.65
CA GLU A 116 -21.82 -7.19 14.41
C GLU A 116 -22.29 -5.91 13.71
N HIS A 1 -5.46 -7.68 12.50
CA HIS A 1 -4.13 -7.59 11.85
C HIS A 1 -4.06 -6.43 10.87
N SER A 2 -5.11 -6.29 10.04
CA SER A 2 -5.16 -5.22 9.06
C SER A 2 -6.51 -5.21 8.35
N VAL A 3 -7.33 -4.21 8.66
CA VAL A 3 -8.65 -4.09 8.06
C VAL A 3 -8.75 -2.81 7.22
N PRO A 4 -8.38 -2.88 5.93
CA PRO A 4 -8.43 -1.72 5.03
C PRO A 4 -9.86 -1.24 4.81
N GLU A 5 -10.08 0.06 4.99
CA GLU A 5 -11.41 0.64 4.81
C GLU A 5 -11.51 1.37 3.47
N SER A 6 -10.54 2.22 3.21
CA SER A 6 -10.51 2.99 1.97
C SER A 6 -9.18 3.72 1.82
N ILE A 7 -8.88 4.16 0.59
CA ILE A 7 -7.65 4.88 0.32
C ILE A 7 -7.89 6.08 -0.59
N ARG A 8 -8.56 7.10 -0.04
CA ARG A 8 -8.85 8.30 -0.80
C ARG A 8 -7.69 9.28 -0.74
N PHE A 9 -7.07 9.52 -1.90
CA PHE A 9 -5.94 10.43 -1.98
C PHE A 9 -6.12 11.42 -3.13
N GLY A 10 -6.48 12.65 -2.79
CA GLY A 10 -6.68 13.67 -3.81
C GLY A 10 -7.75 13.29 -4.80
N PRO A 11 -7.66 13.79 -6.05
CA PRO A 11 -8.65 13.49 -7.10
C PRO A 11 -8.81 11.99 -7.33
N ASN A 12 -7.80 11.22 -6.94
CA ASN A 12 -7.84 9.77 -7.11
C ASN A 12 -8.34 9.07 -5.86
N VAL A 13 -9.09 8.00 -6.06
CA VAL A 13 -9.63 7.22 -4.95
C VAL A 13 -9.31 5.73 -5.12
N PHE A 14 -9.00 5.06 -4.03
CA PHE A 14 -8.67 3.64 -4.07
C PHE A 14 -9.54 2.84 -3.09
N TYR A 15 -10.32 1.92 -3.63
CA TYR A 15 -11.20 1.09 -2.81
C TYR A 15 -10.53 -0.25 -2.50
N VAL A 16 -10.33 -0.53 -1.21
CA VAL A 16 -9.71 -1.77 -0.78
C VAL A 16 -10.58 -2.99 -1.14
N LEU A 17 -11.84 -2.74 -1.46
CA LEU A 17 -12.75 -3.83 -1.80
C LEU A 17 -13.00 -3.87 -3.31
N LYS A 18 -13.20 -2.71 -3.92
CA LYS A 18 -13.45 -2.64 -5.35
C LYS A 18 -12.14 -2.67 -6.14
N LEU A 19 -11.09 -2.06 -5.58
CA LEU A 19 -9.80 -2.03 -6.22
C LEU A 19 -9.86 -1.24 -7.54
N THR A 20 -10.57 -0.12 -7.51
CA THR A 20 -10.71 0.72 -8.69
C THR A 20 -10.18 2.14 -8.41
N VAL A 21 -9.58 2.75 -9.43
CA VAL A 21 -9.03 4.10 -9.29
C VAL A 21 -9.94 5.12 -9.95
N GLU A 22 -10.54 5.99 -9.14
CA GLU A 22 -11.43 7.03 -9.65
C GLU A 22 -10.65 8.20 -10.22
N THR A 23 -10.11 8.01 -11.42
CA THR A 23 -9.32 9.04 -12.08
C THR A 23 -10.23 10.11 -12.67
N PRO A 24 -10.00 11.39 -12.33
CA PRO A 24 -10.81 12.51 -12.84
C PRO A 24 -11.08 12.40 -14.33
N GLU A 25 -10.14 11.80 -15.06
CA GLU A 25 -10.28 11.62 -16.51
C GLU A 25 -11.17 10.42 -16.83
N GLY A 26 -10.98 9.34 -16.09
CA GLY A 26 -11.77 8.14 -16.31
C GLY A 26 -11.67 7.16 -15.16
N SER A 27 -11.09 5.99 -15.43
CA SER A 27 -10.94 4.96 -14.41
C SER A 27 -9.80 4.00 -14.77
N VAL A 28 -9.16 3.46 -13.74
CA VAL A 28 -8.05 2.54 -13.95
C VAL A 28 -8.22 1.26 -13.12
N HIS A 29 -7.93 0.12 -13.72
CA HIS A 29 -8.05 -1.16 -13.05
C HIS A 29 -6.67 -1.70 -12.66
N LEU A 30 -6.65 -2.76 -11.86
CA LEU A 30 -5.39 -3.36 -11.42
C LEU A 30 -5.64 -4.74 -10.81
N THR A 31 -4.57 -5.54 -10.74
CA THR A 31 -4.66 -6.87 -10.16
C THR A 31 -4.75 -6.80 -8.64
N PRO A 32 -5.57 -7.64 -8.02
CA PRO A 32 -5.74 -7.64 -6.56
C PRO A 32 -4.49 -8.12 -5.82
N SER A 33 -3.70 -8.93 -6.49
CA SER A 33 -2.46 -9.44 -5.91
C SER A 33 -1.38 -8.39 -5.95
N GLU A 34 -1.42 -7.57 -6.99
CA GLU A 34 -0.45 -6.49 -7.14
C GLU A 34 -0.94 -5.28 -6.39
N SER A 35 -2.24 -5.04 -6.46
CA SER A 35 -2.84 -3.93 -5.75
C SER A 35 -2.92 -4.28 -4.27
N GLY A 36 -2.79 -5.58 -3.98
CA GLY A 36 -2.82 -6.02 -2.60
C GLY A 36 -1.60 -5.57 -1.83
N ILE A 37 -0.47 -5.50 -2.53
CA ILE A 37 0.77 -5.06 -1.90
C ILE A 37 0.63 -3.61 -1.44
N LEU A 38 0.04 -2.80 -2.29
CA LEU A 38 -0.19 -1.41 -1.97
C LEU A 38 -1.28 -1.28 -0.91
N LYS A 39 -2.11 -2.32 -0.82
CA LYS A 39 -3.21 -2.34 0.14
C LYS A 39 -2.70 -2.59 1.55
N ARG A 40 -1.71 -3.47 1.66
CA ARG A 40 -1.14 -3.77 2.97
C ARG A 40 -0.16 -2.70 3.41
N LEU A 41 0.38 -1.97 2.44
CA LEU A 41 1.30 -0.89 2.73
C LEU A 41 0.55 0.39 3.05
N LEU A 42 -0.70 0.47 2.57
CA LEU A 42 -1.53 1.63 2.83
C LEU A 42 -2.01 1.61 4.28
N ILE A 43 -2.09 0.42 4.85
CA ILE A 43 -2.52 0.27 6.23
C ILE A 43 -1.53 0.99 7.16
N ASN A 44 -0.26 0.99 6.76
CA ASN A 44 0.78 1.64 7.55
C ASN A 44 0.85 3.11 7.17
N LYS A 45 1.06 3.36 5.89
CA LYS A 45 1.14 4.72 5.35
C LYS A 45 2.11 5.58 6.16
N GLY A 46 3.39 5.51 5.81
CA GLY A 46 4.39 6.29 6.50
C GLY A 46 5.00 5.54 7.67
N GLN A 47 5.34 4.28 7.45
CA GLN A 47 5.94 3.46 8.49
C GLN A 47 7.21 2.78 7.99
N LEU A 48 8.26 2.82 8.80
CA LEU A 48 9.52 2.21 8.42
C LEU A 48 9.42 0.69 8.42
N CYS A 49 9.03 0.13 7.27
CA CYS A 49 8.89 -1.32 7.14
C CYS A 49 9.90 -1.86 6.14
N LEU A 50 11.03 -2.34 6.66
CA LEU A 50 12.10 -2.90 5.82
C LEU A 50 11.54 -3.77 4.72
N ARG A 51 12.34 -3.96 3.66
CA ARG A 51 11.94 -4.78 2.53
C ARG A 51 11.47 -6.15 3.00
N LYS A 52 12.24 -6.73 3.91
CA LYS A 52 11.92 -8.04 4.46
C LYS A 52 10.57 -8.02 5.16
N HIS A 53 10.11 -6.83 5.52
CA HIS A 53 8.84 -6.66 6.19
C HIS A 53 7.71 -6.61 5.16
N LEU A 54 8.01 -6.03 4.01
CA LEU A 54 7.04 -5.92 2.94
C LEU A 54 6.73 -7.29 2.39
N LEU A 55 7.76 -8.11 2.25
CA LEU A 55 7.59 -9.47 1.76
C LEU A 55 6.82 -10.33 2.76
N GLU A 56 6.67 -9.82 3.99
CA GLU A 56 5.97 -10.55 5.03
C GLU A 56 4.46 -10.31 4.95
N GLU A 57 4.06 -9.18 4.35
CA GLU A 57 2.65 -8.86 4.23
C GLU A 57 2.05 -9.49 2.97
N ILE A 58 2.91 -9.75 1.99
CA ILE A 58 2.46 -10.40 0.77
C ILE A 58 2.55 -11.90 0.94
N LYS A 59 3.46 -12.32 1.83
CA LYS A 59 3.64 -13.73 2.14
C LYS A 59 2.42 -14.27 2.85
N ASN A 60 1.77 -13.42 3.64
CA ASN A 60 0.57 -13.80 4.36
C ASN A 60 -0.68 -13.48 3.55
N HIS A 61 -0.60 -13.71 2.24
CA HIS A 61 -1.72 -13.43 1.35
C HIS A 61 -1.48 -14.02 -0.04
N ALA A 62 -0.41 -13.58 -0.69
CA ALA A 62 -0.06 -14.07 -2.02
C ALA A 62 1.27 -13.51 -2.48
N LYS A 63 2.36 -14.15 -2.07
CA LYS A 63 3.70 -13.72 -2.45
C LYS A 63 4.23 -14.56 -3.59
N ALA A 64 3.32 -15.04 -4.43
CA ALA A 64 3.68 -15.87 -5.56
C ALA A 64 2.47 -16.13 -6.44
N ILE A 65 2.52 -17.21 -7.22
CA ILE A 65 1.43 -17.55 -8.12
C ILE A 65 1.07 -16.34 -8.98
N VAL A 66 2.07 -15.50 -9.19
CA VAL A 66 1.92 -14.29 -9.98
C VAL A 66 3.22 -13.48 -10.00
N ALA A 67 4.34 -14.20 -9.96
CA ALA A 67 5.68 -13.57 -9.97
C ALA A 67 6.70 -14.49 -9.31
N ARG A 68 7.91 -13.98 -9.14
CA ARG A 68 8.99 -14.76 -8.51
C ARG A 68 9.32 -14.20 -7.14
N ASN A 69 9.06 -12.91 -6.94
CA ASN A 69 9.34 -12.25 -5.67
C ASN A 69 8.53 -10.96 -5.54
N VAL A 70 8.70 -10.26 -4.44
CA VAL A 70 7.97 -9.01 -4.21
C VAL A 70 8.75 -7.82 -4.74
N ASP A 71 10.06 -7.87 -4.59
CA ASP A 71 10.94 -6.79 -5.05
C ASP A 71 10.58 -6.36 -6.47
N VAL A 72 10.87 -7.24 -7.42
CA VAL A 72 10.58 -6.96 -8.81
C VAL A 72 9.10 -6.66 -9.01
N HIS A 73 8.28 -7.15 -8.08
CA HIS A 73 6.85 -6.92 -8.12
C HIS A 73 6.53 -5.50 -7.72
N ILE A 74 7.35 -4.95 -6.83
CA ILE A 74 7.17 -3.58 -6.38
C ILE A 74 7.34 -2.62 -7.55
N ALA A 75 8.17 -3.02 -8.51
CA ALA A 75 8.42 -2.21 -9.69
C ALA A 75 7.16 -2.10 -10.53
N SER A 76 6.65 -3.25 -10.96
CA SER A 76 5.43 -3.29 -11.75
C SER A 76 4.28 -2.69 -10.95
N LEU A 77 4.42 -2.76 -9.63
CA LEU A 77 3.42 -2.20 -8.73
C LEU A 77 3.35 -0.70 -8.92
N ARG A 78 4.50 -0.12 -9.27
CA ARG A 78 4.60 1.31 -9.50
C ARG A 78 3.66 1.77 -10.62
N LYS A 79 3.33 0.86 -11.51
CA LYS A 79 2.46 1.18 -12.64
C LYS A 79 0.98 0.98 -12.32
N LYS A 80 0.66 -0.19 -11.80
CA LYS A 80 -0.73 -0.52 -11.47
C LYS A 80 -1.26 0.28 -10.30
N LEU A 81 -0.53 0.23 -9.20
CA LEU A 81 -0.92 0.92 -7.97
C LEU A 81 -1.25 2.40 -8.22
N GLY A 82 -0.70 2.96 -9.29
CA GLY A 82 -0.96 4.35 -9.60
C GLY A 82 0.22 5.27 -9.30
N ALA A 83 -0.02 6.29 -8.48
CA ALA A 83 1.02 7.25 -8.12
C ALA A 83 1.77 6.82 -6.86
N TYR A 84 1.14 5.97 -6.05
CA TYR A 84 1.76 5.50 -4.83
C TYR A 84 3.09 4.81 -5.11
N GLY A 85 3.29 4.38 -6.35
CA GLY A 85 4.52 3.72 -6.73
C GLY A 85 5.74 4.49 -6.28
N SER A 86 5.60 5.81 -6.16
CA SER A 86 6.70 6.67 -5.73
C SER A 86 6.73 6.76 -4.21
N ARG A 87 5.58 6.54 -3.59
CA ARG A 87 5.47 6.60 -2.14
C ARG A 87 6.40 5.58 -1.48
N ILE A 88 6.61 4.45 -2.14
CA ILE A 88 7.48 3.39 -1.62
C ILE A 88 8.94 3.83 -1.66
N VAL A 89 9.43 4.34 -0.52
CA VAL A 89 10.82 4.79 -0.41
C VAL A 89 11.74 3.64 -0.02
N THR A 90 13.01 3.75 -0.41
CA THR A 90 14.00 2.74 -0.08
C THR A 90 15.35 3.38 0.22
N LEU A 91 15.82 3.22 1.45
CA LEU A 91 17.09 3.78 1.87
C LEU A 91 18.02 2.71 2.42
N ARG A 92 19.22 2.61 1.86
CA ARG A 92 20.20 1.63 2.32
C ARG A 92 20.83 2.08 3.62
N GLY A 93 20.04 2.05 4.69
CA GLY A 93 20.51 2.45 6.00
C GLY A 93 19.38 2.62 6.99
N VAL A 94 18.27 3.18 6.52
CA VAL A 94 17.11 3.38 7.38
C VAL A 94 16.05 2.32 7.12
N GLY A 95 16.00 1.84 5.88
CA GLY A 95 15.03 0.81 5.53
C GLY A 95 13.91 1.33 4.64
N TYR A 96 12.97 0.45 4.32
CA TYR A 96 11.84 0.80 3.48
C TYR A 96 10.88 1.73 4.21
N LEU A 97 10.52 2.84 3.55
CA LEU A 97 9.60 3.81 4.14
C LEU A 97 8.59 4.27 3.10
N PHE A 98 7.34 4.42 3.52
CA PHE A 98 6.28 4.86 2.62
C PHE A 98 5.84 6.29 2.95
N SER A 99 6.63 7.26 2.49
CA SER A 99 6.34 8.66 2.75
C SER A 99 5.13 9.13 1.94
N ASP A 100 4.01 9.34 2.63
CA ASP A 100 2.79 9.79 1.97
C ASP A 100 2.06 10.82 2.81
N ASP A 101 1.49 10.35 3.92
CA ASP A 101 0.75 11.22 4.83
C ASP A 101 0.62 10.57 6.20
N GLY A 102 -0.11 9.47 6.26
CA GLY A 102 -0.29 8.76 7.51
C GLY A 102 -1.74 8.68 7.94
N ASP A 103 -2.66 8.81 6.98
CA ASP A 103 -4.08 8.75 7.27
C ASP A 103 -4.60 7.32 7.15
N LYS A 104 -4.20 6.47 8.09
CA LYS A 104 -4.62 5.09 8.10
C LYS A 104 -6.06 4.96 8.59
N LYS A 105 -6.58 3.74 8.56
CA LYS A 105 -7.96 3.48 9.01
C LYS A 105 -8.18 4.02 10.42
N PHE A 106 -9.39 4.51 10.67
CA PHE A 106 -9.73 5.06 11.98
C PHE A 106 -9.64 3.99 13.06
N SER A 107 -8.74 4.19 14.02
CA SER A 107 -8.56 3.24 15.11
C SER A 107 -9.81 3.18 15.98
N GLN A 108 -10.40 1.99 16.10
CA GLN A 108 -11.59 1.80 16.90
C GLN A 108 -11.32 2.12 18.37
N GLN A 109 -10.08 1.90 18.79
CA GLN A 109 -9.69 2.16 20.18
C GLN A 109 -9.93 3.63 20.54
N ASP A 110 -10.80 3.85 21.51
CA ASP A 110 -11.12 5.21 21.95
C ASP A 110 -9.96 5.83 22.73
N THR A 111 -9.05 4.98 23.21
CA THR A 111 -7.89 5.44 23.97
C THR A 111 -7.06 6.41 23.14
N LYS A 112 -7.20 7.70 23.42
CA LYS A 112 -6.46 8.74 22.71
C LYS A 112 -4.96 8.54 22.87
N LEU A 113 -4.24 8.66 21.76
CA LEU A 113 -2.79 8.50 21.78
C LEU A 113 -2.13 9.35 20.69
N SER A 114 -0.93 9.85 20.99
CA SER A 114 -0.20 10.68 20.04
C SER A 114 0.07 9.92 18.75
N LEU A 115 -0.54 10.37 17.65
CA LEU A 115 -0.37 9.74 16.36
C LEU A 115 1.09 9.78 15.92
N GLU A 116 1.74 10.93 16.13
CA GLU A 116 3.14 11.08 15.75
C GLU A 116 3.97 11.57 16.94
N HIS A 1 -13.20 3.02 7.65
CA HIS A 1 -13.49 2.90 9.10
C HIS A 1 -12.25 2.44 9.86
N SER A 2 -11.72 1.29 9.48
CA SER A 2 -10.54 0.73 10.13
C SER A 2 -9.51 0.29 9.11
N VAL A 3 -8.25 0.66 9.33
CA VAL A 3 -7.17 0.30 8.43
C VAL A 3 -7.37 0.96 7.05
N PRO A 4 -6.30 1.52 6.47
CA PRO A 4 -6.39 2.18 5.15
C PRO A 4 -6.62 1.19 4.02
N GLU A 5 -7.72 0.45 4.11
CA GLU A 5 -8.07 -0.52 3.09
C GLU A 5 -8.78 0.15 1.93
N SER A 6 -9.35 1.31 2.18
CA SER A 6 -10.05 2.06 1.15
C SER A 6 -10.19 3.52 1.52
N ILE A 7 -9.68 4.39 0.67
CA ILE A 7 -9.77 5.81 0.92
C ILE A 7 -9.33 6.61 -0.31
N ARG A 8 -9.77 7.86 -0.39
CA ARG A 8 -9.42 8.72 -1.51
C ARG A 8 -8.17 9.54 -1.19
N PHE A 9 -7.12 9.34 -1.97
CA PHE A 9 -5.87 10.06 -1.77
C PHE A 9 -5.66 11.11 -2.85
N GLY A 10 -6.12 12.33 -2.58
CA GLY A 10 -5.98 13.41 -3.53
C GLY A 10 -6.53 13.06 -4.90
N PRO A 11 -5.69 13.08 -5.96
CA PRO A 11 -6.12 12.76 -7.32
C PRO A 11 -6.49 11.29 -7.48
N ASN A 12 -5.63 10.41 -6.95
CA ASN A 12 -5.87 8.98 -7.03
C ASN A 12 -6.68 8.49 -5.84
N VAL A 13 -7.20 7.27 -5.94
CA VAL A 13 -8.00 6.69 -4.87
C VAL A 13 -7.98 5.15 -4.92
N PHE A 14 -7.74 4.53 -3.77
CA PHE A 14 -7.70 3.08 -3.69
C PHE A 14 -9.03 2.54 -3.18
N TYR A 15 -9.43 1.37 -3.66
CA TYR A 15 -10.69 0.78 -3.25
C TYR A 15 -10.48 -0.54 -2.49
N VAL A 16 -11.17 -0.67 -1.37
CA VAL A 16 -11.10 -1.85 -0.51
C VAL A 16 -11.16 -3.14 -1.33
N LEU A 17 -12.29 -3.36 -2.00
CA LEU A 17 -12.47 -4.58 -2.80
C LEU A 17 -12.72 -4.26 -4.27
N LYS A 18 -13.04 -3.00 -4.58
CA LYS A 18 -13.31 -2.60 -5.96
C LYS A 18 -12.13 -2.93 -6.88
N LEU A 19 -10.92 -2.67 -6.39
CA LEU A 19 -9.71 -2.94 -7.17
C LEU A 19 -9.68 -2.04 -8.41
N THR A 20 -9.80 -0.74 -8.19
CA THR A 20 -9.77 0.21 -9.30
C THR A 20 -9.28 1.57 -8.82
N VAL A 21 -8.09 1.95 -9.27
CA VAL A 21 -7.50 3.23 -8.90
C VAL A 21 -7.90 4.33 -9.87
N GLU A 22 -8.71 5.27 -9.39
CA GLU A 22 -9.17 6.37 -10.22
C GLU A 22 -8.01 7.32 -10.54
N THR A 23 -7.89 7.69 -11.81
CA THR A 23 -6.83 8.58 -12.24
C THR A 23 -7.38 9.71 -13.11
N PRO A 24 -6.74 10.89 -13.06
CA PRO A 24 -7.18 12.06 -13.83
C PRO A 24 -7.14 11.79 -15.34
N GLU A 25 -6.39 10.76 -15.73
CA GLU A 25 -6.29 10.39 -17.14
C GLU A 25 -7.40 9.44 -17.55
N GLY A 26 -7.88 8.64 -16.60
CA GLY A 26 -8.95 7.70 -16.87
C GLY A 26 -9.29 6.85 -15.67
N SER A 27 -8.74 5.64 -15.61
CA SER A 27 -8.99 4.72 -14.52
C SER A 27 -7.97 3.59 -14.52
N VAL A 28 -7.97 2.79 -13.45
CA VAL A 28 -7.03 1.68 -13.34
C VAL A 28 -7.74 0.38 -12.96
N HIS A 29 -7.24 -0.73 -13.47
CA HIS A 29 -7.81 -2.04 -13.19
C HIS A 29 -6.70 -3.10 -13.13
N LEU A 30 -6.66 -3.85 -12.04
CA LEU A 30 -5.63 -4.88 -11.87
C LEU A 30 -5.99 -5.86 -10.75
N THR A 31 -5.22 -6.94 -10.64
CA THR A 31 -5.45 -7.96 -9.63
C THR A 31 -5.14 -7.44 -8.23
N PRO A 32 -5.98 -7.77 -7.25
CA PRO A 32 -5.81 -7.32 -5.86
C PRO A 32 -4.46 -7.71 -5.27
N SER A 33 -3.76 -8.62 -5.92
CA SER A 33 -2.45 -9.06 -5.43
C SER A 33 -1.40 -7.97 -5.59
N GLU A 34 -1.55 -7.17 -6.64
CA GLU A 34 -0.60 -6.09 -6.89
C GLU A 34 -0.96 -4.89 -6.04
N SER A 35 -2.23 -4.53 -6.06
CA SER A 35 -2.69 -3.43 -5.25
C SER A 35 -2.74 -3.87 -3.79
N GLY A 36 -2.57 -5.18 -3.55
CA GLY A 36 -2.58 -5.70 -2.21
C GLY A 36 -1.28 -5.47 -1.49
N ILE A 37 -0.18 -5.45 -2.26
CA ILE A 37 1.14 -5.21 -1.67
C ILE A 37 1.28 -3.77 -1.24
N LEU A 38 0.69 -2.87 -2.01
CA LEU A 38 0.72 -1.45 -1.70
C LEU A 38 -0.23 -1.15 -0.54
N LYS A 39 -1.19 -2.05 -0.34
CA LYS A 39 -2.16 -1.90 0.74
C LYS A 39 -1.49 -2.11 2.09
N ARG A 40 -0.53 -3.02 2.11
CA ARG A 40 0.20 -3.31 3.35
C ARG A 40 1.07 -2.13 3.73
N LEU A 41 1.56 -1.43 2.73
CA LEU A 41 2.39 -0.26 2.97
C LEU A 41 1.51 0.95 3.27
N LEU A 42 0.24 0.87 2.84
CA LEU A 42 -0.71 1.94 3.09
C LEU A 42 -1.12 1.94 4.55
N ILE A 43 -1.11 0.76 5.15
CA ILE A 43 -1.47 0.62 6.55
C ILE A 43 -0.46 1.36 7.44
N ASN A 44 0.76 1.53 6.92
CA ASN A 44 1.80 2.22 7.67
C ASN A 44 1.97 3.65 7.16
N LYS A 45 2.13 3.78 5.86
CA LYS A 45 2.29 5.08 5.23
C LYS A 45 3.42 5.88 5.90
N GLY A 46 4.64 5.69 5.40
CA GLY A 46 5.78 6.40 5.96
C GLY A 46 6.45 5.62 7.08
N GLN A 47 6.80 4.37 6.80
CA GLN A 47 7.45 3.52 7.79
C GLN A 47 8.59 2.73 7.17
N LEU A 48 9.40 2.08 8.02
CA LEU A 48 10.52 1.29 7.54
C LEU A 48 10.17 -0.18 7.45
N CYS A 49 10.28 -0.75 6.25
CA CYS A 49 9.98 -2.16 6.02
C CYS A 49 10.85 -2.72 4.90
N LEU A 50 11.99 -3.30 5.29
CA LEU A 50 12.91 -3.88 4.32
C LEU A 50 12.19 -4.78 3.33
N ARG A 51 12.88 -5.13 2.25
CA ARG A 51 12.30 -6.00 1.23
C ARG A 51 11.84 -7.32 1.83
N LYS A 52 12.71 -7.94 2.59
CA LYS A 52 12.41 -9.21 3.24
C LYS A 52 11.20 -9.07 4.15
N HIS A 53 10.92 -7.84 4.55
CA HIS A 53 9.78 -7.56 5.41
C HIS A 53 8.51 -7.45 4.58
N LEU A 54 8.66 -6.88 3.39
CA LEU A 54 7.54 -6.71 2.49
C LEU A 54 7.09 -8.06 1.94
N LEU A 55 8.06 -8.88 1.58
CA LEU A 55 7.75 -10.21 1.07
C LEU A 55 7.15 -11.08 2.16
N GLU A 56 7.48 -10.75 3.41
CA GLU A 56 6.97 -11.49 4.55
C GLU A 56 5.47 -11.23 4.74
N GLU A 57 5.01 -10.08 4.29
CA GLU A 57 3.60 -9.74 4.40
C GLU A 57 2.81 -10.29 3.22
N ILE A 58 3.47 -10.40 2.08
CA ILE A 58 2.83 -10.94 0.90
C ILE A 58 3.00 -12.45 0.86
N LYS A 59 4.01 -12.93 1.58
CA LYS A 59 4.27 -14.37 1.66
C LYS A 59 3.31 -15.01 2.64
N ASN A 60 2.90 -14.24 3.65
CA ASN A 60 1.97 -14.73 4.65
C ASN A 60 0.54 -14.45 4.20
N HIS A 61 0.29 -14.65 2.90
CA HIS A 61 -1.03 -14.41 2.33
C HIS A 61 -1.06 -14.87 0.86
N ALA A 62 0.04 -14.62 0.15
CA ALA A 62 0.14 -15.00 -1.25
C ALA A 62 1.59 -14.89 -1.75
N LYS A 63 2.42 -15.85 -1.36
CA LYS A 63 3.82 -15.86 -1.77
C LYS A 63 3.96 -16.25 -3.24
N ALA A 64 4.63 -15.40 -4.01
CA ALA A 64 4.84 -15.66 -5.43
C ALA A 64 3.55 -16.07 -6.13
N ILE A 65 2.56 -15.18 -6.11
CA ILE A 65 1.28 -15.44 -6.73
C ILE A 65 1.43 -15.62 -8.24
N VAL A 66 1.79 -16.84 -8.65
CA VAL A 66 1.97 -17.15 -10.07
C VAL A 66 2.74 -16.06 -10.80
N ALA A 67 3.75 -15.51 -10.13
CA ALA A 67 4.58 -14.46 -10.71
C ALA A 67 6.05 -14.76 -10.54
N ARG A 68 6.90 -13.81 -10.91
CA ARG A 68 8.35 -13.98 -10.80
C ARG A 68 8.83 -13.68 -9.39
N ASN A 69 8.68 -12.43 -8.99
CA ASN A 69 9.09 -11.98 -7.67
C ASN A 69 8.17 -10.87 -7.15
N VAL A 70 8.31 -10.53 -5.88
CA VAL A 70 7.49 -9.49 -5.28
C VAL A 70 8.07 -8.11 -5.53
N ASP A 71 9.36 -8.06 -5.83
CA ASP A 71 10.03 -6.79 -6.10
C ASP A 71 9.68 -6.28 -7.48
N VAL A 72 9.67 -7.19 -8.45
CA VAL A 72 9.34 -6.84 -9.81
C VAL A 72 7.87 -6.45 -9.93
N HIS A 73 7.08 -6.93 -8.99
CA HIS A 73 5.65 -6.61 -8.95
C HIS A 73 5.44 -5.17 -8.54
N ILE A 74 6.37 -4.64 -7.76
CA ILE A 74 6.30 -3.26 -7.30
C ILE A 74 6.42 -2.31 -8.48
N ALA A 75 7.13 -2.74 -9.51
CA ALA A 75 7.32 -1.93 -10.70
C ALA A 75 6.02 -1.76 -11.44
N SER A 76 5.35 -2.86 -11.72
CA SER A 76 4.07 -2.84 -12.41
C SER A 76 3.04 -2.11 -11.56
N LEU A 77 3.27 -2.13 -10.24
CA LEU A 77 2.38 -1.45 -9.33
C LEU A 77 2.42 0.04 -9.59
N ARG A 78 3.62 0.53 -9.89
CA ARG A 78 3.80 1.94 -10.17
C ARG A 78 2.83 2.42 -11.24
N LYS A 79 2.40 1.49 -12.09
CA LYS A 79 1.46 1.82 -13.15
C LYS A 79 0.05 1.97 -12.61
N LYS A 80 -0.44 0.91 -11.99
CA LYS A 80 -1.78 0.92 -11.43
C LYS A 80 -1.84 1.84 -10.21
N LEU A 81 -0.98 1.58 -9.26
CA LEU A 81 -0.91 2.37 -8.04
C LEU A 81 -0.73 3.85 -8.36
N GLY A 82 0.27 4.16 -9.18
CA GLY A 82 0.54 5.53 -9.55
C GLY A 82 1.86 6.04 -9.01
N ALA A 83 1.89 7.30 -8.61
CA ALA A 83 3.11 7.91 -8.08
C ALA A 83 3.49 7.30 -6.72
N TYR A 84 2.54 6.60 -6.10
CA TYR A 84 2.78 5.97 -4.81
C TYR A 84 3.62 4.70 -4.96
N GLY A 85 3.60 4.11 -6.15
CA GLY A 85 4.38 2.91 -6.38
C GLY A 85 5.84 3.17 -6.22
N SER A 86 6.27 4.38 -6.57
CA SER A 86 7.66 4.77 -6.44
C SER A 86 7.99 5.10 -4.99
N ARG A 87 6.94 5.22 -4.16
CA ARG A 87 7.13 5.53 -2.74
C ARG A 87 8.09 4.55 -2.09
N ILE A 88 8.06 3.30 -2.54
CA ILE A 88 8.96 2.27 -2.00
C ILE A 88 10.41 2.72 -2.12
N VAL A 89 10.91 3.42 -1.10
CA VAL A 89 12.27 3.92 -1.10
C VAL A 89 13.28 2.84 -0.72
N THR A 90 14.14 2.48 -1.68
CA THR A 90 15.16 1.47 -1.45
C THR A 90 16.45 2.12 -0.96
N LEU A 91 16.57 2.28 0.36
CA LEU A 91 17.75 2.89 0.96
C LEU A 91 18.87 1.88 1.15
N ARG A 92 20.00 2.11 0.49
CA ARG A 92 21.14 1.22 0.59
C ARG A 92 21.77 1.33 1.98
N GLY A 93 21.05 0.83 2.97
CA GLY A 93 21.54 0.87 4.34
C GLY A 93 20.41 0.81 5.33
N VAL A 94 19.29 1.45 5.00
CA VAL A 94 18.12 1.45 5.86
C VAL A 94 17.16 0.34 5.46
N GLY A 95 17.06 0.10 4.15
CA GLY A 95 16.17 -0.93 3.64
C GLY A 95 15.10 -0.37 2.74
N TYR A 96 13.85 -0.57 3.13
CA TYR A 96 12.72 -0.08 2.34
C TYR A 96 11.84 0.84 3.17
N LEU A 97 11.88 2.14 2.84
CA LEU A 97 11.09 3.13 3.58
C LEU A 97 10.12 3.84 2.65
N PHE A 98 8.91 3.30 2.53
CA PHE A 98 7.88 3.89 1.68
C PHE A 98 7.40 5.21 2.28
N SER A 99 8.26 6.22 2.20
CA SER A 99 7.94 7.54 2.75
C SER A 99 6.83 8.21 1.96
N ASP A 100 5.70 8.46 2.63
CA ASP A 100 4.56 9.10 1.99
C ASP A 100 4.01 10.25 2.84
N ASP A 101 3.22 9.89 3.84
CA ASP A 101 2.63 10.87 4.73
C ASP A 101 2.19 10.23 6.05
N GLY A 102 1.23 9.30 5.96
CA GLY A 102 0.75 8.63 7.15
C GLY A 102 -0.76 8.74 7.31
N ASP A 103 -1.45 9.15 6.25
CA ASP A 103 -2.91 9.29 6.29
C ASP A 103 -3.58 7.92 6.30
N LYS A 104 -3.70 7.33 7.49
CA LYS A 104 -4.31 6.03 7.64
C LYS A 104 -5.71 6.14 8.24
N LYS A 105 -6.60 5.23 7.86
CA LYS A 105 -7.96 5.24 8.37
C LYS A 105 -7.99 5.09 9.88
N PHE A 106 -7.89 6.21 10.58
CA PHE A 106 -7.90 6.21 12.05
C PHE A 106 -9.18 5.58 12.58
N SER A 107 -9.07 4.34 13.04
CA SER A 107 -10.23 3.63 13.58
C SER A 107 -10.78 4.34 14.82
N GLN A 108 -11.99 3.98 15.21
CA GLN A 108 -12.63 4.57 16.38
C GLN A 108 -11.81 4.32 17.64
N GLN A 109 -11.58 3.04 17.94
CA GLN A 109 -10.81 2.66 19.12
C GLN A 109 -9.40 3.23 19.05
N ASP A 110 -9.12 4.21 19.90
CA ASP A 110 -7.80 4.85 19.94
C ASP A 110 -7.22 4.81 21.35
N THR A 111 -7.87 5.51 22.25
CA THR A 111 -7.44 5.58 23.64
C THR A 111 -8.57 6.03 24.55
N LYS A 112 -8.45 5.73 25.84
CA LYS A 112 -9.47 6.11 26.81
C LYS A 112 -9.64 7.62 26.87
N LEU A 113 -10.53 8.14 26.01
CA LEU A 113 -10.79 9.56 25.96
C LEU A 113 -11.34 10.07 27.30
N SER A 114 -11.04 11.32 27.62
CA SER A 114 -11.52 11.91 28.87
C SER A 114 -13.04 11.93 28.92
N LEU A 115 -13.60 11.14 29.84
CA LEU A 115 -15.04 11.06 30.00
C LEU A 115 -15.63 12.42 30.38
N GLU A 116 -16.82 12.71 29.87
CA GLU A 116 -17.48 13.97 30.16
C GLU A 116 -18.23 13.91 31.48
N HIS A 1 2.18 4.19 21.11
CA HIS A 1 1.49 3.53 19.98
C HIS A 1 1.62 4.34 18.70
N SER A 2 1.93 3.66 17.59
CA SER A 2 2.08 4.33 16.31
C SER A 2 1.88 3.34 15.16
N VAL A 3 0.76 3.45 14.47
CA VAL A 3 0.45 2.57 13.36
C VAL A 3 -0.60 3.19 12.44
N PRO A 4 -0.19 3.75 11.29
CA PRO A 4 -1.10 4.38 10.34
C PRO A 4 -2.03 3.36 9.68
N GLU A 5 -2.95 3.86 8.86
CA GLU A 5 -3.90 3.00 8.17
C GLU A 5 -4.32 3.61 6.83
N SER A 6 -4.96 4.75 6.90
CA SER A 6 -5.42 5.46 5.71
C SER A 6 -4.25 6.03 4.93
N ILE A 7 -4.52 6.45 3.70
CA ILE A 7 -3.48 7.01 2.84
C ILE A 7 -3.94 8.32 2.20
N ARG A 8 -3.01 9.25 1.99
CA ARG A 8 -3.33 10.53 1.39
C ARG A 8 -2.11 11.14 0.71
N PHE A 9 -2.04 10.99 -0.61
CA PHE A 9 -0.92 11.52 -1.38
C PHE A 9 -1.41 12.42 -2.50
N GLY A 10 -1.93 13.59 -2.14
CA GLY A 10 -2.43 14.52 -3.12
C GLY A 10 -3.92 14.34 -3.38
N PRO A 11 -4.41 14.80 -4.55
CA PRO A 11 -5.84 14.67 -4.90
C PRO A 11 -6.34 13.23 -4.82
N ASN A 12 -5.41 12.27 -4.90
CA ASN A 12 -5.77 10.87 -4.84
C ASN A 12 -5.74 10.35 -3.40
N VAL A 13 -6.56 9.35 -3.13
CA VAL A 13 -6.64 8.76 -1.80
C VAL A 13 -6.60 7.24 -1.87
N PHE A 14 -6.26 6.59 -0.76
CA PHE A 14 -6.20 5.14 -0.71
C PHE A 14 -6.69 4.60 0.63
N TYR A 15 -7.61 3.65 0.57
CA TYR A 15 -8.16 3.04 1.79
C TYR A 15 -7.68 1.61 1.95
N VAL A 16 -6.81 1.39 2.93
CA VAL A 16 -6.27 0.06 3.20
C VAL A 16 -7.38 -0.97 3.42
N LEU A 17 -8.56 -0.49 3.80
CA LEU A 17 -9.70 -1.37 4.05
C LEU A 17 -10.69 -1.33 2.89
N LYS A 18 -10.99 -0.13 2.41
CA LYS A 18 -11.93 0.05 1.31
C LYS A 18 -11.36 -0.52 0.01
N LEU A 19 -10.06 -0.32 -0.21
CA LEU A 19 -9.40 -0.80 -1.41
C LEU A 19 -9.96 -0.12 -2.65
N THR A 20 -10.25 1.17 -2.53
CA THR A 20 -10.78 1.94 -3.64
C THR A 20 -10.21 3.36 -3.64
N VAL A 21 -9.40 3.66 -4.65
CA VAL A 21 -8.78 4.98 -4.77
C VAL A 21 -9.82 6.04 -5.13
N GLU A 22 -9.94 7.06 -4.28
CA GLU A 22 -10.90 8.13 -4.52
C GLU A 22 -10.32 9.18 -5.47
N THR A 23 -10.67 9.05 -6.74
CA THR A 23 -10.18 9.99 -7.76
C THR A 23 -11.11 11.19 -7.88
N PRO A 24 -10.64 12.26 -8.54
CA PRO A 24 -11.44 13.49 -8.72
C PRO A 24 -12.83 13.20 -9.26
N GLU A 25 -12.94 12.21 -10.14
CA GLU A 25 -14.21 11.84 -10.74
C GLU A 25 -15.12 11.19 -9.70
N GLY A 26 -14.59 10.20 -8.99
CA GLY A 26 -15.37 9.51 -7.97
C GLY A 26 -14.55 8.50 -7.20
N SER A 27 -14.23 7.38 -7.86
CA SER A 27 -13.44 6.33 -7.22
C SER A 27 -12.80 5.43 -8.28
N VAL A 28 -11.90 4.55 -7.84
CA VAL A 28 -11.22 3.64 -8.74
C VAL A 28 -11.00 2.28 -8.09
N HIS A 29 -11.51 1.23 -8.73
CA HIS A 29 -11.37 -0.13 -8.22
C HIS A 29 -10.02 -0.72 -8.62
N LEU A 30 -9.54 -1.66 -7.81
CA LEU A 30 -8.25 -2.30 -8.09
C LEU A 30 -8.13 -3.61 -7.33
N THR A 31 -7.10 -4.40 -7.66
CA THR A 31 -6.87 -5.67 -6.99
C THR A 31 -6.43 -5.45 -5.54
N PRO A 32 -7.09 -6.11 -4.59
CA PRO A 32 -6.76 -5.97 -3.17
C PRO A 32 -5.48 -6.71 -2.79
N SER A 33 -5.13 -7.70 -3.57
CA SER A 33 -3.92 -8.48 -3.32
C SER A 33 -2.70 -7.66 -3.69
N GLU A 34 -2.82 -6.86 -4.73
CA GLU A 34 -1.74 -6.01 -5.17
C GLU A 34 -1.68 -4.80 -4.28
N SER A 35 -2.83 -4.19 -4.06
CA SER A 35 -2.93 -3.03 -3.20
C SER A 35 -2.53 -3.43 -1.78
N GLY A 36 -2.55 -4.74 -1.51
CA GLY A 36 -2.17 -5.22 -0.20
C GLY A 36 -0.69 -5.00 0.07
N ILE A 37 0.10 -5.07 -1.00
CA ILE A 37 1.54 -4.86 -0.88
C ILE A 37 1.83 -3.43 -0.44
N LEU A 38 1.11 -2.50 -1.03
CA LEU A 38 1.27 -1.09 -0.70
C LEU A 38 0.71 -0.82 0.69
N LYS A 39 -0.25 -1.66 1.09
CA LYS A 39 -0.86 -1.54 2.40
C LYS A 39 0.10 -1.99 3.49
N ARG A 40 0.96 -2.94 3.13
CA ARG A 40 1.94 -3.46 4.09
C ARG A 40 3.06 -2.44 4.31
N LEU A 41 3.49 -1.81 3.23
CA LEU A 41 4.53 -0.80 3.30
C LEU A 41 3.99 0.46 3.97
N LEU A 42 2.67 0.60 3.96
CA LEU A 42 2.01 1.75 4.58
C LEU A 42 2.02 1.62 6.10
N ILE A 43 2.13 0.39 6.58
CA ILE A 43 2.16 0.15 8.02
C ILE A 43 3.50 0.55 8.61
N ASN A 44 4.56 0.49 7.80
CA ASN A 44 5.89 0.85 8.23
C ASN A 44 6.16 2.32 7.95
N LYS A 45 5.80 2.75 6.75
CA LYS A 45 6.00 4.13 6.32
C LYS A 45 7.41 4.61 6.63
N GLY A 46 8.33 4.32 5.72
CA GLY A 46 9.72 4.73 5.90
C GLY A 46 10.47 3.81 6.83
N GLN A 47 10.99 2.72 6.27
CA GLN A 47 11.76 1.74 7.04
C GLN A 47 12.42 0.73 6.10
N LEU A 48 13.54 0.17 6.54
CA LEU A 48 14.27 -0.80 5.74
C LEU A 48 13.49 -2.11 5.62
N CYS A 49 13.00 -2.40 4.43
CA CYS A 49 12.23 -3.61 4.18
C CYS A 49 12.65 -4.28 2.87
N LEU A 50 13.57 -5.22 2.96
CA LEU A 50 14.06 -5.94 1.78
C LEU A 50 12.89 -6.46 0.94
N ARG A 51 13.22 -7.04 -0.21
CA ARG A 51 12.20 -7.58 -1.10
C ARG A 51 11.89 -9.03 -0.78
N LYS A 52 12.90 -9.74 -0.32
CA LYS A 52 12.73 -11.14 0.03
C LYS A 52 11.78 -11.28 1.20
N HIS A 53 12.19 -10.76 2.34
CA HIS A 53 11.36 -10.80 3.52
C HIS A 53 9.98 -10.22 3.23
N LEU A 54 9.91 -9.36 2.23
CA LEU A 54 8.64 -8.77 1.85
C LEU A 54 7.68 -9.87 1.42
N LEU A 55 8.26 -10.97 0.92
CA LEU A 55 7.46 -12.10 0.48
C LEU A 55 6.70 -12.74 1.64
N GLU A 56 7.08 -12.41 2.86
CA GLU A 56 6.43 -12.96 4.04
C GLU A 56 5.23 -12.12 4.45
N GLU A 57 5.19 -10.87 4.00
CA GLU A 57 4.09 -9.97 4.32
C GLU A 57 2.98 -10.07 3.29
N ILE A 58 3.35 -10.41 2.07
CA ILE A 58 2.38 -10.56 1.00
C ILE A 58 1.89 -12.01 0.95
N LYS A 59 2.70 -12.91 1.50
CA LYS A 59 2.33 -14.33 1.55
C LYS A 59 1.45 -14.61 2.76
N ASN A 60 1.57 -13.76 3.79
CA ASN A 60 0.77 -13.92 4.99
C ASN A 60 -0.51 -13.09 4.89
N HIS A 61 -1.08 -13.04 3.68
CA HIS A 61 -2.29 -12.29 3.43
C HIS A 61 -2.87 -12.65 2.07
N ALA A 62 -2.01 -12.67 1.06
CA ALA A 62 -2.42 -13.01 -0.30
C ALA A 62 -1.26 -12.83 -1.27
N LYS A 63 -0.49 -13.90 -1.48
CA LYS A 63 0.65 -13.85 -2.39
C LYS A 63 0.18 -13.72 -3.83
N ALA A 64 -0.44 -12.59 -4.15
CA ALA A 64 -0.94 -12.34 -5.49
C ALA A 64 -1.92 -13.43 -5.92
N ILE A 65 -3.22 -13.12 -5.89
CA ILE A 65 -4.24 -14.07 -6.28
C ILE A 65 -4.57 -13.94 -7.76
N VAL A 66 -3.57 -13.56 -8.54
CA VAL A 66 -3.73 -13.40 -9.97
C VAL A 66 -2.41 -13.01 -10.63
N ALA A 67 -1.32 -13.58 -10.14
CA ALA A 67 0.00 -13.30 -10.67
C ALA A 67 0.97 -14.45 -10.42
N ARG A 68 2.26 -14.21 -10.63
CA ARG A 68 3.27 -15.24 -10.43
C ARG A 68 4.22 -14.87 -9.28
N ASN A 69 4.30 -13.58 -8.97
CA ASN A 69 5.16 -13.11 -7.90
C ASN A 69 4.67 -11.77 -7.36
N VAL A 70 5.37 -11.25 -6.34
CA VAL A 70 4.99 -9.98 -5.74
C VAL A 70 5.69 -8.81 -6.44
N ASP A 71 6.91 -9.06 -6.89
CA ASP A 71 7.69 -8.04 -7.58
C ASP A 71 7.04 -7.63 -8.88
N VAL A 72 6.38 -8.58 -9.52
CA VAL A 72 5.69 -8.33 -10.76
C VAL A 72 4.35 -7.67 -10.50
N HIS A 73 3.73 -8.05 -9.40
CA HIS A 73 2.45 -7.49 -9.01
C HIS A 73 2.64 -6.09 -8.43
N ILE A 74 3.83 -5.83 -7.91
CA ILE A 74 4.15 -4.53 -7.35
C ILE A 74 4.33 -3.52 -8.47
N ALA A 75 4.91 -3.98 -9.57
CA ALA A 75 5.15 -3.14 -10.74
C ALA A 75 3.85 -2.67 -11.35
N SER A 76 2.89 -3.57 -11.49
CA SER A 76 1.60 -3.23 -12.05
C SER A 76 0.78 -2.48 -11.02
N LEU A 77 0.97 -2.85 -9.78
CA LEU A 77 0.27 -2.20 -8.68
C LEU A 77 0.82 -0.79 -8.52
N ARG A 78 2.08 -0.61 -8.92
CA ARG A 78 2.72 0.70 -8.85
C ARG A 78 1.94 1.72 -9.66
N LYS A 79 1.26 1.23 -10.70
CA LYS A 79 0.47 2.10 -11.56
C LYS A 79 -0.95 2.27 -11.02
N LYS A 80 -1.37 1.35 -10.16
CA LYS A 80 -2.70 1.41 -9.57
C LYS A 80 -2.75 2.45 -8.45
N LEU A 81 -1.98 2.19 -7.41
CA LEU A 81 -1.92 3.07 -6.25
C LEU A 81 -1.36 4.44 -6.61
N GLY A 82 -0.47 4.48 -7.60
CA GLY A 82 0.11 5.75 -8.02
C GLY A 82 1.58 5.86 -7.69
N ALA A 83 2.04 7.09 -7.44
CA ALA A 83 3.45 7.33 -7.12
C ALA A 83 3.87 6.60 -5.85
N TYR A 84 2.89 6.26 -5.02
CA TYR A 84 3.17 5.55 -3.76
C TYR A 84 3.85 4.21 -4.06
N GLY A 85 3.57 3.66 -5.23
CA GLY A 85 4.17 2.40 -5.62
C GLY A 85 5.67 2.53 -5.77
N SER A 86 6.11 3.57 -6.48
CA SER A 86 7.53 3.81 -6.68
C SER A 86 8.23 4.06 -5.34
N ARG A 87 7.45 4.31 -4.30
CA ARG A 87 8.01 4.57 -2.97
C ARG A 87 9.00 3.48 -2.56
N ILE A 88 8.87 2.29 -3.15
CA ILE A 88 9.78 1.20 -2.82
C ILE A 88 11.18 1.52 -3.32
N VAL A 89 11.96 2.20 -2.48
CA VAL A 89 13.32 2.59 -2.85
C VAL A 89 14.24 1.39 -2.92
N THR A 90 14.66 1.05 -4.13
CA THR A 90 15.56 -0.08 -4.35
C THR A 90 17.01 0.38 -4.34
N LEU A 91 17.56 0.58 -3.15
CA LEU A 91 18.94 1.04 -3.00
C LEU A 91 19.92 -0.05 -3.42
N ARG A 92 20.93 0.32 -4.19
CA ARG A 92 21.94 -0.62 -4.65
C ARG A 92 22.91 -0.96 -3.53
N GLY A 93 22.43 -1.73 -2.56
CA GLY A 93 23.27 -2.12 -1.43
C GLY A 93 22.49 -2.23 -0.14
N VAL A 94 21.44 -1.43 -0.02
CA VAL A 94 20.61 -1.44 1.17
C VAL A 94 19.44 -2.41 1.01
N GLY A 95 18.83 -2.39 -0.16
CA GLY A 95 17.71 -3.26 -0.42
C GLY A 95 16.47 -2.50 -0.84
N TYR A 96 15.42 -2.59 -0.04
CA TYR A 96 14.17 -1.89 -0.34
C TYR A 96 13.77 -0.98 0.81
N LEU A 97 13.88 0.32 0.60
CA LEU A 97 13.53 1.29 1.62
C LEU A 97 12.32 2.13 1.23
N PHE A 98 11.55 2.52 2.22
CA PHE A 98 10.40 3.36 2.01
C PHE A 98 10.79 4.80 2.30
N SER A 99 10.99 5.57 1.24
CA SER A 99 11.40 6.97 1.35
C SER A 99 10.72 7.68 2.51
N ASP A 100 11.38 8.71 3.02
CA ASP A 100 10.88 9.49 4.15
C ASP A 100 9.52 10.10 3.85
N ASP A 101 9.21 10.26 2.57
CA ASP A 101 7.93 10.87 2.15
C ASP A 101 6.78 10.38 3.03
N GLY A 102 6.41 9.11 2.87
CA GLY A 102 5.33 8.52 3.65
C GLY A 102 4.26 9.52 4.06
N ASP A 103 3.36 9.84 3.13
CA ASP A 103 2.28 10.79 3.40
C ASP A 103 1.32 10.22 4.44
N LYS A 104 1.62 10.49 5.72
CA LYS A 104 0.78 10.01 6.81
C LYS A 104 -0.67 10.49 6.65
N LYS A 105 -1.60 9.74 7.21
CA LYS A 105 -3.02 10.11 7.13
C LYS A 105 -3.77 9.60 8.36
N PHE A 106 -4.17 10.53 9.22
CA PHE A 106 -4.91 10.19 10.43
C PHE A 106 -6.34 9.77 10.10
N SER A 107 -6.77 8.65 10.67
CA SER A 107 -8.12 8.14 10.43
C SER A 107 -9.17 9.13 10.93
N GLN A 108 -9.63 9.99 10.03
CA GLN A 108 -10.64 10.98 10.38
C GLN A 108 -11.98 10.32 10.71
N GLN A 109 -12.29 9.25 10.00
CA GLN A 109 -13.53 8.52 10.21
C GLN A 109 -13.64 8.03 11.65
N ASP A 110 -14.56 8.60 12.40
CA ASP A 110 -14.77 8.22 13.80
C ASP A 110 -16.10 7.49 13.99
N THR A 111 -17.04 7.74 13.08
CA THR A 111 -18.35 7.12 13.15
C THR A 111 -18.24 5.60 12.95
N LYS A 112 -19.33 4.90 13.25
CA LYS A 112 -19.36 3.45 13.10
C LYS A 112 -20.80 2.95 13.03
N LEU A 113 -20.98 1.75 12.47
CA LEU A 113 -22.30 1.16 12.35
C LEU A 113 -22.22 -0.36 12.40
N SER A 114 -22.62 -0.93 13.54
CA SER A 114 -22.59 -2.38 13.72
C SER A 114 -23.48 -3.08 12.70
N LEU A 115 -22.89 -3.89 11.86
CA LEU A 115 -23.62 -4.63 10.84
C LEU A 115 -24.67 -5.52 11.48
N GLU A 116 -25.92 -5.37 11.04
CA GLU A 116 -27.01 -6.16 11.57
C GLU A 116 -28.09 -6.39 10.52
N HIS A 1 -11.15 -2.60 11.69
CA HIS A 1 -10.80 -3.00 10.31
C HIS A 1 -9.51 -2.31 9.84
N SER A 2 -8.59 -3.09 9.30
CA SER A 2 -7.32 -2.56 8.82
C SER A 2 -7.50 -1.86 7.47
N VAL A 3 -8.46 -2.35 6.68
CA VAL A 3 -8.72 -1.77 5.37
C VAL A 3 -9.03 -0.27 5.48
N PRO A 4 -8.18 0.58 4.87
CA PRO A 4 -8.36 2.04 4.90
C PRO A 4 -9.74 2.46 4.39
N GLU A 5 -9.90 3.76 4.19
CA GLU A 5 -11.15 4.32 3.70
C GLU A 5 -11.02 4.78 2.25
N SER A 6 -10.15 5.75 2.05
CA SER A 6 -9.90 6.30 0.72
C SER A 6 -8.68 7.22 0.75
N ILE A 7 -7.97 7.30 -0.37
CA ILE A 7 -6.80 8.16 -0.46
C ILE A 7 -6.65 8.73 -1.86
N ARG A 8 -6.47 10.05 -1.95
CA ARG A 8 -6.31 10.71 -3.23
C ARG A 8 -5.07 11.60 -3.23
N PHE A 9 -4.20 11.38 -4.21
CA PHE A 9 -2.97 12.16 -4.32
C PHE A 9 -3.07 13.13 -5.50
N GLY A 10 -3.90 14.15 -5.35
CA GLY A 10 -4.07 15.13 -6.41
C GLY A 10 -5.27 14.82 -7.28
N PRO A 11 -5.12 14.88 -8.61
CA PRO A 11 -6.21 14.60 -9.55
C PRO A 11 -6.44 13.10 -9.76
N ASN A 12 -5.70 12.27 -9.03
CA ASN A 12 -5.83 10.83 -9.14
C ASN A 12 -6.18 10.19 -7.80
N VAL A 13 -7.43 9.81 -7.64
CA VAL A 13 -7.88 9.17 -6.40
C VAL A 13 -7.56 7.69 -6.40
N PHE A 14 -7.49 7.09 -5.22
CA PHE A 14 -7.19 5.67 -5.10
C PHE A 14 -8.10 5.00 -4.09
N TYR A 15 -9.13 4.32 -4.58
CA TYR A 15 -10.07 3.63 -3.71
C TYR A 15 -9.50 2.30 -3.24
N VAL A 16 -9.17 2.23 -1.96
CA VAL A 16 -8.60 1.03 -1.36
C VAL A 16 -9.52 -0.17 -1.55
N LEU A 17 -10.80 0.09 -1.81
CA LEU A 17 -11.77 -0.99 -1.99
C LEU A 17 -12.09 -1.19 -3.47
N LYS A 18 -11.99 -0.12 -4.26
CA LYS A 18 -12.27 -0.20 -5.68
C LYS A 18 -11.04 -0.63 -6.48
N LEU A 19 -9.87 -0.28 -5.97
CA LEU A 19 -8.61 -0.62 -6.62
C LEU A 19 -8.55 -0.01 -8.02
N THR A 20 -9.16 1.16 -8.18
CA THR A 20 -9.17 1.86 -9.45
C THR A 20 -8.76 3.32 -9.29
N VAL A 21 -7.76 3.74 -10.05
CA VAL A 21 -7.27 5.12 -9.97
C VAL A 21 -8.15 6.05 -10.80
N GLU A 22 -8.86 6.94 -10.13
CA GLU A 22 -9.75 7.89 -10.79
C GLU A 22 -8.94 8.93 -11.57
N THR A 23 -8.88 8.77 -12.89
CA THR A 23 -8.14 9.69 -13.74
C THR A 23 -9.09 10.71 -14.37
N PRO A 24 -8.53 11.75 -15.01
CA PRO A 24 -9.32 12.79 -15.65
C PRO A 24 -9.85 12.38 -17.01
N GLU A 25 -9.14 11.46 -17.66
CA GLU A 25 -9.55 10.96 -18.97
C GLU A 25 -10.55 9.82 -18.83
N GLY A 26 -10.44 9.06 -17.75
CA GLY A 26 -11.35 7.95 -17.53
C GLY A 26 -11.06 7.22 -16.23
N SER A 27 -10.33 6.10 -16.33
CA SER A 27 -9.98 5.30 -15.17
C SER A 27 -8.73 4.47 -15.43
N VAL A 28 -8.21 3.85 -14.38
CA VAL A 28 -7.00 3.03 -14.50
C VAL A 28 -7.13 1.75 -13.68
N HIS A 29 -6.78 0.63 -14.30
CA HIS A 29 -6.86 -0.67 -13.64
C HIS A 29 -5.48 -1.16 -13.22
N LEU A 30 -5.43 -2.22 -12.43
CA LEU A 30 -4.16 -2.77 -11.97
C LEU A 30 -4.36 -4.12 -11.29
N THR A 31 -3.26 -4.81 -11.02
CA THR A 31 -3.32 -6.11 -10.36
C THR A 31 -3.41 -5.89 -8.85
N PRO A 32 -4.51 -6.36 -8.21
CA PRO A 32 -4.71 -6.18 -6.77
C PRO A 32 -3.68 -6.92 -5.93
N SER A 33 -2.85 -7.75 -6.54
CA SER A 33 -1.84 -8.48 -5.81
C SER A 33 -0.60 -7.62 -5.61
N GLU A 34 -0.28 -6.84 -6.62
CA GLU A 34 0.86 -5.93 -6.53
C GLU A 34 0.37 -4.61 -5.99
N SER A 35 -0.81 -4.24 -6.40
CA SER A 35 -1.42 -3.02 -5.93
C SER A 35 -2.01 -3.27 -4.54
N GLY A 36 -2.06 -4.56 -4.16
CA GLY A 36 -2.57 -4.93 -2.85
C GLY A 36 -1.57 -4.64 -1.76
N ILE A 37 -0.29 -4.87 -2.08
CA ILE A 37 0.77 -4.62 -1.11
C ILE A 37 0.85 -3.12 -0.81
N LEU A 38 0.48 -2.33 -1.80
CA LEU A 38 0.47 -0.87 -1.66
C LEU A 38 -0.73 -0.46 -0.81
N LYS A 39 -1.72 -1.34 -0.75
CA LYS A 39 -2.93 -1.08 0.03
C LYS A 39 -2.65 -1.16 1.52
N ARG A 40 -1.80 -2.10 1.89
CA ARG A 40 -1.43 -2.29 3.28
C ARG A 40 -0.47 -1.19 3.73
N LEU A 41 0.31 -0.70 2.79
CA LEU A 41 1.26 0.38 3.08
C LEU A 41 0.53 1.71 3.08
N LEU A 42 -0.62 1.75 2.41
CA LEU A 42 -1.43 2.95 2.35
C LEU A 42 -2.11 3.19 3.69
N ILE A 43 -2.36 2.11 4.42
CA ILE A 43 -3.00 2.21 5.73
C ILE A 43 -2.10 2.98 6.68
N ASN A 44 -0.79 2.83 6.50
CA ASN A 44 0.18 3.51 7.34
C ASN A 44 0.57 4.84 6.71
N LYS A 45 0.81 4.81 5.40
CA LYS A 45 1.18 6.01 4.66
C LYS A 45 2.38 6.70 5.29
N GLY A 46 3.58 6.30 4.86
CA GLY A 46 4.79 6.90 5.39
C GLY A 46 5.15 6.38 6.77
N GLN A 47 5.51 5.09 6.84
CA GLN A 47 5.87 4.47 8.10
C GLN A 47 7.09 3.59 7.93
N LEU A 48 7.89 3.49 8.99
CA LEU A 48 9.11 2.67 8.97
C LEU A 48 8.76 1.19 9.02
N CYS A 49 8.78 0.53 7.86
CA CYS A 49 8.46 -0.90 7.79
C CYS A 49 9.73 -1.71 7.61
N LEU A 50 9.60 -3.03 7.74
CA LEU A 50 10.73 -3.94 7.59
C LEU A 50 10.55 -4.85 6.38
N ARG A 51 11.65 -5.37 5.86
CA ARG A 51 11.62 -6.25 4.70
C ARG A 51 10.77 -7.48 5.00
N LYS A 52 11.18 -8.23 6.00
CA LYS A 52 10.46 -9.45 6.41
C LYS A 52 9.00 -9.14 6.73
N HIS A 53 8.68 -7.86 6.90
CA HIS A 53 7.31 -7.47 7.20
C HIS A 53 6.55 -7.20 5.90
N LEU A 54 7.29 -7.12 4.79
CA LEU A 54 6.68 -6.87 3.49
C LEU A 54 6.29 -8.17 2.81
N LEU A 55 7.13 -9.19 2.96
CA LEU A 55 6.82 -10.48 2.37
C LEU A 55 5.90 -11.27 3.29
N GLU A 56 5.73 -10.77 4.51
CA GLU A 56 4.87 -11.42 5.48
C GLU A 56 3.43 -10.90 5.35
N GLU A 57 3.28 -9.72 4.74
CA GLU A 57 1.96 -9.14 4.56
C GLU A 57 1.27 -9.69 3.32
N ILE A 58 2.04 -9.92 2.27
CA ILE A 58 1.48 -10.48 1.04
C ILE A 58 1.41 -12.01 1.17
N LYS A 59 2.20 -12.55 2.09
CA LYS A 59 2.22 -13.99 2.32
C LYS A 59 1.03 -14.39 3.17
N ASN A 60 0.63 -13.50 4.08
CA ASN A 60 -0.51 -13.77 4.95
C ASN A 60 -1.82 -13.62 4.18
N HIS A 61 -1.73 -13.11 2.95
CA HIS A 61 -2.90 -12.92 2.11
C HIS A 61 -2.79 -13.73 0.82
N ALA A 62 -1.72 -13.50 0.06
CA ALA A 62 -1.50 -14.20 -1.19
C ALA A 62 -0.19 -13.79 -1.86
N LYS A 63 0.70 -14.75 -2.06
CA LYS A 63 1.99 -14.50 -2.68
C LYS A 63 1.91 -14.74 -4.19
N ALA A 64 0.82 -14.29 -4.79
CA ALA A 64 0.60 -14.46 -6.21
C ALA A 64 0.44 -15.92 -6.59
N ILE A 65 0.06 -16.72 -5.60
CA ILE A 65 -0.15 -18.17 -5.76
C ILE A 65 0.81 -18.80 -6.78
N VAL A 66 2.01 -18.25 -6.87
CA VAL A 66 3.04 -18.76 -7.78
C VAL A 66 4.41 -18.20 -7.36
N ALA A 67 5.40 -18.30 -8.25
CA ALA A 67 6.74 -17.80 -7.96
C ALA A 67 6.84 -16.31 -8.26
N ARG A 68 5.98 -15.52 -7.62
CA ARG A 68 5.97 -14.08 -7.82
C ARG A 68 6.16 -13.36 -6.47
N ASN A 69 7.26 -13.70 -5.79
CA ASN A 69 7.57 -13.11 -4.49
C ASN A 69 7.26 -11.61 -4.46
N VAL A 70 7.04 -11.09 -3.26
CA VAL A 70 6.72 -9.68 -3.07
C VAL A 70 7.72 -8.78 -3.77
N ASP A 71 8.95 -9.25 -3.90
CA ASP A 71 9.99 -8.48 -4.57
C ASP A 71 9.61 -8.16 -5.99
N VAL A 72 9.49 -9.19 -6.80
CA VAL A 72 9.12 -9.03 -8.20
C VAL A 72 7.76 -8.33 -8.30
N HIS A 73 6.98 -8.42 -7.23
CA HIS A 73 5.67 -7.79 -7.18
C HIS A 73 5.81 -6.28 -7.06
N ILE A 74 6.86 -5.86 -6.37
CA ILE A 74 7.11 -4.43 -6.17
C ILE A 74 7.42 -3.75 -7.50
N ALA A 75 8.17 -4.45 -8.34
CA ALA A 75 8.52 -3.91 -9.64
C ALA A 75 7.32 -3.94 -10.58
N SER A 76 6.44 -4.90 -10.35
CA SER A 76 5.24 -5.03 -11.16
C SER A 76 4.27 -3.90 -10.83
N LEU A 77 4.40 -3.35 -9.64
CA LEU A 77 3.54 -2.25 -9.21
C LEU A 77 3.79 -1.03 -10.08
N ARG A 78 5.03 -0.83 -10.43
CA ARG A 78 5.41 0.31 -11.27
C ARG A 78 4.71 0.24 -12.62
N LYS A 79 4.29 -0.96 -13.01
CA LYS A 79 3.61 -1.16 -14.29
C LYS A 79 2.11 -1.00 -14.16
N LYS A 80 1.53 -1.74 -13.23
CA LYS A 80 0.10 -1.71 -13.01
C LYS A 80 -0.30 -0.51 -12.18
N LEU A 81 0.37 -0.34 -11.06
CA LEU A 81 0.09 0.78 -10.16
C LEU A 81 0.51 2.10 -10.81
N GLY A 82 1.80 2.25 -11.07
CA GLY A 82 2.31 3.46 -11.67
C GLY A 82 3.29 4.19 -10.78
N ALA A 83 3.23 5.53 -10.81
CA ALA A 83 4.11 6.35 -9.99
C ALA A 83 3.79 6.20 -8.50
N TYR A 84 2.63 5.61 -8.20
CA TYR A 84 2.21 5.40 -6.82
C TYR A 84 2.83 4.13 -6.26
N GLY A 85 2.84 3.07 -7.08
CA GLY A 85 3.42 1.82 -6.65
C GLY A 85 4.86 1.98 -6.22
N SER A 86 5.56 2.92 -6.85
CA SER A 86 6.95 3.20 -6.53
C SER A 86 7.06 3.80 -5.13
N ARG A 87 5.92 4.22 -4.57
CA ARG A 87 5.89 4.81 -3.24
C ARG A 87 6.73 3.98 -2.27
N ILE A 88 6.77 2.68 -2.50
CA ILE A 88 7.53 1.76 -1.65
C ILE A 88 9.03 1.99 -1.80
N VAL A 89 9.64 2.60 -0.79
CA VAL A 89 11.07 2.87 -0.82
C VAL A 89 11.83 1.94 0.11
N THR A 90 13.03 1.55 -0.28
CA THR A 90 13.85 0.65 0.52
C THR A 90 15.23 1.26 0.77
N LEU A 91 15.61 1.31 2.05
CA LEU A 91 16.90 1.87 2.43
C LEU A 91 17.81 0.79 3.02
N ARG A 92 19.12 1.02 2.94
CA ARG A 92 20.08 0.06 3.48
C ARG A 92 20.59 0.50 4.84
N GLY A 93 19.73 0.39 5.85
CA GLY A 93 20.11 0.78 7.19
C GLY A 93 18.92 1.05 8.08
N VAL A 94 17.80 1.44 7.48
CA VAL A 94 16.59 1.72 8.23
C VAL A 94 15.47 0.74 7.87
N GLY A 95 15.43 0.34 6.60
CA GLY A 95 14.41 -0.60 6.15
C GLY A 95 13.45 0.01 5.14
N TYR A 96 12.29 -0.62 4.99
CA TYR A 96 11.28 -0.14 4.04
C TYR A 96 10.67 1.16 4.53
N LEU A 97 10.61 2.15 3.64
CA LEU A 97 10.04 3.45 3.98
C LEU A 97 9.17 3.97 2.83
N PHE A 98 7.96 3.44 2.75
CA PHE A 98 7.02 3.85 1.70
C PHE A 98 6.54 5.28 1.94
N SER A 99 7.32 6.25 1.44
CA SER A 99 6.97 7.66 1.60
C SER A 99 6.60 8.29 0.26
N ASP A 100 5.44 8.92 0.22
CA ASP A 100 4.96 9.57 -1.00
C ASP A 100 4.28 10.89 -0.68
N ASP A 101 3.48 10.88 0.36
CA ASP A 101 2.76 12.07 0.79
C ASP A 101 2.32 11.96 2.25
N GLY A 102 1.51 10.93 2.54
CA GLY A 102 1.04 10.72 3.89
C GLY A 102 -0.47 10.76 4.01
N ASP A 103 -1.16 10.53 2.90
CA ASP A 103 -2.62 10.54 2.89
C ASP A 103 -3.18 9.37 3.70
N LYS A 104 -3.15 9.51 5.03
CA LYS A 104 -3.64 8.46 5.91
C LYS A 104 -4.86 8.93 6.69
N LYS A 105 -5.77 8.01 6.98
CA LYS A 105 -6.97 8.33 7.74
C LYS A 105 -6.62 8.90 9.10
N PHE A 106 -7.38 9.90 9.54
CA PHE A 106 -7.14 10.53 10.83
C PHE A 106 -7.31 9.52 11.97
N SER A 107 -6.19 8.99 12.45
CA SER A 107 -6.20 8.02 13.53
C SER A 107 -6.75 8.63 14.81
N GLN A 108 -8.07 8.55 14.99
CA GLN A 108 -8.73 9.11 16.17
C GLN A 108 -8.29 8.36 17.43
N GLN A 109 -8.79 7.14 17.59
CA GLN A 109 -8.46 6.32 18.76
C GLN A 109 -6.97 5.97 18.77
N ASP A 110 -6.34 6.12 19.93
CA ASP A 110 -4.93 5.82 20.08
C ASP A 110 -4.71 4.68 21.05
N THR A 111 -5.53 4.63 22.09
CA THR A 111 -5.44 3.59 23.10
C THR A 111 -6.75 3.46 23.88
N LYS A 112 -7.40 2.31 23.75
CA LYS A 112 -8.66 2.07 24.44
C LYS A 112 -8.45 2.00 25.95
N LEU A 113 -9.16 2.84 26.68
CA LEU A 113 -9.06 2.87 28.13
C LEU A 113 -9.49 1.54 28.74
N SER A 114 -8.52 0.69 29.02
CA SER A 114 -8.79 -0.62 29.61
C SER A 114 -9.44 -0.48 30.97
N LEU A 115 -10.60 -1.12 31.15
CA LEU A 115 -11.32 -1.07 32.41
C LEU A 115 -10.54 -1.78 33.51
N GLU A 116 -11.07 -1.72 34.73
CA GLU A 116 -10.43 -2.36 35.87
C GLU A 116 -11.45 -3.05 36.76
N HIS A 1 -2.28 -0.53 18.90
CA HIS A 1 -2.56 0.93 18.83
C HIS A 1 -2.38 1.44 17.40
N SER A 2 -1.22 1.17 16.81
CA SER A 2 -0.92 1.62 15.46
C SER A 2 -1.14 0.49 14.45
N VAL A 3 -2.31 0.49 13.82
CA VAL A 3 -2.65 -0.52 12.83
C VAL A 3 -3.13 0.12 11.53
N PRO A 4 -2.23 0.26 10.54
CA PRO A 4 -2.57 0.87 9.25
C PRO A 4 -3.58 0.04 8.46
N GLU A 5 -4.83 0.06 8.91
CA GLU A 5 -5.89 -0.68 8.25
C GLU A 5 -6.57 0.17 7.18
N SER A 6 -6.12 1.41 7.07
CA SER A 6 -6.66 2.35 6.09
C SER A 6 -5.54 3.28 5.61
N ILE A 7 -5.61 3.70 4.35
CA ILE A 7 -4.60 4.58 3.80
C ILE A 7 -5.22 5.81 3.13
N ARG A 8 -5.71 6.73 3.96
CA ARG A 8 -6.32 7.94 3.45
C ARG A 8 -5.30 9.06 3.33
N PHE A 9 -4.70 9.16 2.15
CA PHE A 9 -3.69 10.19 1.89
C PHE A 9 -4.29 11.34 1.10
N GLY A 10 -5.17 12.11 1.74
CA GLY A 10 -5.80 13.23 1.08
C GLY A 10 -7.15 12.86 0.50
N PRO A 11 -7.51 13.40 -0.67
CA PRO A 11 -8.80 13.10 -1.32
C PRO A 11 -8.86 11.67 -1.84
N ASN A 12 -7.73 10.96 -1.79
CA ASN A 12 -7.67 9.59 -2.27
C ASN A 12 -7.67 8.60 -1.12
N VAL A 13 -8.79 7.89 -0.96
CA VAL A 13 -8.92 6.89 0.10
C VAL A 13 -8.58 5.51 -0.42
N PHE A 14 -7.65 4.84 0.24
CA PHE A 14 -7.23 3.50 -0.16
C PHE A 14 -7.56 2.48 0.92
N TYR A 15 -7.86 1.25 0.50
CA TYR A 15 -8.18 0.18 1.44
C TYR A 15 -7.19 -0.96 1.33
N VAL A 16 -6.62 -1.35 2.46
CA VAL A 16 -5.66 -2.44 2.50
C VAL A 16 -6.33 -3.78 2.23
N LEU A 17 -7.65 -3.83 2.41
CA LEU A 17 -8.40 -5.05 2.19
C LEU A 17 -9.16 -5.00 0.87
N LYS A 18 -10.00 -3.97 0.72
CA LYS A 18 -10.80 -3.80 -0.49
C LYS A 18 -9.90 -3.58 -1.71
N LEU A 19 -8.83 -2.81 -1.52
CA LEU A 19 -7.89 -2.53 -2.60
C LEU A 19 -8.53 -1.62 -3.65
N THR A 20 -9.19 -0.56 -3.19
CA THR A 20 -9.84 0.38 -4.10
C THR A 20 -9.55 1.82 -3.68
N VAL A 21 -8.91 2.57 -4.58
CA VAL A 21 -8.59 3.97 -4.30
C VAL A 21 -9.72 4.90 -4.71
N GLU A 22 -10.50 5.34 -3.74
CA GLU A 22 -11.62 6.24 -4.01
C GLU A 22 -11.12 7.62 -4.40
N THR A 23 -11.65 8.15 -5.50
CA THR A 23 -11.26 9.46 -5.99
C THR A 23 -12.48 10.36 -6.16
N PRO A 24 -12.29 11.68 -6.04
CA PRO A 24 -13.38 12.66 -6.19
C PRO A 24 -14.25 12.37 -7.40
N GLU A 25 -13.60 12.07 -8.52
CA GLU A 25 -14.32 11.77 -9.76
C GLU A 25 -15.04 10.43 -9.66
N GLY A 26 -14.28 9.39 -9.30
CA GLY A 26 -14.87 8.07 -9.17
C GLY A 26 -14.04 7.14 -8.29
N SER A 27 -13.47 6.11 -8.89
CA SER A 27 -12.65 5.16 -8.17
C SER A 27 -11.51 4.64 -9.04
N VAL A 28 -10.52 4.01 -8.40
CA VAL A 28 -9.37 3.48 -9.12
C VAL A 28 -9.16 2.00 -8.79
N HIS A 29 -9.69 1.13 -9.65
CA HIS A 29 -9.56 -0.31 -9.44
C HIS A 29 -8.15 -0.77 -9.84
N LEU A 30 -7.52 -1.55 -8.98
CA LEU A 30 -6.17 -2.05 -9.24
C LEU A 30 -6.04 -3.52 -8.90
N THR A 31 -4.98 -4.15 -9.39
CA THR A 31 -4.72 -5.56 -9.12
C THR A 31 -4.32 -5.76 -7.66
N PRO A 32 -5.18 -6.43 -6.88
CA PRO A 32 -4.91 -6.67 -5.46
C PRO A 32 -3.55 -7.29 -5.20
N SER A 33 -2.96 -7.88 -6.22
CA SER A 33 -1.65 -8.50 -6.08
C SER A 33 -0.55 -7.45 -6.09
N GLU A 34 -0.74 -6.44 -6.92
CA GLU A 34 0.21 -5.35 -7.00
C GLU A 34 -0.09 -4.33 -5.93
N SER A 35 -1.37 -4.12 -5.70
CA SER A 35 -1.80 -3.20 -4.66
C SER A 35 -1.74 -3.91 -3.31
N GLY A 36 -1.57 -5.24 -3.36
CA GLY A 36 -1.48 -6.03 -2.15
C GLY A 36 -0.10 -5.92 -1.53
N ILE A 37 0.90 -5.81 -2.37
CA ILE A 37 2.28 -5.68 -1.90
C ILE A 37 2.46 -4.37 -1.16
N LEU A 38 1.73 -3.36 -1.60
CA LEU A 38 1.79 -2.06 -0.96
C LEU A 38 1.13 -2.14 0.41
N LYS A 39 0.31 -3.17 0.60
CA LYS A 39 -0.39 -3.39 1.86
C LYS A 39 0.60 -3.72 2.96
N ARG A 40 1.54 -4.58 2.65
CA ARG A 40 2.55 -5.00 3.63
C ARG A 40 3.54 -3.87 3.90
N LEU A 41 3.59 -2.89 3.01
CA LEU A 41 4.49 -1.75 3.18
C LEU A 41 3.82 -0.66 4.00
N LEU A 42 2.49 -0.67 4.02
CA LEU A 42 1.73 0.31 4.78
C LEU A 42 1.65 -0.09 6.24
N ILE A 43 1.85 -1.38 6.52
CA ILE A 43 1.81 -1.87 7.89
C ILE A 43 3.12 -1.52 8.60
N ASN A 44 4.18 -1.36 7.83
CA ASN A 44 5.48 -1.00 8.38
C ASN A 44 5.71 0.50 8.24
N LYS A 45 5.39 1.01 7.07
CA LYS A 45 5.54 2.43 6.77
C LYS A 45 6.96 2.91 7.02
N GLY A 46 7.76 2.88 5.96
CA GLY A 46 9.14 3.33 6.05
C GLY A 46 9.99 2.43 6.93
N GLN A 47 10.66 1.45 6.30
CA GLN A 47 11.51 0.52 7.02
C GLN A 47 12.59 -0.02 6.10
N LEU A 48 13.78 -0.26 6.66
CA LEU A 48 14.89 -0.78 5.88
C LEU A 48 14.73 -2.28 5.61
N CYS A 49 13.95 -2.59 4.59
CA CYS A 49 13.71 -3.99 4.22
C CYS A 49 14.46 -4.34 2.94
N LEU A 50 14.49 -5.61 2.60
CA LEU A 50 15.19 -6.07 1.39
C LEU A 50 14.21 -6.69 0.40
N ARG A 51 14.72 -7.15 -0.73
CA ARG A 51 13.89 -7.76 -1.75
C ARG A 51 13.39 -9.13 -1.32
N LYS A 52 14.28 -9.88 -0.68
CA LYS A 52 13.95 -11.22 -0.19
C LYS A 52 12.91 -11.16 0.92
N HIS A 53 12.67 -9.97 1.43
CA HIS A 53 11.70 -9.77 2.49
C HIS A 53 10.32 -9.53 1.90
N LEU A 54 10.28 -8.68 0.89
CA LEU A 54 9.04 -8.34 0.21
C LEU A 54 8.48 -9.55 -0.52
N LEU A 55 9.35 -10.46 -0.91
CA LEU A 55 8.92 -11.66 -1.60
C LEU A 55 8.57 -12.75 -0.59
N GLU A 56 8.97 -12.54 0.67
CA GLU A 56 8.68 -13.50 1.72
C GLU A 56 7.36 -13.19 2.41
N GLU A 57 6.97 -11.92 2.39
CA GLU A 57 5.73 -11.49 3.01
C GLU A 57 4.57 -11.56 2.02
N ILE A 58 4.90 -11.63 0.73
CA ILE A 58 3.87 -11.74 -0.29
C ILE A 58 3.70 -13.19 -0.69
N LYS A 59 4.72 -14.00 -0.43
CA LYS A 59 4.66 -15.42 -0.73
C LYS A 59 3.83 -16.13 0.34
N ASN A 60 3.81 -15.56 1.54
CA ASN A 60 3.04 -16.13 2.64
C ASN A 60 1.65 -15.52 2.66
N HIS A 61 1.10 -15.27 1.46
CA HIS A 61 -0.22 -14.69 1.32
C HIS A 61 -0.68 -14.75 -0.13
N ALA A 62 0.25 -14.48 -1.05
CA ALA A 62 -0.04 -14.50 -2.48
C ALA A 62 1.24 -14.64 -3.29
N LYS A 63 1.72 -15.88 -3.42
CA LYS A 63 2.95 -16.16 -4.16
C LYS A 63 2.80 -15.74 -5.62
N ALA A 64 3.01 -14.45 -5.88
CA ALA A 64 2.91 -13.91 -7.24
C ALA A 64 1.58 -14.30 -7.90
N ILE A 65 0.51 -13.64 -7.47
CA ILE A 65 -0.82 -13.91 -8.03
C ILE A 65 -0.82 -13.65 -9.53
N VAL A 66 -0.57 -14.69 -10.30
CA VAL A 66 -0.54 -14.57 -11.76
C VAL A 66 0.46 -13.50 -12.20
N ALA A 67 1.75 -13.83 -12.12
CA ALA A 67 2.80 -12.90 -12.51
C ALA A 67 4.14 -13.60 -12.65
N ARG A 68 5.21 -12.82 -12.79
CA ARG A 68 6.56 -13.37 -12.94
C ARG A 68 7.32 -13.29 -11.62
N ASN A 69 7.31 -12.10 -11.04
CA ASN A 69 8.00 -11.86 -9.78
C ASN A 69 7.44 -10.61 -9.10
N VAL A 70 8.12 -10.13 -8.07
CA VAL A 70 7.67 -8.93 -7.36
C VAL A 70 8.28 -7.67 -7.97
N ASP A 71 9.47 -7.81 -8.52
CA ASP A 71 10.16 -6.69 -9.14
C ASP A 71 9.27 -6.03 -10.19
N VAL A 72 9.04 -6.75 -11.27
CA VAL A 72 8.19 -6.25 -12.35
C VAL A 72 6.80 -5.91 -11.81
N HIS A 73 6.45 -6.51 -10.69
CA HIS A 73 5.16 -6.28 -10.06
C HIS A 73 5.14 -4.92 -9.37
N ILE A 74 6.30 -4.52 -8.86
CA ILE A 74 6.42 -3.24 -8.17
C ILE A 74 6.27 -2.09 -9.15
N ALA A 75 6.73 -2.31 -10.37
CA ALA A 75 6.65 -1.29 -11.41
C ALA A 75 5.22 -1.10 -11.87
N SER A 76 4.43 -2.15 -11.77
CA SER A 76 3.03 -2.11 -12.16
C SER A 76 2.24 -1.22 -11.20
N LEU A 77 2.73 -1.15 -9.97
CA LEU A 77 2.08 -0.33 -8.95
C LEU A 77 2.13 1.13 -9.32
N ARG A 78 3.22 1.52 -9.96
CA ARG A 78 3.41 2.89 -10.40
C ARG A 78 2.35 3.27 -11.42
N LYS A 79 1.76 2.27 -12.05
CA LYS A 79 0.73 2.49 -13.06
C LYS A 79 -0.66 2.52 -12.43
N LYS A 80 -0.97 1.46 -11.70
CA LYS A 80 -2.26 1.33 -11.05
C LYS A 80 -2.33 2.20 -9.80
N LEU A 81 -1.34 2.06 -8.95
CA LEU A 81 -1.27 2.84 -7.72
C LEU A 81 -0.87 4.29 -8.00
N GLY A 82 0.38 4.48 -8.38
CA GLY A 82 0.86 5.82 -8.67
C GLY A 82 1.94 6.27 -7.69
N ALA A 83 1.78 7.48 -7.16
CA ALA A 83 2.74 8.03 -6.21
C ALA A 83 2.72 7.28 -4.89
N TYR A 84 1.68 6.45 -4.69
CA TYR A 84 1.55 5.67 -3.47
C TYR A 84 2.25 4.32 -3.62
N GLY A 85 1.97 3.63 -4.72
CA GLY A 85 2.59 2.34 -4.98
C GLY A 85 4.08 2.47 -5.14
N SER A 86 4.52 3.65 -5.59
CA SER A 86 5.93 3.92 -5.79
C SER A 86 6.67 3.91 -4.45
N ARG A 87 5.93 3.87 -3.35
CA ARG A 87 6.52 3.86 -2.02
C ARG A 87 7.66 2.84 -1.95
N ILE A 88 7.51 1.75 -2.71
CA ILE A 88 8.53 0.72 -2.75
C ILE A 88 9.81 1.27 -3.37
N VAL A 89 10.63 1.92 -2.54
CA VAL A 89 11.88 2.50 -3.02
C VAL A 89 13.03 1.49 -2.99
N THR A 90 13.77 1.43 -4.09
CA THR A 90 14.90 0.52 -4.20
C THR A 90 16.20 1.31 -4.07
N LEU A 91 16.63 1.52 -2.84
CA LEU A 91 17.87 2.26 -2.57
C LEU A 91 19.10 1.46 -3.01
N ARG A 92 19.86 2.02 -3.94
CA ARG A 92 21.06 1.37 -4.44
C ARG A 92 22.13 1.33 -3.35
N GLY A 93 21.93 0.48 -2.35
CA GLY A 93 22.87 0.37 -1.26
C GLY A 93 22.17 0.01 0.04
N VAL A 94 20.91 0.38 0.15
CA VAL A 94 20.13 0.10 1.35
C VAL A 94 19.27 -1.15 1.15
N GLY A 95 18.45 -1.13 0.11
CA GLY A 95 17.60 -2.26 -0.18
C GLY A 95 16.23 -1.85 -0.66
N TYR A 96 15.22 -2.09 0.17
CA TYR A 96 13.84 -1.75 -0.16
C TYR A 96 13.22 -0.89 0.93
N LEU A 97 13.03 0.40 0.62
CA LEU A 97 12.44 1.32 1.58
C LEU A 97 11.02 1.69 1.18
N PHE A 98 10.21 2.07 2.16
CA PHE A 98 8.83 2.47 1.90
C PHE A 98 8.64 3.93 2.29
N SER A 99 8.86 4.82 1.32
CA SER A 99 8.76 6.27 1.53
C SER A 99 7.57 6.64 2.41
N ASP A 100 7.61 7.88 2.92
CA ASP A 100 6.56 8.40 3.79
C ASP A 100 5.42 9.03 2.98
N ASP A 101 5.71 9.31 1.72
CA ASP A 101 4.76 9.93 0.79
C ASP A 101 3.40 9.20 0.73
N GLY A 102 2.77 8.97 1.88
CA GLY A 102 1.49 8.29 1.91
C GLY A 102 1.37 7.33 3.08
N ASP A 103 1.34 7.89 4.29
CA ASP A 103 1.25 7.09 5.50
C ASP A 103 -0.20 6.63 5.74
N LYS A 104 -0.41 5.96 6.87
CA LYS A 104 -1.72 5.45 7.23
C LYS A 104 -2.68 6.59 7.60
N LYS A 105 -3.73 6.26 8.34
CA LYS A 105 -4.72 7.25 8.75
C LYS A 105 -5.17 7.00 10.18
N PHE A 106 -4.62 7.78 11.12
CA PHE A 106 -4.96 7.63 12.53
C PHE A 106 -6.43 8.01 12.78
N SER A 107 -7.32 7.03 12.62
CA SER A 107 -8.74 7.25 12.83
C SER A 107 -9.12 7.00 14.28
N GLN A 108 -8.78 7.95 15.15
CA GLN A 108 -9.09 7.83 16.56
C GLN A 108 -10.47 8.41 16.88
N GLN A 109 -10.89 9.40 16.10
CA GLN A 109 -12.19 10.04 16.30
C GLN A 109 -13.32 9.02 16.32
N ASP A 110 -14.38 9.34 17.03
CA ASP A 110 -15.54 8.45 17.12
C ASP A 110 -16.84 9.25 17.24
N THR A 111 -16.89 10.39 16.56
CA THR A 111 -18.06 11.25 16.60
C THR A 111 -19.29 10.51 16.07
N LYS A 112 -20.45 11.15 16.19
CA LYS A 112 -21.70 10.56 15.72
C LYS A 112 -22.76 11.62 15.51
N LEU A 113 -23.15 11.82 14.27
CA LEU A 113 -24.16 12.81 13.93
C LEU A 113 -25.48 12.50 14.63
N SER A 114 -26.03 13.50 15.32
CA SER A 114 -27.29 13.34 16.03
C SER A 114 -27.93 14.69 16.31
N LEU A 115 -29.25 14.70 16.41
CA LEU A 115 -30.00 15.93 16.68
C LEU A 115 -29.58 16.53 18.02
N GLU A 116 -29.21 15.67 18.95
CA GLU A 116 -28.80 16.11 20.29
C GLU A 116 -27.68 15.23 20.82
#